data_8ZH7
#
_entry.id   8ZH7
#
_cell.length_a   287.010
_cell.length_b   287.010
_cell.length_c   53.870
_cell.angle_alpha   90.00
_cell.angle_beta   90.00
_cell.angle_gamma   120.00
#
_symmetry.space_group_name_H-M   'P 31'
#
loop_
_entity.id
_entity.type
_entity.pdbx_description
1 polymer 'Glutamate receptor ionotropic, NMDA 1'
2 polymer 'Antibody #003-102 heavy chain'
3 polymer 'Antibody #003-102 light chain'
#
loop_
_entity_poly.entity_id
_entity_poly.type
_entity_poly.pdbx_seq_one_letter_code
_entity_poly.pdbx_strand_id
1 'polypeptide(L)'
;ACDPKIVNIGAVLSTRKHEQMFREAVNQANKRHGSWKIQLNATSVTHKPNAIQMALSVCEDLISSQVYAILVSHPPTPND
HFTPTPVSYTAGFYRIPVLGLTTRMSIYSDKSIHLSFLRTVPPYSHQSSVWFEMMRVYSWNHIILLVSDDHEGRAAQKRL
ETLLEERESKAEKVLQFDPGTKNVTALLMEAKELEARVIILSASEDDAATVYRAAAMLNMTGSGYVWLVGEREISGNALR
YAPDGILGLQLINGKNESAHISDAVGVVAQAVHELLEKENITDPPRGCVGNTNIWKTGPLFKRVLMSSKYADGVTGRVEF
NEDGDRKFANYSIMNLQNRKLVQVGIYNGTHVIPNDRKIIWPGGETEKPRGYQVDGGGGGLVPR
;
A,D,G,J
2 'polypeptide(L)'
;MEWSWVFLFFLSVTTGVHSQVQLQESGPGLVKPSGTLSLTCAVSGGSISSSNWWSWVRQPPGKGLEWIGEIYHSGNTNYN
PSLKSRVTVSVDKSKNQFSLKLTSVTAADTAVYYCARDVSGGVNWFDPWGQGTLVTVSSASTKGPSVFPLAPSSKSTSGG
TAALGCLVKDYFPEPVTVSWNSGALTSGVHTFPAVLQSSGLYSLSSVVTVPSSSLGTQTYICNVNHKPSNTKVDKKVEPK
SCDKTHTCAA
;
B,E,H,K
3 'polypeptide(L)'
;MSVPTQVLGLLLLWLTDARCNFMLTQPHSVSESPGKTVTISCTRSSGSIASNYVQWYQQRPGSAPTTVIYEDNQRPSGVP
DRFSGSIDSSSNSASLTISGLKTEDEADYYCQSYDSSTVVFGGGTKLTVLGQPKANPTVTLFPPSSEELQANKATLVCLI
SDFYPGAVTVAWKADGSPVKAGVETTKPSKQSNNKYAASSYLSLTPEQWKSHRSYSCQVTHEGSTVEKTVAPTECS
;
C,F,I,L
#
# COMPACT_ATOMS: atom_id res chain seq x y z
N PRO A 4 -31.29 -29.17 23.56
CA PRO A 4 -29.98 -29.04 22.93
C PRO A 4 -29.16 -27.80 23.38
N LYS A 5 -29.74 -26.60 23.22
CA LYS A 5 -29.11 -25.29 23.51
C LYS A 5 -27.90 -24.98 22.62
N ILE A 6 -27.87 -23.77 22.07
CA ILE A 6 -26.73 -23.31 21.26
C ILE A 6 -25.96 -22.17 21.94
N VAL A 7 -24.63 -22.25 21.82
CA VAL A 7 -23.68 -21.27 22.36
C VAL A 7 -22.66 -20.97 21.24
N ASN A 8 -22.81 -19.83 20.59
CA ASN A 8 -21.91 -19.42 19.49
C ASN A 8 -20.50 -19.06 19.95
N ILE A 9 -19.54 -19.33 19.09
CA ILE A 9 -18.16 -18.93 19.30
C ILE A 9 -17.77 -18.24 17.99
N GLY A 10 -17.60 -16.91 18.05
CA GLY A 10 -17.18 -16.11 16.89
C GLY A 10 -15.71 -16.33 16.59
N ALA A 11 -15.33 -16.21 15.32
CA ALA A 11 -13.91 -16.28 14.89
C ALA A 11 -13.55 -15.40 13.66
N VAL A 12 -12.29 -14.94 13.57
CA VAL A 12 -11.69 -14.37 12.33
C VAL A 12 -10.27 -14.91 12.05
N LEU A 13 -10.01 -15.26 10.79
CA LEU A 13 -8.84 -16.07 10.42
C LEU A 13 -8.18 -15.58 9.11
N SER A 14 -7.20 -16.33 8.61
CA SER A 14 -6.45 -16.00 7.37
C SER A 14 -7.28 -16.12 6.09
N THR A 15 -7.54 -17.38 5.72
CA THR A 15 -8.07 -17.80 4.43
C THR A 15 -9.55 -18.19 4.59
N ARG A 16 -10.14 -18.80 3.55
CA ARG A 16 -11.35 -19.61 3.74
C ARG A 16 -10.93 -20.95 4.34
N LYS A 17 -9.77 -21.42 3.90
CA LYS A 17 -9.14 -22.69 4.32
C LYS A 17 -8.94 -22.83 5.84
N HIS A 18 -9.12 -21.74 6.59
CA HIS A 18 -9.13 -21.79 8.06
C HIS A 18 -10.52 -21.82 8.64
N GLU A 19 -11.47 -21.18 7.95
CA GLU A 19 -12.87 -21.23 8.35
C GLU A 19 -13.31 -22.69 8.60
N GLN A 20 -13.08 -23.56 7.61
CA GLN A 20 -13.40 -24.98 7.72
C GLN A 20 -12.45 -25.67 8.71
N MET A 21 -11.30 -25.03 8.97
CA MET A 21 -10.33 -25.47 9.99
C MET A 21 -10.58 -24.81 11.38
N PHE A 22 -11.56 -23.91 11.44
CA PHE A 22 -12.21 -23.57 12.69
C PHE A 22 -13.43 -24.46 12.85
N ARG A 23 -14.30 -24.48 11.85
CA ARG A 23 -15.54 -25.29 11.83
C ARG A 23 -15.35 -26.78 12.21
N GLU A 24 -14.21 -27.37 11.83
CA GLU A 24 -13.90 -28.76 12.22
C GLU A 24 -13.63 -28.87 13.71
N ALA A 25 -12.94 -27.86 14.24
CA ALA A 25 -12.57 -27.81 15.65
C ALA A 25 -13.78 -27.69 16.58
N VAL A 26 -14.81 -26.97 16.14
CA VAL A 26 -16.05 -26.91 16.91
C VAL A 26 -16.76 -28.24 16.82
N ASN A 27 -16.57 -28.96 15.69
CA ASN A 27 -17.10 -30.33 15.55
C ASN A 27 -16.40 -31.17 16.59
N GLN A 28 -15.11 -31.43 16.40
CA GLN A 28 -14.43 -32.43 17.21
C GLN A 28 -14.56 -32.21 18.73
N ALA A 29 -14.33 -30.98 19.19
CA ALA A 29 -14.50 -30.63 20.60
C ALA A 29 -15.99 -30.50 21.09
N ASN A 30 -16.93 -30.91 20.22
CA ASN A 30 -18.31 -31.27 20.63
C ASN A 30 -18.44 -32.78 20.75
N LYS A 31 -17.69 -33.51 19.91
CA LYS A 31 -17.52 -34.96 20.05
C LYS A 31 -16.71 -35.21 21.33
N ARG A 32 -15.94 -34.20 21.75
CA ARG A 32 -15.23 -34.21 23.04
C ARG A 32 -16.21 -33.92 24.18
N HIS A 33 -16.82 -32.74 24.16
CA HIS A 33 -17.66 -32.31 25.28
C HIS A 33 -19.05 -32.95 25.30
N GLY A 34 -19.38 -33.55 26.46
CA GLY A 34 -20.58 -34.37 26.70
C GLY A 34 -21.86 -34.11 25.91
N SER A 35 -22.15 -32.83 25.70
CA SER A 35 -23.24 -32.31 24.82
C SER A 35 -24.71 -32.57 25.25
N TRP A 36 -24.89 -33.24 26.39
CA TRP A 36 -26.22 -33.58 26.95
C TRP A 36 -26.94 -32.41 27.63
N LYS A 37 -26.22 -31.30 27.78
CA LYS A 37 -26.66 -30.11 28.52
C LYS A 37 -26.68 -28.86 27.62
N ILE A 38 -25.59 -28.67 26.86
CA ILE A 38 -25.35 -27.53 25.93
C ILE A 38 -24.67 -28.02 24.65
N GLN A 39 -24.84 -27.30 23.54
CA GLN A 39 -24.22 -27.71 22.27
C GLN A 39 -23.73 -26.52 21.42
N LEU A 40 -22.42 -26.47 21.19
CA LEU A 40 -21.77 -25.33 20.49
C LEU A 40 -22.08 -25.27 18.99
N ASN A 41 -21.97 -24.05 18.43
CA ASN A 41 -22.00 -23.84 16.98
C ASN A 41 -20.89 -22.86 16.56
N ALA A 42 -20.57 -22.84 15.26
CA ALA A 42 -19.34 -22.20 14.72
C ALA A 42 -19.51 -20.94 13.82
N THR A 43 -19.68 -19.77 14.42
CA THR A 43 -19.84 -18.50 13.67
C THR A 43 -18.48 -17.86 13.32
N SER A 44 -18.38 -17.30 12.11
CA SER A 44 -17.10 -16.83 11.56
C SER A 44 -17.21 -16.02 10.27
N VAL A 45 -16.12 -15.31 9.97
CA VAL A 45 -15.94 -14.54 8.74
C VAL A 45 -14.45 -14.29 8.59
N THR A 46 -14.00 -14.13 7.35
CA THR A 46 -12.60 -13.83 7.07
C THR A 46 -12.21 -12.41 7.52
N HIS A 47 -10.92 -12.09 7.40
CA HIS A 47 -10.31 -10.85 7.88
C HIS A 47 -10.26 -9.76 6.81
N LYS A 48 -10.07 -8.51 7.25
CA LYS A 48 -9.89 -7.38 6.35
C LYS A 48 -8.51 -6.76 6.57
N PRO A 49 -7.88 -6.22 5.51
CA PRO A 49 -6.57 -5.56 5.69
C PRO A 49 -6.73 -4.13 6.21
N ASN A 50 -7.77 -3.47 5.72
CA ASN A 50 -8.18 -2.11 6.08
C ASN A 50 -8.92 -2.13 7.43
N ALA A 51 -8.17 -1.91 8.52
CA ALA A 51 -8.64 -2.01 9.93
C ALA A 51 -10.06 -1.47 10.26
N ILE A 52 -10.55 -0.54 9.45
CA ILE A 52 -11.89 0.02 9.63
C ILE A 52 -13.00 -1.02 9.41
N GLN A 53 -12.85 -1.82 8.35
CA GLN A 53 -13.87 -2.79 7.92
C GLN A 53 -14.01 -3.93 8.90
N MET A 54 -12.85 -4.48 9.26
CA MET A 54 -12.71 -5.44 10.33
C MET A 54 -13.69 -5.21 11.48
N ALA A 55 -13.69 -4.00 12.05
CA ALA A 55 -14.55 -3.67 13.20
C ALA A 55 -16.05 -3.89 12.92
N LEU A 56 -16.53 -3.41 11.77
CA LEU A 56 -17.89 -3.66 11.31
C LEU A 56 -18.13 -5.13 11.10
N SER A 57 -17.22 -5.76 10.36
CA SER A 57 -17.20 -7.20 10.12
C SER A 57 -17.25 -7.99 11.43
N VAL A 58 -16.93 -7.32 12.54
CA VAL A 58 -17.15 -7.90 13.85
C VAL A 58 -18.56 -7.51 14.28
N CYS A 59 -18.85 -6.22 14.23
CA CYS A 59 -20.17 -5.76 14.61
C CYS A 59 -21.28 -6.43 13.80
N GLU A 60 -21.27 -6.22 12.49
CA GLU A 60 -22.29 -6.75 11.57
C GLU A 60 -22.28 -8.27 11.44
N ASP A 61 -21.11 -8.86 11.19
CA ASP A 61 -21.03 -10.30 10.90
C ASP A 61 -21.02 -11.14 12.15
N LEU A 62 -20.38 -10.63 13.21
CA LEU A 62 -20.05 -11.45 14.39
C LEU A 62 -20.83 -11.05 15.65
N ILE A 63 -20.54 -9.87 16.22
CA ILE A 63 -21.19 -9.39 17.45
C ILE A 63 -22.70 -9.50 17.28
N SER A 64 -23.13 -9.29 16.03
CA SER A 64 -24.46 -9.63 15.51
C SER A 64 -25.11 -10.80 16.21
N SER A 65 -24.48 -11.97 16.10
CA SER A 65 -25.09 -13.19 16.55
C SER A 65 -24.67 -13.55 17.98
N GLN A 66 -25.28 -12.87 18.96
CA GLN A 66 -25.14 -13.16 20.41
C GLN A 66 -23.81 -13.83 20.85
N VAL A 67 -22.71 -13.46 20.18
CA VAL A 67 -21.45 -14.23 20.21
C VAL A 67 -20.79 -14.25 21.60
N TYR A 68 -20.29 -15.43 21.98
CA TYR A 68 -19.70 -15.67 23.30
C TYR A 68 -18.18 -15.46 23.34
N ALA A 69 -17.52 -15.50 22.16
CA ALA A 69 -16.06 -15.20 22.04
C ALA A 69 -15.65 -15.01 20.59
N ILE A 70 -14.59 -14.21 20.36
CA ILE A 70 -14.11 -13.84 18.98
C ILE A 70 -12.64 -14.28 18.70
N LEU A 71 -12.43 -15.43 18.06
CA LEU A 71 -11.05 -15.93 17.78
C LEU A 71 -10.34 -15.11 16.70
N VAL A 72 -9.27 -14.39 17.06
CA VAL A 72 -8.61 -13.44 16.13
C VAL A 72 -7.23 -13.86 15.62
N SER A 73 -7.15 -13.96 14.29
CA SER A 73 -5.94 -14.32 13.56
C SER A 73 -6.01 -13.77 12.12
N HIS A 74 -4.86 -13.73 11.44
CA HIS A 74 -4.66 -12.92 10.21
C HIS A 74 -3.52 -13.44 9.28
N PRO A 75 -3.31 -12.81 8.08
CA PRO A 75 -2.04 -12.90 7.34
C PRO A 75 -0.84 -12.52 8.21
N PRO A 76 0.14 -13.44 8.34
CA PRO A 76 1.22 -13.36 9.35
C PRO A 76 2.36 -12.35 9.04
N THR A 77 2.00 -11.33 8.25
CA THR A 77 2.87 -10.21 7.90
C THR A 77 2.93 -9.20 9.09
N PRO A 78 4.04 -8.43 9.24
CA PRO A 78 4.11 -7.41 10.32
C PRO A 78 3.30 -6.09 10.13
N ASN A 79 2.48 -6.02 9.07
CA ASN A 79 1.57 -4.89 8.80
C ASN A 79 0.14 -5.16 9.31
N ASP A 80 -0.14 -6.43 9.58
CA ASP A 80 -1.44 -6.89 10.10
C ASP A 80 -1.42 -7.25 11.62
N HIS A 81 -0.38 -6.84 12.34
CA HIS A 81 -0.37 -6.94 13.81
C HIS A 81 -1.12 -5.78 14.52
N PHE A 82 -1.67 -4.86 13.71
CA PHE A 82 -2.77 -3.98 14.13
C PHE A 82 -4.01 -4.13 13.22
N THR A 83 -4.49 -5.37 13.12
CA THR A 83 -5.85 -5.69 12.69
C THR A 83 -6.77 -5.94 13.92
N PRO A 84 -6.26 -6.64 14.99
CA PRO A 84 -7.14 -6.88 16.15
C PRO A 84 -7.43 -5.64 17.02
N THR A 85 -6.74 -4.53 16.76
CA THR A 85 -7.00 -3.24 17.44
C THR A 85 -8.49 -2.89 17.35
N PRO A 86 -8.99 -2.54 16.14
CA PRO A 86 -10.44 -2.48 15.93
C PRO A 86 -11.27 -3.64 16.52
N VAL A 87 -10.76 -4.87 16.45
CA VAL A 87 -11.48 -6.05 16.96
C VAL A 87 -11.59 -6.07 18.50
N SER A 88 -10.54 -5.56 19.17
CA SER A 88 -10.49 -5.54 20.64
C SER A 88 -11.15 -4.30 21.29
N TYR A 89 -11.29 -3.21 20.56
CA TYR A 89 -12.15 -2.12 21.01
C TYR A 89 -13.59 -2.57 20.84
N THR A 90 -13.90 -3.08 19.65
CA THR A 90 -15.24 -3.55 19.32
C THR A 90 -15.74 -4.70 20.20
N ALA A 91 -14.84 -5.56 20.65
CA ALA A 91 -15.20 -6.57 21.64
C ALA A 91 -14.90 -6.17 23.10
N GLY A 92 -14.21 -5.04 23.28
CA GLY A 92 -13.90 -4.47 24.59
C GLY A 92 -14.96 -3.56 25.18
N PHE A 93 -15.71 -2.90 24.29
CA PHE A 93 -16.89 -2.11 24.63
C PHE A 93 -17.91 -2.94 25.42
N TYR A 94 -18.05 -4.22 25.03
CA TYR A 94 -19.06 -5.15 25.55
C TYR A 94 -18.54 -6.14 26.57
N ARG A 95 -17.22 -6.30 26.61
CA ARG A 95 -16.49 -7.29 27.43
C ARG A 95 -16.71 -8.71 26.89
N ILE A 96 -16.66 -8.84 25.56
CA ILE A 96 -16.63 -10.15 24.91
C ILE A 96 -15.14 -10.57 24.81
N PRO A 97 -14.82 -11.78 25.31
CA PRO A 97 -13.41 -12.23 25.34
C PRO A 97 -12.84 -12.39 23.94
N VAL A 98 -11.76 -11.65 23.67
CA VAL A 98 -11.08 -11.70 22.37
C VAL A 98 -9.83 -12.56 22.45
N LEU A 99 -9.97 -13.80 21.99
CA LEU A 99 -8.85 -14.70 21.84
C LEU A 99 -8.00 -14.27 20.64
N GLY A 100 -6.70 -14.13 20.89
CA GLY A 100 -5.71 -13.87 19.85
C GLY A 100 -5.03 -15.20 19.60
N LEU A 101 -4.63 -15.43 18.36
CA LEU A 101 -4.04 -16.72 17.96
C LEU A 101 -2.59 -16.64 17.50
N THR A 102 -2.14 -15.40 17.26
CA THR A 102 -0.95 -15.18 16.48
C THR A 102 -0.28 -13.83 16.74
N THR A 103 -1.05 -12.79 17.08
CA THR A 103 -0.47 -11.45 17.28
C THR A 103 0.41 -11.31 18.54
N ARG A 104 1.46 -10.51 18.41
CA ARG A 104 2.57 -10.55 19.37
C ARG A 104 3.07 -9.22 19.93
N MET A 105 2.76 -8.10 19.26
CA MET A 105 3.10 -6.78 19.81
C MET A 105 2.52 -6.68 21.24
N SER A 106 3.25 -6.03 22.13
CA SER A 106 2.96 -6.16 23.58
C SER A 106 1.90 -5.22 24.14
N ILE A 107 1.53 -4.18 23.38
CA ILE A 107 0.41 -3.31 23.79
C ILE A 107 -0.77 -4.13 24.22
N TYR A 108 -0.99 -5.26 23.54
CA TYR A 108 -2.15 -6.15 23.74
C TYR A 108 -2.23 -6.94 25.05
N SER A 109 -1.09 -7.50 25.48
CA SER A 109 -0.97 -8.07 26.82
C SER A 109 -1.18 -6.97 27.82
N ASP A 110 -0.45 -5.86 27.59
CA ASP A 110 -0.13 -4.81 28.57
C ASP A 110 -1.07 -4.64 29.76
N LYS A 111 -0.43 -4.51 30.94
CA LYS A 111 -1.06 -4.22 32.22
C LYS A 111 -2.26 -3.32 32.07
N SER A 112 -3.42 -3.97 31.94
CA SER A 112 -4.73 -3.31 32.00
C SER A 112 -4.94 -2.21 30.93
N ILE A 113 -5.02 -2.62 29.67
CA ILE A 113 -5.28 -1.71 28.52
C ILE A 113 -6.31 -2.34 27.57
N HIS A 114 -6.16 -3.62 27.30
CA HIS A 114 -7.17 -4.36 26.57
C HIS A 114 -7.82 -5.30 27.60
N LEU A 115 -8.87 -4.81 28.27
CA LEU A 115 -9.52 -5.60 29.32
C LEU A 115 -10.25 -6.86 28.83
N SER A 116 -10.42 -6.98 27.51
CA SER A 116 -11.18 -8.07 26.89
C SER A 116 -10.35 -9.06 26.06
N PHE A 117 -9.03 -8.86 26.00
CA PHE A 117 -8.14 -9.56 25.08
C PHE A 117 -7.30 -10.71 25.69
N LEU A 118 -7.72 -11.95 25.41
CA LEU A 118 -6.92 -13.18 25.64
C LEU A 118 -5.80 -13.32 24.59
N ARG A 119 -4.91 -14.30 24.77
CA ARG A 119 -4.09 -14.85 23.66
C ARG A 119 -3.22 -16.06 24.02
N THR A 120 -3.06 -16.96 23.05
CA THR A 120 -2.37 -18.25 23.24
C THR A 120 -0.85 -18.12 23.01
N VAL A 121 -0.42 -16.94 22.61
CA VAL A 121 0.89 -16.72 22.06
C VAL A 121 1.58 -15.65 22.94
N PRO A 122 2.65 -16.03 23.68
CA PRO A 122 3.33 -15.05 24.56
C PRO A 122 4.13 -14.02 23.76
N PRO A 123 4.18 -12.75 24.24
CA PRO A 123 4.55 -11.65 23.36
C PRO A 123 6.05 -11.53 23.20
N TYR A 124 6.46 -10.57 22.38
CA TYR A 124 7.86 -10.27 22.22
C TYR A 124 8.50 -9.95 23.58
N SER A 125 7.77 -9.22 24.43
CA SER A 125 8.34 -8.81 25.72
C SER A 125 8.69 -9.95 26.69
N HIS A 126 8.19 -11.16 26.45
CA HIS A 126 8.59 -12.34 27.24
C HIS A 126 9.87 -13.02 26.74
N GLN A 127 10.31 -12.62 25.55
CA GLN A 127 11.64 -12.97 25.04
C GLN A 127 12.68 -12.55 26.06
N SER A 128 12.48 -11.37 26.66
CA SER A 128 13.35 -10.78 27.67
C SER A 128 13.61 -11.65 28.93
N SER A 129 12.83 -12.71 29.11
CA SER A 129 13.12 -13.73 30.13
C SER A 129 13.93 -14.90 29.55
N VAL A 130 13.96 -15.01 28.23
CA VAL A 130 14.79 -16.02 27.57
C VAL A 130 16.18 -15.44 27.41
N TRP A 131 16.27 -14.15 27.07
CA TRP A 131 17.55 -13.41 27.07
C TRP A 131 18.22 -13.54 28.44
N PHE A 132 17.41 -13.38 29.52
CA PHE A 132 17.90 -13.56 30.90
C PHE A 132 18.53 -14.93 31.11
N GLU A 133 17.95 -15.92 30.43
CA GLU A 133 18.38 -17.30 30.49
C GLU A 133 19.51 -17.60 29.51
N MET A 134 19.66 -16.74 28.48
CA MET A 134 20.85 -16.76 27.63
C MET A 134 22.03 -16.24 28.44
N MET A 135 21.77 -15.27 29.32
CA MET A 135 22.81 -14.66 30.17
C MET A 135 23.02 -15.44 31.46
N ARG A 136 22.11 -16.37 31.76
CA ARG A 136 22.30 -17.33 32.85
C ARG A 136 23.40 -18.28 32.41
N VAL A 137 23.13 -19.00 31.31
CA VAL A 137 24.15 -19.81 30.67
C VAL A 137 25.09 -18.87 29.90
N TYR A 138 26.24 -19.38 29.47
CA TYR A 138 27.26 -18.60 28.72
C TYR A 138 27.96 -17.47 29.49
N SER A 139 27.32 -16.97 30.55
CA SER A 139 27.90 -15.95 31.46
C SER A 139 28.18 -14.62 30.81
N TRP A 140 27.11 -13.99 30.34
CA TRP A 140 27.13 -12.66 29.79
C TRP A 140 26.98 -11.63 30.94
N ASN A 141 28.12 -11.13 31.43
CA ASN A 141 28.14 -10.23 32.58
C ASN A 141 28.01 -8.74 32.26
N HIS A 142 28.35 -8.37 31.02
CA HIS A 142 28.38 -6.97 30.61
C HIS A 142 27.68 -6.74 29.28
N ILE A 143 26.43 -6.33 29.39
CA ILE A 143 25.56 -6.10 28.24
C ILE A 143 25.39 -4.60 27.93
N ILE A 144 25.07 -4.31 26.68
CA ILE A 144 24.45 -3.05 26.32
C ILE A 144 23.07 -3.42 25.75
N LEU A 145 22.07 -2.60 26.07
CA LEU A 145 20.76 -2.79 25.50
C LEU A 145 20.34 -1.53 24.73
N LEU A 146 20.10 -1.70 23.44
CA LEU A 146 19.37 -0.71 22.66
C LEU A 146 17.98 -1.22 22.30
N VAL A 147 17.01 -0.32 22.41
CA VAL A 147 15.63 -0.62 22.05
C VAL A 147 15.00 0.58 21.35
N SER A 148 14.15 0.28 20.38
CA SER A 148 13.23 1.28 19.82
C SER A 148 12.49 1.98 20.98
N ASP A 149 12.18 3.25 20.79
CA ASP A 149 11.48 4.07 21.77
C ASP A 149 9.97 4.05 21.43
N ASP A 150 9.35 2.91 21.73
CA ASP A 150 7.93 2.62 21.43
C ASP A 150 7.32 1.75 22.55
N HIS A 151 6.04 1.38 22.42
CA HIS A 151 5.38 0.54 23.43
C HIS A 151 6.07 -0.80 23.55
N GLU A 152 6.29 -1.43 22.40
CA GLU A 152 6.97 -2.72 22.34
C GLU A 152 8.32 -2.72 23.04
N GLY A 153 9.17 -1.75 22.68
CA GLY A 153 10.56 -1.65 23.13
C GLY A 153 10.71 -1.37 24.62
N ARG A 154 9.88 -0.47 25.14
CA ARG A 154 9.86 -0.17 26.58
C ARG A 154 9.41 -1.36 27.43
N ALA A 155 8.35 -2.05 26.99
CA ALA A 155 7.84 -3.25 27.68
C ALA A 155 8.74 -4.47 27.45
N ALA A 156 9.65 -4.37 26.48
CA ALA A 156 10.73 -5.35 26.26
C ALA A 156 11.98 -5.03 27.11
N GLN A 157 12.28 -3.74 27.28
CA GLN A 157 13.43 -3.34 28.13
C GLN A 157 13.16 -3.44 29.63
N LYS A 158 12.03 -2.88 30.10
CA LYS A 158 11.66 -2.85 31.54
C LYS A 158 11.61 -4.25 32.11
N ARG A 159 10.81 -5.09 31.45
CA ARG A 159 10.67 -6.52 31.77
C ARG A 159 12.00 -7.30 31.80
N LEU A 160 13.00 -6.84 31.05
CA LEU A 160 14.39 -7.34 31.19
C LEU A 160 15.07 -6.72 32.42
N GLU A 161 14.89 -5.42 32.62
CA GLU A 161 15.50 -4.72 33.75
C GLU A 161 15.03 -5.24 35.10
N THR A 162 13.74 -5.59 35.22
CA THR A 162 13.18 -6.11 36.49
C THR A 162 13.71 -7.50 36.86
N LEU A 163 14.09 -8.30 35.87
CA LEU A 163 14.72 -9.59 36.16
C LEU A 163 16.20 -9.41 36.58
N LEU A 164 16.85 -8.39 36.01
CA LEU A 164 18.24 -8.02 36.35
C LEU A 164 18.39 -7.32 37.68
N GLU A 165 17.38 -6.53 38.05
CA GLU A 165 17.33 -5.75 39.30
C GLU A 165 17.59 -6.59 40.56
N GLU A 166 17.06 -7.81 40.58
CA GLU A 166 17.35 -8.73 41.70
C GLU A 166 18.71 -9.38 41.58
N ARG A 167 19.30 -9.33 40.39
CA ARG A 167 20.73 -9.59 40.22
C ARG A 167 21.47 -8.30 40.58
N GLU A 168 22.72 -8.43 41.02
CA GLU A 168 23.66 -7.31 41.16
C GLU A 168 24.02 -6.63 39.82
N SER A 169 23.10 -6.60 38.85
CA SER A 169 23.42 -6.03 37.53
C SER A 169 22.27 -5.31 36.82
N LYS A 170 22.64 -4.49 35.84
CA LYS A 170 21.74 -3.98 34.81
C LYS A 170 22.56 -3.84 33.51
N ALA A 171 22.06 -3.07 32.54
CA ALA A 171 22.86 -2.73 31.38
C ALA A 171 23.97 -1.78 31.83
N GLU A 172 25.17 -2.01 31.32
CA GLU A 172 26.32 -1.07 31.43
C GLU A 172 25.86 0.32 30.99
N LYS A 173 25.06 0.30 29.92
CA LYS A 173 24.41 1.45 29.34
C LYS A 173 23.16 0.90 28.64
N VAL A 174 21.98 1.44 28.98
CA VAL A 174 20.79 1.24 28.14
C VAL A 174 20.73 2.37 27.07
N LEU A 175 20.32 2.01 25.84
CA LEU A 175 20.31 2.91 24.69
C LEU A 175 18.97 2.89 23.93
N GLN A 176 18.58 4.04 23.37
CA GLN A 176 17.26 4.15 22.73
C GLN A 176 17.21 5.14 21.57
N PHE A 177 16.70 4.67 20.43
CA PHE A 177 16.60 5.49 19.20
C PHE A 177 15.14 5.78 18.75
N ASP A 178 14.97 6.30 17.53
CA ASP A 178 13.65 6.60 16.95
C ASP A 178 13.02 5.40 16.21
N PRO A 179 11.75 5.05 16.56
CA PRO A 179 11.08 4.05 15.74
C PRO A 179 10.55 4.72 14.47
N GLY A 180 11.44 4.83 13.48
CA GLY A 180 11.14 5.50 12.21
C GLY A 180 12.39 6.01 11.52
N THR A 181 13.46 6.16 12.31
CA THR A 181 14.76 6.68 11.85
C THR A 181 15.47 5.74 10.85
N LYS A 182 15.84 6.30 9.69
CA LYS A 182 16.69 5.60 8.70
C LYS A 182 18.18 5.91 8.88
N ASN A 183 18.51 6.77 9.86
CA ASN A 183 19.90 7.11 10.23
C ASN A 183 20.18 6.86 11.73
N VAL A 184 21.04 5.86 12.02
CA VAL A 184 21.40 5.44 13.39
C VAL A 184 22.92 5.56 13.69
N THR A 185 23.73 5.75 12.65
CA THR A 185 25.18 6.06 12.72
C THR A 185 25.61 6.80 14.02
N ALA A 186 24.90 7.89 14.31
CA ALA A 186 25.11 8.73 15.48
C ALA A 186 25.22 7.95 16.80
N LEU A 187 24.12 7.33 17.21
CA LEU A 187 24.01 6.66 18.52
C LEU A 187 24.97 5.47 18.68
N LEU A 188 25.17 4.73 17.59
CA LEU A 188 26.02 3.55 17.59
C LEU A 188 27.48 3.87 17.93
N MET A 189 27.85 5.14 17.75
CA MET A 189 29.21 5.65 17.99
C MET A 189 29.63 5.50 19.44
N GLU A 190 28.86 6.11 20.34
CA GLU A 190 29.07 5.94 21.79
C GLU A 190 28.83 4.50 22.24
N ALA A 191 27.93 3.81 21.53
CA ALA A 191 27.65 2.39 21.77
C ALA A 191 28.91 1.54 21.62
N LYS A 192 29.57 1.69 20.46
CA LYS A 192 30.88 1.10 20.16
C LYS A 192 31.93 1.51 21.19
N GLU A 193 32.04 2.82 21.44
CA GLU A 193 33.03 3.38 22.37
C GLU A 193 32.64 3.05 23.84
N LEU A 194 32.68 1.77 24.20
CA LEU A 194 32.31 1.28 25.53
C LEU A 194 33.02 0.01 25.91
N GLU A 195 33.01 -0.28 27.21
CA GLU A 195 33.71 -1.42 27.84
C GLU A 195 33.19 -2.85 27.49
N ALA A 196 31.86 -3.03 27.50
CA ALA A 196 31.20 -4.32 27.20
C ALA A 196 31.53 -4.83 25.80
N ARG A 197 31.04 -6.02 25.44
CA ARG A 197 31.15 -6.51 24.05
C ARG A 197 30.13 -7.61 23.69
N VAL A 198 28.87 -7.40 24.10
CA VAL A 198 27.74 -8.32 23.83
C VAL A 198 26.40 -7.55 23.86
N ILE A 199 25.93 -7.13 22.69
CA ILE A 199 24.91 -6.05 22.57
C ILE A 199 23.48 -6.56 22.22
N ILE A 200 22.49 -6.19 23.05
CA ILE A 200 21.07 -6.65 22.94
C ILE A 200 20.02 -5.66 22.32
N LEU A 201 19.13 -6.20 21.48
CA LEU A 201 18.21 -5.39 20.68
C LEU A 201 16.77 -5.89 20.67
N SER A 202 15.82 -5.00 20.96
CA SER A 202 14.42 -5.28 20.69
C SER A 202 13.86 -4.21 19.75
N ALA A 203 14.03 -4.45 18.44
CA ALA A 203 13.67 -3.47 17.39
C ALA A 203 12.85 -4.10 16.29
N SER A 204 12.12 -3.26 15.54
CA SER A 204 11.30 -3.72 14.41
C SER A 204 12.17 -4.18 13.24
N GLU A 205 11.70 -5.19 12.51
CA GLU A 205 12.39 -5.70 11.33
C GLU A 205 13.08 -4.64 10.47
N ASP A 206 12.43 -3.50 10.27
CA ASP A 206 12.98 -2.36 9.50
C ASP A 206 13.94 -1.48 10.31
N ASP A 207 13.54 -1.08 11.52
CA ASP A 207 14.42 -0.35 12.48
C ASP A 207 15.61 -1.20 12.93
N ALA A 208 15.44 -2.52 12.91
CA ALA A 208 16.49 -3.50 13.20
C ALA A 208 17.46 -3.55 12.05
N ALA A 209 16.93 -3.63 10.83
CA ALA A 209 17.78 -3.62 9.63
C ALA A 209 18.78 -2.48 9.70
N THR A 210 18.26 -1.24 9.82
CA THR A 210 19.08 0.00 9.80
C THR A 210 20.33 -0.17 10.64
N VAL A 211 20.12 -0.40 11.95
CA VAL A 211 21.19 -0.58 12.96
C VAL A 211 22.17 -1.71 12.68
N TYR A 212 21.70 -2.78 12.05
CA TYR A 212 22.59 -3.89 11.71
C TYR A 212 23.67 -3.45 10.70
N ARG A 213 23.23 -3.10 9.48
CA ARG A 213 24.12 -2.63 8.39
C ARG A 213 24.75 -1.26 8.69
N ALA A 214 24.08 -0.45 9.53
CA ALA A 214 24.68 0.77 10.11
C ALA A 214 25.80 0.45 11.09
N ALA A 215 25.67 -0.67 11.82
CA ALA A 215 26.74 -1.16 12.72
C ALA A 215 27.77 -2.07 12.02
N ALA A 216 27.50 -2.43 10.77
CA ALA A 216 28.50 -3.09 9.92
C ALA A 216 29.38 -2.05 9.19
N MET A 217 28.73 -1.00 8.68
CA MET A 217 29.39 0.17 8.13
C MET A 217 30.41 0.67 9.16
N LEU A 218 30.00 0.70 10.44
CA LEU A 218 30.82 1.29 11.49
C LEU A 218 31.60 0.29 12.35
N ASN A 219 31.97 -0.84 11.72
CA ASN A 219 32.88 -1.86 12.24
C ASN A 219 32.55 -2.33 13.69
N MET A 220 31.56 -3.23 13.81
CA MET A 220 31.13 -3.81 15.10
C MET A 220 30.67 -5.28 14.98
N THR A 221 30.86 -5.85 13.78
CA THR A 221 30.32 -7.16 13.35
C THR A 221 31.04 -8.37 13.94
N GLY A 222 32.38 -8.32 13.94
CA GLY A 222 33.22 -9.47 14.31
C GLY A 222 34.11 -9.17 15.49
N SER A 223 35.15 -10.00 15.65
CA SER A 223 36.12 -9.97 16.79
C SER A 223 35.56 -10.68 18.02
N GLY A 224 35.53 -9.96 19.15
CA GLY A 224 35.00 -10.47 20.41
C GLY A 224 33.53 -10.13 20.63
N TYR A 225 33.00 -9.18 19.84
CA TYR A 225 31.56 -8.81 19.82
C TYR A 225 30.59 -10.02 19.80
N VAL A 226 29.41 -9.88 20.41
CA VAL A 226 28.32 -10.90 20.35
C VAL A 226 26.93 -10.28 20.26
N TRP A 227 26.27 -10.45 19.12
CA TRP A 227 24.93 -9.88 18.93
C TRP A 227 23.85 -10.85 19.40
N LEU A 228 23.09 -10.38 20.38
CA LEU A 228 21.98 -11.14 20.96
C LEU A 228 20.63 -10.41 20.79
N VAL A 229 19.71 -11.02 20.04
CA VAL A 229 18.39 -10.41 19.69
C VAL A 229 17.23 -11.44 19.83
N GLY A 230 16.03 -11.11 19.36
CA GLY A 230 14.94 -12.08 19.35
C GLY A 230 14.42 -12.36 17.96
N GLU A 231 13.21 -12.92 17.88
CA GLU A 231 12.43 -12.99 16.65
C GLU A 231 11.99 -11.58 16.27
N ARG A 232 11.76 -11.37 14.97
CA ARG A 232 11.42 -10.07 14.36
C ARG A 232 12.72 -9.38 13.98
N GLU A 233 13.62 -9.28 14.95
CA GLU A 233 15.02 -8.90 14.71
C GLU A 233 15.78 -9.94 13.81
N ILE A 234 15.13 -11.07 13.51
CA ILE A 234 15.54 -11.97 12.43
C ILE A 234 14.39 -12.43 11.50
N SER A 235 13.43 -11.54 11.23
CA SER A 235 12.28 -11.89 10.38
C SER A 235 11.90 -10.83 9.33
N GLY A 236 12.08 -11.18 8.05
CA GLY A 236 11.92 -10.23 6.95
C GLY A 236 13.20 -9.41 6.69
N ASN A 237 13.12 -8.08 6.91
CA ASN A 237 14.21 -7.17 6.52
C ASN A 237 15.38 -6.99 7.51
N ALA A 238 15.11 -7.22 8.79
CA ALA A 238 16.16 -7.63 9.73
C ALA A 238 16.65 -8.98 9.22
N LEU A 239 17.88 -9.35 9.55
CA LEU A 239 18.46 -10.62 9.05
C LEU A 239 19.00 -10.43 7.64
N ARG A 240 18.20 -9.85 6.74
CA ARG A 240 18.67 -9.56 5.37
C ARG A 240 19.70 -8.41 5.30
N TYR A 241 19.99 -7.83 6.46
CA TYR A 241 21.12 -6.93 6.65
C TYR A 241 21.83 -7.13 8.01
N ALA A 242 21.56 -8.26 8.66
CA ALA A 242 22.15 -8.60 9.98
C ALA A 242 23.64 -8.97 9.89
N PRO A 243 24.27 -9.44 11.01
CA PRO A 243 25.49 -10.25 10.81
C PRO A 243 25.21 -11.76 10.92
N ASP A 244 26.26 -12.53 10.66
CA ASP A 244 26.27 -13.94 11.00
C ASP A 244 26.86 -13.95 12.43
N GLY A 245 26.48 -14.94 13.24
CA GLY A 245 26.98 -15.06 14.64
C GLY A 245 25.96 -14.59 15.67
N ILE A 246 24.87 -14.04 15.16
CA ILE A 246 23.72 -13.55 15.93
C ILE A 246 22.99 -14.73 16.58
N LEU A 247 22.34 -14.47 17.72
CA LEU A 247 21.39 -15.47 18.24
C LEU A 247 19.97 -14.92 18.34
N GLY A 248 19.34 -14.71 17.18
CA GLY A 248 17.93 -14.34 17.11
C GLY A 248 17.05 -15.51 17.44
N LEU A 249 16.18 -15.34 18.44
CA LEU A 249 15.22 -16.35 18.89
C LEU A 249 14.10 -16.55 17.88
N GLN A 250 13.33 -17.64 18.05
CA GLN A 250 12.13 -17.93 17.24
C GLN A 250 11.10 -18.75 18.00
N LEU A 251 9.86 -18.24 18.06
CA LEU A 251 8.74 -18.88 18.78
C LEU A 251 8.22 -20.12 18.10
N ILE A 252 8.24 -21.25 18.81
CA ILE A 252 7.77 -22.54 18.26
C ILE A 252 6.27 -22.47 17.99
N ASN A 253 5.90 -22.86 16.76
CA ASN A 253 4.53 -22.78 16.26
C ASN A 253 3.96 -21.35 16.46
N GLY A 254 4.80 -20.36 16.15
CA GLY A 254 4.49 -18.97 16.39
C GLY A 254 3.71 -18.37 15.26
N LYS A 255 3.66 -19.09 14.14
CA LYS A 255 2.95 -18.65 12.94
C LYS A 255 2.05 -19.77 12.37
N ASN A 256 1.81 -20.77 13.23
CA ASN A 256 1.07 -21.98 12.90
C ASN A 256 -0.39 -21.78 13.29
N GLU A 257 -1.17 -21.19 12.37
CA GLU A 257 -2.58 -20.81 12.61
C GLU A 257 -3.46 -22.00 13.02
N SER A 258 -3.56 -23.02 12.16
CA SER A 258 -4.47 -24.17 12.36
C SER A 258 -4.12 -25.07 13.54
N ALA A 259 -2.96 -24.81 14.15
CA ALA A 259 -2.55 -25.42 15.42
C ALA A 259 -2.99 -24.59 16.64
N HIS A 260 -3.07 -23.26 16.46
CA HIS A 260 -3.54 -22.35 17.51
C HIS A 260 -5.08 -22.30 17.64
N ILE A 261 -5.79 -22.32 16.49
CA ILE A 261 -7.27 -22.38 16.46
C ILE A 261 -7.76 -23.64 17.21
N SER A 262 -7.09 -24.76 16.92
CA SER A 262 -7.31 -26.07 17.54
C SER A 262 -7.39 -26.00 19.08
N ASP A 263 -6.47 -25.20 19.66
CA ASP A 263 -6.41 -24.96 21.11
C ASP A 263 -7.57 -24.11 21.63
N ALA A 264 -7.85 -23.01 20.91
CA ALA A 264 -8.78 -21.94 21.37
C ALA A 264 -10.23 -22.41 21.51
N VAL A 265 -10.65 -23.31 20.62
CA VAL A 265 -12.01 -23.90 20.70
C VAL A 265 -12.11 -24.96 21.80
N GLY A 266 -11.03 -25.73 21.98
CA GLY A 266 -10.90 -26.68 23.09
C GLY A 266 -10.91 -25.96 24.44
N VAL A 267 -10.07 -24.93 24.59
CA VAL A 267 -10.03 -24.10 25.81
C VAL A 267 -11.35 -23.33 26.02
N VAL A 268 -11.96 -22.85 24.92
CA VAL A 268 -13.27 -22.20 24.98
C VAL A 268 -14.39 -23.21 25.30
N ALA A 269 -14.24 -24.46 24.86
CA ALA A 269 -15.15 -25.53 25.25
C ALA A 269 -14.97 -25.95 26.71
N GLN A 270 -13.71 -26.00 27.16
CA GLN A 270 -13.35 -26.28 28.57
C GLN A 270 -13.45 -25.03 29.47
N ALA A 271 -13.96 -23.93 28.89
CA ALA A 271 -14.36 -22.75 29.66
C ALA A 271 -15.87 -22.52 29.65
N VAL A 272 -16.51 -22.76 28.49
CA VAL A 272 -17.97 -22.53 28.33
C VAL A 272 -18.82 -23.53 29.13
N HIS A 273 -18.27 -24.72 29.35
CA HIS A 273 -18.86 -25.74 30.21
C HIS A 273 -18.48 -25.47 31.68
N GLU A 274 -17.31 -24.87 31.91
CA GLU A 274 -16.92 -24.28 33.21
C GLU A 274 -17.72 -23.01 33.58
N LEU A 275 -18.39 -22.40 32.59
CA LEU A 275 -19.26 -21.22 32.80
C LEU A 275 -20.71 -21.62 33.06
N LEU A 276 -21.27 -22.43 32.15
CA LEU A 276 -22.73 -22.66 32.14
C LEU A 276 -23.23 -23.62 33.23
N GLU A 277 -22.29 -24.39 33.82
CA GLU A 277 -22.55 -25.16 35.04
C GLU A 277 -22.96 -24.23 36.22
N LYS A 278 -22.63 -22.94 36.12
CA LYS A 278 -22.85 -21.96 37.20
C LYS A 278 -24.28 -21.43 37.29
N GLU A 279 -24.81 -21.34 38.52
CA GLU A 279 -26.04 -20.61 38.80
C GLU A 279 -25.76 -19.13 38.58
N ASN A 280 -26.79 -18.36 38.24
CA ASN A 280 -26.67 -16.94 37.78
C ASN A 280 -25.68 -16.79 36.61
N ILE A 281 -26.15 -17.14 35.41
CA ILE A 281 -25.39 -16.99 34.16
C ILE A 281 -26.23 -16.21 33.15
N THR A 282 -25.61 -15.27 32.45
CA THR A 282 -26.35 -14.35 31.57
C THR A 282 -26.04 -14.46 30.06
N ASP A 283 -27.09 -14.34 29.25
CA ASP A 283 -26.99 -14.17 27.80
C ASP A 283 -26.12 -12.94 27.47
N PRO A 284 -25.32 -13.00 26.38
CA PRO A 284 -24.63 -11.82 25.82
C PRO A 284 -25.58 -10.88 25.07
N PRO A 285 -25.18 -9.59 24.85
CA PRO A 285 -26.04 -8.59 24.21
C PRO A 285 -26.07 -8.74 22.69
N ARG A 286 -27.21 -8.41 22.11
CA ARG A 286 -27.56 -8.88 20.77
C ARG A 286 -26.70 -8.21 19.71
N GLY A 287 -27.20 -7.13 19.11
CA GLY A 287 -26.53 -6.47 17.98
C GLY A 287 -25.53 -5.41 18.40
N CYS A 288 -24.78 -4.91 17.42
CA CYS A 288 -23.76 -3.88 17.65
C CYS A 288 -24.29 -2.44 17.57
N VAL A 289 -25.30 -2.18 16.72
CA VAL A 289 -25.94 -0.85 16.64
C VAL A 289 -26.86 -0.62 17.82
N GLY A 290 -26.94 0.65 18.27
CA GLY A 290 -27.81 1.08 19.36
C GLY A 290 -27.87 0.17 20.59
N ASN A 291 -26.78 -0.57 20.85
CA ASN A 291 -26.60 -1.32 22.09
C ASN A 291 -25.28 -0.92 22.71
N THR A 292 -25.35 -0.45 23.95
CA THR A 292 -24.24 0.24 24.60
C THR A 292 -24.24 -0.17 26.08
N ASN A 293 -24.11 -1.47 26.31
CA ASN A 293 -24.01 -2.08 27.66
C ASN A 293 -23.51 -3.52 27.61
N ILE A 294 -22.71 -3.87 28.62
CA ILE A 294 -22.07 -5.18 28.73
C ILE A 294 -23.07 -6.25 29.17
N TRP A 295 -22.58 -7.49 29.30
CA TRP A 295 -23.37 -8.60 29.83
C TRP A 295 -22.69 -9.18 31.07
N LYS A 296 -23.38 -9.15 32.21
CA LYS A 296 -22.78 -9.47 33.52
C LYS A 296 -21.97 -10.80 33.67
N THR A 297 -21.94 -11.61 32.61
CA THR A 297 -21.00 -12.75 32.48
C THR A 297 -19.95 -12.48 31.39
N GLY A 298 -19.66 -11.21 31.14
CA GLY A 298 -18.58 -10.80 30.24
C GLY A 298 -17.24 -11.02 30.92
N PRO A 299 -16.95 -10.21 31.96
CA PRO A 299 -15.76 -10.41 32.81
C PRO A 299 -15.67 -11.81 33.40
N LEU A 300 -16.81 -12.35 33.87
CA LEU A 300 -16.85 -13.66 34.51
C LEU A 300 -16.49 -14.83 33.58
N PHE A 301 -16.88 -14.77 32.30
CA PHE A 301 -16.36 -15.70 31.28
C PHE A 301 -14.86 -15.49 31.11
N LYS A 302 -14.42 -14.23 31.03
CA LYS A 302 -13.01 -13.90 30.83
C LYS A 302 -12.12 -14.30 32.03
N ARG A 303 -12.64 -14.07 33.24
CA ARG A 303 -11.94 -14.42 34.48
C ARG A 303 -11.92 -15.93 34.70
N VAL A 304 -12.87 -16.64 34.08
CA VAL A 304 -12.82 -18.12 33.92
C VAL A 304 -11.85 -18.48 32.77
N LEU A 305 -11.85 -17.68 31.69
CA LEU A 305 -10.95 -17.89 30.54
C LEU A 305 -9.48 -17.80 30.93
N MET A 306 -9.13 -16.77 31.70
CA MET A 306 -7.77 -16.57 32.21
C MET A 306 -7.27 -17.71 33.11
N SER A 307 -8.17 -18.19 33.95
CA SER A 307 -7.89 -19.32 34.83
C SER A 307 -8.51 -20.63 34.28
N SER A 308 -7.95 -21.10 33.16
CA SER A 308 -8.36 -22.37 32.52
C SER A 308 -7.20 -23.16 31.91
N LYS A 309 -6.99 -24.37 32.41
CA LYS A 309 -5.90 -25.24 31.96
C LYS A 309 -6.42 -26.26 30.94
N TYR A 310 -5.49 -26.99 30.31
CA TYR A 310 -5.76 -27.70 29.06
C TYR A 310 -4.48 -28.48 28.68
N ALA A 311 -4.27 -29.64 29.31
CA ALA A 311 -3.12 -30.50 28.94
C ALA A 311 -3.31 -31.14 27.56
N ASP A 312 -2.20 -31.47 26.88
CA ASP A 312 -2.18 -32.11 25.54
C ASP A 312 -2.79 -31.26 24.41
N GLY A 313 -2.33 -30.00 24.30
CA GLY A 313 -2.88 -29.03 23.35
C GLY A 313 -2.48 -29.32 21.92
N VAL A 314 -1.49 -28.56 21.46
CA VAL A 314 -0.69 -28.83 20.26
C VAL A 314 0.56 -28.00 20.42
N THR A 315 0.39 -26.68 20.62
CA THR A 315 1.51 -25.76 20.86
C THR A 315 2.02 -25.93 22.31
N GLY A 316 2.08 -27.18 22.75
CA GLY A 316 2.26 -27.53 24.15
C GLY A 316 0.97 -27.34 24.95
N ARG A 317 1.13 -27.15 26.25
CA ARG A 317 0.03 -27.01 27.21
C ARG A 317 -0.42 -25.55 27.30
N VAL A 318 -1.73 -25.33 27.18
CA VAL A 318 -2.26 -23.96 27.18
C VAL A 318 -2.58 -23.50 28.62
N GLU A 319 -1.78 -22.53 29.07
CA GLU A 319 -2.00 -21.87 30.36
C GLU A 319 -1.63 -20.40 30.25
N PHE A 320 -2.38 -19.56 30.99
CA PHE A 320 -2.21 -18.11 30.96
C PHE A 320 -1.75 -17.55 32.33
N ASN A 321 -1.37 -16.27 32.35
CA ASN A 321 -0.83 -15.62 33.54
C ASN A 321 -1.71 -14.50 34.09
N GLU A 322 -1.17 -13.74 35.05
CA GLU A 322 -1.89 -12.64 35.76
C GLU A 322 -2.04 -11.30 34.97
N ASP A 323 -0.92 -10.81 34.42
CA ASP A 323 -0.78 -9.43 33.91
C ASP A 323 -1.67 -9.18 32.70
N GLY A 324 -1.40 -9.92 31.63
CA GLY A 324 -2.33 -10.10 30.54
C GLY A 324 -2.80 -11.52 30.80
N ASP A 325 -2.94 -12.27 29.72
CA ASP A 325 -3.13 -13.72 29.80
C ASP A 325 -2.43 -14.40 28.61
N ARG A 326 -1.20 -14.87 28.84
CA ARG A 326 -0.38 -15.45 27.78
C ARG A 326 0.28 -16.75 28.19
N LYS A 327 0.36 -17.68 27.25
CA LYS A 327 0.95 -19.00 27.45
C LYS A 327 2.43 -18.92 27.81
N PHE A 328 2.96 -20.01 28.37
CA PHE A 328 4.40 -20.09 28.65
C PHE A 328 4.97 -21.23 27.83
N ALA A 329 5.00 -21.02 26.51
CA ALA A 329 5.42 -22.03 25.54
C ALA A 329 6.93 -21.99 25.25
N ASN A 330 7.51 -23.16 24.94
CA ASN A 330 8.91 -23.31 24.49
C ASN A 330 9.26 -22.33 23.37
N TYR A 331 10.50 -21.84 23.36
CA TYR A 331 11.01 -21.07 22.21
C TYR A 331 11.92 -22.00 21.41
N SER A 332 12.69 -21.47 20.45
CA SER A 332 13.79 -22.25 19.85
C SER A 332 14.89 -21.30 19.41
N ILE A 333 16.01 -21.40 20.12
CA ILE A 333 17.16 -20.48 20.02
C ILE A 333 17.93 -20.73 18.72
N MET A 334 17.83 -19.78 17.79
CA MET A 334 18.46 -19.89 16.46
C MET A 334 19.85 -19.31 16.44
N ASN A 335 20.67 -19.75 15.46
CA ASN A 335 22.00 -19.17 15.20
C ASN A 335 22.25 -19.02 13.70
N LEU A 336 22.97 -17.95 13.33
CA LEU A 336 23.30 -17.69 11.94
C LEU A 336 24.71 -18.17 11.58
N GLN A 337 24.79 -18.91 10.46
CA GLN A 337 26.02 -19.47 9.91
C GLN A 337 25.87 -19.54 8.37
N ASN A 338 26.46 -18.57 7.65
CA ASN A 338 26.38 -18.45 6.16
C ASN A 338 24.97 -18.17 5.65
N ARG A 339 24.43 -17.02 6.07
CA ARG A 339 23.10 -16.55 5.64
C ARG A 339 21.99 -17.62 5.72
N LYS A 340 22.03 -18.40 6.80
CA LYS A 340 21.15 -19.56 7.07
C LYS A 340 20.88 -19.78 8.59
N LEU A 341 19.68 -19.43 9.05
CA LEU A 341 19.24 -19.71 10.45
C LEU A 341 19.18 -21.21 10.82
N VAL A 342 20.10 -21.66 11.67
CA VAL A 342 20.13 -23.08 12.05
C VAL A 342 20.31 -23.40 13.54
N GLN A 343 19.17 -23.62 14.21
CA GLN A 343 19.02 -24.12 15.62
C GLN A 343 20.28 -24.63 16.37
N VAL A 344 20.57 -24.01 17.52
CA VAL A 344 21.69 -24.41 18.40
C VAL A 344 21.23 -24.93 19.76
N GLY A 345 19.96 -24.65 20.07
CA GLY A 345 19.38 -25.00 21.35
C GLY A 345 17.89 -24.76 21.43
N ILE A 346 17.33 -25.11 22.59
CA ILE A 346 15.90 -25.12 22.84
C ILE A 346 15.61 -24.69 24.31
N TYR A 347 15.05 -23.48 24.46
CA TYR A 347 14.53 -22.99 25.74
C TYR A 347 13.15 -23.61 25.95
N ASN A 348 13.07 -24.67 26.77
CA ASN A 348 11.77 -25.23 27.18
C ASN A 348 11.03 -24.15 27.95
N GLY A 349 9.83 -24.46 28.45
CA GLY A 349 9.08 -23.46 29.23
C GLY A 349 9.97 -22.56 30.06
N THR A 350 10.92 -23.19 30.75
CA THR A 350 11.60 -22.60 31.88
C THR A 350 13.11 -22.29 31.72
N HIS A 351 13.85 -23.12 30.96
CA HIS A 351 15.33 -22.98 30.81
C HIS A 351 15.91 -23.45 29.46
N VAL A 352 17.17 -23.04 29.19
CA VAL A 352 17.90 -23.39 27.95
C VAL A 352 18.59 -24.79 28.03
N ILE A 353 18.15 -25.74 27.19
CA ILE A 353 18.81 -27.06 27.06
C ILE A 353 19.40 -27.25 25.66
N PRO A 354 20.74 -27.19 25.53
CA PRO A 354 21.28 -27.20 24.17
C PRO A 354 21.58 -28.60 23.57
N ASN A 355 21.32 -28.70 22.27
CA ASN A 355 21.56 -29.87 21.43
C ASN A 355 23.04 -30.05 21.07
N ASP A 356 23.35 -31.13 20.34
CA ASP A 356 24.72 -31.46 19.95
C ASP A 356 25.34 -30.52 18.90
N ARG A 357 24.52 -29.75 18.21
CA ARG A 357 25.02 -28.81 17.20
C ARG A 357 25.99 -27.78 17.82
N LYS A 358 27.09 -27.48 17.12
CA LYS A 358 28.10 -26.52 17.57
C LYS A 358 27.81 -25.09 17.05
N ILE A 359 28.21 -24.06 17.80
CA ILE A 359 27.69 -22.68 17.61
C ILE A 359 28.76 -21.62 17.24
N ILE A 360 28.75 -21.15 15.99
CA ILE A 360 29.67 -20.08 15.56
C ILE A 360 29.30 -18.73 16.19
N TRP A 361 30.31 -17.85 16.25
CA TRP A 361 30.22 -16.53 16.84
C TRP A 361 30.64 -15.44 15.82
N PRO A 362 30.47 -14.11 16.15
CA PRO A 362 30.75 -13.02 15.19
C PRO A 362 32.17 -12.91 14.63
N GLY A 363 32.27 -12.64 13.33
CA GLY A 363 33.54 -12.66 12.60
C GLY A 363 34.03 -14.06 12.22
N GLY A 364 33.10 -15.02 12.20
CA GLY A 364 33.43 -16.43 11.99
C GLY A 364 34.28 -16.91 13.14
N GLU A 365 33.72 -16.85 14.34
CA GLU A 365 34.44 -17.22 15.56
C GLU A 365 34.02 -18.59 16.09
N THR A 366 34.95 -19.55 16.04
CA THR A 366 34.77 -20.86 16.65
C THR A 366 34.64 -20.76 18.17
N GLU A 367 35.54 -19.98 18.79
CA GLU A 367 35.59 -19.77 20.25
C GLU A 367 34.56 -18.77 20.76
N LYS A 368 33.79 -19.17 21.77
CA LYS A 368 32.81 -18.31 22.47
C LYS A 368 33.54 -17.09 23.08
N PRO A 369 33.25 -15.87 22.58
CA PRO A 369 33.88 -14.69 23.16
C PRO A 369 33.32 -14.39 24.56
N ARG A 370 33.55 -13.21 25.10
CA ARG A 370 33.25 -12.96 26.54
C ARG A 370 32.42 -11.73 26.90
N GLY A 371 32.15 -10.87 25.91
CA GLY A 371 31.74 -9.49 26.17
C GLY A 371 33.05 -8.77 26.46
N TYR A 372 33.05 -7.93 27.50
CA TYR A 372 34.27 -7.61 28.22
C TYR A 372 35.42 -7.24 27.27
N GLN A 373 35.37 -6.03 26.74
CA GLN A 373 36.45 -5.41 25.94
C GLN A 373 37.14 -6.25 24.85
N VAL A 374 37.90 -7.28 25.26
CA VAL A 374 38.85 -8.05 24.41
C VAL A 374 39.98 -7.16 23.88
N GLN B 20 45.22 -14.51 -5.30
CA GLN B 20 46.08 -15.61 -5.81
C GLN B 20 45.71 -16.98 -5.16
N VAL B 21 44.40 -17.28 -5.15
CA VAL B 21 43.83 -18.48 -4.48
C VAL B 21 43.31 -19.49 -5.51
N GLN B 22 43.69 -20.76 -5.35
CA GLN B 22 43.30 -21.81 -6.29
C GLN B 22 42.80 -23.10 -5.61
N LEU B 23 42.01 -23.89 -6.34
CA LEU B 23 41.37 -25.10 -5.80
C LEU B 23 41.19 -26.20 -6.86
N GLN B 24 41.70 -27.39 -6.54
CA GLN B 24 41.83 -28.52 -7.47
C GLN B 24 41.20 -29.78 -6.85
N GLU B 25 40.39 -30.51 -7.64
CA GLU B 25 39.64 -31.66 -7.12
C GLU B 25 39.97 -33.04 -7.71
N SER B 26 39.54 -34.07 -6.98
CA SER B 26 39.96 -35.48 -7.20
C SER B 26 39.47 -36.09 -8.52
N GLY B 27 40.01 -37.26 -8.87
CA GLY B 27 39.71 -37.98 -10.14
C GLY B 27 38.24 -38.25 -10.49
N PRO B 28 37.80 -37.87 -11.74
CA PRO B 28 36.42 -38.03 -12.23
C PRO B 28 36.03 -39.47 -12.65
N GLY B 29 35.58 -40.28 -11.69
CA GLY B 29 35.45 -41.73 -11.89
C GLY B 29 34.05 -42.34 -12.01
N LEU B 30 34.00 -43.67 -11.99
CA LEU B 30 32.75 -44.46 -11.96
C LEU B 30 32.33 -44.70 -10.52
N VAL B 31 31.01 -44.79 -10.31
CA VAL B 31 30.40 -45.17 -9.01
C VAL B 31 29.17 -46.03 -9.26
N LYS B 32 29.00 -47.09 -8.46
CA LYS B 32 27.88 -48.05 -8.64
C LYS B 32 26.49 -47.50 -8.22
N PRO B 33 25.39 -48.07 -8.78
CA PRO B 33 24.07 -47.80 -8.21
C PRO B 33 24.00 -48.20 -6.72
N SER B 34 23.28 -47.41 -5.93
CA SER B 34 23.29 -47.43 -4.43
C SER B 34 24.70 -47.31 -3.78
N GLY B 35 25.51 -46.37 -4.27
CA GLY B 35 26.93 -46.27 -3.91
C GLY B 35 27.40 -44.98 -3.26
N THR B 36 28.71 -44.93 -3.03
CA THR B 36 29.38 -43.83 -2.37
C THR B 36 29.87 -42.87 -3.43
N LEU B 37 29.70 -41.58 -3.19
CA LEU B 37 30.53 -40.61 -3.90
C LEU B 37 31.75 -40.30 -3.05
N SER B 38 32.90 -40.22 -3.72
CA SER B 38 34.16 -40.01 -3.03
C SER B 38 34.99 -38.91 -3.72
N LEU B 39 34.71 -37.65 -3.36
CA LEU B 39 35.44 -36.53 -3.97
C LEU B 39 36.21 -35.68 -2.96
N THR B 40 37.22 -34.95 -3.45
CA THR B 40 38.26 -34.35 -2.62
C THR B 40 38.81 -33.12 -3.35
N CYS B 41 39.34 -32.16 -2.58
CA CYS B 41 39.70 -30.85 -3.11
C CYS B 41 40.84 -30.16 -2.33
N ALA B 42 42.05 -30.24 -2.88
CA ALA B 42 43.21 -29.45 -2.42
C ALA B 42 43.02 -27.93 -2.59
N VAL B 43 43.63 -27.15 -1.70
CA VAL B 43 43.59 -25.69 -1.78
C VAL B 43 45.00 -25.14 -2.03
N SER B 44 45.11 -24.28 -3.06
CA SER B 44 46.36 -23.66 -3.48
C SER B 44 46.35 -22.14 -3.28
N GLY B 45 47.58 -21.59 -3.22
CA GLY B 45 47.86 -20.15 -3.16
C GLY B 45 47.28 -19.42 -1.96
N GLY B 46 46.83 -20.20 -0.98
CA GLY B 46 46.07 -19.71 0.16
C GLY B 46 45.93 -20.82 1.18
N SER B 47 45.13 -20.57 2.21
CA SER B 47 44.99 -21.47 3.37
C SER B 47 43.58 -22.14 3.44
N ILE B 48 43.20 -22.62 4.64
CA ILE B 48 41.82 -23.09 4.93
C ILE B 48 41.20 -22.36 6.14
N SER B 49 42.04 -22.15 7.17
CA SER B 49 41.70 -21.40 8.41
C SER B 49 41.29 -19.96 8.13
N SER B 50 41.54 -19.49 6.90
CA SER B 50 40.97 -18.26 6.38
C SER B 50 39.45 -18.33 6.55
N SER B 51 38.84 -17.16 6.78
CA SER B 51 37.46 -17.06 7.31
C SER B 51 36.30 -17.46 6.39
N ASN B 52 36.62 -18.11 5.26
CA ASN B 52 35.64 -18.53 4.26
C ASN B 52 35.06 -19.89 4.58
N TRP B 53 34.07 -20.27 3.78
CA TRP B 53 33.46 -21.59 3.84
C TRP B 53 33.78 -22.40 2.59
N TRP B 54 34.24 -23.63 2.82
CA TRP B 54 34.70 -24.52 1.75
C TRP B 54 33.55 -25.48 1.53
N SER B 55 33.17 -25.68 0.27
CA SER B 55 31.80 -26.15 -0.12
C SER B 55 31.73 -26.89 -1.48
N TRP B 56 30.56 -27.44 -1.82
CA TRP B 56 30.39 -28.20 -3.08
C TRP B 56 29.04 -27.94 -3.82
N VAL B 57 29.06 -28.10 -5.15
CA VAL B 57 27.95 -27.83 -6.09
C VAL B 57 27.97 -28.95 -7.15
N ARG B 58 26.88 -29.12 -7.92
CA ARG B 58 26.86 -30.17 -8.97
C ARG B 58 25.90 -29.92 -10.13
N GLN B 59 26.30 -30.41 -11.30
CA GLN B 59 25.60 -30.21 -12.59
C GLN B 59 25.44 -31.52 -13.38
N PRO B 60 24.20 -32.09 -13.43
CA PRO B 60 23.95 -33.21 -14.35
C PRO B 60 24.08 -32.69 -15.77
N PRO B 61 24.67 -33.47 -16.70
CA PRO B 61 25.02 -32.91 -18.01
C PRO B 61 23.82 -32.49 -18.86
N GLY B 62 23.92 -31.32 -19.47
CA GLY B 62 22.81 -30.68 -20.20
C GLY B 62 21.71 -30.08 -19.31
N LYS B 63 22.11 -29.54 -18.16
CA LYS B 63 21.20 -28.99 -17.16
C LYS B 63 21.95 -27.93 -16.33
N GLY B 64 21.23 -27.27 -15.41
CA GLY B 64 21.78 -26.18 -14.61
C GLY B 64 22.55 -26.66 -13.40
N LEU B 65 22.75 -25.73 -12.45
CA LEU B 65 23.50 -26.03 -11.22
C LEU B 65 22.58 -26.38 -10.05
N GLU B 66 23.20 -26.76 -8.92
CA GLU B 66 22.51 -27.34 -7.77
C GLU B 66 23.50 -27.51 -6.61
N TRP B 67 23.17 -26.92 -5.47
CA TRP B 67 24.05 -26.87 -4.29
C TRP B 67 24.03 -28.19 -3.48
N ILE B 68 25.07 -28.43 -2.65
CA ILE B 68 25.22 -29.67 -1.83
C ILE B 68 25.43 -29.43 -0.32
N GLY B 69 26.33 -28.51 0.06
CA GLY B 69 26.65 -28.24 1.49
C GLY B 69 27.99 -27.55 1.73
N GLU B 70 28.32 -27.25 3.00
CA GLU B 70 29.60 -26.58 3.38
C GLU B 70 30.24 -26.97 4.74
N ILE B 71 31.52 -26.65 4.91
CA ILE B 71 32.30 -26.96 6.11
C ILE B 71 33.24 -25.79 6.45
N TYR B 72 33.18 -25.31 7.70
CA TYR B 72 34.13 -24.28 8.15
C TYR B 72 35.46 -24.89 8.53
N HIS B 73 36.47 -24.03 8.65
CA HIS B 73 37.79 -24.46 9.13
C HIS B 73 37.75 -25.18 10.48
N SER B 74 36.70 -24.92 11.25
CA SER B 74 36.55 -25.60 12.53
C SER B 74 36.11 -27.04 12.30
N GLY B 75 35.26 -27.24 11.29
CA GLY B 75 34.60 -28.52 11.04
C GLY B 75 33.09 -28.46 11.19
N ASN B 76 32.55 -27.31 11.59
CA ASN B 76 31.09 -27.05 11.61
C ASN B 76 30.53 -27.17 10.19
N THR B 77 29.28 -27.64 10.08
CA THR B 77 28.73 -28.08 8.78
C THR B 77 27.25 -27.75 8.55
N ASN B 78 26.87 -27.64 7.27
CA ASN B 78 25.57 -27.10 6.81
C ASN B 78 25.10 -27.74 5.50
N TYR B 79 24.19 -28.71 5.58
CA TYR B 79 23.77 -29.45 4.37
C TYR B 79 22.45 -28.92 3.77
N ASN B 80 22.21 -29.24 2.50
CA ASN B 80 21.00 -28.86 1.76
C ASN B 80 19.86 -29.77 2.19
N PRO B 81 18.65 -29.20 2.45
CA PRO B 81 17.50 -29.95 2.96
C PRO B 81 17.05 -31.15 2.11
N SER B 82 17.21 -31.04 0.79
CA SER B 82 16.83 -32.11 -0.16
C SER B 82 17.78 -33.32 -0.11
N LEU B 83 18.94 -33.15 0.52
CA LEU B 83 19.92 -34.20 0.65
C LEU B 83 20.55 -34.29 2.04
N LYS B 84 19.97 -33.58 3.03
CA LYS B 84 20.50 -33.47 4.44
C LYS B 84 20.93 -34.79 5.06
N SER B 85 20.32 -35.88 4.57
CA SER B 85 20.52 -37.25 5.03
C SER B 85 21.61 -38.09 4.30
N ARG B 86 22.14 -37.58 3.18
CA ARG B 86 23.05 -38.36 2.32
C ARG B 86 24.46 -37.79 2.14
N VAL B 87 24.72 -36.64 2.74
CA VAL B 87 25.94 -35.88 2.47
C VAL B 87 26.84 -35.75 3.69
N THR B 88 28.14 -35.77 3.45
CA THR B 88 29.12 -35.35 4.46
C THR B 88 30.28 -34.63 3.80
N VAL B 89 30.65 -33.50 4.42
CA VAL B 89 31.83 -32.73 4.03
C VAL B 89 32.82 -32.76 5.19
N SER B 90 34.08 -33.10 4.88
CA SER B 90 35.16 -33.16 5.88
C SER B 90 36.43 -32.44 5.43
N VAL B 91 37.35 -32.19 6.37
CA VAL B 91 38.52 -31.30 6.16
C VAL B 91 39.90 -31.94 6.56
N ASP B 92 41.01 -31.25 6.25
CA ASP B 92 42.38 -31.63 6.67
C ASP B 92 43.31 -30.42 6.73
N LYS B 93 43.56 -29.94 7.96
CA LYS B 93 44.32 -28.70 8.19
C LYS B 93 45.86 -28.80 8.05
N SER B 94 46.33 -29.92 7.51
CA SER B 94 47.76 -30.10 7.23
C SER B 94 48.07 -30.04 5.73
N LYS B 95 47.32 -30.79 4.92
CA LYS B 95 47.45 -30.76 3.46
C LYS B 95 46.89 -29.48 2.84
N ASN B 96 46.10 -28.76 3.64
CA ASN B 96 45.27 -27.63 3.19
C ASN B 96 44.22 -28.14 2.18
N GLN B 97 43.68 -29.33 2.44
CA GLN B 97 42.67 -29.96 1.60
C GLN B 97 41.39 -30.26 2.35
N PHE B 98 40.32 -30.48 1.61
CA PHE B 98 39.07 -31.06 2.16
C PHE B 98 38.44 -32.10 1.23
N SER B 99 37.18 -32.49 1.51
CA SER B 99 36.53 -33.60 0.80
C SER B 99 35.01 -33.68 0.95
N LEU B 100 34.34 -34.02 -0.17
CA LEU B 100 32.90 -34.38 -0.20
C LEU B 100 32.61 -35.86 -0.42
N LYS B 101 31.77 -36.40 0.47
CA LYS B 101 31.14 -37.72 0.31
C LYS B 101 29.64 -37.59 0.14
N LEU B 102 29.09 -38.39 -0.76
CA LEU B 102 27.68 -38.36 -1.10
C LEU B 102 27.22 -39.76 -1.41
N THR B 103 26.58 -40.38 -0.41
CA THR B 103 26.26 -41.80 -0.41
C THR B 103 24.94 -42.14 -1.12
N SER B 104 24.68 -43.45 -1.27
CA SER B 104 23.39 -44.03 -1.71
C SER B 104 22.96 -43.73 -3.16
N VAL B 105 23.92 -43.39 -4.01
CA VAL B 105 23.66 -42.78 -5.35
C VAL B 105 22.74 -43.57 -6.32
N THR B 106 22.26 -42.87 -7.35
CA THR B 106 21.33 -43.41 -8.37
C THR B 106 21.64 -42.85 -9.78
N ALA B 107 20.69 -43.03 -10.70
CA ALA B 107 20.81 -42.56 -12.08
C ALA B 107 20.93 -41.03 -12.18
N ALA B 108 20.03 -40.33 -11.49
CA ALA B 108 19.95 -38.87 -11.47
C ALA B 108 21.23 -38.19 -10.95
N ASP B 109 21.96 -38.88 -10.08
CA ASP B 109 23.17 -38.35 -9.43
C ASP B 109 24.39 -38.29 -10.35
N THR B 110 24.19 -38.69 -11.63
CA THR B 110 25.19 -38.59 -12.70
C THR B 110 25.38 -37.13 -13.13
N ALA B 111 26.57 -36.60 -12.85
CA ALA B 111 26.82 -35.15 -12.86
C ALA B 111 28.30 -34.79 -12.86
N VAL B 112 28.58 -33.52 -13.10
CA VAL B 112 29.91 -32.92 -12.88
C VAL B 112 29.91 -32.39 -11.44
N TYR B 113 31.06 -32.43 -10.77
CA TYR B 113 31.17 -31.94 -9.39
C TYR B 113 32.28 -30.90 -9.15
N TYR B 114 31.88 -29.70 -8.72
CA TYR B 114 32.80 -28.58 -8.41
C TYR B 114 32.84 -28.26 -6.94
N CYS B 115 34.04 -28.33 -6.35
CA CYS B 115 34.29 -27.63 -5.09
C CYS B 115 34.59 -26.15 -5.41
N ALA B 116 34.22 -25.25 -4.50
CA ALA B 116 34.46 -23.79 -4.66
C ALA B 116 34.56 -23.04 -3.32
N ARG B 117 35.41 -22.02 -3.25
CA ARG B 117 35.49 -21.11 -2.07
C ARG B 117 34.25 -20.21 -1.97
N ASP B 118 33.46 -20.40 -0.91
CA ASP B 118 32.33 -19.50 -0.63
C ASP B 118 32.85 -18.29 0.12
N VAL B 119 33.21 -17.24 -0.62
CA VAL B 119 33.57 -15.91 -0.07
C VAL B 119 32.47 -15.54 0.90
N SER B 120 32.85 -15.29 2.15
CA SER B 120 31.88 -15.19 3.22
C SER B 120 32.26 -14.09 4.16
N GLY B 121 31.29 -13.20 4.37
CA GLY B 121 31.33 -12.15 5.38
C GLY B 121 29.91 -11.64 5.38
N GLY B 122 29.00 -12.54 5.00
CA GLY B 122 27.61 -12.21 4.72
C GLY B 122 27.02 -13.25 3.81
N VAL B 123 27.17 -13.03 2.50
CA VAL B 123 26.52 -13.82 1.45
C VAL B 123 27.01 -15.26 1.32
N ASN B 124 26.45 -15.95 0.33
CA ASN B 124 27.07 -17.09 -0.34
C ASN B 124 27.46 -16.56 -1.72
N TRP B 125 28.74 -16.67 -2.04
CA TRP B 125 29.27 -16.27 -3.36
C TRP B 125 30.52 -17.10 -3.68
N PHE B 126 30.50 -17.80 -4.80
CA PHE B 126 31.50 -18.86 -5.14
C PHE B 126 32.61 -18.35 -6.04
N ASP B 127 33.84 -18.27 -5.50
CA ASP B 127 35.02 -17.72 -6.21
C ASP B 127 36.32 -17.97 -5.39
N PRO B 128 37.31 -18.67 -5.95
CA PRO B 128 37.25 -19.27 -7.28
C PRO B 128 36.65 -20.65 -7.25
N TRP B 129 36.13 -21.10 -8.39
CA TRP B 129 35.52 -22.42 -8.52
C TRP B 129 36.61 -23.50 -8.67
N GLY B 130 36.19 -24.77 -8.59
CA GLY B 130 37.03 -25.89 -8.94
C GLY B 130 36.99 -26.15 -10.43
N GLN B 131 37.91 -27.00 -10.89
CA GLN B 131 38.00 -27.40 -12.30
C GLN B 131 36.72 -28.14 -12.73
N GLY B 132 36.44 -29.26 -12.06
CA GLY B 132 35.18 -29.97 -12.24
C GLY B 132 35.30 -31.34 -12.85
N THR B 133 34.80 -32.32 -12.09
CA THR B 133 35.07 -33.74 -12.33
C THR B 133 33.78 -34.55 -12.33
N LEU B 134 33.57 -35.31 -13.41
CA LEU B 134 32.35 -36.10 -13.64
C LEU B 134 32.35 -37.45 -12.95
N VAL B 135 31.60 -37.55 -11.86
CA VAL B 135 31.30 -38.83 -11.23
C VAL B 135 30.22 -39.53 -12.07
N THR B 136 30.64 -40.48 -12.91
CA THR B 136 29.71 -41.28 -13.73
C THR B 136 29.08 -42.36 -12.85
N VAL B 137 27.76 -42.31 -12.69
CA VAL B 137 27.06 -43.28 -11.83
C VAL B 137 26.40 -44.38 -12.67
N SER B 138 27.05 -45.54 -12.68
CA SER B 138 26.73 -46.63 -13.59
C SER B 138 27.25 -47.99 -13.06
N SER B 139 26.85 -49.08 -13.72
CA SER B 139 27.22 -50.46 -13.34
C SER B 139 28.29 -51.09 -14.25
N ALA B 140 28.44 -50.58 -15.47
CA ALA B 140 29.41 -51.06 -16.47
C ALA B 140 30.89 -50.77 -16.10
N SER B 141 31.81 -51.46 -16.79
CA SER B 141 33.21 -51.51 -16.39
C SER B 141 34.09 -50.40 -16.96
N THR B 142 35.12 -50.04 -16.18
CA THR B 142 36.09 -49.00 -16.53
C THR B 142 37.31 -49.64 -17.21
N LYS B 143 37.58 -49.19 -18.44
CA LYS B 143 38.53 -49.83 -19.34
C LYS B 143 39.19 -48.77 -20.25
N GLY B 144 40.52 -48.78 -20.29
CA GLY B 144 41.33 -47.83 -21.05
C GLY B 144 41.17 -47.91 -22.56
N PRO B 145 41.12 -46.75 -23.25
CA PRO B 145 40.89 -46.75 -24.69
C PRO B 145 42.13 -47.17 -25.46
N SER B 146 41.92 -47.87 -26.58
CA SER B 146 42.99 -48.20 -27.51
C SER B 146 43.40 -46.96 -28.29
N VAL B 147 44.72 -46.79 -28.45
CA VAL B 147 45.30 -45.64 -29.14
C VAL B 147 45.82 -46.07 -30.51
N PHE B 148 45.43 -45.35 -31.56
CA PHE B 148 45.86 -45.64 -32.94
C PHE B 148 46.35 -44.38 -33.67
N PRO B 149 47.61 -44.37 -34.17
CA PRO B 149 48.15 -43.12 -34.71
C PRO B 149 47.64 -42.79 -36.13
N LEU B 150 47.03 -41.62 -36.29
CA LEU B 150 46.58 -41.13 -37.60
C LEU B 150 47.66 -40.29 -38.33
N ALA B 151 48.41 -40.96 -39.19
CA ALA B 151 49.50 -40.38 -39.98
C ALA B 151 49.04 -39.28 -40.93
N PRO B 152 49.90 -38.26 -41.17
CA PRO B 152 49.64 -37.26 -42.22
C PRO B 152 49.65 -37.83 -43.64
N SER B 153 48.82 -37.27 -44.53
CA SER B 153 48.74 -37.69 -45.94
C SER B 153 49.41 -36.70 -46.89
N GLY B 159 47.86 -27.63 -48.07
CA GLY B 159 48.57 -26.62 -48.84
C GLY B 159 50.04 -26.56 -48.45
N GLY B 160 50.37 -25.65 -47.54
CA GLY B 160 51.71 -25.58 -46.92
C GLY B 160 51.70 -26.07 -45.48
N THR B 161 50.63 -26.81 -45.15
CA THR B 161 50.31 -27.31 -43.79
C THR B 161 49.58 -28.67 -43.99
N ALA B 162 49.57 -29.52 -42.97
CA ALA B 162 48.99 -30.87 -43.07
C ALA B 162 48.65 -31.48 -41.71
N ALA B 163 47.59 -32.29 -41.69
CA ALA B 163 46.98 -32.81 -40.45
C ALA B 163 47.52 -34.19 -40.01
N LEU B 164 47.34 -34.50 -38.73
CA LEU B 164 47.75 -35.76 -38.11
C LEU B 164 47.08 -35.93 -36.75
N GLY B 165 46.83 -37.18 -36.33
CA GLY B 165 46.13 -37.43 -35.06
C GLY B 165 46.25 -38.76 -34.31
N CYS B 166 45.39 -38.93 -33.29
CA CYS B 166 45.33 -40.13 -32.44
C CYS B 166 43.91 -40.67 -32.22
N LEU B 167 43.57 -41.75 -32.91
CA LEU B 167 42.27 -42.42 -32.79
C LEU B 167 42.13 -43.15 -31.44
N VAL B 168 41.12 -42.73 -30.67
CA VAL B 168 40.87 -43.22 -29.29
C VAL B 168 39.57 -44.05 -29.26
N LYS B 169 39.65 -45.27 -29.79
CA LYS B 169 38.51 -46.20 -29.92
C LYS B 169 38.08 -46.80 -28.60
N ASP B 170 36.77 -46.95 -28.41
CA ASP B 170 36.13 -47.81 -27.37
C ASP B 170 36.56 -47.56 -25.92
N TYR B 171 35.78 -46.77 -25.18
CA TYR B 171 36.06 -46.54 -23.75
C TYR B 171 34.82 -46.21 -22.89
N PHE B 172 34.94 -46.47 -21.58
CA PHE B 172 34.00 -45.97 -20.57
C PHE B 172 34.66 -45.77 -19.19
N PRO B 173 34.36 -44.67 -18.49
CA PRO B 173 33.48 -43.59 -18.95
C PRO B 173 34.25 -42.41 -19.49
N GLU B 174 33.50 -41.36 -19.83
CA GLU B 174 34.05 -40.03 -19.93
C GLU B 174 34.56 -39.64 -18.52
N PRO B 175 35.74 -39.03 -18.42
CA PRO B 175 36.45 -38.37 -19.52
C PRO B 175 37.63 -39.13 -20.16
N VAL B 176 38.07 -38.63 -21.30
CA VAL B 176 39.44 -38.83 -21.80
C VAL B 176 40.05 -37.44 -21.85
N THR B 177 41.37 -37.36 -21.70
CA THR B 177 42.08 -36.09 -21.78
C THR B 177 43.35 -36.26 -22.57
N VAL B 178 43.67 -35.28 -23.40
CA VAL B 178 44.78 -35.43 -24.35
C VAL B 178 45.65 -34.18 -24.27
N SER B 179 46.94 -34.35 -24.56
CA SER B 179 47.78 -33.22 -24.97
C SER B 179 48.76 -33.62 -26.07
N TRP B 180 49.26 -32.62 -26.79
CA TRP B 180 50.20 -32.85 -27.88
C TRP B 180 51.59 -32.29 -27.56
N ASN B 181 52.55 -33.22 -27.48
CA ASN B 181 53.96 -32.98 -27.07
C ASN B 181 54.08 -32.51 -25.61
N SER B 182 53.20 -33.03 -24.75
CA SER B 182 53.14 -32.67 -23.32
C SER B 182 53.00 -31.16 -23.08
N GLY B 183 51.96 -30.58 -23.68
CA GLY B 183 51.66 -29.15 -23.57
C GLY B 183 52.19 -28.27 -24.69
N ALA B 184 53.39 -28.60 -25.21
CA ALA B 184 54.16 -27.80 -26.18
C ALA B 184 53.36 -27.22 -27.35
N LEU B 185 52.48 -28.04 -27.94
CA LEU B 185 51.63 -27.59 -29.04
C LEU B 185 50.28 -27.10 -28.58
N THR B 186 50.15 -25.78 -28.47
CA THR B 186 48.84 -25.16 -28.27
C THR B 186 48.36 -24.68 -29.63
N SER B 187 49.25 -24.05 -30.38
CA SER B 187 48.95 -23.53 -31.71
C SER B 187 48.80 -24.70 -32.69
N GLY B 188 47.55 -25.07 -32.98
CA GLY B 188 47.24 -26.14 -33.95
C GLY B 188 46.19 -27.19 -33.60
N VAL B 189 46.01 -27.48 -32.31
CA VAL B 189 45.19 -28.62 -31.82
C VAL B 189 43.66 -28.38 -31.83
N HIS B 190 42.92 -29.44 -32.12
CA HIS B 190 41.45 -29.47 -32.01
C HIS B 190 41.06 -30.84 -31.48
N THR B 191 40.32 -30.87 -30.38
CA THR B 191 39.82 -32.16 -29.85
C THR B 191 38.29 -32.26 -29.97
N PHE B 192 37.87 -33.37 -30.56
CA PHE B 192 36.48 -33.54 -30.92
C PHE B 192 35.75 -34.27 -29.80
N PRO B 193 34.43 -34.00 -29.61
CA PRO B 193 33.69 -34.79 -28.63
C PRO B 193 33.48 -36.23 -29.15
N ALA B 194 33.42 -37.19 -28.24
CA ALA B 194 33.23 -38.58 -28.59
C ALA B 194 31.79 -38.88 -29.05
N VAL B 195 31.61 -40.03 -29.71
CA VAL B 195 30.30 -40.51 -30.13
C VAL B 195 29.89 -41.73 -29.32
N LEU B 196 28.60 -41.82 -29.01
CA LEU B 196 28.07 -43.01 -28.36
C LEU B 196 27.71 -44.08 -29.40
N GLN B 197 28.41 -45.22 -29.33
CA GLN B 197 28.14 -46.43 -30.15
C GLN B 197 26.96 -47.22 -29.56
N SER B 198 26.49 -48.24 -30.29
CA SER B 198 25.50 -49.15 -29.72
C SER B 198 26.13 -50.09 -28.65
N SER B 199 27.41 -50.46 -28.82
CA SER B 199 28.13 -51.32 -27.84
C SER B 199 28.39 -50.62 -26.49
N GLY B 200 27.98 -49.35 -26.43
CA GLY B 200 28.03 -48.57 -25.19
C GLY B 200 29.33 -47.84 -25.00
N LEU B 201 30.37 -48.27 -25.70
CA LEU B 201 31.68 -47.63 -25.60
C LEU B 201 31.63 -46.37 -26.47
N TYR B 202 32.47 -45.40 -26.12
CA TYR B 202 32.59 -44.15 -26.90
C TYR B 202 33.70 -44.26 -27.95
N SER B 203 33.94 -43.17 -28.67
CA SER B 203 35.09 -43.04 -29.57
C SER B 203 35.32 -41.59 -30.00
N LEU B 204 36.54 -41.11 -29.75
CA LEU B 204 36.97 -39.77 -30.16
C LEU B 204 38.22 -39.82 -31.03
N SER B 205 38.57 -38.66 -31.58
CA SER B 205 39.86 -38.43 -32.21
C SER B 205 40.26 -37.00 -31.95
N SER B 206 41.56 -36.74 -31.97
CA SER B 206 42.05 -35.37 -31.95
C SER B 206 43.11 -35.19 -33.03
N VAL B 207 43.25 -33.95 -33.49
CA VAL B 207 44.14 -33.62 -34.59
C VAL B 207 45.19 -32.62 -34.10
N VAL B 208 46.20 -32.40 -34.95
CA VAL B 208 46.97 -31.15 -34.95
C VAL B 208 47.45 -30.80 -36.36
N THR B 209 46.76 -29.85 -36.99
CA THR B 209 47.26 -29.21 -38.21
C THR B 209 48.71 -28.81 -37.96
N VAL B 210 49.63 -29.23 -38.84
CA VAL B 210 51.08 -28.93 -38.71
C VAL B 210 51.77 -28.49 -40.02
N PRO B 211 52.75 -27.53 -39.95
CA PRO B 211 53.42 -27.06 -41.18
C PRO B 211 53.91 -28.24 -42.03
N SER B 212 53.55 -28.26 -43.32
CA SER B 212 53.87 -29.40 -44.23
C SER B 212 55.32 -29.87 -44.24
N SER B 213 56.26 -28.94 -44.01
CA SER B 213 57.73 -29.22 -43.97
C SER B 213 58.31 -29.65 -42.60
N SER B 214 57.48 -29.66 -41.54
CA SER B 214 57.88 -30.23 -40.24
C SER B 214 57.62 -31.73 -40.20
N LEU B 215 56.79 -32.21 -41.13
CA LEU B 215 56.59 -33.63 -41.38
C LEU B 215 57.92 -34.29 -41.79
N GLY B 216 58.40 -35.18 -40.91
CA GLY B 216 59.70 -35.83 -41.05
C GLY B 216 60.67 -35.51 -39.92
N THR B 217 61.04 -34.22 -39.82
CA THR B 217 62.10 -33.73 -38.92
C THR B 217 61.63 -33.47 -37.49
N GLN B 218 60.41 -32.96 -37.36
CA GLN B 218 59.79 -32.61 -36.07
C GLN B 218 58.82 -33.71 -35.58
N THR B 219 58.79 -33.93 -34.27
CA THR B 219 57.96 -34.96 -33.61
C THR B 219 56.59 -34.40 -33.19
N TYR B 220 55.61 -35.31 -32.99
CA TYR B 220 54.27 -34.99 -32.44
C TYR B 220 53.69 -36.18 -31.61
N ILE B 221 53.81 -36.09 -30.28
CA ILE B 221 53.39 -37.15 -29.32
C ILE B 221 52.07 -36.85 -28.55
N CYS B 222 51.04 -37.66 -28.78
CA CYS B 222 49.75 -37.50 -28.08
C CYS B 222 49.74 -38.14 -26.70
N ASN B 223 49.38 -37.34 -25.71
CA ASN B 223 49.46 -37.76 -24.31
C ASN B 223 48.09 -38.24 -23.83
N VAL B 224 47.71 -39.45 -24.24
CA VAL B 224 46.36 -40.01 -24.00
C VAL B 224 46.13 -40.33 -22.51
N ASN B 225 45.64 -39.31 -21.80
CA ASN B 225 45.38 -39.37 -20.36
C ASN B 225 43.92 -39.75 -20.13
N HIS B 226 43.70 -40.92 -19.55
CA HIS B 226 42.35 -41.34 -19.18
C HIS B 226 42.37 -41.66 -17.68
N LYS B 227 41.74 -40.79 -16.89
CA LYS B 227 41.87 -40.81 -15.42
C LYS B 227 41.07 -41.89 -14.63
N PRO B 228 39.77 -42.14 -14.97
CA PRO B 228 38.97 -43.19 -14.29
C PRO B 228 39.53 -44.62 -14.19
N SER B 229 40.24 -45.11 -15.21
CA SER B 229 40.74 -46.50 -15.23
C SER B 229 42.26 -46.69 -15.07
N ASN B 230 42.94 -45.62 -14.62
CA ASN B 230 44.41 -45.56 -14.58
C ASN B 230 45.04 -45.91 -15.94
N THR B 231 44.76 -45.06 -16.93
CA THR B 231 45.26 -45.20 -18.31
C THR B 231 45.98 -43.92 -18.78
N LYS B 232 47.30 -43.93 -18.65
CA LYS B 232 48.16 -42.97 -19.33
C LYS B 232 48.96 -43.70 -20.39
N VAL B 233 48.78 -43.26 -21.64
CA VAL B 233 49.43 -43.82 -22.84
C VAL B 233 50.07 -42.68 -23.62
N ASP B 234 51.15 -43.01 -24.33
CA ASP B 234 51.71 -42.14 -25.36
C ASP B 234 51.78 -42.88 -26.71
N LYS B 235 51.90 -42.15 -27.82
CA LYS B 235 51.81 -42.76 -29.16
C LYS B 235 52.40 -41.89 -30.26
N LYS B 236 53.53 -42.32 -30.84
CA LYS B 236 54.15 -41.52 -31.91
C LYS B 236 53.45 -41.71 -33.25
N VAL B 237 53.16 -40.57 -33.85
CA VAL B 237 52.57 -40.47 -35.19
C VAL B 237 53.71 -40.06 -36.14
N GLU B 238 53.67 -40.56 -37.38
CA GLU B 238 54.65 -40.20 -38.44
C GLU B 238 54.16 -40.42 -39.88
N PRO B 239 54.71 -39.66 -40.86
CA PRO B 239 54.23 -39.75 -42.25
C PRO B 239 54.05 -41.19 -42.75
N LYS B 240 52.85 -41.50 -43.22
CA LYS B 240 52.55 -42.79 -43.87
C LYS B 240 53.24 -42.86 -45.23
N ASN C 21 12.41 -24.11 0.47
CA ASN C 21 13.21 -23.21 -0.42
C ASN C 21 12.42 -22.68 -1.63
N PHE C 22 13.02 -21.70 -2.33
CA PHE C 22 12.39 -20.94 -3.42
C PHE C 22 13.06 -21.22 -4.77
N MET C 23 12.27 -21.44 -5.82
CA MET C 23 12.85 -21.69 -7.15
C MET C 23 12.91 -20.45 -8.03
N LEU C 24 14.14 -20.03 -8.32
CA LEU C 24 14.44 -18.99 -9.31
C LEU C 24 14.15 -19.50 -10.70
N THR C 25 13.51 -18.65 -11.49
CA THR C 25 13.13 -18.98 -12.86
C THR C 25 13.69 -17.95 -13.85
N GLN C 26 14.46 -18.47 -14.81
CA GLN C 26 15.10 -17.70 -15.87
C GLN C 26 14.41 -17.95 -17.23
N PRO C 27 14.67 -17.09 -18.25
CA PRO C 27 14.15 -17.42 -19.58
C PRO C 27 14.95 -18.59 -20.16
N HIS C 28 14.29 -19.61 -20.68
CA HIS C 28 14.98 -20.83 -21.15
C HIS C 28 16.14 -20.49 -22.10
N SER C 29 15.82 -19.72 -23.13
CA SER C 29 16.82 -19.13 -24.02
C SER C 29 16.45 -17.68 -24.32
N VAL C 30 17.49 -16.86 -24.39
CA VAL C 30 17.38 -15.47 -24.78
C VAL C 30 18.22 -15.29 -26.04
N SER C 31 18.12 -14.12 -26.68
CA SER C 31 18.85 -13.83 -27.91
C SER C 31 18.86 -12.32 -28.13
N GLU C 32 19.97 -11.80 -28.67
CA GLU C 32 20.08 -10.38 -29.05
C GLU C 32 21.31 -10.03 -29.88
N SER C 33 21.08 -9.21 -30.91
CA SER C 33 22.09 -8.72 -31.90
C SER C 33 23.36 -8.09 -31.29
N PRO C 34 24.48 -8.09 -32.06
CA PRO C 34 25.74 -7.60 -31.49
C PRO C 34 25.85 -6.07 -31.50
N GLY C 35 26.33 -5.52 -30.38
CA GLY C 35 26.50 -4.08 -30.20
C GLY C 35 25.33 -3.43 -29.50
N LYS C 36 24.34 -4.26 -29.10
CA LYS C 36 23.00 -3.85 -28.59
C LYS C 36 22.86 -3.71 -27.04
N THR C 37 21.80 -4.32 -26.48
CA THR C 37 21.44 -4.31 -25.06
C THR C 37 20.38 -5.42 -24.79
N VAL C 38 20.78 -6.47 -24.06
CA VAL C 38 19.93 -7.65 -23.71
C VAL C 38 19.68 -7.83 -22.21
N THR C 39 18.46 -8.26 -21.84
CA THR C 39 18.01 -8.36 -20.42
C THR C 39 17.76 -9.83 -19.96
N ILE C 40 18.20 -10.17 -18.74
CA ILE C 40 18.09 -11.55 -18.16
C ILE C 40 17.34 -11.64 -16.80
N SER C 41 16.04 -11.99 -16.88
CA SER C 41 15.13 -12.07 -15.73
C SER C 41 15.37 -13.25 -14.77
N CYS C 42 15.55 -12.92 -13.49
CA CYS C 42 15.74 -13.93 -12.43
C CYS C 42 14.58 -13.80 -11.44
N THR C 43 13.47 -14.50 -11.76
CA THR C 43 12.23 -14.43 -10.96
C THR C 43 12.26 -15.42 -9.80
N ARG C 44 12.26 -14.87 -8.59
CA ARG C 44 12.18 -15.63 -7.34
C ARG C 44 10.72 -15.92 -6.95
N SER C 45 10.40 -17.19 -6.64
CA SER C 45 9.05 -17.58 -6.22
C SER C 45 8.64 -16.96 -4.88
N SER C 46 9.06 -17.56 -3.77
CA SER C 46 8.67 -17.07 -2.43
C SER C 46 9.74 -16.21 -1.75
N GLY C 47 9.30 -15.24 -0.96
CA GLY C 47 10.19 -14.28 -0.30
C GLY C 47 10.69 -13.23 -1.26
N SER C 48 10.91 -12.02 -0.75
CA SER C 48 11.26 -10.87 -1.58
C SER C 48 12.67 -11.02 -2.18
N ILE C 49 12.88 -10.53 -3.41
CA ILE C 49 14.15 -10.75 -4.14
C ILE C 49 15.29 -9.95 -3.52
N ALA C 50 15.09 -8.64 -3.37
CA ALA C 50 16.10 -7.70 -2.86
C ALA C 50 16.56 -8.00 -1.43
N SER C 51 15.74 -8.79 -0.72
CA SER C 51 16.06 -9.32 0.60
C SER C 51 17.47 -9.91 0.62
N ASN C 52 17.69 -10.95 -0.18
CA ASN C 52 18.95 -11.71 -0.22
C ASN C 52 19.79 -11.27 -1.42
N TYR C 53 21.10 -11.09 -1.21
CA TYR C 53 22.04 -10.76 -2.30
C TYR C 53 21.99 -11.74 -3.51
N VAL C 54 21.81 -11.20 -4.72
CA VAL C 54 21.80 -11.98 -5.98
C VAL C 54 23.14 -11.82 -6.71
N GLN C 55 23.65 -12.93 -7.26
CA GLN C 55 24.88 -12.91 -8.04
C GLN C 55 24.60 -13.46 -9.43
N TRP C 56 25.58 -13.34 -10.32
CA TRP C 56 25.44 -13.77 -11.72
C TRP C 56 26.67 -14.51 -12.25
N TYR C 57 26.44 -15.65 -12.91
CA TYR C 57 27.53 -16.48 -13.49
C TYR C 57 27.42 -16.71 -14.99
N GLN C 58 28.59 -16.62 -15.64
CA GLN C 58 28.79 -16.98 -17.03
C GLN C 58 29.55 -18.30 -17.02
N GLN C 59 28.82 -19.39 -17.21
CA GLN C 59 29.42 -20.71 -17.38
C GLN C 59 29.76 -20.90 -18.86
N ARG C 60 31.03 -20.67 -19.22
CA ARG C 60 31.52 -20.98 -20.56
C ARG C 60 31.35 -22.48 -20.81
N PRO C 61 30.84 -22.85 -22.00
CA PRO C 61 30.71 -24.27 -22.35
C PRO C 61 32.04 -25.00 -22.22
N GLY C 62 31.99 -26.22 -21.69
CA GLY C 62 33.17 -27.03 -21.39
C GLY C 62 34.17 -26.35 -20.46
N SER C 63 33.67 -25.47 -19.59
CA SER C 63 34.51 -24.76 -18.62
C SER C 63 33.71 -24.66 -17.34
N ALA C 64 34.40 -24.48 -16.22
CA ALA C 64 33.70 -24.27 -14.95
C ALA C 64 33.42 -22.78 -14.78
N PRO C 65 32.21 -22.42 -14.24
CA PRO C 65 31.63 -21.08 -13.93
C PRO C 65 32.54 -19.95 -13.39
N THR C 66 32.15 -18.70 -13.65
CA THR C 66 32.88 -17.51 -13.20
C THR C 66 31.94 -16.32 -13.00
N THR C 67 31.96 -15.77 -11.78
CA THR C 67 31.22 -14.55 -11.46
C THR C 67 31.38 -13.49 -12.53
N VAL C 68 30.24 -12.90 -12.93
CA VAL C 68 30.25 -11.63 -13.67
C VAL C 68 29.82 -10.49 -12.76
N ILE C 69 28.84 -10.77 -11.91
CA ILE C 69 28.25 -9.77 -11.03
C ILE C 69 28.10 -10.37 -9.62
N TYR C 70 28.76 -9.74 -8.65
CA TYR C 70 28.57 -10.05 -7.23
C TYR C 70 27.70 -8.99 -6.53
N GLU C 71 27.09 -9.35 -5.39
CA GLU C 71 26.25 -8.44 -4.57
C GLU C 71 25.21 -7.62 -5.36
N ASP C 72 24.25 -8.30 -5.98
CA ASP C 72 23.22 -7.68 -6.86
C ASP C 72 23.79 -7.05 -8.14
N ASN C 73 24.82 -6.22 -7.95
CA ASN C 73 25.32 -5.25 -8.92
C ASN C 73 26.78 -4.81 -8.65
N GLN C 74 27.53 -5.56 -7.84
CA GLN C 74 28.96 -5.29 -7.63
C GLN C 74 29.89 -6.13 -8.56
N ARG C 75 30.80 -5.42 -9.24
CA ARG C 75 31.51 -5.94 -10.41
C ARG C 75 32.98 -6.22 -10.07
N PRO C 76 33.51 -7.41 -10.43
CA PRO C 76 34.95 -7.68 -10.27
C PRO C 76 35.86 -6.83 -11.19
N SER C 77 37.16 -6.88 -10.94
CA SER C 77 38.17 -6.20 -11.76
C SER C 77 38.56 -7.06 -12.97
N GLY C 78 38.26 -6.56 -14.18
CA GLY C 78 38.48 -7.30 -15.43
C GLY C 78 37.22 -7.57 -16.24
N VAL C 79 36.11 -7.83 -15.53
CA VAL C 79 34.77 -7.96 -16.10
C VAL C 79 34.26 -6.53 -16.38
N PRO C 80 33.92 -6.20 -17.66
CA PRO C 80 33.65 -4.80 -18.08
C PRO C 80 32.29 -4.18 -17.68
N ASP C 81 32.19 -2.85 -17.82
CA ASP C 81 31.00 -2.09 -17.44
C ASP C 81 29.73 -2.52 -18.18
N ARG C 82 29.89 -3.13 -19.35
CA ARG C 82 28.80 -3.76 -20.11
C ARG C 82 28.10 -4.83 -19.29
N PHE C 83 28.85 -5.46 -18.37
CA PHE C 83 28.25 -6.31 -17.34
C PHE C 83 27.80 -5.44 -16.18
N SER C 84 26.48 -5.28 -16.07
CA SER C 84 25.83 -4.64 -14.92
C SER C 84 24.56 -5.42 -14.50
N GLY C 85 24.05 -5.09 -13.33
CA GLY C 85 22.90 -5.77 -12.76
C GLY C 85 22.02 -4.86 -11.93
N SER C 86 20.78 -5.26 -11.73
CA SER C 86 19.78 -4.49 -10.99
C SER C 86 18.77 -5.48 -10.47
N ILE C 87 18.08 -5.10 -9.40
CA ILE C 87 17.13 -5.96 -8.72
C ILE C 87 15.75 -5.33 -8.71
N ASP C 88 14.84 -5.91 -9.50
CA ASP C 88 13.47 -5.39 -9.57
C ASP C 88 12.70 -5.84 -8.34
N SER C 89 12.48 -4.85 -7.48
CA SER C 89 11.80 -5.01 -6.22
C SER C 89 10.35 -5.42 -6.50
N SER C 90 9.77 -4.77 -7.50
CA SER C 90 8.34 -4.80 -7.85
C SER C 90 7.87 -6.04 -8.63
N SER C 91 8.77 -6.60 -9.43
CA SER C 91 8.50 -7.80 -10.21
C SER C 91 9.04 -9.04 -9.49
N ASN C 92 9.87 -8.82 -8.48
CA ASN C 92 10.49 -9.88 -7.68
C ASN C 92 11.65 -10.58 -8.47
N SER C 93 12.32 -9.82 -9.34
CA SER C 93 13.31 -10.36 -10.26
C SER C 93 14.59 -9.54 -10.39
N ALA C 94 15.72 -10.20 -10.17
CA ALA C 94 17.03 -9.66 -10.55
C ALA C 94 17.16 -9.63 -12.08
N SER C 95 17.88 -8.63 -12.58
CA SER C 95 18.09 -8.48 -14.03
C SER C 95 19.55 -8.26 -14.36
N LEU C 96 20.14 -9.25 -15.04
CA LEU C 96 21.48 -9.12 -15.63
C LEU C 96 21.28 -8.54 -16.99
N THR C 97 21.89 -7.39 -17.20
CA THR C 97 21.85 -6.70 -18.47
C THR C 97 23.28 -6.58 -19.00
N ILE C 98 23.42 -6.77 -20.33
CA ILE C 98 24.63 -6.45 -21.08
C ILE C 98 24.26 -5.51 -22.22
N SER C 99 24.94 -4.36 -22.29
CA SER C 99 24.85 -3.48 -23.48
C SER C 99 26.09 -3.70 -24.36
N GLY C 100 26.05 -3.17 -25.59
CA GLY C 100 27.14 -3.33 -26.55
C GLY C 100 27.59 -4.76 -26.69
N LEU C 101 26.62 -5.66 -26.94
CA LEU C 101 26.82 -7.12 -27.05
C LEU C 101 27.89 -7.48 -28.06
N LYS C 102 28.79 -8.38 -27.65
CA LYS C 102 29.86 -8.90 -28.53
C LYS C 102 29.63 -10.38 -28.87
N THR C 103 30.46 -10.93 -29.77
CA THR C 103 30.45 -12.39 -30.09
C THR C 103 30.83 -13.29 -28.89
N GLU C 104 31.57 -12.72 -27.94
CA GLU C 104 31.96 -13.42 -26.71
C GLU C 104 30.98 -13.23 -25.54
N ASP C 105 29.80 -12.70 -25.82
CA ASP C 105 28.69 -12.68 -24.86
C ASP C 105 27.75 -13.88 -25.08
N GLU C 106 27.92 -14.58 -26.22
CA GLU C 106 27.27 -15.85 -26.47
C GLU C 106 27.84 -16.81 -25.42
N ALA C 107 27.01 -17.20 -24.44
CA ALA C 107 27.37 -18.14 -23.37
C ALA C 107 26.16 -18.51 -22.50
N ASP C 108 26.29 -19.53 -21.67
CA ASP C 108 25.27 -19.83 -20.65
C ASP C 108 25.39 -18.86 -19.48
N TYR C 109 24.28 -18.64 -18.77
CA TYR C 109 24.17 -17.65 -17.68
C TYR C 109 23.31 -18.08 -16.47
N TYR C 110 23.79 -17.80 -15.25
CA TYR C 110 23.14 -18.25 -14.01
C TYR C 110 23.16 -17.27 -12.82
N CYS C 111 21.97 -16.77 -12.45
CA CYS C 111 21.76 -16.00 -11.20
C CYS C 111 21.77 -16.97 -10.02
N GLN C 112 22.17 -16.45 -8.86
CA GLN C 112 22.27 -17.25 -7.64
C GLN C 112 21.93 -16.44 -6.38
N SER C 113 20.78 -16.77 -5.77
CA SER C 113 20.38 -16.23 -4.48
C SER C 113 20.45 -17.35 -3.44
N TYR C 114 19.97 -17.05 -2.23
CA TYR C 114 20.00 -17.99 -1.10
C TYR C 114 18.85 -17.62 -0.16
N ASP C 115 18.59 -18.47 0.83
CA ASP C 115 17.72 -18.12 1.96
C ASP C 115 18.19 -18.86 3.21
N SER C 116 17.58 -18.49 4.34
CA SER C 116 17.61 -19.22 5.61
C SER C 116 17.73 -20.78 5.64
N SER C 117 17.61 -21.44 4.47
CA SER C 117 17.60 -22.92 4.37
C SER C 117 18.61 -23.51 3.39
N THR C 118 18.89 -22.81 2.29
CA THR C 118 19.65 -23.34 1.13
C THR C 118 20.52 -22.31 0.34
N VAL C 119 21.06 -22.78 -0.78
CA VAL C 119 21.80 -21.97 -1.76
C VAL C 119 21.22 -22.29 -3.17
N VAL C 120 20.24 -21.49 -3.60
CA VAL C 120 19.51 -21.73 -4.84
C VAL C 120 20.25 -21.13 -6.05
N PHE C 121 20.07 -21.77 -7.21
CA PHE C 121 20.50 -21.25 -8.50
C PHE C 121 19.28 -21.16 -9.42
N GLY C 122 19.41 -20.39 -10.50
CA GLY C 122 18.38 -20.34 -11.53
C GLY C 122 18.34 -21.60 -12.39
N GLY C 123 17.31 -21.68 -13.24
CA GLY C 123 17.24 -22.72 -14.28
C GLY C 123 18.24 -22.49 -15.40
N GLY C 124 18.66 -21.23 -15.57
CA GLY C 124 19.66 -20.82 -16.56
C GLY C 124 19.11 -20.15 -17.81
N THR C 125 19.97 -19.39 -18.49
CA THR C 125 19.66 -18.74 -19.79
C THR C 125 20.72 -19.05 -20.87
N LYS C 126 20.26 -19.59 -22.00
CA LYS C 126 21.08 -19.70 -23.19
C LYS C 126 20.94 -18.38 -23.96
N LEU C 127 22.05 -17.64 -24.08
CA LEU C 127 22.13 -16.39 -24.88
C LEU C 127 22.94 -16.57 -26.17
N THR C 128 22.23 -16.75 -27.28
CA THR C 128 22.83 -16.80 -28.61
C THR C 128 22.79 -15.40 -29.16
N VAL C 129 23.89 -14.96 -29.77
CA VAL C 129 23.98 -13.61 -30.36
C VAL C 129 23.33 -13.61 -31.76
N LEU C 130 22.14 -13.00 -31.86
CA LEU C 130 21.36 -12.86 -33.12
C LEU C 130 22.19 -12.18 -34.21
N GLY C 131 22.22 -12.75 -35.41
CA GLY C 131 23.03 -12.21 -36.50
C GLY C 131 24.51 -12.43 -36.29
N GLN C 132 25.01 -13.49 -36.94
CA GLN C 132 26.42 -13.78 -36.98
C GLN C 132 26.85 -14.24 -38.40
N PRO C 133 28.18 -14.25 -38.68
CA PRO C 133 28.72 -14.80 -39.92
C PRO C 133 28.72 -16.34 -40.06
N LYS C 134 28.31 -16.83 -41.23
CA LYS C 134 28.39 -18.24 -41.67
C LYS C 134 29.83 -18.62 -42.03
N ALA C 135 30.23 -19.86 -41.75
CA ALA C 135 31.56 -20.37 -42.17
C ALA C 135 31.47 -21.77 -42.79
N ASN C 136 32.04 -21.95 -43.99
CA ASN C 136 31.92 -23.21 -44.76
C ASN C 136 32.93 -24.28 -44.34
N PRO C 137 32.43 -25.50 -43.97
CA PRO C 137 33.10 -26.41 -43.02
C PRO C 137 34.45 -26.97 -43.45
N THR C 138 35.39 -26.98 -42.51
CA THR C 138 36.78 -27.40 -42.74
C THR C 138 36.99 -28.86 -42.30
N VAL C 139 36.73 -29.75 -43.26
CA VAL C 139 36.68 -31.20 -43.03
C VAL C 139 38.10 -31.76 -42.98
N THR C 140 38.23 -32.95 -42.38
CA THR C 140 39.49 -33.69 -42.32
C THR C 140 39.15 -35.20 -42.24
N LEU C 141 39.22 -35.88 -43.39
CA LEU C 141 38.98 -37.35 -43.48
C LEU C 141 40.25 -38.22 -43.39
N PHE C 142 40.26 -39.12 -42.41
CA PHE C 142 41.45 -39.91 -42.04
C PHE C 142 41.26 -41.41 -42.20
N PRO C 143 42.26 -42.11 -42.80
CA PRO C 143 42.08 -43.55 -43.08
C PRO C 143 42.20 -44.43 -41.82
N PRO C 144 41.81 -45.72 -41.93
CA PRO C 144 42.21 -46.60 -40.81
C PRO C 144 43.75 -46.59 -40.67
N SER C 145 44.23 -46.36 -39.45
CA SER C 145 45.66 -46.50 -39.10
C SER C 145 46.06 -47.98 -39.15
N SER C 146 47.29 -48.28 -39.59
CA SER C 146 47.75 -49.67 -39.80
C SER C 146 47.45 -50.60 -38.62
N GLU C 147 47.81 -50.14 -37.41
CA GLU C 147 47.60 -50.89 -36.16
C GLU C 147 46.14 -51.26 -35.86
N GLU C 148 45.20 -50.57 -36.51
CA GLU C 148 43.76 -50.86 -36.41
C GLU C 148 43.34 -51.98 -37.37
N LEU C 149 43.79 -51.90 -38.64
CA LEU C 149 43.59 -52.95 -39.66
C LEU C 149 44.29 -54.26 -39.28
N GLN C 150 45.36 -54.13 -38.49
CA GLN C 150 46.00 -55.28 -37.86
C GLN C 150 45.07 -55.91 -36.83
N ALA C 151 44.40 -55.07 -36.05
CA ALA C 151 43.54 -55.51 -34.95
C ALA C 151 42.28 -56.26 -35.43
N ASN C 152 42.02 -56.17 -36.73
CA ASN C 152 40.87 -56.79 -37.43
C ASN C 152 39.62 -55.87 -37.45
N LYS C 153 39.87 -54.56 -37.52
CA LYS C 153 38.83 -53.54 -37.69
C LYS C 153 39.17 -52.60 -38.86
N ALA C 154 38.18 -51.86 -39.35
CA ALA C 154 38.40 -50.77 -40.32
C ALA C 154 37.50 -49.58 -39.96
N THR C 155 38.13 -48.49 -39.50
CA THR C 155 37.38 -47.35 -38.97
C THR C 155 37.86 -46.02 -39.57
N LEU C 156 36.93 -45.35 -40.27
CA LEU C 156 37.22 -44.16 -41.07
C LEU C 156 36.76 -42.88 -40.36
N VAL C 157 37.70 -41.95 -40.17
CA VAL C 157 37.49 -40.75 -39.36
C VAL C 157 37.20 -39.50 -40.21
N CYS C 158 36.00 -38.93 -40.04
CA CYS C 158 35.63 -37.62 -40.60
C CYS C 158 35.46 -36.60 -39.45
N LEU C 159 36.41 -35.67 -39.33
CA LEU C 159 36.34 -34.57 -38.36
C LEU C 159 35.96 -33.25 -39.02
N ILE C 160 34.75 -32.76 -38.72
CA ILE C 160 34.27 -31.49 -39.28
C ILE C 160 34.41 -30.33 -38.27
N SER C 161 35.27 -29.37 -38.59
CA SER C 161 35.64 -28.30 -37.63
C SER C 161 35.61 -26.87 -38.17
N ASP C 162 34.76 -26.06 -37.53
CA ASP C 162 34.64 -24.60 -37.76
C ASP C 162 33.54 -24.26 -38.75
N PHE C 163 32.29 -24.47 -38.32
CA PHE C 163 31.13 -24.06 -39.11
C PHE C 163 30.03 -23.36 -38.29
N TYR C 164 29.46 -22.31 -38.87
CA TYR C 164 28.32 -21.61 -38.29
C TYR C 164 27.14 -21.67 -39.27
N PRO C 165 25.92 -21.99 -38.85
CA PRO C 165 25.58 -22.50 -37.51
C PRO C 165 25.59 -24.03 -37.41
N GLY C 166 25.21 -24.54 -36.24
CA GLY C 166 25.35 -25.95 -35.89
C GLY C 166 24.32 -26.88 -36.49
N ALA C 167 24.55 -27.25 -37.75
CA ALA C 167 23.80 -28.27 -38.47
C ALA C 167 24.70 -28.76 -39.59
N VAL C 168 24.88 -30.08 -39.68
CA VAL C 168 25.66 -30.71 -40.77
C VAL C 168 25.21 -32.12 -41.14
N THR C 169 24.78 -32.30 -42.38
CA THR C 169 24.45 -33.64 -42.89
C THR C 169 25.69 -34.33 -43.48
N VAL C 170 25.99 -35.53 -42.97
CA VAL C 170 27.16 -36.30 -43.43
C VAL C 170 26.78 -37.59 -44.18
N ALA C 171 27.31 -37.75 -45.40
CA ALA C 171 27.07 -38.94 -46.22
C ALA C 171 28.38 -39.66 -46.53
N TRP C 172 28.31 -41.00 -46.50
CA TRP C 172 29.46 -41.90 -46.63
C TRP C 172 29.31 -42.81 -47.84
N LYS C 173 30.24 -42.69 -48.80
CA LYS C 173 30.12 -43.34 -50.12
C LYS C 173 31.31 -44.22 -50.52
N ALA C 174 31.02 -45.48 -50.88
CA ALA C 174 32.02 -46.39 -51.45
C ALA C 174 31.94 -46.36 -52.98
N ASP C 175 33.10 -46.19 -53.63
CA ASP C 175 33.21 -45.79 -55.06
C ASP C 175 32.42 -44.49 -55.33
N GLY C 176 31.09 -44.59 -55.34
CA GLY C 176 30.19 -43.44 -55.30
C GLY C 176 28.89 -43.78 -54.58
N SER C 177 28.69 -45.07 -54.30
CA SER C 177 27.41 -45.63 -53.82
C SER C 177 27.11 -45.39 -52.32
N PRO C 178 25.82 -45.14 -51.96
CA PRO C 178 25.39 -44.94 -50.56
C PRO C 178 25.69 -46.10 -49.58
N VAL C 179 26.64 -45.87 -48.68
CA VAL C 179 26.94 -46.82 -47.62
C VAL C 179 26.07 -46.46 -46.42
N LYS C 180 25.36 -47.46 -45.91
CA LYS C 180 24.30 -47.28 -44.93
C LYS C 180 24.72 -47.66 -43.51
N ALA C 181 24.79 -48.97 -43.27
CA ALA C 181 24.97 -49.52 -41.92
C ALA C 181 26.38 -49.27 -41.35
N GLY C 182 26.45 -49.08 -40.03
CA GLY C 182 27.71 -48.83 -39.33
C GLY C 182 28.27 -47.46 -39.65
N VAL C 183 27.37 -46.48 -39.73
CA VAL C 183 27.73 -45.07 -39.88
C VAL C 183 27.46 -44.36 -38.56
N GLU C 184 28.44 -43.61 -38.08
CA GLU C 184 28.32 -42.89 -36.81
C GLU C 184 28.63 -41.41 -36.97
N THR C 185 27.70 -40.56 -36.52
CA THR C 185 27.85 -39.09 -36.59
C THR C 185 27.20 -38.44 -35.38
N THR C 186 27.88 -37.41 -34.84
CA THR C 186 27.47 -36.78 -33.57
C THR C 186 26.15 -35.98 -33.67
N LYS C 187 25.73 -35.47 -32.52
CA LYS C 187 25.01 -34.19 -32.42
C LYS C 187 26.15 -33.15 -32.41
N PRO C 188 26.27 -32.32 -33.48
CA PRO C 188 27.35 -31.32 -33.56
C PRO C 188 27.29 -30.39 -32.34
N SER C 189 28.42 -29.82 -31.91
CA SER C 189 28.38 -29.02 -30.67
C SER C 189 29.37 -27.85 -30.58
N LYS C 190 28.97 -26.84 -29.79
CA LYS C 190 29.69 -25.56 -29.65
C LYS C 190 31.17 -25.66 -29.25
N GLN C 191 32.03 -24.87 -29.92
CA GLN C 191 33.44 -24.71 -29.54
C GLN C 191 33.65 -23.44 -28.70
N SER C 192 34.91 -23.04 -28.49
CA SER C 192 35.25 -21.75 -27.86
C SER C 192 34.84 -20.59 -28.75
N ASN C 193 35.21 -20.67 -30.03
CA ASN C 193 35.07 -19.58 -31.00
C ASN C 193 33.64 -19.39 -31.54
N ASN C 194 32.64 -19.85 -30.78
CA ASN C 194 31.21 -19.89 -31.18
C ASN C 194 30.91 -20.95 -32.26
N LYS C 195 31.71 -20.93 -33.34
CA LYS C 195 31.63 -21.92 -34.43
C LYS C 195 31.84 -23.31 -33.86
N TYR C 196 31.19 -24.30 -34.48
CA TYR C 196 30.91 -25.58 -33.84
C TYR C 196 31.84 -26.74 -34.29
N ALA C 197 31.99 -27.74 -33.41
CA ALA C 197 32.68 -29.00 -33.71
C ALA C 197 31.68 -30.05 -34.21
N ALA C 198 32.22 -31.12 -34.81
CA ALA C 198 31.46 -32.29 -35.30
C ALA C 198 32.41 -33.36 -35.85
N SER C 199 32.10 -34.62 -35.63
CA SER C 199 32.88 -35.70 -36.23
C SER C 199 32.03 -36.92 -36.62
N SER C 200 32.61 -37.81 -37.42
CA SER C 200 31.91 -38.97 -37.97
C SER C 200 32.79 -40.22 -38.10
N TYR C 201 32.21 -41.38 -37.77
CA TYR C 201 32.94 -42.66 -37.71
C TYR C 201 32.28 -43.83 -38.46
N LEU C 202 32.94 -44.29 -39.54
CA LEU C 202 32.47 -45.45 -40.33
C LEU C 202 33.09 -46.76 -39.84
N SER C 203 32.23 -47.65 -39.34
CA SER C 203 32.64 -48.99 -38.87
C SER C 203 32.56 -50.08 -39.96
N LEU C 204 33.59 -50.13 -40.81
CA LEU C 204 33.80 -51.24 -41.77
C LEU C 204 34.41 -52.46 -41.08
N THR C 205 34.62 -53.52 -41.85
CA THR C 205 35.47 -54.68 -41.47
C THR C 205 36.64 -54.75 -42.47
N PRO C 206 37.86 -55.20 -42.01
CA PRO C 206 39.09 -54.99 -42.81
C PRO C 206 38.86 -55.06 -44.32
N GLU C 207 38.38 -56.22 -44.78
CA GLU C 207 38.22 -56.62 -46.19
C GLU C 207 37.43 -55.66 -47.08
N GLN C 208 36.37 -55.05 -46.51
CA GLN C 208 35.57 -54.00 -47.19
C GLN C 208 36.40 -52.79 -47.59
N TRP C 209 37.36 -52.41 -46.73
CA TRP C 209 38.36 -51.40 -47.06
C TRP C 209 39.07 -51.72 -48.38
N LYS C 210 39.49 -52.97 -48.55
CA LYS C 210 40.24 -53.41 -49.73
C LYS C 210 39.39 -53.57 -50.98
N SER C 211 38.23 -54.22 -50.84
CA SER C 211 37.36 -54.63 -51.97
C SER C 211 37.04 -53.55 -53.01
N HIS C 212 36.80 -52.33 -52.55
CA HIS C 212 36.48 -51.19 -53.43
C HIS C 212 37.70 -50.33 -53.70
N ARG C 213 37.59 -49.52 -54.75
CA ARG C 213 38.61 -48.53 -55.15
C ARG C 213 38.71 -47.29 -54.24
N SER C 214 37.58 -46.73 -53.80
CA SER C 214 37.58 -45.44 -53.06
C SER C 214 36.39 -45.22 -52.10
N TYR C 215 36.62 -44.40 -51.06
CA TYR C 215 35.61 -44.07 -50.03
C TYR C 215 35.45 -42.56 -49.74
N SER C 216 34.22 -42.04 -49.94
CA SER C 216 33.88 -40.60 -49.85
C SER C 216 33.18 -40.17 -48.55
N CYS C 217 33.26 -38.87 -48.22
CA CYS C 217 32.60 -38.29 -47.04
C CYS C 217 31.90 -36.95 -47.37
N GLN C 218 30.66 -36.99 -47.86
CA GLN C 218 29.91 -35.74 -48.10
C GLN C 218 29.54 -35.05 -46.78
N VAL C 219 29.68 -33.73 -46.75
CA VAL C 219 29.40 -32.88 -45.59
C VAL C 219 28.67 -31.63 -46.12
N THR C 220 27.45 -31.81 -46.60
CA THR C 220 26.60 -30.69 -47.01
C THR C 220 26.37 -29.79 -45.78
N HIS C 221 26.47 -28.48 -45.99
CA HIS C 221 26.39 -27.50 -44.90
C HIS C 221 25.50 -26.32 -45.30
N GLU C 222 24.21 -26.45 -44.99
CA GLU C 222 23.17 -25.49 -45.38
C GLU C 222 23.24 -25.09 -46.87
N GLY C 223 23.28 -26.10 -47.74
CA GLY C 223 23.32 -25.89 -49.19
C GLY C 223 24.62 -26.25 -49.90
N SER C 224 25.75 -25.90 -49.28
CA SER C 224 27.08 -26.09 -49.86
C SER C 224 27.59 -27.52 -49.69
N THR C 225 28.34 -28.03 -50.68
CA THR C 225 28.77 -29.44 -50.72
C THR C 225 30.30 -29.65 -50.53
N VAL C 226 30.67 -30.58 -49.66
CA VAL C 226 32.09 -30.88 -49.35
C VAL C 226 32.22 -32.39 -49.19
N GLU C 227 33.32 -32.98 -49.69
CA GLU C 227 33.46 -34.45 -49.81
C GLU C 227 34.89 -35.00 -50.18
N LYS C 228 35.67 -35.38 -49.16
CA LYS C 228 37.04 -35.95 -49.34
C LYS C 228 36.96 -37.47 -49.50
N THR C 229 37.97 -38.09 -50.14
CA THR C 229 37.92 -39.51 -50.59
C THR C 229 39.25 -40.35 -50.52
N VAL C 230 39.18 -41.53 -49.91
CA VAL C 230 40.39 -42.37 -49.64
C VAL C 230 40.46 -43.75 -50.34
N ALA C 231 41.65 -44.11 -50.86
CA ALA C 231 41.93 -45.36 -51.61
C ALA C 231 42.62 -46.45 -50.75
N PRO C 232 42.53 -47.77 -51.14
CA PRO C 232 43.08 -48.87 -50.30
C PRO C 232 44.48 -48.64 -49.71
N THR C 233 45.44 -48.22 -50.55
CA THR C 233 46.77 -47.70 -50.12
C THR C 233 47.33 -46.69 -51.14
N PRO D 4 -4.92 29.97 35.76
CA PRO D 4 -4.21 29.59 34.54
C PRO D 4 -4.99 28.54 33.74
N LYS D 5 -4.98 27.28 34.23
CA LYS D 5 -5.68 26.13 33.63
C LYS D 5 -5.38 25.91 32.14
N ILE D 6 -4.36 25.10 31.86
CA ILE D 6 -3.87 24.79 30.49
C ILE D 6 -4.65 23.59 29.89
N VAL D 7 -5.56 23.90 28.95
CA VAL D 7 -6.50 22.93 28.35
C VAL D 7 -5.97 22.44 27.00
N ASN D 8 -5.75 21.12 26.92
CA ASN D 8 -4.95 20.48 25.86
C ASN D 8 -5.66 20.04 24.57
N ILE D 9 -5.62 20.86 23.52
CA ILE D 9 -6.17 20.48 22.20
C ILE D 9 -5.06 19.95 21.26
N GLY D 10 -5.38 18.89 20.51
CA GLY D 10 -4.44 18.31 19.53
C GLY D 10 -4.86 18.42 18.08
N ALA D 11 -3.97 18.00 17.17
CA ALA D 11 -4.25 17.90 15.73
C ALA D 11 -3.15 17.14 14.96
N VAL D 12 -3.49 15.96 14.44
CA VAL D 12 -2.71 15.36 13.37
C VAL D 12 -3.07 16.12 12.07
N LEU D 13 -2.06 16.60 11.36
CA LEU D 13 -2.28 17.43 10.17
C LEU D 13 -1.39 17.05 8.99
N SER D 14 -1.71 17.62 7.83
CA SER D 14 -1.18 17.19 6.54
C SER D 14 0.31 17.47 6.35
N THR D 15 0.77 18.59 6.91
CA THR D 15 2.15 19.04 6.71
C THR D 15 2.84 19.40 8.02
N ARG D 16 3.94 20.15 7.90
CA ARG D 16 4.62 20.84 9.01
C ARG D 16 4.17 22.31 9.17
N LYS D 17 4.06 23.04 8.06
CA LYS D 17 3.63 24.45 8.07
C LYS D 17 2.16 24.61 8.50
N HIS D 18 1.35 23.58 8.28
CA HIS D 18 -0.02 23.51 8.82
C HIS D 18 -0.07 23.43 10.36
N GLU D 19 0.96 22.85 10.99
CA GLU D 19 1.09 22.85 12.47
C GLU D 19 1.12 24.28 12.99
N GLN D 20 1.70 25.18 12.19
CA GLN D 20 1.73 26.60 12.49
C GLN D 20 0.35 27.21 12.28
N MET D 21 -0.39 26.70 11.30
CA MET D 21 -1.78 27.13 11.03
C MET D 21 -2.68 26.94 12.27
N PHE D 22 -2.65 25.74 12.84
CA PHE D 22 -3.38 25.38 14.06
C PHE D 22 -2.86 26.18 15.24
N ARG D 23 -1.54 26.15 15.45
CA ARG D 23 -0.85 26.83 16.55
C ARG D 23 -1.21 28.33 16.62
N GLU D 24 -1.44 28.92 15.45
CA GLU D 24 -1.97 30.29 15.35
C GLU D 24 -3.49 30.38 15.57
N ALA D 25 -4.22 29.34 15.13
CA ALA D 25 -5.69 29.30 15.23
C ALA D 25 -6.19 29.11 16.67
N VAL D 26 -5.50 28.26 17.44
CA VAL D 26 -5.74 28.14 18.90
C VAL D 26 -5.37 29.45 19.61
N ASN D 27 -4.10 29.88 19.45
CA ASN D 27 -3.58 31.11 20.05
C ASN D 27 -4.24 32.37 19.42
N GLN D 28 -5.19 32.16 18.50
CA GLN D 28 -6.14 33.18 18.10
C GLN D 28 -7.44 33.08 18.91
N ALA D 29 -7.95 31.86 19.09
CA ALA D 29 -9.26 31.59 19.70
C ALA D 29 -9.43 31.99 21.18
N ASN D 30 -8.37 31.83 21.99
CA ASN D 30 -8.36 32.23 23.42
C ASN D 30 -8.58 33.74 23.55
N LYS D 31 -7.88 34.49 22.67
CA LYS D 31 -7.94 35.97 22.57
C LYS D 31 -9.37 36.51 22.46
N ARG D 32 -10.15 35.86 21.59
CA ARG D 32 -11.53 36.23 21.28
C ARG D 32 -12.52 36.07 22.44
N HIS D 33 -12.25 35.08 23.30
CA HIS D 33 -13.12 34.76 24.44
C HIS D 33 -12.68 35.51 25.71
N GLY D 34 -13.36 35.23 26.83
CA GLY D 34 -12.93 35.68 28.15
C GLY D 34 -11.54 35.16 28.46
N SER D 35 -11.44 33.82 28.51
CA SER D 35 -10.20 33.05 28.72
C SER D 35 -9.32 33.57 29.89
N TRP D 36 -9.97 34.04 30.95
CA TRP D 36 -9.31 34.43 32.19
C TRP D 36 -9.11 33.22 33.11
N LYS D 37 -9.99 32.24 32.95
CA LYS D 37 -10.03 31.02 33.75
C LYS D 37 -9.10 29.96 33.13
N ILE D 38 -9.37 29.66 31.86
CA ILE D 38 -8.78 28.53 31.15
C ILE D 38 -8.05 28.99 29.87
N GLN D 39 -6.76 28.66 29.77
CA GLN D 39 -5.99 28.90 28.55
C GLN D 39 -5.86 27.60 27.75
N LEU D 40 -6.00 27.71 26.43
CA LEU D 40 -5.87 26.56 25.55
C LEU D 40 -4.47 26.44 24.97
N ASN D 41 -3.86 25.28 25.22
CA ASN D 41 -2.59 24.89 24.60
C ASN D 41 -2.90 24.33 23.20
N ALA D 42 -1.87 23.94 22.45
CA ALA D 42 -2.05 23.46 21.08
C ALA D 42 -1.01 22.44 20.62
N THR D 43 -0.86 21.36 21.39
CA THR D 43 -0.01 20.24 20.97
C THR D 43 -0.40 19.74 19.55
N SER D 44 0.60 19.34 18.76
CA SER D 44 0.36 18.77 17.43
C SER D 44 1.46 17.80 16.97
N VAL D 45 1.19 17.15 15.84
CA VAL D 45 2.16 16.33 15.07
C VAL D 45 1.86 16.47 13.56
N THR D 46 2.79 15.99 12.75
CA THR D 46 2.52 15.69 11.35
C THR D 46 1.82 14.33 11.23
N HIS D 47 0.98 14.17 10.22
CA HIS D 47 0.30 12.88 9.96
C HIS D 47 1.31 11.82 9.45
N LYS D 48 1.05 10.55 9.75
CA LYS D 48 1.74 9.41 9.11
C LYS D 48 0.71 8.56 8.33
N PRO D 49 1.08 8.10 7.12
CA PRO D 49 0.20 7.23 6.32
C PRO D 49 0.05 5.79 6.87
N ASN D 50 1.15 5.18 7.31
CA ASN D 50 1.14 3.82 7.86
C ASN D 50 0.45 3.77 9.23
N ALA D 51 -0.73 3.15 9.23
CA ALA D 51 -1.68 3.15 10.35
C ALA D 51 -1.20 2.44 11.62
N ILE D 52 -0.08 1.72 11.51
CA ILE D 52 0.61 1.16 12.66
C ILE D 52 1.45 2.25 13.30
N GLN D 53 2.27 2.91 12.48
CA GLN D 53 3.18 3.98 12.89
C GLN D 53 2.44 5.17 13.51
N MET D 54 1.46 5.66 12.76
CA MET D 54 0.59 6.77 13.17
C MET D 54 -0.16 6.47 14.48
N ALA D 55 -0.63 5.22 14.62
CA ALA D 55 -1.30 4.75 15.84
C ALA D 55 -0.35 4.90 17.01
N LEU D 56 0.78 4.19 16.91
CA LEU D 56 1.83 4.22 17.91
C LEU D 56 2.21 5.66 18.27
N SER D 57 2.29 6.53 17.27
CA SER D 57 2.48 7.96 17.50
C SER D 57 1.34 8.64 18.30
N VAL D 58 0.08 8.40 17.92
CA VAL D 58 -1.10 9.04 18.57
C VAL D 58 -1.15 8.80 20.09
N CYS D 59 -0.85 7.57 20.49
CA CYS D 59 -0.57 7.22 21.88
C CYS D 59 0.55 8.11 22.41
N GLU D 60 1.74 7.96 21.80
CA GLU D 60 2.98 8.60 22.24
C GLU D 60 2.96 10.14 22.24
N ASP D 61 2.49 10.73 21.14
CA ASP D 61 2.63 12.18 20.90
C ASP D 61 1.52 13.00 21.51
N LEU D 62 0.31 12.43 21.50
CA LEU D 62 -0.91 13.22 21.67
C LEU D 62 -1.70 12.86 22.93
N ILE D 63 -2.15 11.61 23.01
CA ILE D 63 -2.91 11.12 24.17
C ILE D 63 -2.02 11.04 25.41
N SER D 64 -0.71 10.83 25.18
CA SER D 64 0.31 10.95 26.23
C SER D 64 0.44 12.37 26.80
N SER D 65 0.17 13.39 25.97
CA SER D 65 0.23 14.80 26.40
C SER D 65 -0.88 15.19 27.40
N GLN D 66 -1.97 14.41 27.39
CA GLN D 66 -3.21 14.61 28.20
C GLN D 66 -4.18 15.58 27.49
N VAL D 67 -4.76 15.10 26.38
CA VAL D 67 -5.45 15.95 25.37
C VAL D 67 -7.00 15.94 25.41
N TYR D 68 -7.58 17.12 25.13
CA TYR D 68 -9.05 17.43 25.19
C TYR D 68 -9.94 17.10 23.98
N ALA D 69 -9.52 17.50 22.78
CA ALA D 69 -10.27 17.25 21.54
C ALA D 69 -9.34 17.17 20.31
N ILE D 70 -8.82 15.98 20.01
CA ILE D 70 -7.91 15.78 18.86
C ILE D 70 -8.58 16.17 17.52
N LEU D 71 -7.88 16.92 16.68
CA LEU D 71 -8.30 17.20 15.30
C LEU D 71 -7.56 16.28 14.32
N VAL D 72 -8.14 16.03 13.14
CA VAL D 72 -7.53 15.10 12.15
C VAL D 72 -7.60 15.63 10.71
N SER D 73 -6.43 15.72 10.06
CA SER D 73 -6.34 16.06 8.63
C SER D 73 -5.32 15.14 7.91
N HIS D 74 -5.20 15.31 6.59
CA HIS D 74 -4.14 14.69 5.74
C HIS D 74 -4.13 15.32 4.32
N PRO D 75 -3.11 14.99 3.47
CA PRO D 75 -3.32 15.28 2.05
C PRO D 75 -4.67 14.66 1.60
N PRO D 76 -5.56 15.46 0.96
CA PRO D 76 -6.98 15.05 0.82
C PRO D 76 -7.24 13.99 -0.27
N THR D 77 -6.17 13.26 -0.64
CA THR D 77 -6.12 12.29 -1.75
C THR D 77 -6.98 11.03 -1.48
N PRO D 78 -7.33 10.26 -2.54
CA PRO D 78 -7.88 8.90 -2.32
C PRO D 78 -6.92 7.82 -1.70
N ASN D 79 -5.62 8.09 -1.63
CA ASN D 79 -4.62 7.17 -1.05
C ASN D 79 -4.33 7.45 0.44
N ASP D 80 -4.96 8.49 0.99
CA ASP D 80 -4.83 8.84 2.41
C ASP D 80 -6.16 8.73 3.20
N HIS D 81 -7.27 8.45 2.50
CA HIS D 81 -8.62 8.59 3.10
C HIS D 81 -9.08 7.51 4.12
N PHE D 82 -8.15 6.70 4.63
CA PHE D 82 -8.39 5.92 5.85
C PHE D 82 -7.48 6.32 7.02
N THR D 83 -6.59 7.30 6.78
CA THR D 83 -5.59 7.79 7.78
C THR D 83 -6.13 8.03 9.20
N PRO D 84 -7.32 8.66 9.35
CA PRO D 84 -7.84 8.86 10.69
C PRO D 84 -8.04 7.61 11.55
N THR D 85 -8.26 6.45 10.91
CA THR D 85 -8.53 5.20 11.68
C THR D 85 -7.73 5.13 12.97
N PRO D 86 -6.37 5.07 12.89
CA PRO D 86 -5.57 4.93 14.10
C PRO D 86 -5.58 6.12 15.07
N VAL D 87 -6.23 7.22 14.72
CA VAL D 87 -6.46 8.31 15.68
C VAL D 87 -7.86 8.17 16.27
N SER D 88 -8.80 7.73 15.43
CA SER D 88 -10.17 7.56 15.83
C SER D 88 -10.24 6.50 16.92
N TYR D 89 -9.78 5.29 16.61
CA TYR D 89 -9.80 4.16 17.54
C TYR D 89 -8.92 4.38 18.78
N THR D 90 -7.74 4.99 18.60
CA THR D 90 -6.80 5.26 19.72
C THR D 90 -7.37 6.26 20.74
N ALA D 91 -7.83 7.42 20.30
CA ALA D 91 -8.57 8.34 21.18
C ALA D 91 -9.95 7.80 21.56
N GLY D 92 -10.53 6.99 20.67
CA GLY D 92 -11.82 6.32 20.88
C GLY D 92 -11.84 5.38 22.07
N PHE D 93 -10.68 4.81 22.40
CA PHE D 93 -10.53 3.96 23.58
C PHE D 93 -10.64 4.70 24.95
N TYR D 94 -10.56 6.03 24.93
CA TYR D 94 -10.69 6.83 26.16
C TYR D 94 -11.90 7.76 26.18
N ARG D 95 -12.78 7.63 25.20
CA ARG D 95 -13.92 8.55 25.01
C ARG D 95 -13.48 10.03 24.92
N ILE D 96 -12.33 10.27 24.30
CA ILE D 96 -11.94 11.65 23.92
C ILE D 96 -12.55 11.88 22.53
N PRO D 97 -13.11 13.08 22.29
CA PRO D 97 -13.74 13.36 21.01
C PRO D 97 -12.69 13.56 19.94
N VAL D 98 -12.77 12.75 18.89
CA VAL D 98 -11.96 12.93 17.69
C VAL D 98 -12.78 13.91 16.83
N LEU D 99 -12.12 14.63 15.90
CA LEU D 99 -12.76 15.70 15.11
C LEU D 99 -12.23 15.79 13.66
N GLY D 100 -12.64 14.85 12.81
CA GLY D 100 -12.22 14.76 11.40
C GLY D 100 -12.44 16.04 10.60
N LEU D 101 -11.58 16.26 9.61
CA LEU D 101 -11.61 17.48 8.82
C LEU D 101 -11.60 17.25 7.30
N THR D 102 -10.98 16.15 6.85
CA THR D 102 -10.69 15.94 5.41
C THR D 102 -11.32 14.71 4.73
N THR D 103 -11.51 13.65 5.53
CA THR D 103 -12.09 12.41 5.02
C THR D 103 -13.60 12.53 4.76
N ARG D 104 -14.05 11.97 3.63
CA ARG D 104 -15.46 11.95 3.26
C ARG D 104 -16.07 10.53 3.27
N MET D 105 -15.38 9.59 3.93
CA MET D 105 -15.79 8.19 3.94
C MET D 105 -16.92 7.93 4.92
N SER D 106 -18.00 7.35 4.40
CA SER D 106 -19.27 7.10 5.14
C SER D 106 -19.17 6.07 6.26
N ILE D 107 -18.07 5.34 6.28
CA ILE D 107 -17.73 4.40 7.35
C ILE D 107 -17.39 5.11 8.68
N TYR D 108 -16.99 6.39 8.65
CA TYR D 108 -16.75 7.15 9.89
C TYR D 108 -18.02 7.67 10.54
N SER D 109 -19.05 7.84 9.73
CA SER D 109 -20.37 8.24 10.22
C SER D 109 -21.18 7.11 10.88
N ASP D 110 -20.82 5.85 10.63
CA ASP D 110 -21.73 4.71 10.84
C ASP D 110 -22.19 4.51 12.28
N LYS D 111 -23.39 3.94 12.39
CA LYS D 111 -24.02 3.58 13.66
C LYS D 111 -23.21 2.49 14.34
N SER D 112 -22.66 2.86 15.51
CA SER D 112 -21.74 2.03 16.30
C SER D 112 -20.61 1.38 15.48
N ILE D 113 -19.72 2.24 14.98
CA ILE D 113 -18.43 1.78 14.52
C ILE D 113 -17.33 2.78 14.82
N HIS D 114 -17.71 4.04 14.97
CA HIS D 114 -16.82 5.08 15.47
C HIS D 114 -17.67 6.02 16.34
N LEU D 115 -17.69 5.73 17.63
CA LEU D 115 -18.61 6.41 18.54
C LEU D 115 -18.04 7.72 19.15
N SER D 116 -16.77 8.00 18.89
CA SER D 116 -16.11 9.27 19.32
C SER D 116 -16.05 10.34 18.23
N PHE D 117 -16.19 9.89 16.97
CA PHE D 117 -15.83 10.68 15.79
C PHE D 117 -16.69 11.91 15.63
N LEU D 118 -16.07 12.97 15.14
CA LEU D 118 -16.75 14.20 14.70
C LEU D 118 -16.22 14.59 13.33
N ARG D 119 -17.00 15.35 12.54
CA ARG D 119 -16.46 16.02 11.32
C ARG D 119 -17.23 17.22 10.82
N THR D 120 -16.48 18.19 10.30
CA THR D 120 -17.04 19.42 9.74
C THR D 120 -17.20 19.34 8.22
N VAL D 121 -17.10 18.13 7.70
CA VAL D 121 -17.24 17.91 6.28
C VAL D 121 -18.27 16.79 6.09
N PRO D 122 -19.23 16.97 5.17
CA PRO D 122 -20.17 15.88 4.91
C PRO D 122 -19.53 14.74 4.11
N PRO D 123 -20.07 13.51 4.19
CA PRO D 123 -19.51 12.38 3.44
C PRO D 123 -20.08 12.28 2.02
N TYR D 124 -19.48 11.38 1.24
CA TYR D 124 -19.89 11.18 -0.15
C TYR D 124 -21.30 10.67 -0.29
N SER D 125 -21.66 9.66 0.50
CA SER D 125 -23.02 9.17 0.54
C SER D 125 -24.03 10.29 0.83
N HIS D 126 -23.57 11.36 1.48
CA HIS D 126 -24.41 12.54 1.73
C HIS D 126 -24.66 13.37 0.46
N GLN D 127 -24.01 12.97 -0.63
CA GLN D 127 -24.33 13.46 -1.98
C GLN D 127 -25.68 12.92 -2.52
N SER D 128 -26.23 11.91 -1.85
CA SER D 128 -27.60 11.46 -2.09
C SER D 128 -28.58 12.61 -1.88
N SER D 129 -28.35 13.42 -0.84
CA SER D 129 -29.14 14.61 -0.53
C SER D 129 -29.28 15.55 -1.74
N VAL D 130 -28.19 15.66 -2.51
CA VAL D 130 -28.15 16.48 -3.72
C VAL D 130 -28.89 15.80 -4.86
N TRP D 131 -28.60 14.52 -5.10
CA TRP D 131 -29.13 13.77 -6.25
C TRP D 131 -30.65 13.64 -6.22
N PHE D 132 -31.18 13.37 -5.02
CA PHE D 132 -32.61 13.40 -4.74
C PHE D 132 -33.19 14.72 -5.22
N GLU D 133 -32.53 15.80 -4.83
CA GLU D 133 -32.90 17.16 -5.22
C GLU D 133 -32.64 17.44 -6.69
N MET D 134 -31.63 16.80 -7.27
CA MET D 134 -31.31 16.93 -8.69
C MET D 134 -32.40 16.34 -9.59
N MET D 135 -33.17 15.42 -9.00
CA MET D 135 -34.28 14.73 -9.65
C MET D 135 -35.59 15.38 -9.24
N ARG D 136 -35.49 16.38 -8.37
CA ARG D 136 -36.59 17.25 -7.95
C ARG D 136 -36.66 18.36 -9.02
N VAL D 137 -35.58 19.14 -9.18
CA VAL D 137 -35.41 20.03 -10.35
C VAL D 137 -35.01 19.10 -11.50
N TYR D 138 -34.97 19.63 -12.74
CA TYR D 138 -34.61 18.85 -13.94
C TYR D 138 -35.52 17.62 -14.14
N SER D 139 -36.50 17.45 -13.25
CA SER D 139 -37.60 16.50 -13.39
C SER D 139 -37.31 14.97 -13.48
N TRP D 140 -36.07 14.52 -13.28
CA TRP D 140 -35.77 13.08 -13.47
C TRP D 140 -36.57 12.21 -12.50
N ASN D 141 -37.36 11.31 -13.08
CA ASN D 141 -38.18 10.41 -12.28
C ASN D 141 -37.99 8.95 -12.70
N HIS D 142 -37.08 8.70 -13.66
CA HIS D 142 -36.75 7.34 -14.10
C HIS D 142 -35.23 7.06 -14.11
N ILE D 143 -34.67 6.56 -12.99
CA ILE D 143 -33.20 6.33 -12.87
C ILE D 143 -32.71 4.88 -12.70
N ILE D 144 -31.61 4.57 -13.41
CA ILE D 144 -30.71 3.47 -13.05
C ILE D 144 -29.72 4.08 -12.06
N LEU D 145 -29.25 3.28 -11.10
CA LEU D 145 -28.18 3.70 -10.16
C LEU D 145 -27.22 2.55 -9.94
N LEU D 146 -25.98 2.72 -10.41
CA LEU D 146 -24.92 1.74 -10.17
C LEU D 146 -23.89 2.23 -9.17
N VAL D 147 -23.48 1.34 -8.28
CA VAL D 147 -22.52 1.68 -7.24
C VAL D 147 -21.53 0.55 -7.07
N SER D 148 -20.34 0.87 -6.57
CA SER D 148 -19.38 -0.14 -6.08
C SER D 148 -20.01 -0.94 -4.93
N ASP D 149 -19.80 -2.25 -4.93
CA ASP D 149 -20.41 -3.14 -3.92
C ASP D 149 -19.55 -3.24 -2.64
N ASP D 150 -19.49 -2.13 -1.91
CA ASP D 150 -18.71 -2.01 -0.68
C ASP D 150 -19.50 -1.20 0.37
N HIS D 151 -18.82 -0.60 1.36
CA HIS D 151 -19.54 0.22 2.35
C HIS D 151 -19.90 1.61 1.81
N GLU D 152 -19.03 2.19 0.99
CA GLU D 152 -19.27 3.50 0.40
C GLU D 152 -20.48 3.49 -0.54
N GLY D 153 -20.38 2.70 -1.62
CA GLY D 153 -21.48 2.51 -2.58
C GLY D 153 -22.81 2.11 -1.96
N ARG D 154 -22.79 1.31 -0.91
CA ARG D 154 -24.01 0.97 -0.20
C ARG D 154 -24.57 2.13 0.64
N ALA D 155 -23.68 2.98 1.14
CA ALA D 155 -24.09 4.17 1.90
C ALA D 155 -24.73 5.24 0.98
N ALA D 156 -24.24 5.31 -0.26
CA ALA D 156 -24.93 6.04 -1.32
C ALA D 156 -26.30 5.42 -1.63
N GLN D 157 -26.37 4.09 -1.73
CA GLN D 157 -27.60 3.45 -2.19
C GLN D 157 -28.63 3.10 -1.12
N LYS D 158 -28.41 3.56 0.12
CA LYS D 158 -29.40 3.42 1.19
C LYS D 158 -30.15 4.73 1.52
N ARG D 159 -29.39 5.83 1.63
CA ARG D 159 -29.95 7.18 1.81
C ARG D 159 -30.79 7.66 0.62
N LEU D 160 -30.37 7.33 -0.60
CA LEU D 160 -31.15 7.65 -1.82
C LEU D 160 -32.39 6.78 -1.93
N GLU D 161 -32.28 5.51 -1.54
CA GLU D 161 -33.44 4.61 -1.44
C GLU D 161 -34.32 4.92 -0.24
N THR D 162 -33.78 5.71 0.68
CA THR D 162 -34.55 6.34 1.75
C THR D 162 -35.24 7.61 1.22
N LEU D 163 -34.49 8.49 0.59
CA LEU D 163 -35.05 9.74 0.04
C LEU D 163 -36.10 9.49 -1.05
N LEU D 164 -35.95 8.37 -1.78
CA LEU D 164 -36.89 8.03 -2.86
C LEU D 164 -38.08 7.14 -2.48
N GLU D 165 -38.06 6.53 -1.31
CA GLU D 165 -39.25 5.84 -0.83
C GLU D 165 -40.30 6.84 -0.34
N GLU D 166 -39.89 7.86 0.43
CA GLU D 166 -40.81 8.91 0.96
C GLU D 166 -41.46 9.76 -0.15
N ARG D 167 -41.85 9.07 -1.22
CA ARG D 167 -42.12 9.57 -2.57
C ARG D 167 -42.55 8.28 -3.30
N GLU D 168 -43.69 8.33 -3.99
CA GLU D 168 -44.26 7.16 -4.70
C GLU D 168 -43.28 6.60 -5.76
N SER D 169 -42.05 6.33 -5.31
CA SER D 169 -40.92 6.16 -6.21
C SER D 169 -39.95 5.09 -5.74
N LYS D 170 -39.17 4.58 -6.68
CA LYS D 170 -38.07 3.67 -6.40
C LYS D 170 -37.12 3.59 -7.60
N ALA D 171 -35.82 3.54 -7.32
CA ALA D 171 -34.76 3.31 -8.32
C ALA D 171 -35.18 2.24 -9.32
N GLU D 172 -35.16 2.59 -10.60
CA GLU D 172 -35.69 1.70 -11.66
C GLU D 172 -34.93 0.37 -11.77
N LYS D 173 -33.61 0.41 -11.49
CA LYS D 173 -32.75 -0.80 -11.40
C LYS D 173 -31.38 -0.56 -10.73
N VAL D 174 -31.26 -0.97 -9.47
CA VAL D 174 -29.99 -0.86 -8.72
C VAL D 174 -28.96 -1.97 -9.09
N LEU D 175 -27.86 -1.54 -9.71
CA LEU D 175 -26.77 -2.44 -10.11
C LEU D 175 -25.62 -2.29 -9.16
N GLN D 176 -24.96 -3.40 -8.88
CA GLN D 176 -23.85 -3.44 -7.93
C GLN D 176 -22.76 -4.36 -8.44
N PHE D 177 -21.56 -3.78 -8.60
CA PHE D 177 -20.42 -4.48 -9.20
C PHE D 177 -19.27 -4.77 -8.19
N ASP D 178 -18.38 -5.70 -8.55
CA ASP D 178 -17.16 -6.05 -7.76
C ASP D 178 -16.16 -4.89 -7.59
N PRO D 179 -15.96 -4.38 -6.34
CA PRO D 179 -15.00 -3.29 -6.10
C PRO D 179 -13.58 -3.63 -6.58
N GLY D 180 -13.09 -2.83 -7.53
CA GLY D 180 -11.77 -3.02 -8.13
C GLY D 180 -11.75 -3.73 -9.48
N THR D 181 -12.93 -4.08 -10.01
CA THR D 181 -13.02 -4.91 -11.22
C THR D 181 -12.49 -4.22 -12.46
N LYS D 182 -12.16 -5.00 -13.49
CA LYS D 182 -11.71 -4.44 -14.76
C LYS D 182 -12.55 -4.85 -15.98
N ASN D 183 -13.48 -5.80 -15.80
CA ASN D 183 -14.57 -6.01 -16.78
C ASN D 183 -15.90 -5.61 -16.17
N VAL D 184 -16.62 -4.74 -16.87
CA VAL D 184 -17.91 -4.24 -16.42
C VAL D 184 -18.98 -4.42 -17.51
N THR D 185 -18.54 -4.81 -18.71
CA THR D 185 -19.38 -4.84 -19.91
C THR D 185 -20.74 -5.47 -19.66
N ALA D 186 -20.73 -6.75 -19.27
CA ALA D 186 -21.92 -7.54 -18.93
C ALA D 186 -23.03 -6.75 -18.23
N LEU D 187 -22.62 -5.87 -17.31
CA LEU D 187 -23.51 -5.13 -16.43
C LEU D 187 -24.22 -3.99 -17.18
N LEU D 188 -23.46 -3.17 -17.90
CA LEU D 188 -24.02 -2.04 -18.63
C LEU D 188 -24.90 -2.48 -19.83
N MET D 189 -24.68 -3.72 -20.28
CA MET D 189 -25.46 -4.37 -21.34
C MET D 189 -26.96 -4.51 -21.01
N GLU D 190 -27.27 -5.01 -19.81
CA GLU D 190 -28.66 -5.10 -19.36
C GLU D 190 -29.26 -3.74 -19.01
N ALA D 191 -28.41 -2.82 -18.54
CA ALA D 191 -28.82 -1.45 -18.21
C ALA D 191 -29.12 -0.62 -19.47
N LYS D 192 -28.36 -0.90 -20.54
CA LYS D 192 -28.59 -0.29 -21.85
C LYS D 192 -30.02 -0.53 -22.35
N GLU D 193 -30.55 -1.73 -22.07
CA GLU D 193 -31.87 -2.17 -22.51
C GLU D 193 -33.04 -1.50 -21.81
N LEU D 194 -32.80 -0.99 -20.60
CA LEU D 194 -33.87 -0.39 -19.78
C LEU D 194 -34.52 0.90 -20.35
N GLU D 195 -35.74 1.17 -19.86
CA GLU D 195 -36.49 2.41 -20.14
C GLU D 195 -35.78 3.67 -19.62
N ALA D 196 -35.05 3.53 -18.51
CA ALA D 196 -34.33 4.63 -17.88
C ALA D 196 -33.09 5.03 -18.67
N ARG D 197 -32.85 6.34 -18.72
CA ARG D 197 -31.72 6.92 -19.44
C ARG D 197 -30.87 7.89 -18.62
N VAL D 198 -31.34 8.28 -17.44
CA VAL D 198 -30.45 8.93 -16.50
C VAL D 198 -29.85 7.87 -15.58
N ILE D 199 -28.52 7.83 -15.54
CA ILE D 199 -27.70 6.87 -14.76
C ILE D 199 -26.81 7.55 -13.66
N ILE D 200 -27.05 7.21 -12.39
CA ILE D 200 -26.29 7.78 -11.26
C ILE D 200 -25.19 6.82 -10.76
N LEU D 201 -23.94 7.31 -10.78
CA LEU D 201 -22.77 6.54 -10.32
C LEU D 201 -22.22 7.02 -8.96
N SER D 202 -21.98 6.08 -8.06
CA SER D 202 -21.15 6.33 -6.89
C SER D 202 -20.12 5.21 -6.76
N ALA D 203 -18.92 5.51 -7.25
CA ALA D 203 -17.78 4.61 -7.17
C ALA D 203 -16.56 5.41 -6.76
N SER D 204 -15.46 4.70 -6.52
CA SER D 204 -14.12 5.27 -6.35
C SER D 204 -13.58 5.73 -7.72
N GLU D 205 -12.58 6.62 -7.71
CA GLU D 205 -12.07 7.27 -8.94
C GLU D 205 -11.38 6.37 -10.00
N ASP D 206 -10.92 5.19 -9.56
CA ASP D 206 -10.31 4.19 -10.44
C ASP D 206 -11.33 3.28 -11.12
N ASP D 207 -12.36 2.92 -10.36
CA ASP D 207 -13.49 2.15 -10.86
C ASP D 207 -14.24 2.97 -11.92
N ALA D 208 -14.58 4.21 -11.52
CA ALA D 208 -15.38 5.15 -12.33
C ALA D 208 -14.85 5.37 -13.74
N ALA D 209 -13.53 5.48 -13.86
CA ALA D 209 -12.84 5.59 -15.14
C ALA D 209 -13.15 4.41 -16.08
N THR D 210 -12.98 3.20 -15.56
CA THR D 210 -13.16 1.95 -16.30
C THR D 210 -14.56 1.80 -16.89
N VAL D 211 -15.58 2.16 -16.09
CA VAL D 211 -16.98 2.17 -16.54
C VAL D 211 -17.20 3.27 -17.55
N TYR D 212 -16.66 4.46 -17.31
CA TYR D 212 -16.71 5.55 -18.31
C TYR D 212 -16.29 5.08 -19.70
N ARG D 213 -15.17 4.35 -19.77
CA ARG D 213 -14.70 3.77 -21.04
C ARG D 213 -15.42 2.50 -21.44
N ALA D 214 -16.00 1.80 -20.45
CA ALA D 214 -16.87 0.66 -20.74
C ALA D 214 -18.24 1.09 -21.26
N ALA D 215 -18.72 2.26 -20.80
CA ALA D 215 -20.08 2.72 -21.11
C ALA D 215 -20.15 3.35 -22.48
N ALA D 216 -19.13 4.14 -22.81
CA ALA D 216 -19.02 4.82 -24.09
C ALA D 216 -18.83 3.82 -25.25
N MET D 217 -18.03 2.78 -24.98
CA MET D 217 -17.80 1.66 -25.89
C MET D 217 -19.07 0.97 -26.41
N LEU D 218 -19.98 0.58 -25.50
CA LEU D 218 -21.28 -0.02 -25.88
C LEU D 218 -22.31 1.01 -26.40
N ASN D 219 -21.92 2.29 -26.33
CA ASN D 219 -22.66 3.46 -26.88
C ASN D 219 -23.63 4.10 -25.88
N MET D 220 -23.13 4.34 -24.65
CA MET D 220 -23.89 5.07 -23.61
C MET D 220 -23.25 6.40 -23.24
N THR D 221 -23.37 7.33 -24.19
CA THR D 221 -22.88 8.69 -24.06
C THR D 221 -23.81 9.67 -24.80
N GLY D 222 -24.21 9.32 -26.02
CA GLY D 222 -24.99 10.22 -26.89
C GLY D 222 -26.42 10.55 -26.49
N SER D 223 -26.75 11.83 -26.58
CA SER D 223 -28.14 12.34 -26.65
C SER D 223 -29.05 12.18 -25.39
N GLY D 224 -30.01 11.25 -25.48
CA GLY D 224 -31.04 11.04 -24.45
C GLY D 224 -30.55 10.62 -23.09
N TYR D 225 -29.29 10.19 -23.02
CA TYR D 225 -28.60 9.84 -21.77
C TYR D 225 -28.24 11.05 -20.92
N VAL D 226 -28.10 10.81 -19.63
CA VAL D 226 -27.72 11.80 -18.62
C VAL D 226 -26.86 11.09 -17.54
N TRP D 227 -25.63 11.57 -17.36
CA TRP D 227 -24.71 11.05 -16.34
C TRP D 227 -24.65 12.01 -15.16
N LEU D 228 -25.14 11.54 -14.01
CA LEU D 228 -25.03 12.30 -12.77
C LEU D 228 -24.09 11.58 -11.82
N VAL D 229 -23.01 12.25 -11.43
CA VAL D 229 -22.08 11.72 -10.42
C VAL D 229 -21.87 12.67 -9.23
N GLY D 230 -21.24 12.15 -8.17
CA GLY D 230 -20.76 12.97 -7.06
C GLY D 230 -19.27 13.22 -7.21
N GLU D 231 -18.74 14.10 -6.35
CA GLU D 231 -17.30 14.33 -6.19
C GLU D 231 -16.62 12.99 -5.95
N ARG D 232 -15.38 12.89 -6.45
CA ARG D 232 -14.59 11.66 -6.52
C ARG D 232 -14.73 11.03 -7.91
N GLU D 233 -15.95 10.96 -8.42
CA GLU D 233 -16.22 10.40 -9.75
C GLU D 233 -15.75 11.31 -10.88
N ILE D 234 -15.42 12.56 -10.55
CA ILE D 234 -14.85 13.54 -11.51
C ILE D 234 -13.45 14.06 -11.13
N SER D 235 -12.63 13.22 -10.51
CA SER D 235 -11.30 13.67 -10.09
C SER D 235 -10.22 12.64 -10.39
N GLY D 236 -9.02 13.10 -10.75
CA GLY D 236 -7.94 12.21 -11.16
C GLY D 236 -8.27 11.48 -12.46
N ASN D 237 -8.22 10.14 -12.41
CA ASN D 237 -8.43 9.25 -13.58
C ASN D 237 -9.85 9.25 -14.14
N ALA D 238 -10.84 9.24 -13.24
CA ALA D 238 -12.19 9.65 -13.59
C ALA D 238 -12.09 11.14 -13.95
N LEU D 239 -12.89 11.59 -14.92
CA LEU D 239 -12.74 12.91 -15.61
C LEU D 239 -11.75 12.85 -16.78
N ARG D 240 -10.77 11.96 -16.69
CA ARG D 240 -9.87 11.72 -17.82
C ARG D 240 -10.49 10.75 -18.82
N TYR D 241 -11.56 10.09 -18.38
CA TYR D 241 -12.38 9.24 -19.24
C TYR D 241 -13.87 9.55 -19.16
N ALA D 242 -14.23 10.65 -18.51
CA ALA D 242 -15.63 11.01 -18.37
C ALA D 242 -16.23 11.38 -19.74
N PRO D 243 -17.52 11.06 -19.95
CA PRO D 243 -18.18 11.62 -21.13
C PRO D 243 -18.46 13.12 -20.91
N ASP D 244 -18.44 13.90 -22.00
CA ASP D 244 -18.87 15.29 -21.99
C ASP D 244 -20.33 15.37 -21.60
N GLY D 245 -20.70 16.40 -20.85
CA GLY D 245 -22.08 16.56 -20.38
C GLY D 245 -22.35 15.91 -19.03
N ILE D 246 -21.46 15.06 -18.55
CA ILE D 246 -21.49 14.52 -17.18
C ILE D 246 -21.70 15.60 -16.10
N LEU D 247 -22.42 15.24 -15.03
CA LEU D 247 -22.71 16.17 -13.91
C LEU D 247 -22.12 15.72 -12.57
N GLY D 248 -21.00 16.34 -12.19
CA GLY D 248 -20.29 15.97 -10.97
C GLY D 248 -20.32 17.05 -9.92
N LEU D 249 -20.44 16.64 -8.66
CA LEU D 249 -20.48 17.58 -7.54
C LEU D 249 -19.06 18.09 -7.16
N GLN D 250 -19.02 19.08 -6.27
CA GLN D 250 -17.80 19.60 -5.63
C GLN D 250 -18.19 20.24 -4.34
N LEU D 251 -17.77 19.64 -3.24
CA LEU D 251 -17.95 20.24 -1.93
C LEU D 251 -17.02 21.47 -1.79
N ILE D 252 -17.61 22.67 -1.90
CA ILE D 252 -16.87 23.94 -1.82
C ILE D 252 -16.09 23.99 -0.52
N ASN D 253 -14.80 24.32 -0.59
CA ASN D 253 -13.84 24.13 0.54
C ASN D 253 -13.88 22.66 1.00
N GLY D 254 -13.78 21.74 0.05
CA GLY D 254 -13.66 20.33 0.35
C GLY D 254 -12.25 20.03 0.77
N LYS D 255 -11.31 20.73 0.11
CA LYS D 255 -9.86 20.45 0.21
C LYS D 255 -9.08 21.69 0.65
N ASN D 256 -9.80 22.64 1.26
CA ASN D 256 -9.20 23.83 1.88
C ASN D 256 -8.95 23.48 3.34
N GLU D 257 -7.70 23.14 3.66
CA GLU D 257 -7.31 22.75 5.01
C GLU D 257 -7.35 23.92 6.02
N SER D 258 -6.94 25.10 5.57
CA SER D 258 -6.97 26.30 6.42
C SER D 258 -8.40 26.82 6.67
N ALA D 259 -9.38 26.23 5.96
CA ALA D 259 -10.81 26.56 6.18
C ALA D 259 -11.36 25.83 7.39
N HIS D 260 -10.93 24.58 7.57
CA HIS D 260 -11.44 23.73 8.64
C HIS D 260 -10.52 23.69 9.85
N ILE D 261 -9.22 23.94 9.64
CA ILE D 261 -8.28 24.14 10.76
C ILE D 261 -8.73 25.38 11.55
N SER D 262 -9.37 26.31 10.85
CA SER D 262 -10.10 27.39 11.49
C SER D 262 -11.40 26.90 12.16
N ASP D 263 -12.31 26.37 11.35
CA ASP D 263 -13.69 26.05 11.78
C ASP D 263 -13.83 25.05 12.92
N ALA D 264 -12.89 24.12 13.00
CA ALA D 264 -12.82 23.22 14.15
C ALA D 264 -12.49 24.05 15.38
N VAL D 265 -11.40 24.82 15.29
CA VAL D 265 -10.86 25.61 16.44
C VAL D 265 -11.89 26.62 16.99
N GLY D 266 -12.88 26.97 16.16
CA GLY D 266 -14.09 27.66 16.58
C GLY D 266 -15.00 26.86 17.51
N VAL D 267 -15.65 25.81 17.00
CA VAL D 267 -16.58 24.98 17.81
C VAL D 267 -15.91 24.21 18.97
N VAL D 268 -14.62 23.88 18.81
CA VAL D 268 -13.87 23.15 19.86
C VAL D 268 -13.66 24.06 21.06
N ALA D 269 -13.30 25.33 20.77
CA ALA D 269 -13.09 26.36 21.79
C ALA D 269 -14.38 26.95 22.33
N GLN D 270 -15.47 26.86 21.55
CA GLN D 270 -16.79 27.27 22.03
C GLN D 270 -17.37 26.23 23.02
N ALA D 271 -17.31 24.96 22.63
CA ALA D 271 -17.81 23.84 23.45
C ALA D 271 -17.02 23.57 24.74
N VAL D 272 -15.70 23.82 24.72
CA VAL D 272 -14.85 23.67 25.92
C VAL D 272 -15.10 24.77 26.99
N HIS D 273 -15.76 25.86 26.57
CA HIS D 273 -16.25 26.88 27.50
C HIS D 273 -17.56 26.45 28.14
N GLU D 274 -18.33 25.64 27.42
CA GLU D 274 -19.59 25.07 27.92
C GLU D 274 -19.44 23.79 28.77
N LEU D 275 -18.42 22.96 28.51
CA LEU D 275 -18.11 21.79 29.36
C LEU D 275 -17.46 22.18 30.69
N LEU D 276 -16.45 23.06 30.66
CA LEU D 276 -15.85 23.65 31.86
C LEU D 276 -16.78 24.68 32.55
N GLU D 277 -18.03 24.71 32.06
CA GLU D 277 -19.16 25.44 32.65
C GLU D 277 -20.05 24.53 33.52
N LYS D 278 -19.60 23.30 33.77
CA LYS D 278 -20.45 22.24 34.35
C LYS D 278 -19.80 21.41 35.48
N GLU D 279 -20.66 20.94 36.38
CA GLU D 279 -20.25 20.15 37.52
C GLU D 279 -20.00 18.70 37.14
N ASN D 280 -19.10 18.05 37.88
CA ASN D 280 -18.68 16.62 37.70
C ASN D 280 -17.92 16.31 36.39
N ILE D 281 -16.90 17.13 36.13
CA ILE D 281 -16.02 17.01 34.97
C ILE D 281 -14.65 16.46 35.39
N THR D 282 -14.19 15.44 34.66
CA THR D 282 -12.87 14.86 34.90
C THR D 282 -11.87 15.40 33.86
N ASP D 283 -10.57 15.32 34.17
CA ASP D 283 -9.50 15.65 33.22
C ASP D 283 -9.36 14.50 32.22
N PRO D 284 -8.91 14.78 30.99
CA PRO D 284 -8.49 13.76 30.02
C PRO D 284 -7.43 12.77 30.55
N PRO D 285 -7.24 11.60 29.88
CA PRO D 285 -6.28 10.59 30.36
C PRO D 285 -4.81 10.97 30.17
N ARG D 286 -3.97 10.66 31.17
CA ARG D 286 -2.52 10.91 31.10
C ARG D 286 -1.93 10.24 29.87
N GLY D 287 -1.95 8.91 29.81
CA GLY D 287 -1.22 8.18 28.76
C GLY D 287 -1.75 6.85 28.30
N CYS D 288 -0.89 6.15 27.56
CA CYS D 288 -1.20 4.88 26.86
C CYS D 288 -0.54 3.59 27.42
N VAL D 289 0.47 3.72 28.29
CA VAL D 289 1.22 2.55 28.84
C VAL D 289 0.75 2.07 30.25
N GLY D 290 -0.26 1.20 30.25
CA GLY D 290 -0.82 0.65 31.48
C GLY D 290 -2.12 1.32 31.90
N ASN D 291 -3.04 1.48 30.94
CA ASN D 291 -4.24 2.32 31.11
C ASN D 291 -5.50 1.67 30.50
N THR D 292 -6.42 1.22 31.35
CA THR D 292 -7.75 0.76 30.89
C THR D 292 -8.78 1.87 31.02
N ASN D 293 -9.07 2.28 32.25
CA ASN D 293 -10.15 3.21 32.56
C ASN D 293 -10.17 4.45 31.66
N ILE D 294 -11.38 4.81 31.21
CA ILE D 294 -11.63 6.04 30.42
C ILE D 294 -11.61 7.30 31.30
N TRP D 295 -11.84 8.47 30.68
CA TRP D 295 -12.18 9.68 31.41
C TRP D 295 -13.67 9.97 31.24
N LYS D 296 -14.42 9.84 32.34
CA LYS D 296 -15.89 9.71 32.33
C LYS D 296 -16.72 10.86 31.74
N THR D 297 -16.15 12.06 31.62
CA THR D 297 -16.85 13.16 30.94
C THR D 297 -16.66 13.20 29.42
N GLY D 298 -16.06 12.16 28.88
CA GLY D 298 -16.08 11.96 27.42
C GLY D 298 -17.50 11.99 26.87
N PRO D 299 -18.31 10.93 27.17
CA PRO D 299 -19.71 10.81 26.72
C PRO D 299 -20.51 12.11 26.78
N LEU D 300 -20.25 12.95 27.79
CA LEU D 300 -20.92 14.25 27.92
C LEU D 300 -20.39 15.26 26.90
N PHE D 301 -19.07 15.34 26.77
CA PHE D 301 -18.42 16.40 25.98
C PHE D 301 -18.71 16.28 24.49
N LYS D 302 -18.59 15.07 23.95
CA LYS D 302 -18.93 14.76 22.57
C LYS D 302 -20.42 15.09 22.30
N ARG D 303 -21.28 14.86 23.29
CA ARG D 303 -22.68 15.28 23.21
C ARG D 303 -22.85 16.79 23.36
N VAL D 304 -21.85 17.48 23.87
CA VAL D 304 -21.91 18.95 23.90
C VAL D 304 -21.43 19.46 22.53
N LEU D 305 -20.33 18.88 22.02
CA LEU D 305 -19.77 19.25 20.70
C LEU D 305 -20.79 19.17 19.56
N MET D 306 -21.57 18.08 19.53
CA MET D 306 -22.52 17.78 18.45
C MET D 306 -23.66 18.76 18.43
N SER D 307 -24.05 19.15 19.64
CA SER D 307 -25.14 20.07 19.85
C SER D 307 -24.78 21.54 19.54
N SER D 308 -23.49 21.84 19.37
CA SER D 308 -23.01 23.23 19.14
C SER D 308 -23.43 23.86 17.79
N LYS D 309 -23.25 25.19 17.71
CA LYS D 309 -23.61 26.00 16.54
C LYS D 309 -22.62 27.16 16.35
N TYR D 310 -22.22 27.36 15.10
CA TYR D 310 -21.16 28.31 14.74
C TYR D 310 -21.35 28.96 13.34
N ALA D 311 -22.06 30.09 13.31
CA ALA D 311 -22.18 30.98 12.13
C ALA D 311 -21.01 31.97 12.09
N ASP D 312 -20.73 32.53 10.92
CA ASP D 312 -19.43 33.15 10.56
C ASP D 312 -18.36 32.05 10.58
N GLY D 313 -18.44 31.12 9.63
CA GLY D 313 -17.50 30.01 9.56
C GLY D 313 -16.21 30.33 8.81
N VAL D 314 -16.38 31.07 7.71
CA VAL D 314 -15.59 31.02 6.45
C VAL D 314 -16.19 29.94 5.53
N THR D 315 -16.58 28.82 6.14
CA THR D 315 -17.17 27.66 5.47
C THR D 315 -18.72 27.70 5.57
N GLY D 316 -19.24 28.78 6.15
CA GLY D 316 -20.68 29.01 6.30
C GLY D 316 -21.18 28.93 7.73
N ARG D 317 -22.27 28.18 7.93
CA ARG D 317 -22.81 27.86 9.24
C ARG D 317 -22.44 26.42 9.57
N VAL D 318 -21.68 26.27 10.66
CA VAL D 318 -21.21 24.97 11.11
C VAL D 318 -22.15 24.42 12.18
N GLU D 319 -22.78 23.29 11.86
CA GLU D 319 -23.47 22.45 12.85
C GLU D 319 -23.52 20.99 12.41
N PHE D 320 -23.70 20.10 13.37
CA PHE D 320 -23.63 18.67 13.12
C PHE D 320 -24.95 18.03 13.46
N ASN D 321 -25.19 16.88 12.84
CA ASN D 321 -26.43 16.10 12.99
C ASN D 321 -26.33 14.99 14.05
N GLU D 322 -27.46 14.33 14.30
CA GLU D 322 -27.57 13.19 15.23
C GLU D 322 -26.85 11.90 14.80
N ASP D 323 -27.01 11.52 13.53
CA ASP D 323 -26.68 10.19 12.96
C ASP D 323 -25.26 9.70 13.28
N GLY D 324 -24.27 10.43 12.78
CA GLY D 324 -22.95 10.44 13.38
C GLY D 324 -22.86 11.88 13.87
N ASP D 325 -22.07 12.65 13.14
CA ASP D 325 -22.09 14.11 13.21
C ASP D 325 -21.42 14.65 11.95
N ARG D 326 -22.22 15.27 11.11
CA ARG D 326 -21.72 15.77 9.85
C ARG D 326 -22.39 17.09 9.56
N LYS D 327 -21.71 17.93 8.79
CA LYS D 327 -22.26 19.22 8.39
C LYS D 327 -23.56 19.12 7.52
N PHE D 328 -24.24 20.27 7.39
CA PHE D 328 -25.34 20.44 6.43
C PHE D 328 -25.35 21.82 5.74
N ALA D 329 -24.31 22.03 4.91
CA ALA D 329 -24.13 23.22 4.04
C ALA D 329 -23.57 22.84 2.63
N ASN D 330 -22.98 23.82 1.91
CA ASN D 330 -22.89 23.83 0.42
C ASN D 330 -22.19 22.71 -0.34
N TYR D 331 -22.69 22.45 -1.55
CA TYR D 331 -22.00 21.74 -2.63
C TYR D 331 -22.23 22.55 -3.91
N SER D 332 -21.29 22.48 -4.87
CA SER D 332 -21.47 23.14 -6.18
C SER D 332 -21.40 22.18 -7.37
N ILE D 333 -22.45 22.19 -8.20
CA ILE D 333 -22.61 21.28 -9.39
C ILE D 333 -21.73 21.65 -10.58
N MET D 334 -21.02 20.65 -11.12
CA MET D 334 -20.10 20.85 -12.27
C MET D 334 -20.49 20.06 -13.51
N ASN D 335 -20.22 20.66 -14.66
CA ASN D 335 -20.49 20.00 -15.92
C ASN D 335 -19.30 20.13 -16.85
N LEU D 336 -18.99 19.02 -17.51
CA LEU D 336 -17.84 18.89 -18.40
C LEU D 336 -18.15 19.30 -19.86
N GLN D 337 -17.58 20.45 -20.26
CA GLN D 337 -17.70 20.98 -21.64
C GLN D 337 -16.29 21.16 -22.25
N ASN D 338 -16.04 20.45 -23.37
CA ASN D 338 -14.73 20.45 -24.08
C ASN D 338 -13.60 20.04 -23.22
N ARG D 339 -13.85 18.98 -22.46
CA ARG D 339 -12.89 18.47 -21.48
C ARG D 339 -12.54 19.58 -20.47
N LYS D 340 -13.58 20.30 -20.04
CA LYS D 340 -13.48 21.39 -19.07
C LYS D 340 -14.78 21.46 -18.24
N LEU D 341 -14.64 21.27 -16.93
CA LEU D 341 -15.74 21.44 -16.00
C LEU D 341 -16.02 22.92 -15.79
N VAL D 342 -17.30 23.28 -15.71
CA VAL D 342 -17.72 24.66 -15.37
C VAL D 342 -19.04 24.67 -14.59
N GLN D 343 -19.07 25.46 -13.51
CA GLN D 343 -20.23 25.50 -12.58
C GLN D 343 -21.49 25.96 -13.27
N VAL D 344 -22.55 25.19 -13.07
CA VAL D 344 -23.85 25.46 -13.68
C VAL D 344 -24.98 25.65 -12.65
N GLY D 345 -24.73 25.26 -11.40
CA GLY D 345 -25.69 25.43 -10.30
C GLY D 345 -25.09 25.05 -8.96
N ILE D 346 -25.45 25.78 -7.90
CA ILE D 346 -24.96 25.49 -6.56
C ILE D 346 -26.06 24.74 -5.79
N TYR D 347 -25.66 23.85 -4.89
CA TYR D 347 -26.59 23.20 -3.98
C TYR D 347 -26.36 23.81 -2.59
N ASN D 348 -27.20 24.78 -2.19
CA ASN D 348 -27.18 25.30 -0.80
C ASN D 348 -27.60 24.19 0.18
N GLY D 349 -27.68 24.47 1.48
CA GLY D 349 -28.08 23.47 2.47
C GLY D 349 -29.20 22.53 2.06
N THR D 350 -30.14 23.04 1.25
CA THR D 350 -31.39 22.34 0.92
C THR D 350 -31.71 22.24 -0.58
N HIS D 351 -31.47 23.31 -1.35
CA HIS D 351 -32.01 23.47 -2.72
C HIS D 351 -31.02 23.54 -3.86
N VAL D 352 -31.37 22.93 -5.00
CA VAL D 352 -30.56 23.03 -6.25
C VAL D 352 -30.93 24.30 -7.04
N ILE D 353 -30.10 25.34 -6.89
CA ILE D 353 -30.33 26.66 -7.51
C ILE D 353 -29.37 26.95 -8.70
N PRO D 354 -29.90 26.89 -9.95
CA PRO D 354 -29.09 27.02 -11.19
C PRO D 354 -28.63 28.46 -11.48
N ASN D 355 -27.34 28.61 -11.81
CA ASN D 355 -26.75 29.91 -12.15
C ASN D 355 -26.92 30.28 -13.64
N ASP D 356 -26.29 31.37 -14.04
CA ASP D 356 -26.46 31.99 -15.37
C ASP D 356 -25.93 31.14 -16.53
N ARG D 357 -24.82 30.44 -16.31
CA ARG D 357 -24.15 29.68 -17.37
C ARG D 357 -24.99 28.47 -17.82
N LYS D 358 -25.22 28.38 -19.12
CA LYS D 358 -26.07 27.34 -19.73
C LYS D 358 -25.44 25.93 -19.64
N ILE D 359 -26.28 24.88 -19.65
CA ILE D 359 -25.85 23.50 -19.38
C ILE D 359 -26.00 22.48 -20.52
N ILE D 360 -24.93 22.27 -21.30
CA ILE D 360 -24.98 21.24 -22.35
C ILE D 360 -24.81 19.79 -21.84
N TRP D 361 -25.52 18.89 -22.52
CA TRP D 361 -25.75 17.52 -22.05
C TRP D 361 -24.86 16.46 -22.75
N PRO D 362 -24.93 15.19 -22.31
CA PRO D 362 -23.99 14.21 -22.88
C PRO D 362 -24.25 13.84 -24.34
N GLY D 363 -23.23 14.06 -25.17
CA GLY D 363 -23.31 13.79 -26.60
C GLY D 363 -23.71 15.00 -27.44
N GLY D 364 -23.32 16.19 -26.99
CA GLY D 364 -23.57 17.43 -27.74
C GLY D 364 -25.01 17.89 -27.99
N GLU D 365 -25.91 17.60 -27.05
CA GLU D 365 -27.24 18.21 -27.05
C GLU D 365 -27.16 19.66 -26.52
N THR D 366 -28.27 20.40 -26.67
CA THR D 366 -28.35 21.76 -26.12
C THR D 366 -29.44 21.94 -25.03
N GLU D 367 -30.58 21.29 -25.19
CA GLU D 367 -31.64 21.33 -24.15
C GLU D 367 -31.59 20.10 -23.25
N LYS D 368 -32.26 20.21 -22.10
CA LYS D 368 -32.48 19.10 -21.18
C LYS D 368 -33.11 17.98 -21.96
N PRO D 369 -32.52 16.76 -21.91
CA PRO D 369 -33.25 15.54 -22.27
C PRO D 369 -34.27 15.22 -21.18
N ARG D 370 -35.02 14.15 -21.35
CA ARG D 370 -35.96 13.77 -20.30
C ARG D 370 -35.58 12.43 -19.74
N GLY D 371 -34.58 11.82 -20.38
CA GLY D 371 -34.31 10.40 -20.19
C GLY D 371 -35.61 9.69 -20.52
N TYR D 372 -35.90 8.62 -19.78
CA TYR D 372 -37.13 7.84 -19.94
C TYR D 372 -37.30 7.35 -21.40
N GLN D 373 -36.24 6.73 -21.92
CA GLN D 373 -36.16 6.05 -23.25
C GLN D 373 -36.06 6.93 -24.53
N VAL D 374 -36.67 8.13 -24.50
CA VAL D 374 -36.84 9.03 -25.67
C VAL D 374 -37.48 8.34 -26.87
N GLN E 20 -13.79 17.18 -45.56
CA GLN E 20 -13.80 18.30 -46.56
C GLN E 20 -14.52 19.52 -46.01
N VAL E 21 -13.94 20.06 -44.94
CA VAL E 21 -14.32 21.34 -44.34
C VAL E 21 -13.16 22.30 -44.54
N GLN E 22 -13.47 23.57 -44.76
CA GLN E 22 -12.48 24.64 -44.82
C GLN E 22 -12.85 25.83 -43.94
N LEU E 23 -11.84 26.63 -43.57
CA LEU E 23 -12.00 27.79 -42.68
C LEU E 23 -11.15 28.96 -43.15
N GLN E 24 -11.80 30.08 -43.48
CA GLN E 24 -11.13 31.31 -43.91
C GLN E 24 -11.34 32.44 -42.91
N GLU E 25 -10.27 33.15 -42.54
CA GLU E 25 -10.35 34.30 -41.62
C GLU E 25 -10.29 35.68 -42.31
N SER E 26 -10.71 36.73 -41.59
CA SER E 26 -10.70 38.11 -42.12
C SER E 26 -9.29 38.70 -42.13
N GLY E 27 -8.96 39.40 -43.21
CA GLY E 27 -7.60 39.89 -43.51
C GLY E 27 -6.95 40.90 -42.55
N PRO E 28 -5.63 41.15 -42.73
CA PRO E 28 -4.79 41.89 -41.78
C PRO E 28 -5.24 43.33 -41.54
N GLY E 29 -5.13 43.80 -40.29
CA GLY E 29 -5.57 45.14 -39.89
C GLY E 29 -4.77 45.79 -38.80
N LEU E 30 -4.68 47.12 -38.86
CA LEU E 30 -4.04 47.93 -37.82
C LEU E 30 -5.00 48.17 -36.63
N VAL E 31 -4.50 48.20 -35.39
CA VAL E 31 -5.32 48.39 -34.16
C VAL E 31 -4.59 49.21 -33.06
N LYS E 32 -5.28 50.19 -32.47
CA LYS E 32 -4.69 51.15 -31.50
C LYS E 32 -4.34 50.57 -30.13
N PRO E 33 -3.43 51.24 -29.36
CA PRO E 33 -3.18 50.87 -27.94
C PRO E 33 -4.39 51.20 -27.08
N SER E 34 -4.96 50.17 -26.43
CA SER E 34 -6.28 50.25 -25.78
C SER E 34 -7.44 50.56 -26.78
N GLY E 35 -7.45 49.76 -27.86
CA GLY E 35 -8.48 49.81 -28.92
C GLY E 35 -9.45 48.63 -28.85
N THR E 36 -9.94 48.19 -30.01
CA THR E 36 -10.78 46.96 -30.12
C THR E 36 -10.46 46.13 -31.37
N LEU E 37 -9.95 44.91 -31.16
CA LEU E 37 -9.71 43.94 -32.23
C LEU E 37 -11.00 43.26 -32.61
N SER E 38 -11.17 43.06 -33.92
CA SER E 38 -12.43 42.59 -34.48
C SER E 38 -12.19 41.68 -35.69
N LEU E 39 -12.02 40.39 -35.41
CA LEU E 39 -11.80 39.40 -36.48
C LEU E 39 -13.01 38.50 -36.82
N THR E 40 -12.88 37.68 -37.87
CA THR E 40 -13.99 36.85 -38.35
C THR E 40 -13.46 35.57 -39.00
N CYS E 41 -14.21 34.47 -38.90
CA CYS E 41 -13.83 33.21 -39.51
C CYS E 41 -14.96 32.57 -40.34
N ALA E 42 -14.85 32.74 -41.65
CA ALA E 42 -15.73 32.06 -42.60
C ALA E 42 -15.42 30.57 -42.58
N VAL E 43 -16.47 29.75 -42.57
CA VAL E 43 -16.35 28.30 -42.75
C VAL E 43 -17.10 27.98 -44.05
N SER E 44 -16.53 27.12 -44.88
CA SER E 44 -17.23 26.64 -46.10
C SER E 44 -17.35 25.13 -46.15
N GLY E 45 -18.50 24.64 -46.64
CA GLY E 45 -18.77 23.19 -46.75
C GLY E 45 -18.46 22.43 -45.47
N GLY E 46 -19.26 22.73 -44.44
CA GLY E 46 -19.07 22.20 -43.10
C GLY E 46 -19.96 23.04 -42.23
N SER E 47 -21.26 22.77 -42.30
CA SER E 47 -22.31 23.47 -41.55
C SER E 47 -21.92 23.64 -40.08
N ILE E 48 -21.70 24.90 -39.67
CA ILE E 48 -21.20 25.26 -38.32
C ILE E 48 -21.95 24.59 -37.16
N SER E 49 -23.25 24.37 -37.34
CA SER E 49 -24.08 23.72 -36.34
C SER E 49 -23.72 22.25 -36.18
N SER E 50 -22.78 21.78 -37.00
CA SER E 50 -22.12 20.48 -36.82
C SER E 50 -21.72 20.28 -35.36
N SER E 51 -21.99 19.09 -34.82
CA SER E 51 -21.75 18.77 -33.41
C SER E 51 -20.25 18.63 -33.09
N ASN E 52 -19.52 19.73 -33.26
CA ASN E 52 -18.08 19.86 -32.97
C ASN E 52 -17.90 21.06 -32.05
N TRP E 53 -16.67 21.62 -32.01
CA TRP E 53 -16.43 22.98 -31.47
C TRP E 53 -15.60 23.87 -32.42
N TRP E 54 -15.77 25.18 -32.27
CA TRP E 54 -15.21 26.20 -33.16
C TRP E 54 -14.52 27.23 -32.26
N SER E 55 -13.33 27.70 -32.67
CA SER E 55 -12.32 28.25 -31.74
C SER E 55 -11.37 29.33 -32.31
N TRP E 56 -10.52 29.93 -31.45
CA TRP E 56 -9.55 30.99 -31.84
C TRP E 56 -8.13 30.86 -31.23
N VAL E 57 -7.13 30.73 -32.10
CA VAL E 57 -5.75 30.38 -31.71
C VAL E 57 -4.78 31.46 -32.22
N ARG E 58 -4.04 32.07 -31.29
CA ARG E 58 -3.08 33.13 -31.62
C ARG E 58 -1.62 32.74 -31.39
N GLN E 59 -0.74 33.33 -32.19
CA GLN E 59 0.72 33.10 -32.12
C GLN E 59 1.48 34.44 -32.17
N PRO E 60 1.99 34.94 -31.02
CA PRO E 60 2.93 36.07 -31.08
C PRO E 60 4.12 35.70 -32.01
N PRO E 61 4.81 36.70 -32.61
CA PRO E 61 5.78 36.38 -33.70
C PRO E 61 6.98 35.52 -33.27
N GLY E 62 7.35 34.54 -34.11
CA GLY E 62 8.46 33.63 -33.83
C GLY E 62 8.60 33.05 -32.42
N LYS E 63 7.46 32.76 -31.78
CA LYS E 63 7.38 32.26 -30.39
C LYS E 63 6.47 31.01 -30.31
N GLY E 64 5.83 30.81 -29.16
CA GLY E 64 4.92 29.68 -28.95
C GLY E 64 3.51 29.89 -29.48
N LEU E 65 2.65 28.90 -29.27
CA LEU E 65 1.22 28.99 -29.58
C LEU E 65 0.43 29.36 -28.32
N GLU E 66 -0.88 29.61 -28.48
CA GLU E 66 -1.79 29.95 -27.37
C GLU E 66 -3.27 29.68 -27.68
N TRP E 67 -4.01 29.22 -26.67
CA TRP E 67 -5.48 29.11 -26.77
C TRP E 67 -6.13 30.42 -26.30
N ILE E 68 -7.26 30.76 -26.92
CA ILE E 68 -8.05 31.96 -26.55
C ILE E 68 -9.47 31.56 -26.08
N GLY E 69 -10.13 30.67 -26.84
CA GLY E 69 -11.44 30.15 -26.45
C GLY E 69 -12.12 29.25 -27.46
N GLU E 70 -13.37 28.87 -27.16
CA GLU E 70 -14.23 28.08 -28.05
C GLU E 70 -15.74 28.40 -27.90
N ILE E 71 -16.50 28.22 -28.98
CA ILE E 71 -17.95 28.48 -29.00
C ILE E 71 -18.71 27.34 -29.69
N TYR E 72 -19.78 26.87 -29.04
CA TYR E 72 -20.67 25.86 -29.60
C TYR E 72 -21.76 26.56 -30.37
N HIS E 73 -22.15 25.98 -31.51
CA HIS E 73 -23.26 26.51 -32.33
C HIS E 73 -24.41 27.14 -31.54
N SER E 74 -24.78 26.50 -30.43
CA SER E 74 -25.91 26.86 -29.57
C SER E 74 -25.80 28.29 -29.04
N GLY E 75 -24.60 28.60 -28.55
CA GLY E 75 -24.33 29.78 -27.76
C GLY E 75 -23.13 29.48 -26.89
N ASN E 76 -23.23 28.40 -26.11
CA ASN E 76 -22.20 27.94 -25.15
C ASN E 76 -20.73 28.19 -25.50
N THR E 77 -19.98 28.67 -24.50
CA THR E 77 -18.67 29.29 -24.70
C THR E 77 -17.67 29.02 -23.58
N ASN E 78 -16.40 29.04 -23.97
CA ASN E 78 -15.27 28.72 -23.09
C ASN E 78 -14.04 29.51 -23.49
N TYR E 79 -13.71 30.55 -22.72
CA TYR E 79 -12.50 31.37 -22.96
C TYR E 79 -11.28 30.78 -22.21
N ASN E 80 -10.18 31.54 -22.15
CA ASN E 80 -8.94 31.15 -21.44
C ASN E 80 -8.77 31.91 -20.11
N PRO E 81 -8.75 31.18 -18.95
CA PRO E 81 -8.53 31.69 -17.59
C PRO E 81 -7.73 32.98 -17.45
N SER E 82 -6.58 33.02 -18.13
CA SER E 82 -5.67 34.17 -18.13
C SER E 82 -6.29 35.41 -18.77
N LEU E 83 -6.98 35.21 -19.88
CA LEU E 83 -7.48 36.31 -20.70
C LEU E 83 -8.99 36.60 -20.61
N LYS E 84 -9.65 35.99 -19.63
CA LYS E 84 -11.11 36.06 -19.46
C LYS E 84 -11.68 37.50 -19.35
N SER E 85 -10.85 38.46 -18.96
CA SER E 85 -11.26 39.85 -18.79
C SER E 85 -11.27 40.66 -20.09
N ARG E 86 -10.94 40.03 -21.23
CA ARG E 86 -10.66 40.79 -22.46
C ARG E 86 -11.34 40.30 -23.74
N VAL E 87 -12.06 39.18 -23.69
CA VAL E 87 -12.47 38.45 -24.92
C VAL E 87 -13.97 38.15 -25.13
N THR E 88 -14.41 38.18 -26.39
CA THR E 88 -15.77 37.79 -26.81
C THR E 88 -15.74 36.95 -28.09
N VAL E 89 -16.23 35.72 -27.99
CA VAL E 89 -16.49 34.87 -29.15
C VAL E 89 -18.00 34.84 -29.39
N SER E 90 -18.39 34.96 -30.65
CA SER E 90 -19.81 35.02 -31.02
C SER E 90 -20.17 33.97 -32.07
N VAL E 91 -21.47 33.83 -32.35
CA VAL E 91 -21.97 32.78 -33.24
C VAL E 91 -23.01 33.33 -34.22
N ASP E 92 -23.09 32.69 -35.40
CA ASP E 92 -24.00 33.08 -36.50
C ASP E 92 -24.15 31.94 -37.52
N LYS E 93 -25.33 31.33 -37.56
CA LYS E 93 -25.58 30.13 -38.37
C LYS E 93 -26.10 30.46 -39.75
N SER E 94 -26.65 31.67 -39.90
CA SER E 94 -27.23 32.16 -41.17
C SER E 94 -26.22 32.19 -42.31
N LYS E 95 -25.14 32.96 -42.12
CA LYS E 95 -24.03 33.03 -43.08
C LYS E 95 -22.90 32.03 -42.70
N ASN E 96 -23.15 31.26 -41.63
CA ASN E 96 -22.37 30.07 -41.20
C ASN E 96 -21.09 30.37 -40.40
N GLN E 97 -20.77 31.67 -40.27
CA GLN E 97 -19.49 32.17 -39.71
C GLN E 97 -19.47 32.15 -38.17
N PHE E 98 -18.29 32.43 -37.61
CA PHE E 98 -18.15 32.68 -36.17
C PHE E 98 -16.95 33.59 -35.87
N SER E 99 -17.05 34.40 -34.82
CA SER E 99 -16.10 35.52 -34.65
C SER E 99 -15.40 35.72 -33.30
N LEU E 100 -14.40 36.60 -33.31
CA LEU E 100 -13.67 37.03 -32.11
C LEU E 100 -13.66 38.54 -31.99
N LYS E 101 -13.78 38.99 -30.74
CA LYS E 101 -13.70 40.39 -30.36
C LYS E 101 -12.74 40.41 -29.16
N LEU E 102 -11.68 41.24 -29.21
CA LEU E 102 -10.61 41.18 -28.19
C LEU E 102 -10.16 42.51 -27.57
N THR E 103 -11.02 43.07 -26.70
CA THR E 103 -10.87 44.42 -26.13
C THR E 103 -9.59 44.67 -25.34
N SER E 104 -9.14 45.92 -25.39
CA SER E 104 -8.06 46.49 -24.56
C SER E 104 -6.69 45.89 -24.89
N VAL E 105 -6.32 46.00 -26.17
CA VAL E 105 -5.06 45.47 -26.72
C VAL E 105 -3.80 46.22 -26.26
N THR E 106 -2.68 45.49 -26.18
CA THR E 106 -1.41 46.02 -25.67
C THR E 106 -0.22 45.43 -26.44
N ALA E 107 1.00 45.67 -25.94
CA ALA E 107 2.26 45.30 -26.61
C ALA E 107 2.40 43.85 -27.10
N ALA E 108 2.20 42.86 -26.22
CA ALA E 108 2.42 41.43 -26.55
C ALA E 108 1.33 40.78 -27.42
N ASP E 109 0.08 41.30 -27.32
CA ASP E 109 -1.13 40.87 -28.06
C ASP E 109 -0.98 40.78 -29.59
N THR E 110 -0.08 41.60 -30.14
CA THR E 110 0.33 41.61 -31.55
C THR E 110 0.71 40.20 -31.96
N ALA E 111 0.02 39.68 -32.97
CA ALA E 111 0.11 38.25 -33.31
C ALA E 111 -0.55 37.87 -34.63
N VAL E 112 -0.33 36.61 -35.00
CA VAL E 112 -1.07 35.93 -36.06
C VAL E 112 -2.29 35.26 -35.39
N TYR E 113 -3.37 35.10 -36.14
CA TYR E 113 -4.57 34.49 -35.61
C TYR E 113 -5.07 33.36 -36.51
N TYR E 114 -5.16 32.17 -35.91
CA TYR E 114 -5.71 30.98 -36.55
C TYR E 114 -7.04 30.69 -35.88
N CYS E 115 -8.11 30.69 -36.66
CA CYS E 115 -9.34 30.04 -36.26
C CYS E 115 -9.19 28.61 -36.76
N ALA E 116 -9.47 27.63 -35.90
CA ALA E 116 -9.37 26.21 -36.27
C ALA E 116 -10.48 25.39 -35.64
N ARG E 117 -11.10 24.52 -36.46
CA ARG E 117 -12.17 23.61 -35.99
C ARG E 117 -11.62 22.60 -35.01
N ASP E 118 -12.45 22.27 -34.03
CA ASP E 118 -12.20 21.19 -33.12
C ASP E 118 -12.82 19.90 -33.67
N VAL E 119 -12.02 18.84 -33.73
CA VAL E 119 -12.56 17.48 -33.86
C VAL E 119 -12.95 17.07 -32.43
N SER E 120 -14.24 16.77 -32.27
CA SER E 120 -14.90 16.76 -30.96
C SER E 120 -15.59 15.44 -30.63
N GLY E 121 -14.79 14.48 -30.16
CA GLY E 121 -15.28 13.27 -29.49
C GLY E 121 -14.96 13.50 -28.04
N GLY E 122 -15.30 14.70 -27.57
CA GLY E 122 -14.90 15.21 -26.27
C GLY E 122 -13.57 15.92 -26.32
N VAL E 123 -12.59 15.20 -26.85
CA VAL E 123 -11.18 15.59 -26.93
C VAL E 123 -10.96 16.97 -27.60
N ASN E 124 -10.02 17.77 -27.09
CA ASN E 124 -9.57 19.02 -27.75
C ASN E 124 -8.43 18.77 -28.76
N TRP E 125 -8.80 18.45 -30.01
CA TRP E 125 -7.85 18.33 -31.13
C TRP E 125 -8.34 19.18 -32.31
N PHE E 126 -7.43 19.95 -32.90
CA PHE E 126 -7.77 20.94 -33.91
C PHE E 126 -7.59 20.45 -35.36
N ASP E 127 -8.70 20.36 -36.11
CA ASP E 127 -8.68 19.99 -37.54
C ASP E 127 -10.01 20.23 -38.30
N PRO E 128 -9.99 21.02 -39.40
CA PRO E 128 -8.77 21.65 -39.97
C PRO E 128 -8.42 23.03 -39.37
N TRP E 129 -7.54 23.79 -40.04
CA TRP E 129 -7.03 25.07 -39.54
C TRP E 129 -7.22 26.28 -40.49
N GLY E 130 -7.18 27.48 -39.90
CA GLY E 130 -7.18 28.76 -40.65
C GLY E 130 -5.77 29.19 -41.01
N GLN E 131 -5.68 30.18 -41.88
CA GLN E 131 -4.41 30.49 -42.54
C GLN E 131 -3.45 31.34 -41.72
N GLY E 132 -3.99 32.01 -40.70
CA GLY E 132 -3.23 32.97 -39.95
C GLY E 132 -3.16 34.27 -40.72
N THR E 133 -4.01 35.21 -40.33
CA THR E 133 -3.92 36.59 -40.79
C THR E 133 -3.25 37.43 -39.69
N LEU E 134 -2.56 38.51 -40.08
CA LEU E 134 -1.76 39.32 -39.14
C LEU E 134 -2.42 40.63 -38.66
N VAL E 135 -2.83 40.67 -37.40
CA VAL E 135 -3.42 41.88 -36.81
C VAL E 135 -2.37 42.55 -35.91
N THR E 136 -1.89 43.71 -36.37
CA THR E 136 -0.74 44.42 -35.74
C THR E 136 -1.16 45.58 -34.83
N VAL E 137 -0.93 45.38 -33.53
CA VAL E 137 -1.24 46.42 -32.55
C VAL E 137 -0.14 47.46 -32.60
N SER E 138 -0.48 48.62 -33.14
CA SER E 138 0.45 49.71 -33.34
C SER E 138 -0.28 51.03 -33.46
N SER E 139 -0.06 51.84 -32.43
CA SER E 139 -0.18 53.30 -32.46
C SER E 139 -0.19 53.97 -33.85
N ALA E 140 0.90 53.76 -34.61
CA ALA E 140 1.17 54.47 -35.86
C ALA E 140 0.08 54.31 -36.93
N SER E 141 -0.12 55.38 -37.71
CA SER E 141 -1.07 55.40 -38.83
C SER E 141 -0.64 54.48 -39.99
N THR E 142 -1.62 54.16 -40.85
CA THR E 142 -1.45 53.23 -41.96
C THR E 142 -0.74 53.90 -43.14
N LYS E 143 -0.08 53.09 -43.98
CA LYS E 143 0.55 53.55 -45.23
C LYS E 143 0.76 52.36 -46.16
N GLY E 144 0.15 52.41 -47.35
CA GLY E 144 0.32 51.36 -48.38
C GLY E 144 1.56 51.52 -49.26
N PRO E 145 1.95 50.45 -50.00
CA PRO E 145 3.25 50.42 -50.68
C PRO E 145 3.28 51.20 -51.99
N SER E 146 4.47 51.67 -52.35
CA SER E 146 4.72 52.16 -53.70
C SER E 146 5.44 51.09 -54.54
N VAL E 147 4.76 50.68 -55.61
CA VAL E 147 5.22 49.62 -56.51
C VAL E 147 6.08 50.27 -57.60
N PHE E 148 7.27 49.69 -57.83
CA PHE E 148 8.21 50.16 -58.85
C PHE E 148 8.69 48.94 -59.66
N PRO E 149 8.50 48.96 -61.00
CA PRO E 149 9.00 47.81 -61.77
C PRO E 149 10.53 47.86 -61.93
N LEU E 150 11.20 46.73 -61.70
CA LEU E 150 12.65 46.58 -61.90
C LEU E 150 12.94 45.64 -63.08
N ALA E 151 13.48 46.21 -64.15
CA ALA E 151 13.52 45.59 -65.50
C ALA E 151 14.62 44.52 -65.75
N PRO E 152 14.37 43.56 -66.68
CA PRO E 152 15.42 42.60 -67.06
C PRO E 152 16.51 43.22 -67.98
N SER E 153 17.41 42.38 -68.54
CA SER E 153 18.54 42.82 -69.35
C SER E 153 18.95 41.82 -70.45
N GLY E 159 22.79 32.51 -70.87
CA GLY E 159 22.45 31.33 -71.67
C GLY E 159 21.14 31.43 -72.43
N GLY E 160 20.03 31.50 -71.68
CA GLY E 160 18.68 31.68 -72.24
C GLY E 160 17.57 32.07 -71.28
N THR E 161 17.93 32.75 -70.18
CA THR E 161 16.98 33.08 -69.08
C THR E 161 17.30 34.47 -68.48
N ALA E 162 16.26 35.15 -67.98
CA ALA E 162 16.42 36.39 -67.17
C ALA E 162 15.38 36.48 -66.05
N ALA E 163 15.52 37.50 -65.19
CA ALA E 163 14.72 37.58 -63.98
C ALA E 163 14.32 39.02 -63.61
N LEU E 164 13.07 39.38 -63.95
CA LEU E 164 12.51 40.73 -63.73
C LEU E 164 11.85 40.88 -62.35
N GLY E 165 11.68 42.13 -61.90
CA GLY E 165 11.23 42.40 -60.53
C GLY E 165 10.20 43.51 -60.28
N CYS E 166 9.62 43.47 -59.07
CA CYS E 166 8.74 44.51 -58.55
C CYS E 166 9.27 44.99 -57.19
N LEU E 167 9.79 46.22 -57.16
CA LEU E 167 10.08 46.92 -55.89
C LEU E 167 8.74 47.29 -55.25
N VAL E 168 8.65 47.11 -53.94
CA VAL E 168 7.42 47.31 -53.16
C VAL E 168 7.77 48.11 -51.90
N LYS E 169 7.93 49.43 -52.06
CA LYS E 169 8.62 50.26 -51.05
C LYS E 169 7.70 51.00 -50.08
N ASP E 170 8.25 51.25 -48.88
CA ASP E 170 7.64 52.12 -47.84
C ASP E 170 6.18 51.79 -47.49
N TYR E 171 5.98 50.67 -46.77
CA TYR E 171 4.63 50.20 -46.36
C TYR E 171 4.52 49.81 -44.87
N PHE E 172 3.32 49.94 -44.31
CA PHE E 172 3.02 49.67 -42.90
C PHE E 172 1.51 49.48 -42.68
N PRO E 173 1.08 48.50 -41.86
CA PRO E 173 1.94 47.46 -41.28
C PRO E 173 1.95 46.24 -42.20
N GLU E 174 2.72 45.22 -41.81
CA GLU E 174 2.72 43.91 -42.49
C GLU E 174 1.30 43.25 -42.47
N PRO E 175 0.93 42.43 -43.46
CA PRO E 175 1.83 41.92 -44.49
C PRO E 175 1.41 42.18 -45.95
N VAL E 176 2.31 41.81 -46.86
CA VAL E 176 2.12 41.88 -48.32
C VAL E 176 2.19 40.46 -48.90
N THR E 177 1.38 40.22 -49.93
CA THR E 177 1.39 38.96 -50.65
C THR E 177 1.49 39.21 -52.15
N VAL E 178 2.27 38.37 -52.83
CA VAL E 178 2.47 38.44 -54.29
C VAL E 178 2.23 37.09 -54.98
N SER E 179 1.51 37.12 -56.09
CA SER E 179 1.69 36.10 -57.13
C SER E 179 1.86 36.81 -58.49
N TRP E 180 2.16 36.03 -59.51
CA TRP E 180 2.39 36.56 -60.86
C TRP E 180 1.29 36.09 -61.79
N ASN E 181 0.78 37.02 -62.58
CA ASN E 181 -0.24 36.79 -63.61
C ASN E 181 -1.50 36.07 -63.11
N SER E 182 -2.13 36.71 -62.11
CA SER E 182 -3.41 36.29 -61.50
C SER E 182 -3.31 34.98 -60.72
N GLY E 183 -2.10 34.44 -60.65
CA GLY E 183 -1.79 33.18 -59.96
C GLY E 183 -1.36 32.04 -60.87
N ALA E 184 -1.46 32.24 -62.18
CA ALA E 184 -1.11 31.21 -63.16
C ALA E 184 0.41 30.98 -63.21
N LEU E 185 1.17 32.08 -63.20
CA LEU E 185 2.64 32.03 -63.18
C LEU E 185 3.17 31.76 -61.76
N THR E 186 3.16 30.48 -61.37
CA THR E 186 3.78 29.98 -60.13
C THR E 186 5.08 29.21 -60.42
N SER E 187 5.18 28.68 -61.63
CA SER E 187 6.35 27.97 -62.16
C SER E 187 7.63 28.84 -62.24
N GLY E 188 8.25 29.10 -61.08
CA GLY E 188 9.55 29.81 -60.98
C GLY E 188 9.72 31.07 -60.13
N VAL E 189 8.73 31.38 -59.28
CA VAL E 189 8.67 32.65 -58.52
C VAL E 189 9.62 32.70 -57.30
N HIS E 190 9.94 33.92 -56.85
CA HIS E 190 10.44 34.18 -55.49
C HIS E 190 9.96 35.52 -54.92
N THR E 191 9.50 35.52 -53.67
CA THR E 191 8.82 36.68 -53.09
C THR E 191 9.40 36.99 -51.70
N PHE E 192 10.46 37.78 -51.70
CA PHE E 192 11.37 37.88 -50.57
C PHE E 192 10.82 38.58 -49.30
N PRO E 193 11.35 38.19 -48.10
CA PRO E 193 11.19 38.87 -46.80
C PRO E 193 11.58 40.35 -46.69
N ALA E 194 10.89 41.04 -45.78
CA ALA E 194 10.97 42.50 -45.66
C ALA E 194 11.88 43.01 -44.55
N VAL E 195 12.43 44.19 -44.78
CA VAL E 195 13.26 44.90 -43.85
C VAL E 195 12.41 45.93 -43.12
N LEU E 196 12.71 46.12 -41.82
CA LEU E 196 12.22 47.27 -41.05
C LEU E 196 13.34 48.31 -41.01
N GLN E 197 13.22 49.36 -41.82
CA GLN E 197 14.31 50.34 -41.97
C GLN E 197 14.34 51.35 -40.78
N SER E 198 15.14 52.42 -40.86
CA SER E 198 15.39 53.33 -39.72
C SER E 198 14.21 54.24 -39.27
N SER E 199 13.32 54.56 -40.20
CA SER E 199 12.18 55.44 -39.91
C SER E 199 11.04 54.71 -39.19
N GLY E 200 10.59 53.60 -39.79
CA GLY E 200 9.45 52.85 -39.27
C GLY E 200 8.43 52.55 -40.36
N LEU E 201 8.93 52.05 -41.50
CA LEU E 201 8.13 51.56 -42.63
C LEU E 201 8.91 50.45 -43.34
N TYR E 202 8.19 49.40 -43.74
CA TYR E 202 8.79 48.18 -44.35
C TYR E 202 9.00 48.28 -45.88
N SER E 203 9.73 47.31 -46.46
CA SER E 203 9.95 47.19 -47.93
C SER E 203 10.34 45.76 -48.41
N LEU E 204 9.78 45.33 -49.55
CA LEU E 204 10.09 44.02 -50.14
C LEU E 204 10.26 44.01 -51.65
N SER E 205 11.01 43.02 -52.15
CA SER E 205 11.15 42.76 -53.58
C SER E 205 10.70 41.35 -53.95
N SER E 206 10.17 41.21 -55.16
CA SER E 206 9.89 39.88 -55.72
C SER E 206 10.42 39.73 -57.15
N VAL E 207 11.26 38.71 -57.34
CA VAL E 207 11.84 38.36 -58.63
C VAL E 207 11.28 37.02 -59.13
N VAL E 208 11.03 36.95 -60.44
CA VAL E 208 10.66 35.69 -61.10
C VAL E 208 11.62 35.43 -62.27
N THR E 209 12.40 34.34 -62.15
CA THR E 209 13.21 33.83 -63.27
C THR E 209 12.26 33.33 -64.39
N VAL E 210 12.43 33.88 -65.61
CA VAL E 210 11.57 33.60 -66.79
C VAL E 210 12.36 33.46 -68.12
N PRO E 211 11.90 32.57 -69.05
CA PRO E 211 12.65 32.23 -70.28
C PRO E 211 12.80 33.38 -71.29
N SER E 212 13.95 33.43 -71.97
CA SER E 212 14.32 34.55 -72.89
C SER E 212 13.37 34.70 -74.09
N SER E 213 13.22 33.63 -74.87
CA SER E 213 12.36 33.61 -76.08
C SER E 213 10.92 34.20 -75.97
N SER E 214 10.37 34.27 -74.76
CA SER E 214 9.04 34.89 -74.54
C SER E 214 9.11 36.30 -73.92
N LEU E 215 10.30 36.72 -73.48
CA LEU E 215 10.54 38.09 -73.02
C LEU E 215 10.43 39.06 -74.21
N GLY E 216 9.31 39.79 -74.25
CA GLY E 216 9.01 40.69 -75.37
C GLY E 216 7.94 40.18 -76.32
N THR E 217 6.95 39.50 -75.74
CA THR E 217 5.63 39.20 -76.32
C THR E 217 4.71 38.80 -75.17
N GLN E 218 5.23 37.88 -74.34
CA GLN E 218 4.58 37.41 -73.11
C GLN E 218 4.63 38.51 -72.06
N THR E 219 3.45 38.94 -71.61
CA THR E 219 3.30 40.03 -70.64
C THR E 219 3.32 39.49 -69.21
N TYR E 220 4.20 40.05 -68.37
CA TYR E 220 4.40 39.63 -66.99
C TYR E 220 4.01 40.73 -66.02
N ILE E 221 2.80 40.64 -65.47
CA ILE E 221 2.33 41.55 -64.41
C ILE E 221 2.37 40.81 -63.05
N CYS E 222 2.99 41.43 -62.03
CA CYS E 222 2.93 40.94 -60.64
C CYS E 222 1.69 41.47 -59.90
N ASN E 223 1.46 40.96 -58.69
CA ASN E 223 0.36 41.42 -57.82
C ASN E 223 0.86 41.76 -56.41
N VAL E 224 0.73 43.03 -56.02
CA VAL E 224 1.24 43.53 -54.73
C VAL E 224 0.07 43.99 -53.83
N ASN E 225 -0.59 43.03 -53.16
CA ASN E 225 -1.72 43.34 -52.28
C ASN E 225 -1.24 43.62 -50.84
N HIS E 226 -1.39 44.88 -50.45
CA HIS E 226 -1.31 45.31 -49.05
C HIS E 226 -2.76 45.48 -48.59
N LYS E 227 -3.28 44.44 -47.97
CA LYS E 227 -4.64 44.42 -47.44
C LYS E 227 -4.86 45.43 -46.25
N PRO E 228 -3.83 45.70 -45.40
CA PRO E 228 -4.03 46.69 -44.30
C PRO E 228 -4.36 48.16 -44.67
N SER E 229 -4.11 48.57 -45.91
CA SER E 229 -4.53 49.90 -46.40
C SER E 229 -5.25 49.83 -47.76
N ASN E 230 -6.16 48.84 -47.89
CA ASN E 230 -7.00 48.58 -49.07
C ASN E 230 -6.39 48.96 -50.44
N THR E 231 -5.12 48.56 -50.62
CA THR E 231 -4.35 48.72 -51.87
C THR E 231 -4.37 47.43 -52.70
N LYS E 232 -5.04 47.50 -53.85
CA LYS E 232 -4.83 46.53 -54.94
C LYS E 232 -4.23 47.29 -56.12
N VAL E 233 -2.90 47.22 -56.23
CA VAL E 233 -2.11 47.88 -57.29
C VAL E 233 -1.16 46.89 -57.98
N ASP E 234 -1.37 46.69 -59.29
CA ASP E 234 -0.52 45.83 -60.14
C ASP E 234 0.50 46.67 -60.94
N LYS E 235 1.56 46.03 -61.43
CA LYS E 235 2.65 46.74 -62.14
C LYS E 235 3.32 45.90 -63.26
N LYS E 236 3.19 46.38 -64.50
CA LYS E 236 3.83 45.76 -65.68
C LYS E 236 5.34 46.08 -65.80
N VAL E 237 6.16 45.01 -65.85
CA VAL E 237 7.64 45.08 -65.91
C VAL E 237 8.14 44.47 -67.24
N GLU E 238 9.06 45.16 -67.92
CA GLU E 238 9.47 44.85 -69.32
C GLU E 238 10.96 45.14 -69.63
N PRO E 239 11.61 44.35 -70.54
CA PRO E 239 13.04 44.54 -70.94
C PRO E 239 13.48 45.96 -71.36
N LYS E 240 14.73 46.30 -71.04
CA LYS E 240 15.28 47.67 -71.24
C LYS E 240 16.53 47.71 -72.13
N ASN F 21 -3.46 25.29 -14.12
CA ASN F 21 -3.15 24.48 -15.31
C ASN F 21 -1.71 23.98 -15.32
N PHE F 22 -1.36 23.29 -16.39
CA PHE F 22 -0.05 22.69 -16.62
C PHE F 22 0.76 23.45 -17.68
N MET F 23 2.07 23.54 -17.48
CA MET F 23 3.00 24.12 -18.46
C MET F 23 3.75 23.00 -19.17
N LEU F 24 3.39 22.76 -20.43
CA LEU F 24 4.00 21.73 -21.29
C LEU F 24 5.40 22.15 -21.71
N THR F 25 6.39 21.32 -21.38
CA THR F 25 7.81 21.62 -21.67
C THR F 25 8.44 20.64 -22.67
N GLN F 26 8.89 21.22 -23.78
CA GLN F 26 9.65 20.53 -24.84
C GLN F 26 11.13 20.98 -24.77
N PRO F 27 12.04 20.32 -25.53
CA PRO F 27 13.42 20.84 -25.60
C PRO F 27 13.58 21.91 -26.71
N HIS F 28 14.46 22.89 -26.48
CA HIS F 28 14.55 24.11 -27.32
C HIS F 28 14.97 23.89 -28.80
N SER F 29 16.15 23.33 -29.02
CA SER F 29 16.65 23.09 -30.37
C SER F 29 17.00 21.62 -30.55
N VAL F 30 16.49 21.01 -31.62
CA VAL F 30 16.79 19.61 -31.94
C VAL F 30 17.55 19.52 -33.27
N SER F 31 18.39 18.49 -33.36
CA SER F 31 19.13 18.12 -34.58
C SER F 31 19.48 16.62 -34.59
N GLU F 32 19.25 15.97 -35.74
CA GLU F 32 19.54 14.55 -35.94
C GLU F 32 19.76 14.23 -37.43
N SER F 33 20.78 13.42 -37.74
CA SER F 33 21.20 13.08 -39.12
C SER F 33 20.24 12.14 -39.87
N PRO F 34 20.32 12.08 -41.23
CA PRO F 34 19.30 11.36 -42.02
C PRO F 34 19.29 9.85 -41.79
N GLY F 35 18.17 9.20 -42.14
CA GLY F 35 17.98 7.76 -41.93
C GLY F 35 17.96 7.28 -40.49
N LYS F 36 18.18 8.20 -39.55
CA LYS F 36 18.15 7.93 -38.10
C LYS F 36 16.77 8.24 -37.48
N THR F 37 16.64 8.01 -36.17
CA THR F 37 15.38 8.20 -35.43
C THR F 37 15.49 9.43 -34.53
N VAL F 38 14.37 10.12 -34.28
CA VAL F 38 14.36 11.30 -33.37
C VAL F 38 13.03 11.49 -32.61
N THR F 39 13.14 11.78 -31.30
CA THR F 39 11.99 11.83 -30.39
C THR F 39 11.65 13.26 -30.01
N ILE F 40 10.34 13.53 -29.91
CA ILE F 40 9.84 14.81 -29.39
C ILE F 40 9.20 14.57 -28.01
N SER F 41 9.92 15.01 -26.97
CA SER F 41 9.44 14.98 -25.58
C SER F 41 8.49 16.12 -25.29
N CYS F 42 7.48 15.86 -24.47
CA CYS F 42 6.59 16.92 -23.96
C CYS F 42 6.30 16.70 -22.47
N THR F 43 7.23 17.17 -21.63
CA THR F 43 7.14 17.03 -20.17
C THR F 43 6.05 17.95 -19.63
N ARG F 44 5.00 17.34 -19.09
CA ARG F 44 3.95 18.04 -18.34
C ARG F 44 4.53 18.41 -16.96
N SER F 45 4.08 19.53 -16.41
CA SER F 45 4.60 20.05 -15.15
C SER F 45 3.73 19.77 -13.90
N SER F 46 2.58 19.12 -14.11
CA SER F 46 1.64 18.70 -13.05
C SER F 46 0.63 17.73 -13.67
N GLY F 47 -0.09 16.98 -12.84
CA GLY F 47 -1.04 15.96 -13.34
C GLY F 47 -0.36 14.92 -14.23
N SER F 48 -1.12 14.31 -15.13
CA SER F 48 -0.60 13.18 -15.91
C SER F 48 -0.65 13.37 -17.41
N ILE F 49 -0.03 12.43 -18.11
CA ILE F 49 -0.13 12.35 -19.56
C ILE F 49 -1.15 11.28 -20.00
N ALA F 50 -1.17 10.14 -19.28
CA ALA F 50 -2.23 9.10 -19.39
C ALA F 50 -3.58 9.65 -18.92
N SER F 51 -3.49 10.83 -18.32
CA SER F 51 -4.56 11.78 -18.19
C SER F 51 -5.24 12.01 -19.53
N ASN F 52 -4.59 12.85 -20.34
CA ASN F 52 -5.22 13.52 -21.50
C ASN F 52 -4.46 13.25 -22.79
N TYR F 53 -5.18 12.78 -23.82
CA TYR F 53 -4.62 12.57 -25.17
C TYR F 53 -3.65 13.70 -25.58
N VAL F 54 -2.53 13.35 -26.20
CA VAL F 54 -1.54 14.35 -26.63
C VAL F 54 -1.31 14.24 -28.14
N GLN F 55 -1.48 15.36 -28.82
CA GLN F 55 -1.43 15.41 -30.28
C GLN F 55 -0.27 16.30 -30.72
N TRP F 56 0.14 16.14 -31.98
CA TRP F 56 1.38 16.75 -32.48
C TRP F 56 1.22 17.57 -33.77
N TYR F 57 1.76 18.80 -33.74
CA TYR F 57 1.51 19.81 -34.78
C TYR F 57 2.77 20.24 -35.61
N GLN F 58 2.88 19.73 -36.84
CA GLN F 58 3.96 20.08 -37.78
C GLN F 58 3.74 21.43 -38.46
N GLN F 59 4.45 22.44 -37.97
CA GLN F 59 4.49 23.75 -38.64
C GLN F 59 5.72 23.94 -39.55
N ARG F 60 5.47 24.19 -40.83
CA ARG F 60 6.50 24.66 -41.79
C ARG F 60 6.63 26.18 -41.63
N PRO F 61 7.83 26.76 -41.92
CA PRO F 61 8.07 28.17 -41.65
C PRO F 61 7.08 29.10 -42.37
N GLY F 62 6.56 30.09 -41.63
CA GLY F 62 5.66 31.14 -42.15
C GLY F 62 4.42 30.61 -42.84
N SER F 63 3.82 29.59 -42.22
CA SER F 63 2.72 28.81 -42.80
C SER F 63 1.91 28.17 -41.66
N ALA F 64 0.84 27.46 -42.01
CA ALA F 64 -0.08 26.83 -41.04
C ALA F 64 0.43 25.48 -40.45
N PRO F 65 -0.01 25.13 -39.22
CA PRO F 65 0.29 23.79 -38.70
C PRO F 65 -0.50 22.69 -39.42
N THR F 66 0.07 21.49 -39.45
CA THR F 66 -0.61 20.30 -39.93
C THR F 66 -0.59 19.24 -38.83
N THR F 67 -1.76 18.67 -38.57
CA THR F 67 -1.87 17.53 -37.68
C THR F 67 -1.03 16.39 -38.25
N VAL F 68 -0.07 15.91 -37.45
CA VAL F 68 0.67 14.69 -37.79
C VAL F 68 0.16 13.45 -37.04
N ILE F 69 -0.12 13.62 -35.75
CA ILE F 69 -0.64 12.57 -34.87
C ILE F 69 -1.90 13.10 -34.16
N TYR F 70 -2.93 12.25 -34.07
CA TYR F 70 -4.14 12.59 -33.31
C TYR F 70 -4.51 11.53 -32.27
N GLU F 71 -5.23 11.96 -31.22
CA GLU F 71 -5.59 11.15 -30.03
C GLU F 71 -4.42 10.27 -29.54
N ASP F 72 -3.32 10.93 -29.16
CA ASP F 72 -2.07 10.30 -28.66
C ASP F 72 -1.25 9.51 -29.68
N ASN F 73 -1.86 8.49 -30.27
CA ASN F 73 -1.14 7.43 -30.99
C ASN F 73 -1.73 7.06 -32.36
N GLN F 74 -2.70 7.84 -32.85
CA GLN F 74 -3.31 7.58 -34.17
C GLN F 74 -2.69 8.49 -35.26
N ARG F 75 -3.36 8.63 -36.39
CA ARG F 75 -2.73 9.20 -37.58
C ARG F 75 -3.78 9.63 -38.61
N PRO F 76 -3.60 10.83 -39.22
CA PRO F 76 -4.25 11.08 -40.53
C PRO F 76 -3.52 10.42 -41.72
N SER F 77 -4.27 10.10 -42.78
CA SER F 77 -3.79 9.35 -43.95
C SER F 77 -3.25 10.25 -45.08
N GLY F 78 -2.03 9.95 -45.54
CA GLY F 78 -1.20 10.91 -46.28
C GLY F 78 -0.03 11.36 -45.40
N VAL F 79 -0.20 11.27 -44.08
CA VAL F 79 0.86 11.42 -43.06
C VAL F 79 1.52 10.04 -42.96
N PRO F 80 2.86 9.97 -43.18
CA PRO F 80 3.55 8.67 -43.31
C PRO F 80 3.57 7.82 -42.04
N ASP F 81 3.67 6.50 -42.21
CA ASP F 81 3.66 5.54 -41.10
C ASP F 81 4.85 5.70 -40.14
N ARG F 82 5.86 6.44 -40.59
CA ARG F 82 7.11 6.64 -39.85
C ARG F 82 6.92 7.37 -38.51
N PHE F 83 6.11 8.43 -38.54
CA PHE F 83 5.69 9.15 -37.33
C PHE F 83 5.12 8.19 -36.30
N SER F 84 5.45 8.41 -35.03
CA SER F 84 4.97 7.56 -33.93
C SER F 84 4.79 8.28 -32.58
N GLY F 85 3.55 8.26 -32.07
CA GLY F 85 3.14 9.01 -30.87
C GLY F 85 2.93 8.16 -29.62
N SER F 86 4.04 7.92 -28.92
CA SER F 86 4.07 6.97 -27.80
C SER F 86 4.26 7.63 -26.44
N ILE F 87 3.52 7.09 -25.46
CA ILE F 87 3.21 7.80 -24.21
C ILE F 87 3.85 7.09 -23.03
N ASP F 88 4.90 7.70 -22.48
CA ASP F 88 5.61 7.18 -21.30
C ASP F 88 4.95 7.70 -20.01
N SER F 89 4.18 6.82 -19.37
CA SER F 89 3.30 7.14 -18.23
C SER F 89 4.04 7.45 -16.90
N SER F 90 5.15 6.74 -16.69
CA SER F 90 5.96 6.84 -15.46
C SER F 90 6.92 8.05 -15.37
N SER F 91 6.96 8.84 -16.44
CA SER F 91 7.75 10.09 -16.47
C SER F 91 6.85 11.35 -16.45
N ASN F 92 5.60 11.17 -16.90
CA ASN F 92 4.62 12.24 -17.21
C ASN F 92 5.04 13.04 -18.46
N SER F 93 5.15 12.33 -19.58
CA SER F 93 5.69 12.87 -20.80
C SER F 93 5.30 12.03 -22.01
N ALA F 94 4.93 12.70 -23.11
CA ALA F 94 4.56 12.04 -24.37
C ALA F 94 5.66 12.23 -25.44
N SER F 95 5.87 11.17 -26.23
CA SER F 95 7.00 11.08 -27.16
C SER F 95 6.55 10.89 -28.60
N LEU F 96 6.90 11.87 -29.45
CA LEU F 96 6.76 11.72 -30.91
C LEU F 96 8.11 11.43 -31.53
N THR F 97 8.31 10.15 -31.85
CA THR F 97 9.50 9.72 -32.55
C THR F 97 9.21 9.61 -34.03
N ILE F 98 9.97 10.39 -34.80
CA ILE F 98 9.99 10.25 -36.23
C ILE F 98 11.02 9.15 -36.53
N SER F 99 10.55 8.12 -37.22
CA SER F 99 11.43 7.07 -37.71
C SER F 99 11.88 7.46 -39.10
N GLY F 100 13.19 7.52 -39.30
CA GLY F 100 13.78 7.86 -40.59
C GLY F 100 13.53 9.30 -41.00
N LEU F 101 14.40 10.20 -40.55
CA LEU F 101 14.37 11.59 -40.96
C LEU F 101 14.73 11.75 -42.43
N LYS F 102 14.01 12.65 -43.08
CA LYS F 102 14.27 13.08 -44.45
C LYS F 102 14.32 14.61 -44.35
N THR F 103 15.08 15.29 -45.23
CA THR F 103 15.13 16.77 -45.22
C THR F 103 13.73 17.41 -45.14
N GLU F 104 12.75 16.75 -45.76
CA GLU F 104 11.32 17.09 -45.66
C GLU F 104 10.64 16.82 -44.29
N ASP F 105 11.45 16.64 -43.24
CA ASP F 105 10.96 16.55 -41.86
C ASP F 105 11.53 17.63 -40.93
N GLU F 106 12.53 18.37 -41.42
CA GLU F 106 12.98 19.61 -40.78
C GLU F 106 11.81 20.62 -40.77
N ALA F 107 11.28 20.85 -39.56
CA ALA F 107 10.11 21.73 -39.29
C ALA F 107 9.97 22.15 -37.82
N ASP F 108 9.16 23.18 -37.58
CA ASP F 108 8.83 23.68 -36.23
C ASP F 108 7.61 22.93 -35.61
N TYR F 109 7.83 22.28 -34.46
CA TYR F 109 6.83 21.32 -33.88
C TYR F 109 6.13 21.75 -32.57
N TYR F 110 4.92 21.23 -32.35
CA TYR F 110 4.12 21.59 -31.17
C TYR F 110 3.30 20.41 -30.60
N CYS F 111 3.44 20.16 -29.29
CA CYS F 111 2.61 19.18 -28.56
C CYS F 111 1.38 19.87 -27.99
N GLN F 112 0.25 19.16 -28.01
CA GLN F 112 -1.02 19.72 -27.54
C GLN F 112 -1.77 18.78 -26.62
N SER F 113 -2.23 19.34 -25.50
CA SER F 113 -3.00 18.64 -24.48
C SER F 113 -3.98 19.63 -23.83
N TYR F 114 -4.81 19.15 -22.90
CA TYR F 114 -5.86 19.96 -22.26
C TYR F 114 -6.09 19.55 -20.81
N ASP F 115 -6.85 20.36 -20.07
CA ASP F 115 -7.35 20.01 -18.72
C ASP F 115 -8.67 20.70 -18.33
N SER F 116 -9.16 20.39 -17.13
CA SER F 116 -10.39 20.97 -16.53
C SER F 116 -10.51 22.50 -16.64
N SER F 117 -9.37 23.18 -16.71
CA SER F 117 -9.27 24.63 -16.57
C SER F 117 -8.93 25.37 -17.86
N THR F 118 -7.98 24.85 -18.65
CA THR F 118 -7.68 25.38 -20.01
C THR F 118 -7.26 24.32 -21.06
N VAL F 119 -7.01 24.78 -22.28
CA VAL F 119 -6.23 24.00 -23.26
C VAL F 119 -4.79 24.54 -23.20
N VAL F 120 -3.81 23.64 -23.38
CA VAL F 120 -2.38 24.02 -23.32
C VAL F 120 -1.58 23.61 -24.57
N PHE F 121 -0.70 24.52 -25.01
CA PHE F 121 0.29 24.31 -26.06
C PHE F 121 1.72 24.45 -25.50
N GLY F 122 2.66 23.71 -26.07
CA GLY F 122 4.07 23.74 -25.64
C GLY F 122 4.98 24.66 -26.43
N GLY F 123 6.19 24.86 -25.90
CA GLY F 123 7.19 25.82 -26.42
C GLY F 123 7.56 25.67 -27.89
N GLY F 124 7.67 24.42 -28.33
CA GLY F 124 7.95 24.14 -29.74
C GLY F 124 9.38 23.79 -30.02
N THR F 125 9.56 22.75 -30.83
CA THR F 125 10.90 22.23 -31.17
C THR F 125 11.16 22.29 -32.67
N LYS F 126 12.27 22.95 -33.00
CA LYS F 126 12.73 23.08 -34.37
C LYS F 126 13.58 21.86 -34.73
N LEU F 127 13.09 21.06 -35.67
CA LEU F 127 13.80 19.88 -36.17
C LEU F 127 14.83 20.30 -37.22
N THR F 128 16.11 20.03 -36.94
CA THR F 128 17.23 20.33 -37.83
C THR F 128 17.79 19.02 -38.42
N VAL F 129 17.55 18.79 -39.72
CA VAL F 129 18.07 17.60 -40.43
C VAL F 129 19.59 17.78 -40.66
N LEU F 130 20.39 16.96 -39.97
CA LEU F 130 21.87 17.12 -39.91
C LEU F 130 22.66 16.75 -41.19
N GLY F 131 23.63 17.60 -41.54
CA GLY F 131 24.70 17.28 -42.51
C GLY F 131 24.54 17.71 -43.95
N GLN F 132 23.65 18.67 -44.20
CA GLN F 132 23.13 18.99 -45.55
C GLN F 132 24.17 19.53 -46.56
N PRO F 133 24.03 19.17 -47.87
CA PRO F 133 25.04 19.52 -48.91
C PRO F 133 25.10 21.01 -49.34
N LYS F 134 26.27 21.60 -49.14
CA LYS F 134 26.59 23.02 -49.43
C LYS F 134 26.00 23.52 -50.75
N ALA F 135 25.21 24.60 -50.67
CA ALA F 135 24.64 25.26 -51.85
C ALA F 135 25.26 26.65 -52.07
N ASN F 136 25.36 27.07 -53.34
CA ASN F 136 26.09 28.31 -53.73
C ASN F 136 25.15 29.42 -54.28
N PRO F 137 25.19 30.64 -53.68
CA PRO F 137 24.12 31.67 -53.85
C PRO F 137 23.92 32.30 -55.26
N THR F 138 22.79 31.98 -55.92
CA THR F 138 22.38 32.66 -57.17
C THR F 138 21.88 34.06 -56.83
N VAL F 139 22.66 35.03 -57.26
CA VAL F 139 22.40 36.45 -56.98
C VAL F 139 22.01 37.14 -58.28
N THR F 140 20.93 37.93 -58.23
CA THR F 140 20.68 39.04 -59.17
C THR F 140 20.59 40.37 -58.39
N LEU F 141 21.29 41.38 -58.91
CA LEU F 141 21.19 42.76 -58.43
C LEU F 141 20.34 43.58 -59.40
N PHE F 142 19.46 44.41 -58.85
CA PHE F 142 18.62 45.33 -59.65
C PHE F 142 19.09 46.78 -59.57
N PRO F 143 19.26 47.44 -60.74
CA PRO F 143 19.59 48.86 -60.77
C PRO F 143 18.36 49.72 -60.37
N PRO F 144 18.59 50.88 -59.71
CA PRO F 144 17.45 51.73 -59.33
C PRO F 144 16.59 52.13 -60.51
N SER F 145 15.34 51.68 -60.42
CA SER F 145 14.22 52.04 -61.27
C SER F 145 14.21 53.52 -61.68
N SER F 146 14.08 53.75 -62.99
CA SER F 146 13.94 55.11 -63.56
C SER F 146 12.71 55.83 -63.01
N GLU F 147 11.63 55.07 -62.82
CA GLU F 147 10.37 55.50 -62.19
C GLU F 147 10.54 55.93 -60.70
N GLU F 148 11.35 55.18 -59.95
CA GLU F 148 11.79 55.58 -58.60
C GLU F 148 12.72 56.80 -58.65
N LEU F 149 13.64 56.82 -59.61
CA LEU F 149 14.54 57.96 -59.88
C LEU F 149 13.78 59.24 -60.24
N GLN F 150 12.64 59.09 -60.93
CA GLN F 150 11.73 60.20 -61.24
C GLN F 150 11.02 60.71 -59.98
N ALA F 151 10.72 59.79 -59.05
CA ALA F 151 10.13 60.15 -57.75
C ALA F 151 11.13 60.85 -56.80
N ASN F 152 12.34 61.11 -57.30
CA ASN F 152 13.50 61.63 -56.55
C ASN F 152 13.95 60.62 -55.49
N LYS F 153 14.04 59.34 -55.88
CA LYS F 153 14.56 58.29 -54.99
C LYS F 153 15.48 57.30 -55.71
N ALA F 154 16.44 56.73 -54.98
CA ALA F 154 17.39 55.74 -55.54
C ALA F 154 17.68 54.56 -54.61
N THR F 155 17.02 53.43 -54.88
CA THR F 155 17.21 52.21 -54.09
C THR F 155 17.84 51.11 -54.94
N LEU F 156 18.93 50.55 -54.41
CA LEU F 156 19.68 49.47 -55.06
C LEU F 156 19.39 48.17 -54.34
N VAL F 157 18.76 47.24 -55.06
CA VAL F 157 18.21 46.01 -54.49
C VAL F 157 19.07 44.79 -54.86
N CYS F 158 19.51 44.05 -53.84
CA CYS F 158 20.24 42.79 -54.03
C CYS F 158 19.57 41.63 -53.30
N LEU F 159 19.22 40.59 -54.05
CA LEU F 159 18.47 39.43 -53.55
C LEU F 159 19.35 38.19 -53.52
N ILE F 160 19.42 37.57 -52.34
CA ILE F 160 20.33 36.45 -52.07
C ILE F 160 19.50 35.18 -51.79
N SER F 161 19.51 34.22 -52.73
CA SER F 161 18.64 33.01 -52.65
C SER F 161 19.29 31.65 -53.00
N ASP F 162 18.89 30.61 -52.26
CA ASP F 162 19.28 29.18 -52.40
C ASP F 162 20.65 28.75 -51.80
N PHE F 163 20.87 29.08 -50.53
CA PHE F 163 22.15 28.82 -49.81
C PHE F 163 22.03 28.05 -48.48
N TYR F 164 22.69 26.89 -48.39
CA TYR F 164 22.86 26.17 -47.12
C TYR F 164 24.33 26.19 -46.69
N PRO F 165 24.66 26.65 -45.46
CA PRO F 165 23.68 27.05 -44.43
C PRO F 165 23.41 28.55 -44.36
N GLY F 166 22.29 28.91 -43.73
CA GLY F 166 21.84 30.30 -43.62
C GLY F 166 22.75 31.28 -42.93
N ALA F 167 23.73 31.76 -43.70
CA ALA F 167 24.64 32.81 -43.31
C ALA F 167 25.04 33.61 -44.56
N VAL F 168 25.07 34.93 -44.41
CA VAL F 168 25.51 35.88 -45.44
C VAL F 168 26.43 36.96 -44.86
N THR F 169 27.41 37.41 -45.66
CA THR F 169 28.23 38.62 -45.38
C THR F 169 28.12 39.58 -46.58
N VAL F 170 27.23 40.57 -46.44
CA VAL F 170 26.94 41.59 -47.46
C VAL F 170 27.92 42.76 -47.35
N ALA F 171 28.60 43.07 -48.45
CA ALA F 171 29.49 44.24 -48.53
C ALA F 171 29.30 44.96 -49.86
N TRP F 172 28.56 46.08 -49.80
CA TRP F 172 28.23 46.88 -50.98
C TRP F 172 29.41 47.65 -51.51
N LYS F 173 29.40 47.91 -52.82
CA LYS F 173 30.54 48.52 -53.50
C LYS F 173 30.10 49.59 -54.48
N ALA F 174 30.95 50.58 -54.65
CA ALA F 174 30.83 51.63 -55.66
C ALA F 174 32.24 51.80 -56.15
N ASP F 175 32.43 51.87 -57.47
CA ASP F 175 33.77 51.77 -58.09
C ASP F 175 34.40 50.41 -57.78
N GLY F 176 34.91 50.28 -56.55
CA GLY F 176 35.60 49.08 -56.04
C GLY F 176 35.79 49.09 -54.52
N SER F 177 35.69 50.27 -53.89
CA SER F 177 35.69 50.43 -52.43
C SER F 177 34.34 49.98 -51.87
N PRO F 178 34.29 49.56 -50.58
CA PRO F 178 32.99 49.30 -49.91
C PRO F 178 32.09 50.54 -49.60
N VAL F 179 30.78 50.43 -49.92
CA VAL F 179 29.73 51.40 -49.53
C VAL F 179 29.12 50.95 -48.22
N LYS F 180 28.86 51.90 -47.31
CA LYS F 180 28.50 51.56 -45.94
C LYS F 180 27.31 52.31 -45.27
N ALA F 181 27.20 53.63 -45.47
CA ALA F 181 26.17 54.45 -44.77
C ALA F 181 24.85 54.62 -45.52
N GLY F 182 23.86 53.81 -45.13
CA GLY F 182 22.56 53.69 -45.81
C GLY F 182 22.38 52.38 -46.58
N VAL F 183 22.80 51.27 -45.96
CA VAL F 183 22.64 49.91 -46.49
C VAL F 183 21.73 49.14 -45.55
N GLU F 184 20.82 48.30 -46.08
CA GLU F 184 19.85 47.56 -45.23
C GLU F 184 19.59 46.05 -45.58
N THR F 185 20.14 45.16 -44.76
CA THR F 185 20.12 43.68 -44.95
C THR F 185 18.95 42.98 -44.17
N THR F 186 18.67 41.71 -44.52
CA THR F 186 17.70 40.82 -43.82
C THR F 186 18.37 39.70 -43.02
N LYS F 187 17.82 39.39 -41.84
CA LYS F 187 18.09 38.15 -41.12
C LYS F 187 17.60 36.99 -42.00
N PRO F 188 18.53 36.19 -42.57
CA PRO F 188 18.10 35.11 -43.48
C PRO F 188 17.24 34.08 -42.77
N SER F 189 16.23 33.60 -43.48
CA SER F 189 15.35 32.55 -42.99
C SER F 189 15.37 31.47 -44.05
N LYS F 190 14.90 30.26 -43.72
CA LYS F 190 14.84 29.15 -44.68
C LYS F 190 13.80 29.39 -45.81
N GLN F 191 13.73 28.46 -46.75
CA GLN F 191 12.66 28.42 -47.76
C GLN F 191 11.88 27.10 -47.65
N SER F 192 11.02 26.83 -48.65
CA SER F 192 10.23 25.60 -48.70
C SER F 192 10.98 24.43 -49.34
N ASN F 193 12.24 24.69 -49.69
CA ASN F 193 13.21 23.65 -50.10
C ASN F 193 14.46 23.59 -49.18
N ASN F 194 14.34 24.18 -47.98
CA ASN F 194 15.32 24.11 -46.86
C ASN F 194 16.61 24.96 -46.96
N LYS F 195 16.97 25.39 -48.18
CA LYS F 195 17.99 26.43 -48.40
C LYS F 195 17.38 27.79 -48.05
N TYR F 196 18.23 28.80 -47.84
CA TYR F 196 17.78 30.05 -47.22
C TYR F 196 17.52 31.22 -48.22
N ALA F 197 16.93 32.31 -47.71
CA ALA F 197 16.71 33.56 -48.46
C ALA F 197 17.32 34.78 -47.76
N ALA F 198 17.59 35.84 -48.53
CA ALA F 198 18.11 37.13 -48.03
C ALA F 198 17.94 38.25 -49.07
N SER F 199 17.94 39.50 -48.60
CA SER F 199 17.81 40.68 -49.47
C SER F 199 18.38 41.92 -48.83
N SER F 200 19.16 42.69 -49.60
CA SER F 200 19.94 43.85 -49.13
C SER F 200 19.75 45.13 -49.96
N TYR F 201 19.32 46.20 -49.30
CA TYR F 201 18.99 47.46 -49.97
C TYR F 201 20.02 48.57 -49.70
N LEU F 202 20.81 48.90 -50.72
CA LEU F 202 21.61 50.11 -50.68
C LEU F 202 20.71 51.27 -51.08
N SER F 203 20.56 52.23 -50.17
CA SER F 203 19.57 53.31 -50.31
C SER F 203 20.24 54.69 -50.42
N LEU F 204 20.28 55.22 -51.65
CA LEU F 204 21.08 56.41 -52.01
C LEU F 204 20.28 57.56 -52.64
N THR F 205 20.99 58.63 -53.02
CA THR F 205 20.43 59.75 -53.77
C THR F 205 20.54 59.51 -55.29
N PRO F 206 19.66 60.16 -56.12
CA PRO F 206 19.61 60.02 -57.60
C PRO F 206 20.83 60.49 -58.42
N GLU F 207 21.59 61.44 -57.88
CA GLU F 207 22.78 62.02 -58.52
C GLU F 207 23.99 61.11 -58.33
N GLN F 208 24.09 60.53 -57.13
CA GLN F 208 25.08 59.52 -56.78
C GLN F 208 24.98 58.27 -57.65
N TRP F 209 23.78 58.03 -58.19
CA TRP F 209 23.53 56.94 -59.13
C TRP F 209 24.46 56.99 -60.36
N LYS F 210 24.38 58.09 -61.14
CA LYS F 210 25.27 58.33 -62.28
C LYS F 210 26.76 58.41 -61.89
N SER F 211 27.05 59.11 -60.78
CA SER F 211 28.40 59.41 -60.26
C SER F 211 29.50 58.35 -60.47
N HIS F 212 29.37 57.22 -59.78
CA HIS F 212 30.29 56.09 -59.97
C HIS F 212 29.85 55.36 -61.25
N ARG F 213 30.83 54.98 -62.08
CA ARG F 213 30.59 54.30 -63.38
C ARG F 213 29.85 52.96 -63.26
N SER F 214 30.07 52.25 -62.15
CA SER F 214 29.27 51.09 -61.72
C SER F 214 29.38 50.80 -60.21
N TYR F 215 28.25 50.42 -59.60
CA TYR F 215 28.18 49.89 -58.24
C TYR F 215 28.16 48.37 -58.28
N SER F 216 28.25 47.74 -57.10
CA SER F 216 28.36 46.29 -57.00
C SER F 216 27.43 45.73 -55.92
N CYS F 217 27.60 44.43 -55.64
CA CYS F 217 26.98 43.72 -54.53
C CYS F 217 27.85 42.48 -54.26
N GLN F 218 28.71 42.53 -53.24
CA GLN F 218 29.51 41.36 -52.86
C GLN F 218 28.79 40.46 -51.85
N VAL F 219 28.70 39.16 -52.18
CA VAL F 219 27.98 38.14 -51.38
C VAL F 219 28.96 37.06 -50.84
N THR F 220 28.80 36.69 -49.56
CA THR F 220 29.63 35.65 -48.90
C THR F 220 28.82 34.46 -48.36
N HIS F 221 29.37 33.27 -48.53
CA HIS F 221 28.78 32.04 -48.06
C HIS F 221 29.83 30.98 -47.73
N GLU F 222 30.17 30.88 -46.43
CA GLU F 222 31.17 29.92 -45.90
C GLU F 222 32.52 29.93 -46.64
N GLY F 223 33.11 31.12 -46.75
CA GLY F 223 34.40 31.30 -47.41
C GLY F 223 34.34 31.69 -48.88
N SER F 224 33.41 31.06 -49.62
CA SER F 224 33.25 31.29 -51.07
C SER F 224 32.60 32.65 -51.39
N THR F 225 32.80 33.13 -52.63
CA THR F 225 32.34 34.47 -53.06
C THR F 225 31.68 34.45 -54.47
N VAL F 226 30.74 35.39 -54.68
CA VAL F 226 30.19 35.73 -56.02
C VAL F 226 30.05 37.26 -56.07
N GLU F 227 29.71 37.83 -57.24
CA GLU F 227 29.31 39.26 -57.39
C GLU F 227 28.37 39.58 -58.56
N LYS F 228 27.56 40.63 -58.42
CA LYS F 228 26.75 41.21 -59.51
C LYS F 228 26.80 42.75 -59.56
N THR F 229 26.77 43.30 -60.78
CA THR F 229 27.18 44.69 -61.09
C THR F 229 26.11 45.52 -61.86
N VAL F 230 25.97 46.81 -61.51
CA VAL F 230 25.01 47.73 -62.19
C VAL F 230 25.54 49.16 -62.47
N ALA F 231 25.20 49.72 -63.63
CA ALA F 231 25.69 51.03 -64.16
C ALA F 231 24.55 51.99 -64.63
N PRO F 232 24.73 53.36 -64.64
CA PRO F 232 23.65 54.33 -64.97
C PRO F 232 22.62 53.87 -66.02
N THR F 233 23.10 53.31 -67.15
CA THR F 233 22.31 52.47 -68.08
C THR F 233 23.21 51.43 -68.76
N PRO G 4 -2.93 -32.83 63.74
CA PRO G 4 -2.04 -33.89 63.29
C PRO G 4 -2.80 -35.07 62.66
N LYS G 5 -3.52 -35.85 63.47
CA LYS G 5 -4.42 -36.95 63.04
C LYS G 5 -3.77 -38.14 62.30
N ILE G 6 -3.68 -39.27 63.00
CA ILE G 6 -3.06 -40.47 62.46
C ILE G 6 -4.08 -41.32 61.71
N VAL G 7 -3.62 -42.01 60.66
CA VAL G 7 -4.39 -43.02 59.91
C VAL G 7 -3.47 -44.22 59.59
N ASN G 8 -3.55 -45.27 60.44
CA ASN G 8 -2.68 -46.48 60.36
C ASN G 8 -2.75 -47.22 59.01
N ILE G 9 -1.60 -47.69 58.54
CA ILE G 9 -1.56 -48.57 57.36
C ILE G 9 -0.69 -49.79 57.71
N GLY G 10 -1.34 -50.95 57.85
CA GLY G 10 -0.65 -52.21 58.19
C GLY G 10 0.04 -52.79 56.98
N ALA G 11 1.07 -53.60 57.24
CA ALA G 11 1.83 -54.30 56.18
C ALA G 11 2.45 -55.65 56.60
N VAL G 12 2.55 -56.60 55.66
CA VAL G 12 3.37 -57.85 55.77
C VAL G 12 4.13 -58.26 54.50
N LEU G 13 5.39 -58.64 54.66
CA LEU G 13 6.36 -58.72 53.54
C LEU G 13 7.38 -59.87 53.73
N SER G 14 8.22 -60.07 52.71
CA SER G 14 9.21 -61.16 52.69
C SER G 14 10.34 -60.96 53.68
N THR G 15 10.99 -59.79 53.57
CA THR G 15 12.24 -59.41 54.26
C THR G 15 12.11 -57.98 54.73
N ARG G 16 12.83 -57.65 55.80
CA ARG G 16 12.78 -56.31 56.40
C ARG G 16 13.21 -55.21 55.45
N LYS G 17 14.07 -55.57 54.51
CA LYS G 17 14.43 -54.74 53.37
C LYS G 17 13.17 -54.24 52.60
N HIS G 18 12.02 -54.87 52.88
CA HIS G 18 10.74 -54.33 52.47
C HIS G 18 10.07 -53.54 53.58
N GLU G 19 10.23 -53.98 54.83
CA GLU G 19 9.66 -53.28 56.00
C GLU G 19 10.11 -51.83 56.07
N GLN G 20 11.37 -51.57 55.69
CA GLN G 20 11.91 -50.20 55.57
C GLN G 20 11.44 -49.51 54.29
N MET G 21 11.43 -50.27 53.19
CA MET G 21 10.97 -49.78 51.90
C MET G 21 9.53 -49.29 52.02
N PHE G 22 8.61 -50.21 52.34
CA PHE G 22 7.25 -49.85 52.73
C PHE G 22 7.22 -48.55 53.58
N ARG G 23 8.04 -48.48 54.62
CA ARG G 23 8.08 -47.29 55.51
C ARG G 23 8.42 -45.99 54.74
N GLU G 24 9.23 -46.08 53.68
CA GLU G 24 9.59 -44.92 52.84
C GLU G 24 8.43 -44.38 52.01
N ALA G 25 7.67 -45.30 51.43
CA ALA G 25 6.52 -44.98 50.58
C ALA G 25 5.42 -44.31 51.40
N VAL G 26 5.22 -44.76 52.65
CA VAL G 26 4.28 -44.10 53.59
C VAL G 26 4.84 -42.73 54.05
N ASN G 27 6.17 -42.60 54.02
CA ASN G 27 6.80 -41.32 54.29
C ASN G 27 6.44 -40.46 53.09
N GLN G 28 6.85 -40.91 51.91
CA GLN G 28 6.61 -40.25 50.62
C GLN G 28 5.15 -39.82 50.35
N ALA G 29 4.19 -40.62 50.83
CA ALA G 29 2.75 -40.34 50.69
C ALA G 29 2.20 -39.36 51.75
N ASN G 30 3.13 -38.80 52.54
CA ASN G 30 2.89 -37.61 53.34
C ASN G 30 3.54 -36.40 52.63
N LYS G 31 4.62 -36.65 51.90
CA LYS G 31 5.28 -35.61 51.07
C LYS G 31 4.45 -35.28 49.84
N ARG G 32 3.95 -36.33 49.17
CA ARG G 32 3.03 -36.21 48.04
C ARG G 32 1.69 -35.58 48.48
N HIS G 33 0.98 -36.26 49.38
CA HIS G 33 -0.37 -35.89 49.77
C HIS G 33 -0.48 -34.88 50.93
N GLY G 34 -1.40 -33.94 50.75
CA GLY G 34 -2.01 -33.15 51.83
C GLY G 34 -1.19 -32.68 53.02
N SER G 35 -0.87 -33.63 53.91
CA SER G 35 -0.20 -33.39 55.21
C SER G 35 -1.00 -32.53 56.22
N TRP G 36 -1.73 -31.53 55.72
CA TRP G 36 -2.60 -30.64 56.53
C TRP G 36 -3.68 -31.38 57.35
N LYS G 37 -4.33 -32.39 56.75
CA LYS G 37 -5.50 -33.09 57.34
C LYS G 37 -5.15 -34.36 58.15
N ILE G 38 -4.67 -35.38 57.46
CA ILE G 38 -4.30 -36.65 58.07
C ILE G 38 -2.82 -36.97 57.80
N GLN G 39 -2.21 -37.78 58.66
CA GLN G 39 -0.80 -38.14 58.50
C GLN G 39 -0.64 -39.63 58.68
N LEU G 40 -0.30 -40.32 57.59
CA LEU G 40 -0.27 -41.78 57.56
C LEU G 40 0.90 -42.34 58.35
N ASN G 41 0.66 -43.48 59.01
CA ASN G 41 1.56 -44.08 60.00
C ASN G 41 1.81 -45.54 59.66
N ALA G 42 3.10 -45.90 59.56
CA ALA G 42 3.54 -47.24 59.11
C ALA G 42 3.73 -48.27 60.23
N THR G 43 2.76 -49.18 60.35
CA THR G 43 2.89 -50.43 61.12
C THR G 43 3.19 -51.57 60.14
N SER G 44 4.26 -52.31 60.43
CA SER G 44 4.77 -53.35 59.52
C SER G 44 5.46 -54.47 60.29
N VAL G 45 5.05 -55.71 59.99
CA VAL G 45 5.62 -56.91 60.59
C VAL G 45 5.83 -57.93 59.48
N THR G 46 6.67 -58.95 59.69
CA THR G 46 7.07 -59.84 58.59
C THR G 46 6.14 -61.04 58.33
N HIS G 47 6.29 -61.63 57.13
CA HIS G 47 5.54 -62.85 56.73
C HIS G 47 6.03 -64.06 57.54
N LYS G 48 5.15 -65.05 57.69
CA LYS G 48 5.48 -66.31 58.36
C LYS G 48 5.10 -67.49 57.46
N PRO G 49 5.91 -68.59 57.49
CA PRO G 49 5.76 -69.69 56.50
C PRO G 49 4.61 -70.67 56.80
N ASN G 50 4.61 -71.25 57.99
CA ASN G 50 3.44 -71.91 58.58
C ASN G 50 2.38 -70.82 58.82
N ALA G 51 1.13 -71.11 58.48
CA ALA G 51 0.09 -70.08 58.35
C ALA G 51 -0.67 -69.73 59.63
N ILE G 52 -0.61 -70.62 60.62
CA ILE G 52 -1.34 -70.43 61.88
C ILE G 52 -0.78 -69.32 62.79
N GLN G 53 0.55 -69.13 62.76
CA GLN G 53 1.16 -67.96 63.37
C GLN G 53 0.68 -66.74 62.60
N MET G 54 0.90 -66.76 61.29
CA MET G 54 0.62 -65.61 60.42
C MET G 54 -0.71 -64.89 60.74
N ALA G 55 -1.80 -65.65 60.89
CA ALA G 55 -3.13 -65.06 61.18
C ALA G 55 -3.16 -64.32 62.52
N LEU G 56 -2.38 -64.84 63.49
CA LEU G 56 -2.19 -64.19 64.81
C LEU G 56 -1.31 -62.93 64.77
N SER G 57 -0.20 -63.01 64.03
CA SER G 57 0.68 -61.88 63.81
C SER G 57 -0.07 -60.66 63.24
N VAL G 58 -1.10 -60.92 62.44
CA VAL G 58 -2.00 -59.86 61.98
C VAL G 58 -2.77 -59.39 63.20
N CYS G 59 -3.32 -60.33 63.96
CA CYS G 59 -4.10 -59.95 65.13
C CYS G 59 -3.28 -59.13 66.15
N GLU G 60 -2.18 -59.71 66.62
CA GLU G 60 -1.42 -59.12 67.74
C GLU G 60 -0.62 -57.84 67.44
N ASP G 61 -0.36 -57.59 66.16
CA ASP G 61 0.60 -56.58 65.74
C ASP G 61 -0.02 -55.50 64.86
N LEU G 62 -0.84 -55.93 63.91
CA LEU G 62 -1.37 -55.04 62.90
C LEU G 62 -2.81 -54.62 63.22
N ILE G 63 -3.72 -55.59 63.35
CA ILE G 63 -5.11 -55.30 63.72
C ILE G 63 -5.12 -54.56 65.05
N SER G 64 -4.25 -55.01 65.96
CA SER G 64 -3.92 -54.32 67.22
C SER G 64 -4.00 -52.82 67.00
N SER G 65 -3.10 -52.30 66.17
CA SER G 65 -3.06 -50.88 65.92
C SER G 65 -4.10 -50.48 64.84
N GLN G 66 -5.39 -50.40 65.22
CA GLN G 66 -6.49 -49.86 64.37
C GLN G 66 -6.07 -49.60 62.90
N VAL G 67 -5.65 -50.66 62.22
CA VAL G 67 -5.09 -50.59 60.87
C VAL G 67 -6.22 -50.56 59.84
N TYR G 68 -6.19 -49.55 58.97
CA TYR G 68 -7.22 -49.39 57.96
C TYR G 68 -7.08 -50.42 56.85
N ALA G 69 -5.86 -50.91 56.65
CA ALA G 69 -5.54 -51.80 55.53
C ALA G 69 -4.28 -52.64 55.78
N ILE G 70 -4.33 -53.92 55.37
CA ILE G 70 -3.24 -54.87 55.60
C ILE G 70 -2.59 -55.33 54.29
N LEU G 71 -1.51 -54.66 53.87
CA LEU G 71 -0.73 -55.04 52.69
C LEU G 71 -0.11 -56.42 52.92
N VAL G 72 -0.16 -57.30 51.91
CA VAL G 72 0.44 -58.65 51.96
C VAL G 72 1.28 -58.99 50.74
N SER G 73 2.56 -59.16 50.99
CA SER G 73 3.46 -59.78 50.02
C SER G 73 4.22 -60.90 50.69
N HIS G 74 5.10 -61.55 49.92
CA HIS G 74 5.79 -62.78 50.34
C HIS G 74 6.99 -63.11 49.39
N PRO G 75 7.82 -64.15 49.70
CA PRO G 75 8.77 -64.69 48.71
C PRO G 75 8.12 -65.71 47.76
N PRO G 76 8.26 -65.53 46.42
CA PRO G 76 7.42 -66.31 45.47
C PRO G 76 8.00 -67.63 44.93
N THR G 77 7.94 -68.68 45.75
CA THR G 77 8.25 -70.07 45.31
C THR G 77 6.93 -70.79 44.85
N PRO G 78 6.80 -72.15 45.02
CA PRO G 78 5.42 -72.68 44.98
C PRO G 78 4.66 -72.66 46.32
N ASN G 79 5.37 -72.84 47.44
CA ASN G 79 4.76 -72.94 48.79
C ASN G 79 4.16 -71.63 49.38
N ASP G 80 4.45 -70.50 48.72
CA ASP G 80 4.04 -69.17 49.20
C ASP G 80 2.91 -68.47 48.38
N HIS G 81 2.08 -69.25 47.67
CA HIS G 81 0.82 -68.73 47.08
C HIS G 81 -0.45 -68.96 47.95
N PHE G 82 -0.33 -69.80 48.97
CA PHE G 82 -1.31 -69.88 50.07
C PHE G 82 -0.70 -69.41 51.42
N THR G 83 0.03 -68.30 51.35
CA THR G 83 0.37 -67.52 52.52
C THR G 83 -0.94 -66.84 52.98
N PRO G 84 -1.56 -65.97 52.15
CA PRO G 84 -2.52 -65.05 52.73
C PRO G 84 -4.00 -65.51 52.83
N THR G 85 -4.28 -66.81 52.84
CA THR G 85 -5.63 -67.26 53.25
C THR G 85 -5.94 -66.78 54.69
N PRO G 86 -5.07 -67.06 55.69
CA PRO G 86 -5.13 -66.45 57.03
C PRO G 86 -5.34 -64.94 57.04
N VAL G 87 -4.55 -64.21 56.26
CA VAL G 87 -4.64 -62.77 56.25
C VAL G 87 -6.07 -62.37 55.86
N SER G 88 -6.65 -63.15 54.93
CA SER G 88 -7.94 -62.83 54.33
C SER G 88 -9.19 -63.36 55.06
N TYR G 89 -8.99 -64.25 56.03
CA TYR G 89 -10.03 -64.59 57.03
C TYR G 89 -10.00 -63.63 58.20
N THR G 90 -8.78 -63.35 58.68
CA THR G 90 -8.55 -62.47 59.81
C THR G 90 -9.06 -61.06 59.52
N ALA G 91 -8.76 -60.56 58.33
CA ALA G 91 -9.17 -59.23 57.96
C ALA G 91 -10.64 -59.20 57.56
N GLY G 92 -11.01 -60.13 56.67
CA GLY G 92 -12.37 -60.34 56.22
C GLY G 92 -13.42 -60.40 57.33
N PHE G 93 -13.05 -60.97 58.48
CA PHE G 93 -13.94 -61.02 59.65
C PHE G 93 -14.48 -59.63 59.96
N TYR G 94 -13.60 -58.62 59.88
CA TYR G 94 -13.91 -57.24 60.22
C TYR G 94 -14.18 -56.32 59.04
N ARG G 95 -13.87 -56.81 57.84
CA ARG G 95 -13.92 -56.06 56.57
C ARG G 95 -12.85 -54.96 56.50
N ILE G 96 -11.65 -55.33 56.94
CA ILE G 96 -10.44 -54.51 56.77
C ILE G 96 -9.78 -54.93 55.45
N PRO G 97 -9.62 -53.99 54.51
CA PRO G 97 -8.96 -54.33 53.25
C PRO G 97 -7.66 -55.12 53.39
N VAL G 98 -7.52 -56.14 52.56
CA VAL G 98 -6.24 -56.80 52.32
C VAL G 98 -5.77 -56.48 50.87
N LEU G 99 -4.73 -55.68 50.78
CA LEU G 99 -4.09 -55.38 49.51
C LEU G 99 -3.14 -56.54 49.21
N GLY G 100 -3.55 -57.46 48.32
CA GLY G 100 -2.67 -58.53 47.84
C GLY G 100 -1.55 -57.94 46.99
N LEU G 101 -0.32 -58.42 47.21
CA LEU G 101 0.84 -57.84 46.48
C LEU G 101 1.54 -58.75 45.47
N THR G 102 1.58 -60.04 45.76
CA THR G 102 2.34 -60.96 44.92
C THR G 102 1.70 -62.33 44.72
N THR G 103 0.48 -62.53 45.25
CA THR G 103 -0.17 -63.85 45.17
C THR G 103 -1.06 -64.02 43.93
N ARG G 104 -0.89 -65.16 43.25
CA ARG G 104 -1.52 -65.40 41.94
C ARG G 104 -2.48 -66.60 41.91
N MET G 105 -3.23 -66.80 42.98
CA MET G 105 -4.30 -67.81 42.98
C MET G 105 -5.65 -67.13 42.82
N SER G 106 -6.46 -67.65 41.89
CA SER G 106 -7.74 -67.02 41.52
C SER G 106 -8.82 -67.16 42.59
N ILE G 107 -8.70 -68.17 43.47
CA ILE G 107 -9.55 -68.30 44.65
C ILE G 107 -9.69 -66.98 45.42
N TYR G 108 -8.63 -66.17 45.48
CA TYR G 108 -8.64 -64.86 46.17
C TYR G 108 -9.54 -63.79 45.55
N SER G 109 -9.58 -63.74 44.21
CA SER G 109 -10.55 -62.91 43.49
C SER G 109 -11.94 -63.47 43.70
N ASP G 110 -12.05 -64.75 43.33
CA ASP G 110 -13.27 -65.47 42.96
C ASP G 110 -14.56 -64.69 43.17
N LYS G 111 -15.36 -64.63 42.10
CA LYS G 111 -16.71 -64.06 42.13
C LYS G 111 -17.39 -64.50 43.41
N SER G 112 -17.31 -63.62 44.41
CA SER G 112 -17.76 -63.87 45.77
C SER G 112 -17.00 -65.03 46.46
N ILE G 113 -15.96 -64.67 47.23
CA ILE G 113 -15.37 -65.57 48.26
C ILE G 113 -14.56 -64.79 49.29
N HIS G 114 -13.71 -63.89 48.81
CA HIS G 114 -12.80 -63.13 49.66
C HIS G 114 -13.21 -61.67 49.61
N LEU G 115 -14.14 -61.37 50.52
CA LEU G 115 -14.86 -60.12 50.57
C LEU G 115 -14.01 -58.87 50.76
N SER G 116 -12.87 -59.00 51.43
CA SER G 116 -12.01 -57.85 51.73
C SER G 116 -10.70 -57.79 50.95
N PHE G 117 -10.60 -58.54 49.84
CA PHE G 117 -9.29 -58.78 49.17
C PHE G 117 -9.06 -58.10 47.81
N LEU G 118 -8.23 -57.05 47.83
CA LEU G 118 -7.74 -56.37 46.63
C LEU G 118 -6.43 -57.04 46.19
N ARG G 119 -5.96 -56.70 44.99
CA ARG G 119 -4.53 -56.88 44.64
C ARG G 119 -4.03 -56.01 43.47
N THR G 120 -2.72 -55.81 43.41
CA THR G 120 -2.08 -54.96 42.41
C THR G 120 -1.64 -55.75 41.18
N VAL G 121 -2.26 -56.91 40.94
CA VAL G 121 -1.71 -57.94 40.05
C VAL G 121 -2.76 -59.01 39.63
N PRO G 122 -2.88 -59.30 38.32
CA PRO G 122 -3.90 -60.25 37.88
C PRO G 122 -3.51 -61.71 38.16
N PRO G 123 -4.50 -62.63 38.34
CA PRO G 123 -4.15 -64.00 38.68
C PRO G 123 -3.87 -64.82 37.42
N TYR G 124 -3.60 -66.10 37.63
CA TYR G 124 -3.43 -67.05 36.55
C TYR G 124 -4.65 -67.05 35.66
N SER G 125 -5.83 -67.27 36.22
CA SER G 125 -7.06 -67.34 35.43
C SER G 125 -7.26 -66.22 34.39
N HIS G 126 -6.57 -65.09 34.55
CA HIS G 126 -6.53 -64.03 33.51
C HIS G 126 -5.75 -64.43 32.23
N GLN G 127 -4.76 -65.31 32.38
CA GLN G 127 -3.92 -65.87 31.29
C GLN G 127 -4.72 -66.40 30.09
N SER G 128 -5.91 -66.96 30.37
CA SER G 128 -6.84 -67.41 29.36
C SER G 128 -7.38 -66.30 28.42
N SER G 129 -7.47 -65.05 28.91
CA SER G 129 -7.84 -63.92 28.05
C SER G 129 -6.74 -63.67 27.00
N VAL G 130 -5.49 -63.76 27.44
CA VAL G 130 -4.33 -63.65 26.55
C VAL G 130 -4.18 -64.89 25.68
N TRP G 131 -4.57 -66.06 26.19
CA TRP G 131 -4.64 -67.27 25.36
C TRP G 131 -5.70 -67.10 24.26
N PHE G 132 -6.79 -66.39 24.58
CA PHE G 132 -7.85 -66.06 23.61
C PHE G 132 -7.33 -65.15 22.51
N GLU G 133 -6.62 -64.09 22.89
CA GLU G 133 -5.98 -63.20 21.92
C GLU G 133 -4.78 -63.84 21.25
N MET G 134 -4.07 -64.71 21.98
CA MET G 134 -3.05 -65.58 21.40
C MET G 134 -3.67 -66.39 20.25
N MET G 135 -4.80 -67.03 20.50
CA MET G 135 -5.48 -67.90 19.51
C MET G 135 -5.92 -67.14 18.27
N ARG G 136 -6.25 -65.87 18.47
CA ARG G 136 -6.91 -65.04 17.48
C ARG G 136 -5.91 -64.63 16.37
N VAL G 137 -4.76 -64.12 16.78
CA VAL G 137 -3.58 -64.02 15.92
C VAL G 137 -2.99 -65.44 15.90
N TYR G 138 -2.16 -65.78 14.91
CA TYR G 138 -1.66 -67.17 14.70
C TYR G 138 -2.74 -68.21 14.28
N SER G 139 -4.04 -67.86 14.46
CA SER G 139 -5.21 -68.59 13.88
C SER G 139 -5.56 -69.97 14.44
N TRP G 140 -5.24 -70.17 15.73
CA TRP G 140 -5.47 -71.44 16.41
C TRP G 140 -6.97 -71.65 16.63
N ASN G 141 -7.63 -72.19 15.61
CA ASN G 141 -9.09 -72.38 15.61
C ASN G 141 -9.58 -73.71 16.15
N HIS G 142 -8.66 -74.63 16.41
CA HIS G 142 -9.01 -75.91 17.02
C HIS G 142 -8.04 -76.14 18.15
N ILE G 143 -8.61 -76.48 19.31
CA ILE G 143 -7.86 -76.59 20.56
C ILE G 143 -8.35 -77.76 21.42
N ILE G 144 -7.45 -78.19 22.30
CA ILE G 144 -7.75 -79.10 23.36
C ILE G 144 -7.21 -78.37 24.60
N LEU G 145 -8.11 -78.00 25.53
CA LEU G 145 -7.74 -77.27 26.75
C LEU G 145 -7.72 -78.22 27.94
N LEU G 146 -6.52 -78.68 28.33
CA LEU G 146 -6.42 -79.54 29.52
C LEU G 146 -5.88 -78.84 30.78
N VAL G 147 -6.57 -79.05 31.90
CA VAL G 147 -6.26 -78.36 33.14
C VAL G 147 -6.32 -79.30 34.35
N SER G 148 -5.63 -78.91 35.43
CA SER G 148 -5.75 -79.53 36.75
C SER G 148 -7.16 -79.33 37.29
N ASP G 149 -7.71 -80.37 37.91
CA ASP G 149 -9.00 -80.25 38.62
C ASP G 149 -8.79 -79.73 40.05
N ASP G 150 -8.64 -78.41 40.13
CA ASP G 150 -8.56 -77.65 41.38
C ASP G 150 -9.44 -76.40 41.20
N HIS G 151 -9.36 -75.45 42.14
CA HIS G 151 -10.06 -74.16 41.93
C HIS G 151 -9.37 -73.35 40.84
N GLU G 152 -8.07 -73.55 40.69
CA GLU G 152 -7.27 -72.76 39.77
C GLU G 152 -7.58 -73.12 38.34
N GLY G 153 -7.32 -74.38 37.97
CA GLY G 153 -7.56 -74.93 36.62
C GLY G 153 -8.97 -74.74 36.09
N ARG G 154 -9.96 -74.94 36.97
CA ARG G 154 -11.37 -74.63 36.70
C ARG G 154 -11.62 -73.15 36.33
N ALA G 155 -10.89 -72.23 36.97
CA ALA G 155 -10.98 -70.78 36.71
C ALA G 155 -10.17 -70.37 35.48
N ALA G 156 -9.08 -71.09 35.22
CA ALA G 156 -8.35 -70.91 33.97
C ALA G 156 -9.12 -71.52 32.80
N GLN G 157 -9.93 -72.55 33.06
CA GLN G 157 -10.76 -73.14 31.99
C GLN G 157 -12.02 -72.32 31.72
N LYS G 158 -12.78 -71.96 32.76
CA LYS G 158 -14.13 -71.36 32.59
C LYS G 158 -14.13 -70.00 31.89
N ARG G 159 -13.12 -69.20 32.17
CA ARG G 159 -12.94 -67.94 31.45
C ARG G 159 -12.81 -68.19 29.95
N LEU G 160 -11.85 -69.04 29.58
CA LEU G 160 -11.51 -69.36 28.18
C LEU G 160 -12.74 -69.78 27.35
N GLU G 161 -13.52 -70.71 27.91
CA GLU G 161 -14.79 -71.17 27.34
C GLU G 161 -15.71 -70.02 26.91
N THR G 162 -16.04 -69.12 27.87
CA THR G 162 -16.76 -67.86 27.59
C THR G 162 -16.12 -67.03 26.50
N LEU G 163 -14.80 -66.86 26.56
CA LEU G 163 -14.07 -66.12 25.52
C LEU G 163 -14.25 -66.72 24.10
N LEU G 164 -14.34 -68.05 24.04
CA LEU G 164 -14.64 -68.75 22.81
C LEU G 164 -16.12 -68.78 22.47
N GLU G 165 -16.97 -68.93 23.50
CA GLU G 165 -18.41 -69.13 23.34
C GLU G 165 -19.15 -67.96 22.69
N GLU G 166 -18.62 -66.75 22.87
CA GLU G 166 -19.17 -65.57 22.21
C GLU G 166 -18.64 -65.40 20.77
N ARG G 167 -17.91 -66.42 20.31
CA ARG G 167 -17.72 -66.69 18.89
C ARG G 167 -18.44 -68.04 18.59
N GLU G 168 -18.64 -68.36 17.31
CA GLU G 168 -19.05 -69.72 16.87
C GLU G 168 -17.97 -70.79 17.16
N SER G 169 -17.47 -70.83 18.41
CA SER G 169 -16.47 -71.84 18.85
C SER G 169 -16.42 -72.15 20.34
N LYS G 170 -15.55 -73.10 20.69
CA LYS G 170 -15.14 -73.55 22.05
C LYS G 170 -14.07 -74.64 21.82
N ALA G 171 -13.66 -75.35 22.87
CA ALA G 171 -12.69 -76.44 22.73
C ALA G 171 -13.29 -77.63 21.98
N GLU G 172 -12.44 -78.32 21.19
CA GLU G 172 -12.85 -79.55 20.49
C GLU G 172 -13.16 -80.64 21.52
N LYS G 173 -12.34 -80.66 22.58
CA LYS G 173 -12.47 -81.54 23.74
C LYS G 173 -11.73 -80.91 24.93
N VAL G 174 -12.41 -80.78 26.06
CA VAL G 174 -11.74 -80.37 27.31
C VAL G 174 -11.22 -81.61 28.05
N LEU G 175 -10.03 -81.49 28.63
CA LEU G 175 -9.47 -82.53 29.47
C LEU G 175 -9.19 -82.03 30.87
N GLN G 176 -9.57 -82.84 31.84
CA GLN G 176 -9.32 -82.54 33.24
C GLN G 176 -8.77 -83.79 33.89
N PHE G 177 -7.65 -83.62 34.57
CA PHE G 177 -7.01 -84.69 35.31
C PHE G 177 -7.06 -84.43 36.82
N ASP G 178 -6.67 -85.41 37.63
CA ASP G 178 -6.58 -85.24 39.08
C ASP G 178 -5.22 -84.69 39.43
N PRO G 179 -5.17 -83.52 40.12
CA PRO G 179 -3.91 -82.97 40.58
C PRO G 179 -3.20 -83.92 41.55
N GLY G 180 -1.87 -83.98 41.44
CA GLY G 180 -1.05 -84.80 42.31
C GLY G 180 -0.52 -86.07 41.64
N THR G 181 -1.09 -86.39 40.47
CA THR G 181 -0.75 -87.63 39.77
C THR G 181 0.58 -87.61 39.01
N LYS G 182 1.32 -88.71 39.16
CA LYS G 182 2.50 -89.03 38.35
C LYS G 182 2.14 -90.05 37.24
N ASN G 183 0.89 -90.50 37.23
CA ASN G 183 0.29 -91.19 36.06
C ASN G 183 -0.55 -90.20 35.25
N VAL G 184 0.03 -89.79 34.11
CA VAL G 184 -0.65 -88.90 33.18
C VAL G 184 -0.92 -89.68 31.89
N THR G 185 0.02 -90.57 31.55
CA THR G 185 -0.02 -91.40 30.35
C THR G 185 -1.43 -91.79 29.93
N ALA G 186 -2.19 -92.35 30.87
CA ALA G 186 -3.61 -92.69 30.69
C ALA G 186 -4.35 -91.75 29.73
N LEU G 187 -4.25 -90.45 30.01
CA LEU G 187 -5.00 -89.41 29.30
C LEU G 187 -4.38 -88.89 27.98
N LEU G 188 -3.06 -88.89 27.90
CA LEU G 188 -2.37 -88.34 26.72
C LEU G 188 -2.26 -89.31 25.56
N MET G 189 -2.48 -90.61 25.82
CA MET G 189 -2.79 -91.60 24.76
C MET G 189 -4.06 -91.17 24.01
N GLU G 190 -5.12 -90.81 24.76
CA GLU G 190 -6.41 -90.46 24.19
C GLU G 190 -6.38 -89.14 23.39
N ALA G 191 -5.63 -88.16 23.92
CA ALA G 191 -5.57 -86.77 23.41
C ALA G 191 -4.92 -86.67 22.02
N LYS G 192 -3.88 -87.48 21.83
CA LYS G 192 -3.21 -87.58 20.55
C LYS G 192 -4.16 -88.05 19.41
N GLU G 193 -5.17 -88.87 19.78
CA GLU G 193 -6.04 -89.53 18.80
C GLU G 193 -7.22 -88.66 18.35
N LEU G 194 -6.90 -87.43 17.93
CA LEU G 194 -7.87 -86.47 17.40
C LEU G 194 -7.21 -85.61 16.33
N GLU G 195 -7.99 -84.71 15.71
CA GLU G 195 -7.48 -83.76 14.71
C GLU G 195 -6.54 -82.67 15.30
N ALA G 196 -7.14 -81.79 16.12
CA ALA G 196 -6.51 -80.61 16.68
C ALA G 196 -5.11 -80.95 17.13
N ARG G 197 -4.16 -80.13 16.71
CA ARG G 197 -2.75 -80.36 17.02
C ARG G 197 -2.14 -79.30 17.94
N VAL G 198 -2.95 -78.31 18.34
CA VAL G 198 -2.56 -77.33 19.36
C VAL G 198 -3.23 -77.72 20.68
N ILE G 199 -2.47 -77.61 21.78
CA ILE G 199 -2.92 -78.08 23.12
C ILE G 199 -2.61 -77.04 24.21
N ILE G 200 -3.57 -76.81 25.12
CA ILE G 200 -3.42 -75.81 26.19
C ILE G 200 -3.39 -76.44 27.60
N LEU G 201 -2.61 -75.84 28.51
CA LEU G 201 -2.38 -76.41 29.84
C LEU G 201 -2.36 -75.39 30.99
N SER G 202 -3.12 -75.69 32.05
CA SER G 202 -3.08 -74.91 33.29
C SER G 202 -2.87 -75.83 34.51
N ALA G 203 -1.74 -76.53 34.47
CA ALA G 203 -1.32 -77.41 35.55
C ALA G 203 -0.30 -76.71 36.47
N SER G 204 -0.03 -77.32 37.63
CA SER G 204 0.95 -76.80 38.61
C SER G 204 2.35 -76.89 38.05
N GLU G 205 3.28 -76.15 38.64
CA GLU G 205 4.68 -76.26 38.26
C GLU G 205 5.17 -77.71 38.35
N ASP G 206 4.70 -78.45 39.37
CA ASP G 206 5.03 -79.86 39.54
C ASP G 206 4.18 -80.79 38.69
N ASP G 207 2.86 -80.54 38.65
CA ASP G 207 1.96 -81.36 37.86
C ASP G 207 2.13 -81.17 36.34
N ALA G 208 2.40 -79.93 35.92
CA ALA G 208 2.69 -79.59 34.51
C ALA G 208 3.98 -80.25 34.04
N ALA G 209 4.95 -80.35 34.94
CA ALA G 209 6.22 -81.04 34.69
C ALA G 209 5.92 -82.45 34.21
N THR G 210 5.18 -83.19 35.05
CA THR G 210 4.74 -84.57 34.78
C THR G 210 4.33 -84.72 33.34
N VAL G 211 3.27 -84.01 32.98
CA VAL G 211 2.65 -84.10 31.65
C VAL G 211 3.59 -83.69 30.51
N TYR G 212 4.56 -82.83 30.77
CA TYR G 212 5.55 -82.49 29.74
C TYR G 212 6.51 -83.62 29.41
N ARG G 213 6.89 -84.44 30.41
CA ARG G 213 7.67 -85.64 30.11
C ARG G 213 6.76 -86.84 29.79
N ALA G 214 5.53 -86.80 30.31
CA ALA G 214 4.47 -87.79 30.01
C ALA G 214 3.94 -87.66 28.60
N ALA G 215 3.91 -86.42 28.10
CA ALA G 215 3.63 -86.12 26.69
C ALA G 215 4.86 -86.37 25.81
N ALA G 216 6.05 -86.06 26.34
CA ALA G 216 7.32 -86.21 25.63
C ALA G 216 7.50 -87.64 25.12
N MET G 217 7.37 -88.59 26.06
CA MET G 217 7.45 -90.00 25.76
C MET G 217 6.42 -90.39 24.69
N LEU G 218 5.17 -89.97 24.89
CA LEU G 218 4.05 -90.40 24.05
C LEU G 218 3.88 -89.64 22.72
N ASN G 219 5.01 -89.13 22.22
CA ASN G 219 5.17 -88.49 20.88
C ASN G 219 4.30 -87.22 20.65
N MET G 220 4.08 -86.46 21.73
CA MET G 220 3.47 -85.13 21.63
C MET G 220 4.50 -84.07 22.04
N THR G 221 5.44 -83.83 21.14
CA THR G 221 6.47 -82.79 21.26
C THR G 221 6.80 -82.26 19.86
N GLY G 222 7.31 -83.14 18.99
CA GLY G 222 7.80 -82.78 17.66
C GLY G 222 6.72 -82.45 16.64
N SER G 223 7.15 -82.41 15.37
CA SER G 223 6.27 -82.25 14.20
C SER G 223 5.26 -81.10 14.33
N GLY G 224 4.04 -81.31 13.84
CA GLY G 224 3.03 -80.25 13.71
C GLY G 224 2.46 -79.67 15.00
N TYR G 225 2.81 -80.28 16.14
CA TYR G 225 2.34 -79.84 17.47
C TYR G 225 2.78 -78.44 17.85
N VAL G 226 1.90 -77.71 18.54
CA VAL G 226 2.28 -76.47 19.28
C VAL G 226 1.79 -76.60 20.71
N TRP G 227 2.67 -76.32 21.66
CA TRP G 227 2.27 -76.20 23.05
C TRP G 227 2.21 -74.74 23.50
N LEU G 228 1.06 -74.36 24.05
CA LEU G 228 0.80 -73.01 24.53
C LEU G 228 0.29 -73.06 25.99
N VAL G 229 0.95 -72.31 26.88
CA VAL G 229 0.59 -72.30 28.33
C VAL G 229 0.68 -70.88 28.91
N GLY G 230 0.75 -70.78 30.25
CA GLY G 230 0.98 -69.51 30.96
C GLY G 230 2.13 -69.63 31.94
N GLU G 231 2.31 -68.62 32.80
CA GLU G 231 3.30 -68.68 33.88
C GLU G 231 3.03 -69.91 34.75
N ARG G 232 4.06 -70.35 35.48
CA ARG G 232 4.03 -71.55 36.34
C ARG G 232 4.34 -72.76 35.50
N GLU G 233 3.51 -73.01 34.49
CA GLU G 233 3.75 -74.09 33.51
C GLU G 233 5.11 -73.95 32.76
N ILE G 234 5.86 -72.88 33.08
CA ILE G 234 7.30 -72.73 32.75
C ILE G 234 8.15 -72.18 33.94
N SER G 235 7.93 -72.73 35.13
CA SER G 235 8.69 -72.37 36.34
C SER G 235 9.08 -73.62 37.11
N GLY G 236 10.34 -73.71 37.52
CA GLY G 236 10.80 -74.84 38.31
C GLY G 236 10.85 -76.09 37.49
N ASN G 237 10.14 -77.13 37.92
CA ASN G 237 10.14 -78.44 37.25
C ASN G 237 9.30 -78.45 35.97
N ALA G 238 8.26 -77.63 35.94
CA ALA G 238 7.70 -77.21 34.67
C ALA G 238 8.74 -76.32 34.00
N LEU G 239 8.98 -76.58 32.72
CA LEU G 239 10.12 -76.04 31.92
C LEU G 239 11.28 -77.04 31.82
N ARG G 240 11.65 -77.65 32.94
CA ARG G 240 12.79 -78.56 33.01
C ARG G 240 12.49 -79.99 32.53
N TYR G 241 11.27 -80.20 32.04
CA TYR G 241 10.91 -81.39 31.27
C TYR G 241 10.03 -81.02 30.07
N ALA G 242 9.83 -79.72 29.87
CA ALA G 242 9.07 -79.18 28.74
C ALA G 242 9.74 -79.47 27.38
N PRO G 243 9.06 -79.14 26.25
CA PRO G 243 9.71 -79.17 24.95
C PRO G 243 9.98 -77.79 24.31
N ASP G 244 11.12 -77.69 23.62
CA ASP G 244 11.53 -76.48 22.87
C ASP G 244 10.41 -76.04 21.94
N GLY G 245 10.15 -74.73 21.91
CA GLY G 245 9.06 -74.18 21.09
C GLY G 245 7.75 -74.02 21.84
N ILE G 246 7.75 -74.31 23.14
CA ILE G 246 6.61 -73.99 24.01
C ILE G 246 6.44 -72.44 24.09
N LEU G 247 5.19 -71.99 24.22
CA LEU G 247 4.92 -70.56 24.51
C LEU G 247 4.17 -70.33 25.81
N GLY G 248 4.93 -69.98 26.83
CA GLY G 248 4.37 -69.53 28.10
C GLY G 248 4.39 -68.02 28.16
N LEU G 249 3.71 -67.48 29.16
CA LEU G 249 3.63 -66.03 29.36
C LEU G 249 4.32 -65.67 30.68
N GLN G 250 5.08 -64.58 30.65
CA GLN G 250 5.70 -64.09 31.88
C GLN G 250 5.17 -62.74 32.29
N LEU G 251 4.69 -62.68 33.54
CA LEU G 251 4.07 -61.50 34.10
C LEU G 251 5.14 -60.45 34.34
N ILE G 252 5.17 -59.44 33.48
CA ILE G 252 6.14 -58.34 33.57
C ILE G 252 5.95 -57.69 34.94
N ASN G 253 7.04 -57.62 35.71
CA ASN G 253 7.08 -57.10 37.08
C ASN G 253 6.25 -57.94 38.06
N GLY G 254 5.93 -59.17 37.67
CA GLY G 254 5.04 -60.02 38.45
C GLY G 254 5.56 -60.42 39.80
N LYS G 255 6.89 -60.37 39.92
CA LYS G 255 7.60 -60.75 41.14
C LYS G 255 8.48 -59.57 41.61
N ASN G 256 8.11 -58.36 41.15
CA ASN G 256 8.79 -57.09 41.47
C ASN G 256 8.09 -56.41 42.65
N GLU G 257 8.30 -57.00 43.84
CA GLU G 257 7.67 -56.59 45.12
C GLU G 257 8.02 -55.16 45.51
N SER G 258 9.29 -54.79 45.30
CA SER G 258 9.76 -53.42 45.46
C SER G 258 8.89 -52.44 44.68
N ALA G 259 8.85 -52.62 43.36
CA ALA G 259 8.04 -51.81 42.45
C ALA G 259 6.55 -51.88 42.79
N HIS G 260 6.07 -53.07 43.17
CA HIS G 260 4.67 -53.25 43.58
C HIS G 260 4.31 -52.44 44.85
N ILE G 261 5.04 -52.63 45.96
CA ILE G 261 4.73 -51.99 47.28
C ILE G 261 4.42 -50.50 47.17
N SER G 262 5.27 -49.81 46.39
CA SER G 262 5.11 -48.41 45.97
C SER G 262 3.77 -48.05 45.29
N ASP G 263 3.09 -49.05 44.71
CA ASP G 263 1.76 -48.86 44.09
C ASP G 263 0.64 -49.08 45.09
N ALA G 264 0.85 -50.04 45.98
CA ALA G 264 -0.08 -50.36 47.07
C ALA G 264 -0.12 -49.25 48.12
N VAL G 265 0.95 -48.45 48.22
CA VAL G 265 0.99 -47.35 49.19
C VAL G 265 0.35 -46.04 48.65
N GLY G 266 0.52 -45.79 47.35
CA GLY G 266 -0.15 -44.70 46.63
C GLY G 266 -1.64 -44.89 46.35
N VAL G 267 -2.09 -46.15 46.21
CA VAL G 267 -3.53 -46.44 46.10
C VAL G 267 -4.23 -46.40 47.46
N VAL G 268 -3.56 -46.90 48.52
CA VAL G 268 -4.10 -46.82 49.89
C VAL G 268 -4.09 -45.36 50.40
N ALA G 269 -3.24 -44.53 49.80
CA ALA G 269 -3.14 -43.10 50.14
C ALA G 269 -4.15 -42.22 49.41
N GLN G 270 -4.25 -42.38 48.08
CA GLN G 270 -5.20 -41.59 47.28
C GLN G 270 -6.64 -41.92 47.66
N ALA G 271 -6.86 -43.16 48.10
CA ALA G 271 -8.19 -43.59 48.56
C ALA G 271 -8.53 -43.14 49.99
N VAL G 272 -7.52 -42.90 50.83
CA VAL G 272 -7.79 -42.44 52.21
C VAL G 272 -8.37 -41.00 52.26
N HIS G 273 -7.96 -40.18 51.28
CA HIS G 273 -8.57 -38.86 51.05
C HIS G 273 -9.97 -38.99 50.45
N GLU G 274 -10.15 -39.86 49.43
CA GLU G 274 -11.51 -40.22 48.93
C GLU G 274 -12.42 -40.87 50.00
N LEU G 275 -11.85 -41.18 51.20
CA LEU G 275 -12.61 -41.68 52.37
C LEU G 275 -13.05 -40.56 53.33
N LEU G 276 -12.08 -39.81 53.86
CA LEU G 276 -12.38 -38.85 54.95
C LEU G 276 -13.07 -37.53 54.50
N GLU G 277 -13.06 -37.28 53.19
CA GLU G 277 -13.80 -36.21 52.53
C GLU G 277 -15.29 -36.63 52.31
N LYS G 278 -15.77 -37.56 53.15
CA LYS G 278 -17.19 -37.99 53.14
C LYS G 278 -17.79 -37.88 54.55
N GLU G 279 -19.12 -37.66 54.61
CA GLU G 279 -19.90 -37.69 55.87
C GLU G 279 -19.88 -39.10 56.46
N ASN G 280 -20.30 -39.22 57.73
CA ASN G 280 -20.45 -40.51 58.44
C ASN G 280 -19.25 -41.49 58.28
N ILE G 281 -18.19 -41.18 59.01
CA ILE G 281 -16.87 -41.77 58.80
C ILE G 281 -16.37 -42.46 60.08
N THR G 282 -16.70 -43.74 60.23
CA THR G 282 -16.41 -44.48 61.48
C THR G 282 -15.06 -45.23 61.52
N ASP G 283 -14.58 -45.43 62.75
CA ASP G 283 -13.33 -46.12 63.02
C ASP G 283 -13.35 -47.62 62.66
N PRO G 284 -12.16 -48.23 62.46
CA PRO G 284 -12.00 -49.69 62.49
C PRO G 284 -11.92 -50.23 63.92
N PRO G 285 -12.30 -51.53 64.14
CA PRO G 285 -12.31 -52.10 65.50
C PRO G 285 -10.90 -52.20 66.06
N ARG G 286 -10.80 -52.20 67.39
CA ARG G 286 -9.51 -52.15 68.09
C ARG G 286 -8.67 -53.43 67.91
N GLY G 287 -8.51 -54.20 68.98
CA GLY G 287 -7.64 -55.36 68.93
C GLY G 287 -8.32 -56.51 68.21
N CYS G 288 -7.95 -57.72 68.62
CA CYS G 288 -8.64 -58.91 68.17
C CYS G 288 -9.45 -59.57 69.30
N VAL G 289 -8.80 -59.85 70.44
CA VAL G 289 -9.47 -60.55 71.57
C VAL G 289 -10.64 -59.77 72.13
N GLY G 290 -11.74 -60.49 72.33
CA GLY G 290 -12.99 -59.92 72.82
C GLY G 290 -13.62 -58.79 72.01
N ASN G 291 -13.42 -58.81 70.69
CA ASN G 291 -14.23 -57.98 69.78
C ASN G 291 -14.52 -58.73 68.49
N THR G 292 -15.82 -58.96 68.27
CA THR G 292 -16.33 -59.83 67.21
C THR G 292 -17.26 -59.12 66.20
N ASN G 293 -17.00 -57.83 65.94
CA ASN G 293 -17.79 -57.02 64.97
C ASN G 293 -17.01 -56.05 64.03
N ILE G 294 -17.60 -55.80 62.87
CA ILE G 294 -17.02 -54.96 61.80
C ILE G 294 -17.06 -53.46 62.10
N TRP G 295 -16.60 -52.67 61.13
CA TRP G 295 -16.80 -51.23 61.09
C TRP G 295 -17.46 -50.94 59.75
N LYS G 296 -18.69 -50.44 59.75
CA LYS G 296 -19.46 -50.39 58.48
C LYS G 296 -18.96 -49.41 57.42
N THR G 297 -18.00 -48.58 57.80
CA THR G 297 -17.12 -47.91 56.85
C THR G 297 -15.87 -48.78 56.60
N GLY G 298 -16.06 -50.10 56.65
CA GLY G 298 -15.10 -51.11 56.20
C GLY G 298 -15.41 -51.49 54.76
N PRO G 299 -16.67 -51.91 54.50
CA PRO G 299 -17.07 -52.11 53.10
C PRO G 299 -17.05 -50.80 52.31
N LEU G 300 -17.47 -49.70 52.93
CA LEU G 300 -17.55 -48.40 52.25
C LEU G 300 -16.17 -47.93 51.83
N PHE G 301 -15.15 -48.30 52.59
CA PHE G 301 -13.75 -48.03 52.25
C PHE G 301 -13.29 -48.95 51.11
N LYS G 302 -13.56 -50.24 51.23
CA LYS G 302 -13.22 -51.19 50.18
C LYS G 302 -13.93 -50.90 48.84
N ARG G 303 -15.04 -50.17 48.86
CA ARG G 303 -15.66 -49.67 47.63
C ARG G 303 -15.02 -48.39 47.11
N VAL G 304 -14.40 -47.62 48.03
CA VAL G 304 -13.56 -46.46 47.64
C VAL G 304 -12.24 -47.00 47.14
N LEU G 305 -11.81 -48.12 47.72
CA LEU G 305 -10.69 -48.89 47.19
C LEU G 305 -10.99 -49.41 45.79
N MET G 306 -12.04 -50.24 45.69
CA MET G 306 -12.29 -51.09 44.52
C MET G 306 -12.37 -50.36 43.18
N SER G 307 -13.01 -49.18 43.16
CA SER G 307 -12.99 -48.33 41.96
C SER G 307 -12.06 -47.12 42.15
N SER G 308 -10.78 -47.43 42.35
CA SER G 308 -9.74 -46.42 42.40
C SER G 308 -8.83 -46.54 41.18
N LYS G 309 -8.71 -45.43 40.45
CA LYS G 309 -7.76 -45.29 39.33
C LYS G 309 -6.58 -44.47 39.82
N TYR G 310 -5.40 -44.73 39.25
CA TYR G 310 -4.13 -44.27 39.80
C TYR G 310 -3.06 -44.29 38.71
N ALA G 311 -3.06 -43.20 37.92
CA ALA G 311 -2.06 -42.95 36.89
C ALA G 311 -0.66 -42.89 37.52
N ASP G 312 0.37 -43.19 36.72
CA ASP G 312 1.78 -43.21 37.17
C ASP G 312 2.05 -44.15 38.35
N GLY G 313 1.64 -45.41 38.21
CA GLY G 313 2.01 -46.46 39.13
C GLY G 313 3.50 -46.71 38.95
N VAL G 314 3.81 -47.80 38.26
CA VAL G 314 5.16 -48.13 37.71
C VAL G 314 4.94 -49.29 36.78
N THR G 315 4.05 -50.18 37.23
CA THR G 315 3.44 -51.18 36.38
C THR G 315 2.30 -50.43 35.70
N GLY G 316 2.69 -49.41 34.92
CA GLY G 316 1.79 -48.43 34.31
C GLY G 316 0.77 -47.91 35.29
N ARG G 317 -0.47 -47.83 34.81
CA ARG G 317 -1.69 -47.55 35.56
C ARG G 317 -1.96 -48.61 36.65
N VAL G 318 -2.56 -48.19 37.76
CA VAL G 318 -3.20 -49.13 38.70
C VAL G 318 -4.71 -48.88 38.73
N GLU G 319 -5.46 -49.87 38.27
CA GLU G 319 -6.93 -49.89 38.39
C GLU G 319 -7.45 -51.31 38.46
N PHE G 320 -8.51 -51.50 39.25
CA PHE G 320 -9.07 -52.83 39.46
C PHE G 320 -10.41 -53.06 38.71
N ASN G 321 -11.09 -54.18 38.97
CA ASN G 321 -12.44 -54.39 38.44
C ASN G 321 -13.44 -54.81 39.52
N GLU G 322 -14.72 -54.95 39.16
CA GLU G 322 -15.75 -55.32 40.13
C GLU G 322 -15.56 -56.74 40.69
N ASP G 323 -15.04 -57.63 39.84
CA ASP G 323 -15.07 -59.11 39.95
C ASP G 323 -14.50 -59.65 41.26
N GLY G 324 -13.21 -59.97 41.27
CA GLY G 324 -12.41 -59.87 42.49
C GLY G 324 -12.12 -58.39 42.43
N ASP G 325 -10.85 -58.03 42.54
CA ASP G 325 -10.41 -56.75 42.00
C ASP G 325 -8.92 -56.77 41.67
N ARG G 326 -8.67 -57.00 40.40
CA ARG G 326 -7.33 -57.22 39.92
C ARG G 326 -7.08 -56.14 38.90
N LYS G 327 -5.80 -55.93 38.59
CA LYS G 327 -5.44 -55.00 37.55
C LYS G 327 -5.70 -55.59 36.16
N PHE G 328 -5.61 -54.73 35.15
CA PHE G 328 -5.20 -55.19 33.83
C PHE G 328 -3.83 -54.56 33.53
N ALA G 329 -2.79 -55.40 33.50
CA ALA G 329 -1.40 -54.98 33.36
C ALA G 329 -0.61 -55.91 32.44
N ASN G 330 0.41 -55.35 31.75
CA ASN G 330 1.23 -56.03 30.69
C ASN G 330 1.70 -57.48 30.97
N TYR G 331 1.81 -58.29 29.91
CA TYR G 331 2.39 -59.65 29.94
C TYR G 331 3.49 -59.78 28.86
N SER G 332 4.45 -60.69 29.06
CA SER G 332 5.56 -60.92 28.10
C SER G 332 5.63 -62.33 27.49
N ILE G 333 5.26 -62.45 26.20
CA ILE G 333 5.17 -63.76 25.52
C ILE G 333 6.55 -64.42 25.23
N MET G 334 6.99 -65.28 26.16
CA MET G 334 8.31 -65.94 26.14
C MET G 334 8.29 -67.28 25.45
N ASN G 335 9.06 -67.43 24.37
CA ASN G 335 9.25 -68.73 23.68
C ASN G 335 10.53 -69.44 24.11
N LEU G 336 10.47 -70.77 24.08
CA LEU G 336 11.58 -71.62 24.46
C LEU G 336 12.38 -72.10 23.24
N GLN G 337 13.69 -71.76 23.24
CA GLN G 337 14.63 -72.10 22.16
C GLN G 337 16.00 -72.53 22.78
N ASN G 338 16.35 -73.82 22.65
CA ASN G 338 17.41 -74.48 23.45
C ASN G 338 17.34 -74.22 24.96
N ARG G 339 16.30 -74.77 25.60
CA ARG G 339 16.03 -74.67 27.07
C ARG G 339 16.09 -73.23 27.67
N LYS G 340 16.00 -72.25 26.78
CA LYS G 340 16.30 -70.87 27.05
C LYS G 340 15.10 -70.04 26.63
N LEU G 341 14.56 -69.26 27.57
CA LEU G 341 13.39 -68.41 27.31
C LEU G 341 13.77 -67.00 26.85
N VAL G 342 13.43 -66.65 25.61
CA VAL G 342 13.69 -65.29 25.06
C VAL G 342 12.43 -64.63 24.51
N GLN G 343 12.20 -63.39 24.94
CA GLN G 343 10.99 -62.64 24.65
C GLN G 343 10.64 -62.69 23.16
N VAL G 344 9.45 -63.20 22.84
CA VAL G 344 8.98 -63.20 21.44
C VAL G 344 7.72 -62.33 21.26
N GLY G 345 7.63 -61.29 22.09
CA GLY G 345 6.51 -60.37 22.05
C GLY G 345 6.02 -60.00 23.43
N ILE G 346 4.98 -59.17 23.44
CA ILE G 346 4.42 -58.52 24.63
C ILE G 346 2.90 -58.37 24.41
N TYR G 347 2.13 -58.67 25.45
CA TYR G 347 0.70 -58.36 25.44
C TYR G 347 0.55 -57.12 26.30
N ASN G 348 0.08 -56.02 25.69
CA ASN G 348 -0.29 -54.81 26.46
C ASN G 348 -1.52 -55.13 27.29
N GLY G 349 -2.26 -54.14 27.77
CA GLY G 349 -3.50 -54.45 28.51
C GLY G 349 -4.67 -55.06 27.72
N THR G 350 -4.53 -55.16 26.39
CA THR G 350 -5.69 -55.32 25.50
C THR G 350 -5.45 -56.27 24.31
N HIS G 351 -4.26 -56.20 23.73
CA HIS G 351 -3.91 -56.95 22.52
C HIS G 351 -2.45 -57.49 22.51
N VAL G 352 -2.22 -58.50 21.66
CA VAL G 352 -0.93 -59.15 21.55
C VAL G 352 -0.12 -58.49 20.45
N ILE G 353 1.01 -57.86 20.80
CA ILE G 353 1.74 -57.02 19.83
C ILE G 353 3.18 -57.53 19.57
N PRO G 354 3.36 -58.45 18.59
CA PRO G 354 4.67 -59.02 18.18
C PRO G 354 5.89 -58.11 18.22
N ASN G 355 7.06 -58.75 18.37
CA ASN G 355 8.36 -58.10 18.30
C ASN G 355 9.12 -58.48 17.01
N ASP G 356 10.18 -57.73 16.70
CA ASP G 356 11.07 -58.04 15.55
C ASP G 356 11.80 -59.38 15.66
N ARG G 357 12.03 -59.88 16.88
CA ARG G 357 12.63 -61.19 17.08
C ARG G 357 11.69 -62.32 16.55
N LYS G 358 12.32 -63.38 16.03
CA LYS G 358 11.59 -64.49 15.38
C LYS G 358 11.05 -65.51 16.39
N ILE G 359 10.33 -66.53 15.88
CA ILE G 359 9.76 -67.59 16.71
C ILE G 359 9.93 -68.97 16.04
N ILE G 360 10.69 -69.86 16.68
CA ILE G 360 10.69 -71.27 16.27
C ILE G 360 9.61 -71.98 17.08
N TRP G 361 9.17 -73.16 16.61
CA TRP G 361 8.05 -73.91 17.20
C TRP G 361 8.43 -75.37 17.55
N PRO G 362 7.57 -76.11 18.34
CA PRO G 362 7.92 -77.48 18.72
C PRO G 362 8.13 -78.39 17.52
N GLY G 363 9.09 -79.31 17.65
CA GLY G 363 9.60 -80.13 16.55
C GLY G 363 10.68 -79.38 15.80
N GLY G 364 11.27 -78.38 16.46
CA GLY G 364 12.22 -77.44 15.86
C GLY G 364 11.67 -76.68 14.65
N GLU G 365 10.34 -76.66 14.54
CA GLU G 365 9.64 -76.26 13.33
C GLU G 365 9.88 -74.80 13.01
N THR G 366 10.56 -74.57 11.89
CA THR G 366 10.83 -73.21 11.45
C THR G 366 9.53 -72.46 11.10
N GLU G 367 8.62 -73.18 10.44
CA GLU G 367 7.33 -72.65 9.96
C GLU G 367 6.20 -72.91 10.96
N LYS G 368 5.16 -72.08 10.86
CA LYS G 368 3.98 -72.17 11.70
C LYS G 368 3.16 -73.44 11.34
N PRO G 369 2.79 -74.25 12.36
CA PRO G 369 1.84 -75.35 12.13
C PRO G 369 0.42 -74.86 11.80
N ARG G 370 -0.59 -75.67 12.12
CA ARG G 370 -1.98 -75.32 11.82
C ARG G 370 -3.03 -75.78 12.85
N GLY G 371 -2.59 -76.60 13.81
CA GLY G 371 -3.48 -77.52 14.52
C GLY G 371 -3.88 -78.48 13.43
N TYR G 372 -5.16 -78.87 13.41
CA TYR G 372 -5.83 -79.19 12.14
C TYR G 372 -5.13 -80.37 11.42
N GLN G 373 -4.91 -81.47 12.17
CA GLN G 373 -4.23 -82.74 11.73
C GLN G 373 -2.80 -82.69 11.13
N VAL G 374 -2.60 -81.87 10.08
CA VAL G 374 -1.40 -81.89 9.20
C VAL G 374 -1.33 -83.21 8.44
N GLN H 20 28.43 -89.71 12.38
CA GLN H 20 29.77 -89.43 11.76
C GLN H 20 29.84 -88.01 11.14
N VAL H 21 29.63 -87.02 11.99
CA VAL H 21 29.58 -85.63 11.56
C VAL H 21 30.78 -84.92 12.15
N GLN H 22 31.54 -84.24 11.28
CA GLN H 22 32.77 -83.54 11.67
C GLN H 22 32.62 -82.03 11.61
N LEU H 23 33.44 -81.37 12.42
CA LEU H 23 33.60 -79.93 12.38
C LEU H 23 35.06 -79.59 12.17
N GLN H 24 35.32 -78.48 11.48
CA GLN H 24 36.69 -77.97 11.24
C GLN H 24 36.64 -76.44 11.07
N GLU H 25 37.35 -75.72 11.96
CA GLU H 25 37.32 -74.24 11.99
C GLU H 25 38.48 -73.62 11.25
N SER H 26 38.17 -72.55 10.51
CA SER H 26 39.12 -71.87 9.61
C SER H 26 40.29 -71.25 10.36
N GLY H 27 41.44 -71.22 9.68
CA GLY H 27 42.76 -70.91 10.27
C GLY H 27 42.98 -69.68 11.15
N PRO H 28 43.97 -69.77 12.08
CA PRO H 28 44.25 -68.79 13.17
C PRO H 28 44.67 -67.36 12.73
N GLY H 29 45.33 -66.62 13.62
CA GLY H 29 45.85 -65.30 13.29
C GLY H 29 46.23 -64.38 14.43
N LEU H 30 45.97 -63.09 14.21
CA LEU H 30 46.48 -62.04 15.07
C LEU H 30 45.66 -60.75 14.86
N VAL H 31 44.82 -60.45 15.84
CA VAL H 31 43.96 -59.25 15.82
C VAL H 31 44.58 -58.22 16.76
N LYS H 32 44.44 -56.95 16.39
CA LYS H 32 44.96 -55.81 17.14
C LYS H 32 43.90 -55.31 18.17
N PRO H 33 44.33 -54.63 19.27
CA PRO H 33 43.35 -54.21 20.30
C PRO H 33 42.37 -53.17 19.77
N SER H 34 41.09 -53.59 19.72
CA SER H 34 39.90 -52.86 19.18
C SER H 34 39.31 -53.48 17.89
N GLY H 35 39.82 -54.64 17.48
CA GLY H 35 39.43 -55.27 16.22
C GLY H 35 38.21 -56.17 16.29
N THR H 36 37.91 -56.78 15.14
CA THR H 36 36.84 -57.77 14.99
C THR H 36 37.46 -59.15 14.74
N LEU H 37 37.12 -60.12 15.57
CA LEU H 37 37.50 -61.52 15.35
C LEU H 37 36.56 -62.23 14.38
N SER H 38 37.11 -62.90 13.37
CA SER H 38 36.29 -63.68 12.43
C SER H 38 36.75 -65.11 12.15
N LEU H 39 35.82 -66.06 12.28
CA LEU H 39 36.08 -67.48 12.09
C LEU H 39 35.03 -68.17 11.22
N THR H 40 35.29 -69.43 10.83
CA THR H 40 34.43 -70.21 9.91
C THR H 40 34.53 -71.74 10.12
N CYS H 41 33.37 -72.40 10.19
CA CYS H 41 33.28 -73.82 10.55
C CYS H 41 32.48 -74.68 9.56
N ALA H 42 33.20 -75.26 8.58
CA ALA H 42 32.64 -76.15 7.56
C ALA H 42 32.15 -77.44 8.20
N VAL H 43 31.30 -78.16 7.49
CA VAL H 43 30.69 -79.36 8.06
C VAL H 43 30.69 -80.51 7.03
N SER H 44 31.02 -81.71 7.52
CA SER H 44 31.02 -82.91 6.69
C SER H 44 30.42 -84.12 7.43
N GLY H 45 29.59 -84.88 6.72
CA GLY H 45 29.07 -86.16 7.20
C GLY H 45 27.82 -86.15 8.06
N GLY H 46 27.00 -85.10 7.92
CA GLY H 46 25.70 -84.95 8.63
C GLY H 46 25.26 -83.48 8.65
N SER H 47 24.39 -83.11 7.72
CA SER H 47 24.33 -81.72 7.21
C SER H 47 23.66 -80.61 8.06
N ILE H 48 24.02 -79.34 7.76
CA ILE H 48 23.66 -78.15 8.59
C ILE H 48 22.17 -77.91 8.84
N SER H 49 21.33 -78.28 7.86
CA SER H 49 19.88 -78.10 7.95
C SER H 49 19.23 -79.02 9.01
N SER H 50 20.03 -79.93 9.56
CA SER H 50 19.60 -80.89 10.58
C SER H 50 18.98 -80.22 11.79
N SER H 51 18.10 -80.97 12.47
CA SER H 51 17.33 -80.52 13.65
C SER H 51 18.17 -80.11 14.88
N ASN H 52 19.48 -80.05 14.72
CA ASN H 52 20.39 -79.70 15.79
C ASN H 52 20.58 -78.20 15.81
N TRP H 53 21.47 -77.75 16.70
CA TRP H 53 21.94 -76.38 16.68
C TRP H 53 23.45 -76.39 16.48
N TRP H 54 24.03 -75.22 16.29
CA TRP H 54 25.46 -75.10 15.99
C TRP H 54 25.98 -73.95 16.85
N SER H 55 27.15 -74.14 17.49
CA SER H 55 27.62 -73.26 18.60
C SER H 55 29.14 -73.07 18.76
N TRP H 56 29.56 -71.83 19.08
CA TRP H 56 30.97 -71.47 19.38
C TRP H 56 31.29 -71.41 20.89
N VAL H 57 32.53 -71.79 21.25
CA VAL H 57 32.99 -71.96 22.66
C VAL H 57 34.43 -71.40 22.81
N ARG H 58 34.80 -70.87 23.98
CA ARG H 58 36.14 -70.29 24.17
C ARG H 58 36.86 -70.62 25.50
N GLN H 59 38.14 -70.24 25.58
CA GLN H 59 39.09 -70.69 26.63
C GLN H 59 40.48 -69.96 26.56
N PRO H 60 40.65 -68.83 27.30
CA PRO H 60 41.99 -68.25 27.45
C PRO H 60 42.95 -69.27 28.06
N PRO H 61 44.12 -69.47 27.45
CA PRO H 61 44.84 -70.72 27.64
C PRO H 61 45.26 -70.92 29.09
N GLY H 62 44.82 -72.03 29.69
CA GLY H 62 45.08 -72.33 31.09
C GLY H 62 43.83 -72.37 31.94
N LYS H 63 42.99 -71.35 31.78
CA LYS H 63 41.73 -71.16 32.53
C LYS H 63 40.61 -72.18 32.19
N GLY H 64 39.40 -71.96 32.72
CA GLY H 64 38.21 -72.74 32.34
C GLY H 64 37.60 -72.38 31.00
N LEU H 65 36.42 -72.95 30.72
CA LEU H 65 35.68 -72.75 29.47
C LEU H 65 34.57 -71.67 29.53
N GLU H 66 34.05 -71.29 28.36
CA GLU H 66 33.03 -70.23 28.21
C GLU H 66 32.14 -70.38 26.95
N TRP H 67 30.82 -70.32 27.16
CA TRP H 67 29.83 -70.35 26.08
C TRP H 67 29.83 -69.01 25.34
N ILE H 68 29.52 -69.02 24.04
CA ILE H 68 29.44 -67.75 23.28
C ILE H 68 28.09 -67.47 22.62
N GLY H 69 27.55 -68.44 21.88
CA GLY H 69 26.28 -68.28 21.15
C GLY H 69 25.91 -69.48 20.28
N GLU H 70 24.73 -69.42 19.64
CA GLU H 70 24.25 -70.52 18.77
C GLU H 70 23.23 -70.13 17.70
N ILE H 71 23.37 -70.75 16.53
CA ILE H 71 22.48 -70.50 15.40
C ILE H 71 21.74 -71.78 15.03
N TYR H 72 20.45 -71.63 14.76
CA TYR H 72 19.62 -72.69 14.18
C TYR H 72 19.61 -72.58 12.67
N HIS H 73 19.50 -73.73 12.00
CA HIS H 73 19.58 -73.83 10.54
C HIS H 73 18.80 -72.78 9.76
N SER H 74 17.61 -72.45 10.27
CA SER H 74 16.71 -71.56 9.57
C SER H 74 16.97 -70.08 9.86
N GLY H 75 17.63 -69.78 10.98
CA GLY H 75 18.08 -68.41 11.25
C GLY H 75 18.41 -67.96 12.66
N ASN H 76 17.57 -68.32 13.63
CA ASN H 76 17.59 -67.72 15.00
C ASN H 76 18.92 -67.74 15.76
N THR H 77 19.34 -66.57 16.21
CA THR H 77 20.51 -66.45 17.10
C THR H 77 20.09 -66.47 18.56
N ASN H 78 21.11 -66.56 19.43
CA ASN H 78 20.96 -66.71 20.89
C ASN H 78 22.32 -66.40 21.53
N TYR H 79 22.51 -65.18 22.04
CA TYR H 79 23.86 -64.76 22.50
C TYR H 79 24.05 -64.73 24.02
N ASN H 80 25.31 -64.89 24.44
CA ASN H 80 25.74 -64.98 25.84
C ASN H 80 25.50 -63.65 26.56
N PRO H 81 24.50 -63.60 27.49
CA PRO H 81 23.95 -62.36 28.08
C PRO H 81 24.95 -61.24 28.43
N SER H 82 26.15 -61.63 28.90
CA SER H 82 27.22 -60.66 29.18
C SER H 82 27.83 -60.10 27.91
N LEU H 83 27.93 -60.96 26.89
CA LEU H 83 28.49 -60.62 25.59
C LEU H 83 27.48 -60.09 24.53
N LYS H 84 26.17 -60.06 24.87
CA LYS H 84 25.02 -59.76 23.95
C LYS H 84 25.28 -58.66 22.89
N SER H 85 26.21 -57.77 23.23
CA SER H 85 26.66 -56.63 22.42
C SER H 85 27.83 -56.88 21.44
N ARG H 86 28.65 -57.90 21.70
CA ARG H 86 29.95 -58.08 21.02
C ARG H 86 30.04 -59.21 19.95
N VAL H 87 28.90 -59.77 19.54
CA VAL H 87 28.87 -61.09 18.88
C VAL H 87 27.86 -61.20 17.71
N THR H 88 28.27 -61.91 16.65
CA THR H 88 27.43 -62.19 15.47
C THR H 88 27.77 -63.58 14.92
N VAL H 89 26.72 -64.36 14.62
CA VAL H 89 26.81 -65.78 14.19
C VAL H 89 25.79 -66.07 13.06
N SER H 90 26.24 -66.46 11.86
CA SER H 90 25.33 -66.71 10.71
C SER H 90 25.46 -68.12 10.10
N VAL H 91 24.65 -68.44 9.05
CA VAL H 91 24.59 -69.83 8.47
C VAL H 91 24.27 -70.03 6.95
N ASP H 92 25.33 -70.10 6.13
CA ASP H 92 25.22 -70.30 4.68
C ASP H 92 25.19 -71.78 4.31
N LYS H 93 24.14 -72.19 3.61
CA LYS H 93 23.92 -73.59 3.26
C LYS H 93 24.90 -74.11 2.21
N SER H 94 25.25 -73.23 1.26
CA SER H 94 25.84 -73.67 -0.02
C SER H 94 27.29 -74.18 0.03
N LYS H 95 27.91 -74.07 1.21
CA LYS H 95 29.20 -74.72 1.48
C LYS H 95 29.14 -75.48 2.81
N ASN H 96 27.90 -75.69 3.29
CA ASN H 96 27.58 -76.34 4.59
C ASN H 96 28.39 -75.76 5.74
N GLN H 97 28.32 -74.44 5.88
CA GLN H 97 29.15 -73.76 6.87
C GLN H 97 28.49 -72.60 7.64
N PHE H 98 28.77 -72.53 8.94
CA PHE H 98 28.34 -71.42 9.82
C PHE H 98 29.56 -70.68 10.43
N SER H 99 29.36 -69.48 10.99
CA SER H 99 30.49 -68.59 11.36
C SER H 99 30.29 -67.67 12.57
N LEU H 100 31.40 -67.08 13.06
CA LEU H 100 31.42 -66.20 14.23
C LEU H 100 32.24 -64.90 14.04
N LYS H 101 31.55 -63.77 14.18
CA LYS H 101 32.20 -62.47 14.37
C LYS H 101 32.29 -62.19 15.86
N LEU H 102 33.11 -61.19 16.23
CA LEU H 102 33.31 -60.72 17.60
C LEU H 102 34.01 -59.36 17.58
N THR H 103 33.20 -58.31 17.44
CA THR H 103 33.66 -56.90 17.37
C THR H 103 34.21 -56.35 18.68
N SER H 104 35.03 -55.31 18.57
CA SER H 104 35.62 -54.55 19.69
C SER H 104 36.53 -55.36 20.62
N VAL H 105 37.50 -56.10 20.07
CA VAL H 105 38.34 -57.01 20.88
C VAL H 105 39.26 -56.28 21.87
N THR H 106 39.61 -56.97 22.95
CA THR H 106 40.50 -56.49 24.02
C THR H 106 41.56 -57.56 24.32
N ALA H 107 42.24 -57.48 25.47
CA ALA H 107 43.17 -58.55 25.87
C ALA H 107 42.42 -59.87 26.06
N ALA H 108 41.39 -59.82 26.91
CA ALA H 108 40.56 -60.98 27.33
C ALA H 108 40.22 -62.02 26.24
N ASP H 109 40.06 -61.55 25.01
CA ASP H 109 39.71 -62.41 23.86
C ASP H 109 40.83 -63.37 23.43
N THR H 110 42.05 -63.14 23.94
CA THR H 110 43.21 -64.06 23.77
C THR H 110 42.85 -65.46 24.30
N ALA H 111 42.38 -66.31 23.38
CA ALA H 111 41.77 -67.58 23.71
C ALA H 111 41.80 -68.54 22.52
N VAL H 112 41.78 -69.85 22.80
CA VAL H 112 41.61 -70.84 21.74
C VAL H 112 40.11 -71.03 21.55
N TYR H 113 39.67 -71.05 20.29
CA TYR H 113 38.26 -71.19 19.96
C TYR H 113 37.94 -72.56 19.34
N TYR H 114 36.79 -73.12 19.73
CA TYR H 114 36.27 -74.40 19.22
C TYR H 114 34.80 -74.22 18.80
N CYS H 115 34.47 -74.63 17.56
CA CYS H 115 33.06 -74.81 17.18
C CYS H 115 32.61 -76.20 17.62
N ALA H 116 31.31 -76.35 17.88
CA ALA H 116 30.71 -77.61 18.37
C ALA H 116 29.22 -77.78 17.99
N ARG H 117 28.89 -78.94 17.40
CA ARG H 117 27.48 -79.30 17.15
C ARG H 117 26.79 -79.45 18.48
N ASP H 118 25.60 -78.88 18.58
CA ASP H 118 24.79 -78.98 19.78
C ASP H 118 23.60 -79.93 19.55
N VAL H 119 23.83 -81.21 19.86
CA VAL H 119 22.76 -82.21 19.93
C VAL H 119 21.70 -81.53 20.77
N SER H 120 20.54 -81.29 20.14
CA SER H 120 19.42 -80.63 20.82
C SER H 120 18.12 -81.42 20.72
N GLY H 121 17.86 -82.20 21.77
CA GLY H 121 16.52 -82.68 22.08
C GLY H 121 16.14 -81.84 23.27
N GLY H 122 16.08 -80.53 23.05
CA GLY H 122 15.95 -79.58 24.14
C GLY H 122 17.30 -79.25 24.73
N VAL H 123 17.97 -80.27 25.26
CA VAL H 123 19.22 -80.16 26.05
C VAL H 123 20.36 -79.45 25.33
N ASN H 124 21.10 -78.61 26.05
CA ASN H 124 22.37 -78.08 25.55
C ASN H 124 23.45 -79.12 25.87
N TRP H 125 24.13 -79.60 24.83
CA TRP H 125 25.21 -80.61 24.93
C TRP H 125 26.06 -80.66 23.65
N PHE H 126 27.34 -80.33 23.80
CA PHE H 126 28.27 -80.08 22.68
C PHE H 126 29.12 -81.28 22.16
N ASP H 127 28.59 -82.04 21.19
CA ASP H 127 29.37 -83.10 20.49
C ASP H 127 29.04 -83.17 18.98
N PRO H 128 30.03 -83.32 18.08
CA PRO H 128 31.48 -83.31 18.41
C PRO H 128 32.10 -81.91 18.42
N TRP H 129 33.23 -81.79 19.12
CA TRP H 129 33.98 -80.54 19.21
C TRP H 129 34.79 -80.27 17.92
N GLY H 130 35.48 -79.13 17.88
CA GLY H 130 36.39 -78.78 16.78
C GLY H 130 37.85 -78.86 17.17
N GLN H 131 38.74 -78.84 16.18
CA GLN H 131 40.20 -78.89 16.39
C GLN H 131 40.72 -77.73 17.25
N GLY H 132 40.39 -76.50 16.83
CA GLY H 132 40.65 -75.32 17.64
C GLY H 132 41.87 -74.53 17.22
N THR H 133 41.73 -73.20 17.30
CA THR H 133 42.74 -72.24 16.83
C THR H 133 42.93 -71.08 17.80
N LEU H 134 44.19 -70.66 17.96
CA LEU H 134 44.51 -69.51 18.80
C LEU H 134 44.55 -68.21 18.01
N VAL H 135 43.51 -67.39 18.21
CA VAL H 135 43.45 -66.04 17.65
C VAL H 135 43.94 -65.07 18.75
N THR H 136 45.26 -64.91 18.81
CA THR H 136 45.94 -64.06 19.79
C THR H 136 45.75 -62.57 19.50
N VAL H 137 44.89 -61.93 20.29
CA VAL H 137 44.75 -60.48 20.22
C VAL H 137 46.04 -59.85 20.79
N SER H 138 46.73 -59.08 19.93
CA SER H 138 47.93 -58.32 20.28
C SER H 138 48.24 -57.29 19.20
N SER H 139 48.55 -56.06 19.63
CA SER H 139 48.97 -54.97 18.74
C SER H 139 50.16 -55.36 17.86
N ALA H 140 51.17 -56.00 18.48
CA ALA H 140 52.43 -56.41 17.83
C ALA H 140 52.23 -57.44 16.69
N SER H 141 53.05 -57.27 15.64
CA SER H 141 52.83 -57.84 14.30
C SER H 141 53.05 -59.35 14.16
N THR H 142 52.88 -59.85 12.93
CA THR H 142 53.24 -61.23 12.54
C THR H 142 54.65 -61.27 11.92
N LYS H 143 55.26 -62.47 11.95
CA LYS H 143 56.54 -62.76 11.27
C LYS H 143 56.72 -64.28 11.15
N GLY H 144 56.78 -64.76 9.90
CA GLY H 144 56.97 -66.19 9.61
C GLY H 144 58.32 -66.73 10.07
N PRO H 145 58.33 -67.74 10.97
CA PRO H 145 59.54 -68.20 11.67
C PRO H 145 60.63 -68.72 10.76
N SER H 146 61.87 -68.40 11.10
CA SER H 146 63.05 -68.97 10.43
C SER H 146 63.18 -70.44 10.80
N VAL H 147 63.46 -71.26 9.79
CA VAL H 147 63.73 -72.68 9.96
C VAL H 147 65.20 -72.93 9.67
N PHE H 148 65.86 -73.59 10.61
CA PHE H 148 67.23 -74.07 10.46
C PHE H 148 67.18 -75.60 10.49
N PRO H 149 68.09 -76.28 9.75
CA PRO H 149 68.18 -77.72 9.97
C PRO H 149 69.24 -78.10 11.01
N LEU H 150 68.80 -78.64 12.15
CA LEU H 150 69.72 -79.19 13.17
C LEU H 150 70.07 -80.67 12.89
N ALA H 151 71.30 -80.87 12.44
CA ALA H 151 71.81 -82.16 11.95
C ALA H 151 72.12 -83.18 13.06
N PRO H 152 72.32 -84.49 12.70
CA PRO H 152 72.75 -85.48 13.71
C PRO H 152 74.27 -85.52 14.03
N SER H 153 74.60 -85.61 15.32
CA SER H 153 75.99 -85.72 15.80
C SER H 153 76.35 -87.15 16.19
N GLY H 159 74.31 -96.60 20.97
CA GLY H 159 74.65 -97.52 19.88
C GLY H 159 73.89 -97.25 18.58
N GLY H 160 72.81 -98.01 18.37
CA GLY H 160 72.01 -97.93 17.15
C GLY H 160 70.71 -97.15 17.18
N THR H 161 70.77 -95.90 17.71
CA THR H 161 69.65 -94.90 17.66
C THR H 161 70.15 -93.47 18.00
N ALA H 162 69.94 -92.52 17.09
CA ALA H 162 70.34 -91.10 17.26
C ALA H 162 69.27 -90.06 16.83
N ALA H 163 69.50 -88.79 17.17
CA ALA H 163 68.48 -87.72 17.01
C ALA H 163 68.80 -86.59 16.00
N LEU H 164 67.79 -85.76 15.69
CA LEU H 164 67.86 -84.71 14.67
C LEU H 164 66.67 -83.73 14.81
N GLY H 165 66.92 -82.43 14.62
CA GLY H 165 65.90 -81.36 14.83
C GLY H 165 65.67 -80.35 13.70
N CYS H 166 64.74 -79.40 13.88
CA CYS H 166 64.43 -78.34 12.88
C CYS H 166 64.17 -76.96 13.49
N LEU H 167 65.21 -76.28 13.99
CA LEU H 167 65.04 -75.06 14.80
C LEU H 167 64.07 -74.04 14.19
N VAL H 168 63.10 -73.65 15.00
CA VAL H 168 62.08 -72.68 14.61
C VAL H 168 62.26 -71.44 15.50
N LYS H 169 63.27 -70.64 15.15
CA LYS H 169 63.59 -69.41 15.87
C LYS H 169 62.66 -68.26 15.54
N ASP H 170 62.41 -67.43 16.55
CA ASP H 170 61.79 -66.10 16.43
C ASP H 170 60.57 -65.95 15.48
N TYR H 171 59.37 -66.07 16.07
CA TYR H 171 58.11 -65.85 15.34
C TYR H 171 57.05 -65.24 16.26
N PHE H 172 55.94 -64.79 15.68
CA PHE H 172 54.74 -64.37 16.41
C PHE H 172 53.55 -64.34 15.44
N PRO H 173 52.35 -64.69 15.89
CA PRO H 173 52.11 -65.29 17.22
C PRO H 173 52.17 -66.82 17.16
N GLU H 174 51.74 -67.47 18.23
CA GLU H 174 51.50 -68.91 18.27
C GLU H 174 50.29 -69.24 17.36
N PRO H 175 50.32 -70.33 16.56
CA PRO H 175 51.22 -71.46 16.72
C PRO H 175 52.05 -71.85 15.47
N VAL H 176 52.77 -72.98 15.59
CA VAL H 176 53.46 -73.68 14.48
C VAL H 176 52.97 -75.17 14.46
N THR H 177 52.91 -75.85 13.30
CA THR H 177 52.35 -77.25 13.23
C THR H 177 53.15 -78.46 12.56
N VAL H 178 54.22 -78.93 13.22
CA VAL H 178 55.19 -79.97 12.67
C VAL H 178 54.60 -81.38 12.41
N SER H 179 55.21 -82.10 11.46
CA SER H 179 54.98 -83.54 11.20
C SER H 179 56.09 -84.12 10.28
N TRP H 180 56.98 -84.93 10.89
CA TRP H 180 58.15 -85.54 10.24
C TRP H 180 57.79 -86.52 9.14
N ASN H 181 58.25 -86.24 7.92
CA ASN H 181 57.89 -86.98 6.68
C ASN H 181 56.40 -86.92 6.28
N SER H 182 55.84 -85.71 6.32
CA SER H 182 54.44 -85.45 5.94
C SER H 182 53.47 -86.45 6.56
N GLY H 183 53.51 -86.54 7.90
CA GLY H 183 52.57 -87.35 8.68
C GLY H 183 52.66 -88.85 8.45
N ALA H 184 53.88 -89.33 8.22
CA ALA H 184 54.14 -90.77 8.12
C ALA H 184 54.95 -91.24 9.32
N LEU H 185 56.01 -90.50 9.67
CA LEU H 185 56.83 -90.81 10.84
C LEU H 185 56.21 -90.20 12.09
N THR H 186 55.09 -90.79 12.52
CA THR H 186 54.47 -90.48 13.81
C THR H 186 55.25 -91.18 14.92
N SER H 187 56.01 -92.18 14.52
CA SER H 187 56.88 -92.93 15.39
C SER H 187 58.11 -92.08 15.80
N GLY H 188 58.33 -91.99 17.12
CA GLY H 188 59.56 -91.39 17.70
C GLY H 188 59.72 -89.88 17.82
N VAL H 189 58.63 -89.13 17.60
CA VAL H 189 58.61 -87.65 17.54
C VAL H 189 58.32 -86.98 18.90
N HIS H 190 58.75 -85.73 19.06
CA HIS H 190 58.49 -84.95 20.27
C HIS H 190 58.56 -83.45 19.98
N THR H 191 57.41 -82.82 19.73
CA THR H 191 57.40 -81.39 19.45
C THR H 191 57.35 -80.64 20.77
N PHE H 192 58.34 -79.79 21.01
CA PHE H 192 58.54 -79.05 22.29
C PHE H 192 57.97 -77.61 22.25
N PRO H 193 57.08 -77.24 23.22
CA PRO H 193 56.62 -75.84 23.44
C PRO H 193 57.72 -74.72 23.49
N ALA H 194 57.31 -73.44 23.43
CA ALA H 194 58.20 -72.31 23.01
C ALA H 194 58.63 -71.25 24.05
N VAL H 195 59.80 -70.63 23.79
CA VAL H 195 60.41 -69.64 24.68
C VAL H 195 60.14 -68.15 24.33
N LEU H 196 59.10 -67.58 24.96
CA LEU H 196 58.86 -66.13 24.94
C LEU H 196 60.02 -65.43 25.65
N GLN H 197 60.65 -64.50 24.94
CA GLN H 197 61.94 -63.88 25.34
C GLN H 197 61.78 -62.47 25.94
N SER H 198 62.90 -61.78 26.17
CA SER H 198 62.94 -60.38 26.62
C SER H 198 62.67 -59.38 25.49
N SER H 199 62.63 -59.90 24.26
CA SER H 199 62.21 -59.15 23.06
C SER H 199 60.77 -59.48 22.59
N GLY H 200 60.26 -60.67 22.94
CA GLY H 200 58.84 -61.04 22.72
C GLY H 200 58.46 -61.99 21.58
N LEU H 201 59.46 -62.49 20.85
CA LEU H 201 59.28 -63.48 19.79
C LEU H 201 59.60 -64.91 20.22
N TYR H 202 58.64 -65.82 20.04
CA TYR H 202 58.77 -67.24 20.42
C TYR H 202 59.82 -67.99 19.56
N SER H 203 60.49 -68.96 20.18
CA SER H 203 61.37 -69.93 19.49
C SER H 203 61.13 -71.38 19.98
N LEU H 204 61.11 -72.33 19.04
CA LEU H 204 60.89 -73.74 19.38
C LEU H 204 61.72 -74.70 18.52
N SER H 205 61.81 -75.95 18.99
CA SER H 205 62.41 -77.05 18.25
C SER H 205 61.44 -78.21 18.11
N SER H 206 61.42 -78.80 16.92
CA SER H 206 60.94 -80.17 16.76
C SER H 206 62.15 -81.09 16.95
N VAL H 207 61.89 -82.34 17.31
CA VAL H 207 62.94 -83.38 17.44
C VAL H 207 62.36 -84.77 17.06
N VAL H 208 63.23 -85.70 16.67
CA VAL H 208 62.81 -87.10 16.38
C VAL H 208 63.92 -88.14 16.64
N THR H 209 63.55 -89.23 17.32
CA THR H 209 64.44 -90.40 17.51
C THR H 209 64.29 -91.42 16.37
N VAL H 210 65.42 -91.67 15.68
CA VAL H 210 65.46 -92.44 14.41
C VAL H 210 66.71 -93.35 14.28
N PRO H 211 66.53 -94.60 13.77
CA PRO H 211 67.60 -95.63 13.80
C PRO H 211 68.97 -95.20 13.25
N SER H 212 70.04 -95.46 14.02
CA SER H 212 71.43 -95.24 13.59
C SER H 212 71.84 -96.31 12.57
N SER H 213 70.87 -96.69 11.75
CA SER H 213 71.07 -97.45 10.53
C SER H 213 70.82 -96.57 9.29
N SER H 214 69.83 -95.69 9.38
CA SER H 214 69.37 -94.89 8.23
C SER H 214 69.56 -93.36 8.37
N LEU H 215 70.81 -92.94 8.64
CA LEU H 215 71.20 -91.50 8.73
C LEU H 215 72.17 -91.08 7.62
N GLY H 216 71.60 -90.61 6.51
CA GLY H 216 72.32 -90.39 5.25
C GLY H 216 72.09 -91.56 4.30
N THR H 217 70.85 -92.07 4.29
CA THR H 217 70.39 -93.14 3.37
C THR H 217 68.87 -93.01 3.07
N GLN H 218 68.08 -92.79 4.12
CA GLN H 218 66.62 -92.53 4.10
C GLN H 218 66.36 -91.03 3.89
N THR H 219 65.09 -90.60 3.82
CA THR H 219 64.73 -89.17 3.86
C THR H 219 63.94 -88.81 5.12
N TYR H 220 64.38 -87.76 5.81
CA TYR H 220 63.66 -87.18 6.96
C TYR H 220 63.39 -85.67 6.79
N ILE H 221 62.15 -85.35 6.41
CA ILE H 221 61.72 -83.98 6.11
C ILE H 221 60.60 -83.52 7.08
N CYS H 222 60.94 -82.58 7.97
CA CYS H 222 59.94 -81.90 8.81
C CYS H 222 59.06 -80.90 8.00
N ASN H 223 57.96 -80.41 8.60
CA ASN H 223 57.04 -79.47 7.96
C ASN H 223 56.55 -78.39 8.94
N VAL H 224 57.27 -77.26 9.01
CA VAL H 224 57.04 -76.16 9.98
C VAL H 224 55.97 -75.14 9.48
N ASN H 225 54.70 -75.55 9.55
CA ASN H 225 53.58 -74.72 9.10
C ASN H 225 53.27 -73.63 10.12
N HIS H 226 53.58 -72.39 9.74
CA HIS H 226 53.10 -71.20 10.43
C HIS H 226 52.09 -70.55 9.51
N LYS H 227 50.83 -70.92 9.72
CA LYS H 227 49.72 -70.39 8.97
C LYS H 227 49.40 -68.90 9.26
N PRO H 228 49.44 -68.46 10.55
CA PRO H 228 49.12 -67.03 10.80
C PRO H 228 49.88 -65.95 9.97
N SER H 229 51.02 -66.29 9.35
CA SER H 229 51.65 -65.48 8.29
C SER H 229 51.96 -66.30 7.03
N ASN H 230 50.99 -67.12 6.63
CA ASN H 230 50.93 -67.86 5.33
C ASN H 230 52.08 -68.82 4.91
N THR H 231 52.94 -69.19 5.86
CA THR H 231 54.24 -69.83 5.57
C THR H 231 54.28 -71.38 5.63
N LYS H 232 54.81 -72.02 4.57
CA LYS H 232 55.05 -73.47 4.55
C LYS H 232 56.48 -73.86 4.15
N VAL H 233 57.33 -74.07 5.16
CA VAL H 233 58.77 -74.40 4.97
C VAL H 233 59.14 -75.81 5.46
N ASP H 234 59.69 -76.60 4.53
CA ASP H 234 60.34 -77.87 4.86
C ASP H 234 61.84 -77.62 4.90
N LYS H 235 62.50 -78.10 5.95
CA LYS H 235 63.95 -78.10 5.94
C LYS H 235 64.45 -79.52 5.85
N LYS H 236 65.44 -79.74 4.99
CA LYS H 236 66.10 -81.04 4.94
C LYS H 236 67.27 -81.05 5.92
N VAL H 237 67.36 -82.15 6.67
CA VAL H 237 68.39 -82.37 7.68
C VAL H 237 69.32 -83.49 7.14
N GLU H 238 70.64 -83.28 7.25
CA GLU H 238 71.67 -84.24 6.74
C GLU H 238 72.97 -84.29 7.59
N PRO H 239 73.47 -85.51 7.95
CA PRO H 239 74.58 -85.75 8.92
C PRO H 239 75.87 -84.85 8.94
N LYS H 240 76.39 -84.61 10.14
CA LYS H 240 77.52 -83.70 10.36
C LYS H 240 78.89 -84.26 9.88
N ASN I 21 21.04 -66.35 34.67
CA ASN I 21 22.11 -67.39 34.55
C ASN I 21 22.53 -67.99 35.90
N PHE I 22 23.54 -68.87 35.88
CA PHE I 22 24.08 -69.52 37.09
C PHE I 22 25.58 -69.83 36.93
N MET I 23 26.24 -70.21 38.03
CA MET I 23 27.72 -70.24 38.10
C MET I 23 28.29 -71.48 38.82
N LEU I 24 28.74 -72.48 38.03
CA LEU I 24 29.17 -73.82 38.52
C LEU I 24 30.49 -73.88 39.32
N THR I 25 30.37 -73.76 40.65
CA THR I 25 31.52 -73.74 41.58
C THR I 25 32.11 -75.16 41.79
N GLN I 26 32.86 -75.64 40.79
CA GLN I 26 33.73 -76.81 40.94
C GLN I 26 34.84 -76.45 41.94
N PRO I 27 35.67 -77.45 42.36
CA PRO I 27 36.96 -77.12 43.02
C PRO I 27 38.13 -76.86 42.03
N HIS I 28 39.32 -76.53 42.57
CA HIS I 28 40.55 -76.23 41.79
C HIS I 28 41.41 -77.48 41.52
N SER I 29 41.32 -78.48 42.41
CA SER I 29 42.21 -79.65 42.43
C SER I 29 41.67 -80.85 43.23
N VAL I 30 41.73 -82.04 42.62
CA VAL I 30 41.38 -83.32 43.27
C VAL I 30 42.42 -84.37 42.81
N SER I 31 42.90 -85.21 43.73
CA SER I 31 43.94 -86.23 43.46
C SER I 31 43.70 -87.57 44.16
N GLU I 32 43.92 -88.69 43.48
CA GLU I 32 43.72 -90.05 44.06
C GLU I 32 44.49 -91.16 43.35
N SER I 33 44.87 -92.19 44.10
CA SER I 33 45.82 -93.23 43.66
C SER I 33 45.30 -94.16 42.54
N PRO I 34 46.21 -94.85 41.80
CA PRO I 34 45.74 -95.73 40.71
C PRO I 34 45.03 -96.98 41.23
N GLY I 35 43.71 -97.01 41.11
CA GLY I 35 42.89 -98.09 41.68
C GLY I 35 41.78 -97.57 42.58
N LYS I 36 42.00 -96.38 43.14
CA LYS I 36 41.08 -95.72 44.09
C LYS I 36 39.94 -94.90 43.45
N THR I 37 38.83 -94.80 44.19
CA THR I 37 37.65 -94.00 43.82
C THR I 37 37.97 -92.51 43.98
N VAL I 38 37.40 -91.69 43.09
CA VAL I 38 37.57 -90.24 43.11
C VAL I 38 36.24 -89.57 42.73
N THR I 39 36.00 -88.37 43.27
CA THR I 39 34.78 -87.60 42.98
C THR I 39 35.08 -86.16 42.52
N ILE I 40 34.24 -85.65 41.62
CA ILE I 40 34.37 -84.29 41.09
C ILE I 40 33.10 -83.48 41.42
N SER I 41 33.16 -82.69 42.50
CA SER I 41 32.03 -81.89 42.96
C SER I 41 31.82 -80.68 42.07
N CYS I 42 30.58 -80.19 42.02
CA CYS I 42 30.21 -79.05 41.18
C CYS I 42 29.03 -78.28 41.80
N THR I 43 29.34 -77.36 42.70
CA THR I 43 28.36 -76.49 43.36
C THR I 43 27.83 -75.45 42.37
N ARG I 44 26.76 -75.81 41.67
CA ARG I 44 25.96 -74.82 40.93
C ARG I 44 25.37 -73.83 41.95
N SER I 45 25.72 -72.55 41.84
CA SER I 45 25.32 -71.56 42.84
C SER I 45 23.80 -71.33 42.94
N SER I 46 23.20 -70.49 42.09
CA SER I 46 21.72 -70.33 42.11
C SER I 46 21.07 -71.45 41.30
N GLY I 47 19.80 -71.72 41.60
CA GLY I 47 19.03 -72.73 40.85
C GLY I 47 19.45 -74.17 41.08
N SER I 48 18.47 -75.06 40.93
CA SER I 48 18.65 -76.49 41.18
C SER I 48 19.58 -77.19 40.18
N ILE I 49 20.30 -78.21 40.64
CA ILE I 49 21.16 -79.03 39.75
C ILE I 49 20.39 -80.17 39.06
N ALA I 50 19.27 -80.60 39.66
CA ALA I 50 18.36 -81.61 39.09
C ALA I 50 17.47 -81.02 37.99
N SER I 51 17.27 -79.70 38.06
CA SER I 51 16.64 -78.89 37.03
C SER I 51 17.13 -79.22 35.62
N ASN I 52 18.33 -78.74 35.29
CA ASN I 52 18.89 -78.83 33.94
C ASN I 52 19.90 -79.98 33.83
N TYR I 53 19.78 -80.77 32.76
CA TYR I 53 20.66 -81.94 32.51
C TYR I 53 22.16 -81.57 32.61
N VAL I 54 22.98 -82.50 33.12
CA VAL I 54 24.39 -82.23 33.51
C VAL I 54 25.46 -83.06 32.74
N GLN I 55 26.30 -82.36 31.98
CA GLN I 55 27.28 -82.95 31.07
C GLN I 55 28.68 -82.97 31.67
N TRP I 56 29.50 -83.96 31.33
CA TRP I 56 30.90 -84.03 31.81
C TRP I 56 31.95 -84.23 30.72
N TYR I 57 33.05 -83.46 30.80
CA TYR I 57 34.02 -83.32 29.70
C TYR I 57 35.49 -83.51 30.09
N GLN I 58 36.13 -84.53 29.49
CA GLN I 58 37.56 -84.81 29.70
C GLN I 58 38.48 -84.09 28.70
N GLN I 59 38.89 -82.88 29.09
CA GLN I 59 39.89 -82.09 28.37
C GLN I 59 41.28 -82.55 28.82
N ARG I 60 42.02 -83.18 27.90
CA ARG I 60 43.43 -83.52 28.11
C ARG I 60 44.32 -82.25 28.07
N PRO I 61 45.56 -82.33 28.60
CA PRO I 61 46.58 -81.31 28.32
C PRO I 61 46.80 -81.09 26.80
N GLY I 62 46.50 -79.87 26.34
CA GLY I 62 46.55 -79.52 24.92
C GLY I 62 45.75 -80.47 24.02
N SER I 63 44.44 -80.25 23.94
CA SER I 63 43.50 -81.06 23.15
C SER I 63 42.21 -80.27 22.86
N ALA I 64 41.13 -80.99 22.52
CA ALA I 64 39.76 -80.50 22.61
C ALA I 64 39.02 -81.36 23.65
N PRO I 65 37.99 -80.81 24.33
CA PRO I 65 37.07 -81.64 25.15
C PRO I 65 36.33 -82.82 24.45
N THR I 66 35.89 -83.78 25.26
CA THR I 66 35.23 -85.05 24.85
C THR I 66 34.11 -85.43 25.85
N THR I 67 32.99 -85.94 25.34
CA THR I 67 31.88 -86.38 26.22
C THR I 67 32.10 -87.73 26.91
N VAL I 68 32.21 -87.67 28.25
CA VAL I 68 32.31 -88.88 29.11
C VAL I 68 30.99 -89.31 29.77
N ILE I 69 30.25 -88.33 30.30
CA ILE I 69 28.91 -88.52 30.90
C ILE I 69 27.95 -87.43 30.41
N TYR I 70 26.88 -87.84 29.71
CA TYR I 70 25.89 -86.90 29.19
C TYR I 70 24.51 -87.15 29.79
N GLU I 71 23.54 -86.33 29.39
CA GLU I 71 22.14 -86.39 29.88
C GLU I 71 21.95 -86.87 31.36
N ASP I 72 22.56 -86.12 32.28
CA ASP I 72 22.50 -86.28 33.77
C ASP I 72 23.37 -87.40 34.39
N ASN I 73 23.33 -88.57 33.77
CA ASN I 73 23.96 -89.79 34.32
C ASN I 73 24.48 -90.73 33.24
N GLN I 74 24.21 -90.40 31.98
CA GLN I 74 24.40 -91.31 30.84
C GLN I 74 25.88 -91.51 30.46
N ARG I 75 26.11 -92.14 29.30
CA ARG I 75 27.43 -92.54 28.86
C ARG I 75 27.38 -92.82 27.36
N PRO I 76 28.29 -92.18 26.58
CA PRO I 76 28.47 -92.64 25.19
C PRO I 76 29.24 -93.95 25.10
N SER I 77 28.85 -94.81 24.15
CA SER I 77 29.55 -96.06 23.84
C SER I 77 31.01 -95.76 23.52
N GLY I 78 31.92 -96.46 24.20
CA GLY I 78 33.36 -96.15 24.13
C GLY I 78 33.94 -95.69 25.46
N VAL I 79 33.15 -94.94 26.24
CA VAL I 79 33.53 -94.56 27.61
C VAL I 79 33.08 -95.71 28.54
N PRO I 80 34.03 -96.31 29.31
CA PRO I 80 33.76 -97.58 30.01
C PRO I 80 32.98 -97.39 31.31
N ASP I 81 32.59 -98.50 31.93
CA ASP I 81 31.70 -98.47 33.11
C ASP I 81 32.20 -97.69 34.34
N ARG I 82 33.52 -97.63 34.56
CA ARG I 82 34.14 -96.97 35.75
C ARG I 82 33.64 -95.54 36.07
N PHE I 83 33.05 -94.89 35.06
CA PHE I 83 32.51 -93.54 35.18
C PHE I 83 31.00 -93.58 35.43
N SER I 84 30.55 -92.86 36.46
CA SER I 84 29.13 -92.69 36.74
C SER I 84 28.82 -91.26 37.16
N GLY I 85 27.89 -90.64 36.45
CA GLY I 85 27.42 -89.29 36.79
C GLY I 85 26.39 -89.32 37.91
N SER I 86 26.29 -88.20 38.64
CA SER I 86 25.27 -88.02 39.70
C SER I 86 24.89 -86.56 39.96
N ILE I 87 23.69 -86.38 40.48
CA ILE I 87 23.05 -85.08 40.58
C ILE I 87 22.58 -84.91 42.03
N ASP I 88 23.48 -84.43 42.90
CA ASP I 88 23.16 -84.30 44.34
C ASP I 88 22.13 -83.20 44.54
N SER I 89 20.86 -83.62 44.47
CA SER I 89 19.72 -82.77 44.69
C SER I 89 19.79 -82.15 46.09
N SER I 90 20.18 -82.94 47.09
CA SER I 90 20.24 -82.52 48.50
C SER I 90 21.26 -81.39 48.84
N SER I 91 22.31 -81.23 48.05
CA SER I 91 23.25 -80.11 48.23
C SER I 91 23.24 -79.08 47.09
N ASN I 92 22.64 -79.46 45.96
CA ASN I 92 22.65 -78.69 44.68
C ASN I 92 24.02 -78.79 43.94
N SER I 93 24.60 -79.99 43.91
CA SER I 93 25.89 -80.22 43.31
C SER I 93 26.00 -81.57 42.63
N ALA I 94 26.47 -81.55 41.39
CA ALA I 94 26.71 -82.78 40.65
C ALA I 94 27.95 -83.54 41.16
N SER I 95 28.07 -84.81 40.74
CA SER I 95 29.25 -85.64 41.01
C SER I 95 29.54 -86.71 39.92
N LEU I 96 30.57 -86.45 39.13
CA LEU I 96 31.17 -87.49 38.28
C LEU I 96 32.01 -88.31 39.22
N THR I 97 32.14 -89.60 38.90
CA THR I 97 32.82 -90.56 39.80
C THR I 97 33.49 -91.64 38.99
N ILE I 98 34.76 -91.88 39.30
CA ILE I 98 35.62 -92.75 38.51
C ILE I 98 36.34 -93.79 39.37
N SER I 99 35.77 -95.00 39.39
CA SER I 99 36.36 -96.14 40.11
C SER I 99 37.63 -96.61 39.42
N GLY I 100 38.42 -97.44 40.11
CA GLY I 100 39.62 -98.06 39.55
C GLY I 100 40.49 -97.13 38.71
N LEU I 101 41.07 -96.13 39.37
CA LEU I 101 41.90 -95.07 38.74
C LEU I 101 43.15 -95.55 38.01
N LYS I 102 43.54 -94.78 37.00
CA LYS I 102 44.66 -95.07 36.08
C LYS I 102 45.35 -93.75 35.73
N THR I 103 46.63 -93.79 35.37
CA THR I 103 47.41 -92.55 35.11
C THR I 103 47.02 -91.80 33.81
N GLU I 104 46.24 -92.46 32.95
CA GLU I 104 45.63 -91.81 31.78
C GLU I 104 44.39 -90.95 32.14
N ASP I 105 43.71 -91.32 33.24
CA ASP I 105 42.57 -90.56 33.82
C ASP I 105 43.00 -89.26 34.53
N GLU I 106 44.31 -89.07 34.68
CA GLU I 106 44.92 -87.79 35.04
C GLU I 106 44.61 -86.83 33.89
N ALA I 107 43.58 -86.01 34.10
CA ALA I 107 43.05 -85.10 33.09
C ALA I 107 42.15 -84.08 33.75
N ASP I 108 42.03 -82.91 33.10
CA ASP I 108 41.08 -81.87 33.53
C ASP I 108 39.61 -82.33 33.31
N TYR I 109 38.70 -81.81 34.14
CA TYR I 109 37.27 -82.16 34.07
C TYR I 109 36.26 -81.01 34.19
N TYR I 110 35.11 -81.19 33.53
CA TYR I 110 34.17 -80.10 33.32
C TYR I 110 32.69 -80.48 33.35
N CYS I 111 32.03 -80.12 34.45
CA CYS I 111 30.57 -80.09 34.51
C CYS I 111 30.04 -79.04 33.54
N GLN I 112 28.81 -79.24 33.07
CA GLN I 112 28.07 -78.23 32.32
C GLN I 112 26.58 -78.45 32.46
N SER I 113 25.90 -77.36 32.80
CA SER I 113 24.44 -77.29 32.79
C SER I 113 24.02 -76.00 32.05
N TYR I 114 22.71 -75.77 31.97
CA TYR I 114 22.14 -74.62 31.26
C TYR I 114 20.95 -74.10 32.06
N ASP I 115 20.18 -73.18 31.49
CA ASP I 115 18.90 -72.72 32.04
C ASP I 115 18.17 -71.79 31.05
N SER I 116 17.17 -71.06 31.55
CA SER I 116 16.33 -70.15 30.77
C SER I 116 17.03 -68.89 30.17
N SER I 117 18.29 -68.67 30.54
CA SER I 117 19.11 -67.55 30.07
C SER I 117 20.38 -68.00 29.35
N THR I 118 21.10 -68.97 29.90
CA THR I 118 22.39 -69.43 29.30
C THR I 118 22.81 -70.90 29.51
N VAL I 119 23.87 -71.28 28.80
CA VAL I 119 24.69 -72.44 29.08
C VAL I 119 25.85 -71.95 29.92
N VAL I 120 26.35 -72.81 30.80
CA VAL I 120 27.47 -72.52 31.69
C VAL I 120 28.27 -73.80 31.88
N PHE I 121 29.60 -73.68 31.79
CA PHE I 121 30.52 -74.77 32.15
C PHE I 121 31.03 -74.53 33.57
N GLY I 122 31.86 -75.45 34.07
CA GLY I 122 32.42 -75.34 35.42
C GLY I 122 33.62 -74.41 35.59
N GLY I 123 34.45 -74.76 36.57
CA GLY I 123 35.61 -73.96 36.95
C GLY I 123 36.96 -74.62 36.81
N GLY I 124 36.97 -75.90 36.46
CA GLY I 124 38.21 -76.64 36.23
C GLY I 124 38.85 -77.35 37.42
N THR I 125 38.37 -78.57 37.69
CA THR I 125 38.95 -79.52 38.67
C THR I 125 40.22 -80.15 38.06
N LYS I 126 41.35 -80.02 38.77
CA LYS I 126 42.63 -80.57 38.29
C LYS I 126 42.86 -81.94 38.92
N LEU I 127 42.91 -82.98 38.08
CA LEU I 127 43.18 -84.36 38.53
C LEU I 127 44.56 -84.90 38.13
N THR I 128 45.34 -85.23 39.15
CA THR I 128 46.64 -85.87 39.00
C THR I 128 46.53 -87.19 39.73
N VAL I 129 46.89 -88.27 39.03
CA VAL I 129 46.90 -89.62 39.61
C VAL I 129 48.22 -89.82 40.37
N LEU I 130 48.10 -90.09 41.67
CA LEU I 130 49.22 -90.09 42.61
C LEU I 130 50.08 -91.36 42.49
N GLY I 131 51.18 -91.40 43.26
CA GLY I 131 52.02 -92.59 43.41
C GLY I 131 52.53 -93.19 42.10
N GLN I 132 53.31 -92.41 41.37
CA GLN I 132 53.85 -92.81 40.06
C GLN I 132 55.37 -93.07 40.09
N PRO I 133 55.87 -94.01 39.25
CA PRO I 133 57.32 -94.41 39.19
C PRO I 133 58.33 -93.30 38.82
N LYS I 134 59.55 -93.40 39.37
CA LYS I 134 60.57 -92.34 39.24
C LYS I 134 61.28 -92.33 37.88
N ALA I 135 60.95 -91.32 37.07
CA ALA I 135 61.43 -91.22 35.68
C ALA I 135 62.61 -90.23 35.52
N ASN I 136 63.75 -90.74 35.04
CA ASN I 136 64.96 -89.93 34.82
C ASN I 136 64.96 -89.24 33.46
N PRO I 137 65.16 -87.89 33.43
CA PRO I 137 64.96 -87.05 32.23
C PRO I 137 65.90 -87.29 31.01
N THR I 138 65.30 -87.72 29.90
CA THR I 138 65.95 -87.79 28.56
C THR I 138 66.22 -86.37 27.99
N VAL I 139 67.49 -85.98 28.03
CA VAL I 139 67.96 -84.67 27.55
C VAL I 139 68.59 -84.80 26.15
N THR I 140 68.45 -83.73 25.34
CA THR I 140 69.21 -83.58 24.09
C THR I 140 69.78 -82.17 23.93
N LEU I 141 71.07 -82.03 24.26
CA LEU I 141 71.86 -80.88 23.81
C LEU I 141 72.34 -81.09 22.39
N PHE I 142 72.00 -80.12 21.55
CA PHE I 142 72.45 -80.08 20.17
C PHE I 142 73.39 -78.92 19.98
N PRO I 143 74.01 -78.84 18.78
CA PRO I 143 74.72 -77.60 18.48
C PRO I 143 73.79 -76.43 18.16
N PRO I 144 74.37 -75.23 17.94
CA PRO I 144 73.76 -74.33 16.96
C PRO I 144 74.19 -74.81 15.57
N SER I 145 73.25 -74.86 14.63
CA SER I 145 73.53 -75.28 13.25
C SER I 145 74.50 -74.31 12.52
N SER I 146 75.20 -74.83 11.50
CA SER I 146 76.13 -74.04 10.68
C SER I 146 75.47 -72.85 9.98
N GLU I 147 74.22 -73.08 9.59
CA GLU I 147 73.35 -72.15 8.88
C GLU I 147 72.97 -70.97 9.80
N GLU I 148 72.83 -71.30 11.09
CA GLU I 148 72.63 -70.35 12.18
C GLU I 148 73.88 -69.48 12.38
N LEU I 149 75.06 -70.12 12.42
CA LEU I 149 76.35 -69.42 12.45
C LEU I 149 76.55 -68.59 11.18
N GLN I 150 76.01 -69.06 10.05
CA GLN I 150 75.90 -68.25 8.85
C GLN I 150 75.17 -66.94 9.16
N ALA I 151 74.07 -67.03 9.92
CA ALA I 151 73.23 -65.87 10.26
C ALA I 151 73.80 -64.87 11.29
N ASN I 152 75.00 -65.16 11.83
CA ASN I 152 75.64 -64.47 12.98
C ASN I 152 74.87 -64.73 14.31
N LYS I 153 74.38 -65.97 14.46
CA LYS I 153 73.55 -66.41 15.61
C LYS I 153 73.97 -67.79 16.13
N ALA I 154 74.24 -67.90 17.42
CA ALA I 154 74.63 -69.21 18.01
C ALA I 154 73.71 -69.59 19.18
N THR I 155 72.65 -70.30 18.84
CA THR I 155 71.65 -70.71 19.82
C THR I 155 71.91 -72.17 20.23
N LEU I 156 72.38 -72.34 21.46
CA LEU I 156 72.61 -73.65 22.06
C LEU I 156 71.28 -74.21 22.55
N VAL I 157 70.72 -75.13 21.76
CA VAL I 157 69.41 -75.69 22.03
C VAL I 157 69.53 -77.00 22.81
N CYS I 158 69.15 -76.95 24.07
CA CYS I 158 68.97 -78.16 24.88
C CYS I 158 67.48 -78.42 25.11
N LEU I 159 67.15 -79.71 25.06
CA LEU I 159 65.79 -80.21 25.13
C LEU I 159 65.72 -81.33 26.17
N ILE I 160 64.88 -81.15 27.19
CA ILE I 160 64.68 -82.16 28.24
C ILE I 160 63.30 -82.83 28.07
N SER I 161 63.22 -84.15 28.30
CA SER I 161 61.94 -84.90 28.23
C SER I 161 61.81 -86.08 29.25
N ASP I 162 60.59 -86.58 29.44
CA ASP I 162 60.27 -87.87 30.09
C ASP I 162 60.64 -88.06 31.57
N PHE I 163 60.26 -87.10 32.42
CA PHE I 163 60.62 -87.13 33.86
C PHE I 163 59.48 -86.83 34.84
N TYR I 164 59.32 -87.71 35.85
CA TYR I 164 58.37 -87.53 36.96
C TYR I 164 59.06 -87.57 38.35
N PRO I 165 58.89 -86.57 39.23
CA PRO I 165 58.05 -85.34 39.05
C PRO I 165 58.57 -84.30 38.03
N GLY I 166 57.80 -83.24 37.78
CA GLY I 166 58.07 -82.31 36.68
C GLY I 166 58.89 -81.04 36.87
N ALA I 167 59.76 -81.00 37.89
CA ALA I 167 60.44 -79.74 38.30
C ALA I 167 61.99 -79.68 38.20
N VAL I 168 62.54 -79.79 36.99
CA VAL I 168 64.00 -79.68 36.75
C VAL I 168 64.61 -78.28 36.97
N THR I 169 65.77 -78.24 37.64
CA THR I 169 66.71 -77.11 37.51
C THR I 169 67.56 -77.46 36.29
N VAL I 170 67.82 -76.48 35.44
CA VAL I 170 68.73 -76.68 34.31
C VAL I 170 70.01 -75.90 34.63
N ALA I 171 71.13 -76.30 34.04
CA ALA I 171 72.41 -75.61 34.18
C ALA I 171 73.16 -75.53 32.86
N TRP I 172 74.04 -74.53 32.77
CA TRP I 172 74.69 -74.12 31.51
C TRP I 172 76.12 -73.72 31.78
N LYS I 173 77.08 -74.47 31.22
CA LYS I 173 78.51 -74.26 31.53
C LYS I 173 79.37 -73.99 30.30
N ALA I 174 80.33 -73.09 30.45
CA ALA I 174 81.38 -72.83 29.45
C ALA I 174 82.69 -73.41 29.96
N ASP I 175 83.25 -74.37 29.22
CA ASP I 175 84.36 -75.24 29.67
C ASP I 175 84.02 -76.03 30.93
N GLY I 176 83.68 -75.34 32.02
CA GLY I 176 83.22 -75.96 33.28
C GLY I 176 82.44 -75.04 34.24
N SER I 177 82.87 -73.77 34.31
CA SER I 177 82.28 -72.69 35.16
C SER I 177 81.10 -71.95 34.53
N PRO I 178 79.87 -72.20 35.04
CA PRO I 178 78.55 -71.92 34.44
C PRO I 178 78.33 -70.57 33.73
N VAL I 179 77.58 -70.62 32.62
CA VAL I 179 77.18 -69.45 31.82
C VAL I 179 75.88 -68.88 32.38
N LYS I 180 75.97 -67.69 32.98
CA LYS I 180 74.81 -67.05 33.59
C LYS I 180 73.89 -66.37 32.58
N ALA I 181 74.48 -65.61 31.65
CA ALA I 181 73.72 -64.73 30.77
C ALA I 181 73.36 -65.38 29.44
N GLY I 182 72.22 -64.98 28.88
CA GLY I 182 71.73 -65.46 27.59
C GLY I 182 70.88 -66.71 27.66
N VAL I 183 70.54 -67.12 28.89
CA VAL I 183 69.84 -68.38 29.22
C VAL I 183 68.31 -68.22 29.22
N GLU I 184 67.62 -69.10 28.48
CA GLU I 184 66.16 -69.05 28.34
C GLU I 184 65.61 -70.41 28.73
N THR I 185 64.55 -70.43 29.53
CA THR I 185 64.08 -71.68 30.15
C THR I 185 62.55 -71.68 30.20
N THR I 186 61.96 -72.88 30.10
CA THR I 186 60.49 -73.06 30.04
C THR I 186 59.82 -73.59 31.32
N LYS I 187 58.49 -73.67 31.24
CA LYS I 187 57.60 -74.28 32.22
C LYS I 187 57.30 -75.72 31.72
N PRO I 188 57.76 -76.76 32.46
CA PRO I 188 57.62 -78.14 31.98
C PRO I 188 56.18 -78.74 31.94
N SER I 189 55.44 -78.45 30.86
CA SER I 189 54.04 -78.91 30.69
C SER I 189 53.92 -80.38 30.25
N LYS I 190 52.72 -80.95 30.46
CA LYS I 190 52.44 -82.40 30.38
C LYS I 190 52.44 -82.99 28.96
N GLN I 191 53.02 -84.18 28.81
CA GLN I 191 53.05 -84.92 27.53
C GLN I 191 51.92 -85.93 27.47
N SER I 192 51.99 -86.78 26.43
CA SER I 192 50.99 -87.82 26.11
C SER I 192 51.03 -89.08 27.00
N ASN I 193 52.02 -89.15 27.88
CA ASN I 193 52.17 -90.27 28.82
C ASN I 193 52.41 -89.81 30.27
N ASN I 194 52.01 -88.57 30.56
CA ASN I 194 52.06 -87.92 31.90
C ASN I 194 53.43 -87.43 32.41
N LYS I 195 54.50 -87.86 31.73
CA LYS I 195 55.84 -87.37 32.00
C LYS I 195 56.00 -85.96 31.40
N TYR I 196 56.76 -85.09 32.07
CA TYR I 196 56.83 -83.68 31.69
C TYR I 196 57.95 -83.37 30.71
N ALA I 197 57.62 -82.62 29.65
CA ALA I 197 58.60 -82.05 28.71
C ALA I 197 59.03 -80.66 29.16
N ALA I 198 60.12 -80.15 28.58
CA ALA I 198 60.59 -78.77 28.76
C ALA I 198 61.64 -78.44 27.70
N SER I 199 62.14 -77.20 27.70
CA SER I 199 63.30 -76.80 26.88
C SER I 199 64.12 -75.65 27.47
N SER I 200 65.30 -75.44 26.91
CA SER I 200 66.18 -74.32 27.29
C SER I 200 67.04 -73.85 26.12
N TYR I 201 67.21 -72.53 26.00
CA TYR I 201 67.90 -71.87 24.86
C TYR I 201 68.96 -70.85 25.30
N LEU I 202 70.20 -71.03 24.84
CA LEU I 202 71.30 -70.13 25.18
C LEU I 202 71.70 -69.20 24.03
N SER I 203 71.37 -67.92 24.20
CA SER I 203 71.71 -66.85 23.25
C SER I 203 73.21 -66.65 23.22
N LEU I 204 73.89 -67.21 22.21
CA LEU I 204 75.30 -66.92 21.98
C LEU I 204 75.59 -66.15 20.70
N THR I 205 76.59 -65.29 20.80
CA THR I 205 77.28 -64.70 19.66
C THR I 205 78.17 -65.84 19.11
N PRO I 206 78.27 -65.98 17.75
CA PRO I 206 79.03 -67.06 17.05
C PRO I 206 80.42 -67.39 17.60
N GLU I 207 81.15 -66.34 18.00
CA GLU I 207 82.54 -66.42 18.44
C GLU I 207 82.68 -66.90 19.89
N GLN I 208 81.64 -66.69 20.70
CA GLN I 208 81.54 -67.26 22.05
C GLN I 208 81.36 -68.78 22.01
N TRP I 209 80.54 -69.27 21.07
CA TRP I 209 80.42 -70.70 20.79
C TRP I 209 81.78 -71.33 20.43
N LYS I 210 82.54 -70.64 19.58
CA LYS I 210 83.88 -71.08 19.17
C LYS I 210 84.91 -70.92 20.29
N SER I 211 84.76 -69.87 21.11
CA SER I 211 85.70 -69.50 22.19
C SER I 211 86.13 -70.67 23.09
N HIS I 212 85.15 -71.37 23.64
CA HIS I 212 85.35 -72.36 24.68
C HIS I 212 85.22 -73.79 24.15
N ARG I 213 86.02 -74.71 24.69
CA ARG I 213 86.20 -76.07 24.17
C ARG I 213 85.00 -76.99 24.37
N SER I 214 84.30 -76.81 25.47
CA SER I 214 83.19 -77.69 25.84
C SER I 214 82.04 -76.91 26.44
N TYR I 215 80.87 -77.03 25.83
CA TYR I 215 79.65 -76.42 26.36
C TYR I 215 78.69 -77.48 26.91
N SER I 216 78.42 -77.39 28.21
CA SER I 216 77.66 -78.40 28.91
C SER I 216 76.14 -78.27 28.72
N CYS I 217 75.38 -79.13 29.39
CA CYS I 217 73.92 -79.00 29.57
C CYS I 217 73.49 -79.88 30.76
N GLN I 218 73.61 -79.34 31.97
CA GLN I 218 73.20 -80.06 33.19
C GLN I 218 71.68 -80.00 33.48
N VAL I 219 71.14 -81.12 33.98
CA VAL I 219 69.71 -81.28 34.28
C VAL I 219 69.47 -82.18 35.50
N THR I 220 69.22 -81.53 36.64
CA THR I 220 68.81 -82.18 37.90
C THR I 220 67.41 -82.82 37.76
N HIS I 221 67.13 -83.77 38.65
CA HIS I 221 65.81 -84.39 38.78
C HIS I 221 65.71 -85.04 40.18
N GLU I 222 65.16 -84.29 41.14
CA GLU I 222 65.08 -84.65 42.59
C GLU I 222 66.22 -85.57 43.13
N GLY I 223 67.46 -85.11 42.98
CA GLY I 223 68.65 -85.86 43.40
C GLY I 223 69.63 -86.25 42.28
N SER I 224 69.09 -86.90 41.24
CA SER I 224 69.83 -87.30 40.04
C SER I 224 70.18 -86.08 39.20
N THR I 225 71.27 -86.17 38.43
CA THR I 225 71.81 -85.03 37.69
C THR I 225 72.35 -85.46 36.30
N VAL I 226 71.55 -85.22 35.25
CA VAL I 226 71.90 -85.58 33.86
C VAL I 226 72.55 -84.38 33.15
N GLU I 227 73.50 -84.65 32.25
CA GLU I 227 74.30 -83.65 31.54
C GLU I 227 74.69 -84.11 30.13
N LYS I 228 74.69 -83.17 29.17
CA LYS I 228 75.15 -83.44 27.78
C LYS I 228 76.09 -82.34 27.25
N THR I 229 76.94 -82.69 26.29
CA THR I 229 78.02 -81.81 25.80
C THR I 229 78.39 -82.12 24.32
N VAL I 230 78.86 -81.09 23.61
CA VAL I 230 79.49 -81.22 22.28
C VAL I 230 80.71 -80.27 22.19
N ALA I 231 81.46 -80.36 21.09
CA ALA I 231 82.67 -79.53 20.85
C ALA I 231 82.40 -78.37 19.85
N PRO I 232 83.33 -77.37 19.72
CA PRO I 232 83.24 -76.35 18.66
C PRO I 232 82.90 -76.87 17.25
N THR I 233 83.42 -78.04 16.90
CA THR I 233 83.01 -78.78 15.69
C THR I 233 83.05 -80.29 15.96
N PRO J 4 -50.88 28.15 30.06
CA PRO J 4 -50.82 29.33 29.19
C PRO J 4 -50.28 30.61 29.85
N LYS J 5 -50.77 30.96 31.05
CA LYS J 5 -50.23 32.07 31.89
C LYS J 5 -50.02 33.43 31.15
N ILE J 6 -51.04 34.30 31.16
CA ILE J 6 -51.03 35.54 30.33
C ILE J 6 -50.09 36.63 30.89
N VAL J 7 -49.19 37.11 30.03
CA VAL J 7 -48.20 38.17 30.33
C VAL J 7 -48.34 39.26 29.24
N ASN J 8 -49.02 40.37 29.59
CA ASN J 8 -49.37 41.45 28.64
C ASN J 8 -48.16 42.19 28.05
N ILE J 9 -48.35 42.80 26.88
CA ILE J 9 -47.45 43.84 26.32
C ILE J 9 -48.33 44.94 25.65
N GLY J 10 -48.20 46.20 26.13
CA GLY J 10 -48.92 47.41 25.63
C GLY J 10 -48.23 48.16 24.48
N ALA J 11 -48.89 49.18 23.92
CA ALA J 11 -48.27 50.05 22.86
C ALA J 11 -49.11 51.23 22.34
N VAL J 12 -48.68 52.45 22.67
CA VAL J 12 -49.18 53.67 21.99
C VAL J 12 -48.49 53.81 20.63
N LEU J 13 -49.25 54.17 19.59
CA LEU J 13 -48.69 54.32 18.23
C LEU J 13 -49.26 55.52 17.42
N SER J 14 -48.79 55.66 16.17
CA SER J 14 -49.23 56.71 15.24
C SER J 14 -50.63 56.49 14.72
N THR J 15 -50.79 55.38 14.02
CA THR J 15 -52.01 55.01 13.30
C THR J 15 -52.65 53.78 13.93
N ARG J 16 -53.96 53.62 13.69
CA ARG J 16 -54.67 52.36 13.93
C ARG J 16 -54.11 51.24 13.02
N LYS J 17 -53.72 51.63 11.80
CA LYS J 17 -53.01 50.79 10.84
C LYS J 17 -51.70 50.20 11.40
N HIS J 18 -51.14 50.89 12.42
CA HIS J 18 -49.97 50.43 13.18
C HIS J 18 -50.25 49.49 14.36
N GLU J 19 -51.34 49.73 15.11
CA GLU J 19 -51.69 48.88 16.27
C GLU J 19 -52.11 47.47 15.85
N GLN J 20 -52.39 47.33 14.55
CA GLN J 20 -52.59 46.06 13.85
C GLN J 20 -51.25 45.52 13.29
N MET J 21 -50.36 46.43 12.90
CA MET J 21 -48.96 46.10 12.60
C MET J 21 -48.26 45.63 13.89
N PHE J 22 -48.64 46.23 15.00
CA PHE J 22 -48.28 45.79 16.36
C PHE J 22 -48.92 44.44 16.65
N ARG J 23 -50.23 44.33 16.43
CA ARG J 23 -50.96 43.05 16.60
C ARG J 23 -50.48 41.98 15.62
N GLU J 24 -49.75 42.41 14.59
CA GLU J 24 -48.96 41.52 13.75
C GLU J 24 -47.62 41.14 14.43
N ALA J 25 -47.04 42.12 15.15
CA ALA J 25 -45.71 42.02 15.80
C ALA J 25 -45.64 41.30 17.18
N VAL J 26 -46.75 41.25 17.94
CA VAL J 26 -46.89 40.39 19.19
C VAL J 26 -47.22 38.93 18.84
N ASN J 27 -48.01 38.77 17.76
CA ASN J 27 -48.37 37.46 17.19
C ASN J 27 -47.14 36.80 16.55
N GLN J 28 -46.39 37.60 15.78
CA GLN J 28 -45.11 37.19 15.19
C GLN J 28 -44.02 36.87 16.23
N ALA J 29 -44.11 37.51 17.39
CA ALA J 29 -43.23 37.24 18.53
C ALA J 29 -43.49 35.87 19.14
N ASN J 30 -44.76 35.60 19.49
CA ASN J 30 -45.25 34.28 19.93
C ASN J 30 -44.92 33.17 18.91
N LYS J 31 -45.07 33.50 17.60
CA LYS J 31 -44.78 32.62 16.44
C LYS J 31 -43.31 32.15 16.29
N ARG J 32 -42.40 32.79 17.03
CA ARG J 32 -40.96 32.48 17.00
C ARG J 32 -40.49 31.65 18.20
N HIS J 33 -41.22 31.79 19.31
CA HIS J 33 -40.75 31.42 20.66
C HIS J 33 -40.92 29.94 21.09
N GLY J 34 -41.01 29.70 22.41
CA GLY J 34 -41.26 28.37 22.98
C GLY J 34 -42.75 28.12 23.16
N SER J 35 -43.42 29.04 23.86
CA SER J 35 -44.92 29.19 24.00
C SER J 35 -45.61 28.46 25.18
N TRP J 36 -45.25 27.19 25.38
CA TRP J 36 -45.84 26.28 26.39
C TRP J 36 -45.81 26.76 27.86
N LYS J 37 -45.19 27.93 28.07
CA LYS J 37 -44.92 28.49 29.38
C LYS J 37 -45.90 29.64 29.70
N ILE J 38 -45.65 30.80 29.10
CA ILE J 38 -46.45 32.01 29.30
C ILE J 38 -46.75 32.68 27.93
N GLN J 39 -48.02 33.05 27.70
CA GLN J 39 -48.47 33.53 26.36
C GLN J 39 -48.94 35.00 26.28
N LEU J 40 -48.26 35.76 25.42
CA LEU J 40 -48.26 37.23 25.43
C LEU J 40 -49.47 37.88 24.76
N ASN J 41 -49.98 38.94 25.40
CA ASN J 41 -51.23 39.63 25.00
C ASN J 41 -50.93 41.02 24.44
N ALA J 42 -51.50 41.29 23.26
CA ALA J 42 -51.18 42.46 22.43
C ALA J 42 -52.08 43.69 22.66
N THR J 43 -52.08 44.23 23.88
CA THR J 43 -52.79 45.50 24.13
C THR J 43 -52.07 46.67 23.42
N SER J 44 -52.84 47.55 22.78
CA SER J 44 -52.28 48.67 22.02
C SER J 44 -53.30 49.79 21.84
N VAL J 45 -52.81 51.00 21.58
CA VAL J 45 -53.68 52.18 21.41
C VAL J 45 -53.05 53.34 20.61
N THR J 46 -53.90 54.02 19.85
CA THR J 46 -53.53 55.23 19.13
C THR J 46 -53.18 56.33 20.14
N HIS J 47 -52.19 57.16 19.80
CA HIS J 47 -51.71 58.17 20.75
C HIS J 47 -52.66 59.37 20.84
N LYS J 48 -52.47 60.24 21.83
CA LYS J 48 -53.31 61.43 22.01
C LYS J 48 -52.52 62.74 21.88
N PRO J 49 -53.08 63.76 21.17
CA PRO J 49 -52.47 65.11 21.10
C PRO J 49 -52.38 65.85 22.44
N ASN J 50 -53.47 65.86 23.20
CA ASN J 50 -53.51 66.45 24.54
C ASN J 50 -52.74 65.53 25.50
N ALA J 51 -51.77 66.14 26.19
CA ALA J 51 -50.92 65.45 27.18
C ALA J 51 -51.75 64.95 28.37
N ILE J 52 -52.76 65.76 28.73
CA ILE J 52 -53.75 65.45 29.78
C ILE J 52 -54.57 64.19 29.43
N GLN J 53 -54.99 64.10 28.17
CA GLN J 53 -55.64 62.89 27.63
C GLN J 53 -54.68 61.72 27.54
N MET J 54 -53.52 61.92 26.94
CA MET J 54 -52.51 60.87 26.84
C MET J 54 -52.04 60.35 28.21
N ALA J 55 -51.78 61.28 29.14
CA ALA J 55 -51.37 60.94 30.52
C ALA J 55 -52.44 60.14 31.23
N LEU J 56 -53.69 60.61 31.14
CA LEU J 56 -54.80 59.83 31.67
C LEU J 56 -55.09 58.59 30.81
N SER J 57 -54.84 58.65 29.49
CA SER J 57 -55.00 57.48 28.60
C SER J 57 -53.79 56.51 28.56
N VAL J 58 -53.02 56.53 29.64
CA VAL J 58 -52.11 55.42 29.96
C VAL J 58 -52.46 54.90 31.37
N CYS J 59 -53.11 55.75 32.17
CA CYS J 59 -53.80 55.32 33.39
C CYS J 59 -55.06 54.54 33.00
N GLU J 60 -55.91 55.17 32.18
CA GLU J 60 -57.15 54.57 31.66
C GLU J 60 -56.89 53.36 30.78
N ASP J 61 -55.81 53.42 29.99
CA ASP J 61 -55.56 52.45 28.92
C ASP J 61 -54.65 51.28 29.32
N LEU J 62 -53.41 51.60 29.66
CA LEU J 62 -52.30 50.65 29.55
C LEU J 62 -51.63 50.27 30.85
N ILE J 63 -52.09 50.80 31.97
CA ILE J 63 -51.82 50.16 33.27
C ILE J 63 -53.15 49.53 33.70
N SER J 64 -54.24 50.00 33.07
CA SER J 64 -55.59 49.45 33.25
C SER J 64 -55.75 47.98 32.80
N SER J 65 -54.87 47.53 31.90
CA SER J 65 -54.86 46.16 31.37
C SER J 65 -53.94 45.17 32.17
N GLN J 66 -53.23 45.72 33.18
CA GLN J 66 -52.02 45.14 33.82
C GLN J 66 -50.97 44.75 32.78
N VAL J 67 -50.03 45.66 32.56
CA VAL J 67 -49.14 45.61 31.38
C VAL J 67 -47.64 45.42 31.78
N TYR J 68 -46.83 44.82 30.87
CA TYR J 68 -45.40 44.50 31.08
C TYR J 68 -44.30 45.44 30.51
N ALA J 69 -44.44 45.93 29.26
CA ALA J 69 -43.43 46.83 28.64
C ALA J 69 -43.93 47.78 27.52
N ILE J 70 -44.72 48.79 27.92
CA ILE J 70 -45.37 49.76 26.98
C ILE J 70 -44.41 50.28 25.86
N LEU J 71 -44.86 50.23 24.60
CA LEU J 71 -44.12 50.73 23.42
C LEU J 71 -44.59 52.10 22.94
N VAL J 72 -43.65 52.94 22.54
CA VAL J 72 -43.99 54.26 22.03
C VAL J 72 -43.38 54.55 20.65
N SER J 73 -44.28 54.71 19.69
CA SER J 73 -43.97 55.40 18.44
C SER J 73 -45.06 56.44 18.13
N HIS J 74 -44.76 57.35 17.22
CA HIS J 74 -45.60 58.52 16.96
C HIS J 74 -45.24 59.12 15.59
N PRO J 75 -45.90 60.24 15.18
CA PRO J 75 -45.28 61.06 14.14
C PRO J 75 -43.85 61.43 14.58
N PRO J 76 -42.83 61.13 13.74
CA PRO J 76 -41.45 61.53 14.04
C PRO J 76 -41.16 62.96 13.55
N THR J 77 -42.23 63.76 13.48
CA THR J 77 -42.20 65.22 13.23
C THR J 77 -41.51 65.99 14.40
N PRO J 78 -41.20 67.31 14.20
CA PRO J 78 -40.80 68.18 15.34
C PRO J 78 -41.84 68.33 16.46
N ASN J 79 -43.12 68.19 16.11
CA ASN J 79 -44.25 68.47 17.02
C ASN J 79 -44.81 67.23 17.73
N ASP J 80 -43.96 66.23 17.97
CA ASP J 80 -44.33 65.02 18.75
C ASP J 80 -43.14 64.35 19.45
N HIS J 81 -42.04 65.08 19.70
CA HIS J 81 -40.84 64.38 20.24
C HIS J 81 -40.79 64.16 21.76
N PHE J 82 -41.58 64.93 22.51
CA PHE J 82 -41.82 64.63 23.95
C PHE J 82 -43.11 63.82 24.14
N THR J 83 -43.26 62.77 23.35
CA THR J 83 -44.47 61.93 23.35
C THR J 83 -44.46 60.90 24.49
N PRO J 84 -43.38 60.09 24.63
CA PRO J 84 -43.43 59.07 25.69
C PRO J 84 -43.46 59.56 27.14
N THR J 85 -43.26 60.86 27.41
CA THR J 85 -43.25 61.40 28.79
C THR J 85 -44.48 60.98 29.62
N PRO J 86 -45.72 61.37 29.21
CA PRO J 86 -46.90 60.86 29.93
C PRO J 86 -47.15 59.34 29.86
N VAL J 87 -46.37 58.62 29.05
CA VAL J 87 -46.38 57.13 29.02
C VAL J 87 -45.26 56.60 29.92
N SER J 88 -44.12 57.29 29.92
CA SER J 88 -42.97 56.96 30.74
C SER J 88 -43.30 57.16 32.21
N TYR J 89 -43.82 58.35 32.50
CA TYR J 89 -44.35 58.76 33.82
C TYR J 89 -45.22 57.73 34.51
N THR J 90 -46.33 57.37 33.85
CA THR J 90 -47.39 56.57 34.47
C THR J 90 -46.86 55.18 34.80
N ALA J 91 -46.10 54.59 33.87
CA ALA J 91 -45.33 53.37 34.13
C ALA J 91 -44.15 53.62 35.10
N GLY J 92 -43.77 54.89 35.27
CA GLY J 92 -42.67 55.29 36.15
C GLY J 92 -43.00 55.72 37.58
N PHE J 93 -44.17 55.31 38.11
CA PHE J 93 -44.36 55.19 39.57
C PHE J 93 -44.24 53.71 39.96
N TYR J 94 -44.65 52.83 39.05
CA TYR J 94 -44.57 51.40 39.27
C TYR J 94 -43.29 50.80 38.70
N ARG J 95 -42.43 51.66 38.13
CA ARG J 95 -41.11 51.25 37.59
C ARG J 95 -41.19 50.14 36.52
N ILE J 96 -42.05 50.32 35.51
CA ILE J 96 -42.25 49.32 34.46
C ILE J 96 -41.43 49.73 33.21
N PRO J 97 -40.59 48.82 32.66
CA PRO J 97 -39.65 49.05 31.52
C PRO J 97 -40.21 49.59 30.19
N VAL J 98 -40.38 50.91 30.13
CA VAL J 98 -40.92 51.68 28.97
C VAL J 98 -39.91 51.71 27.81
N LEU J 99 -40.40 51.70 26.58
CA LEU J 99 -39.54 51.66 25.37
C LEU J 99 -39.81 52.84 24.40
N GLY J 100 -38.84 53.09 23.50
CA GLY J 100 -38.89 54.18 22.49
C GLY J 100 -38.36 53.80 21.11
N LEU J 101 -39.08 54.20 20.06
CA LEU J 101 -38.84 53.67 18.70
C LEU J 101 -38.58 54.75 17.68
N THR J 102 -39.45 55.76 17.66
CA THR J 102 -39.31 56.91 16.77
C THR J 102 -38.37 57.99 17.28
N THR J 103 -38.42 58.23 18.59
CA THR J 103 -37.90 59.47 19.21
C THR J 103 -36.38 59.48 19.53
N ARG J 104 -35.77 60.67 19.51
CA ARG J 104 -34.30 60.84 19.65
C ARG J 104 -33.80 61.67 20.85
N MET J 105 -34.66 62.45 21.48
CA MET J 105 -34.23 63.43 22.49
C MET J 105 -33.37 62.83 23.61
N SER J 106 -32.34 63.58 24.02
CA SER J 106 -31.33 63.09 24.96
C SER J 106 -31.70 63.39 26.42
N ILE J 107 -32.83 64.05 26.63
CA ILE J 107 -33.43 64.22 27.95
C ILE J 107 -34.02 62.90 28.50
N TYR J 108 -34.29 61.94 27.61
CA TYR J 108 -34.73 60.61 28.03
C TYR J 108 -33.53 59.78 28.55
N SER J 109 -32.35 60.09 28.00
CA SER J 109 -31.12 59.36 28.27
C SER J 109 -30.32 59.91 29.44
N ASP J 110 -30.42 61.22 29.69
CA ASP J 110 -29.70 61.94 30.78
C ASP J 110 -29.63 61.19 32.12
N LYS J 111 -28.54 61.41 32.84
CA LYS J 111 -28.21 60.61 34.00
C LYS J 111 -29.23 60.67 35.12
N SER J 112 -29.68 59.48 35.50
CA SER J 112 -30.60 59.23 36.62
C SER J 112 -32.04 59.70 36.46
N ILE J 113 -32.36 60.43 35.38
CA ILE J 113 -33.76 60.81 35.09
C ILE J 113 -34.59 59.55 34.69
N HIS J 114 -35.71 59.71 33.96
CA HIS J 114 -36.78 58.67 33.81
C HIS J 114 -36.35 57.20 33.81
N LEU J 115 -36.15 56.69 35.02
CA LEU J 115 -35.41 55.45 35.28
C LEU J 115 -36.04 54.15 34.79
N SER J 116 -37.20 54.24 34.15
CA SER J 116 -37.82 53.06 33.54
C SER J 116 -37.38 52.81 32.08
N PHE J 117 -36.92 53.89 31.43
CA PHE J 117 -36.78 54.03 29.96
C PHE J 117 -35.92 52.99 29.22
N LEU J 118 -36.31 52.77 27.96
CA LEU J 118 -35.60 51.94 26.96
C LEU J 118 -35.73 52.51 25.52
N ARG J 119 -34.70 52.32 24.67
CA ARG J 119 -34.80 52.61 23.20
C ARG J 119 -33.80 51.86 22.30
N THR J 120 -34.22 51.55 21.07
CA THR J 120 -33.40 50.85 20.05
C THR J 120 -32.88 51.81 18.96
N VAL J 121 -32.55 53.05 19.36
CA VAL J 121 -32.22 54.14 18.43
C VAL J 121 -31.39 55.24 19.13
N PRO J 122 -30.32 55.74 18.48
CA PRO J 122 -29.43 56.66 19.17
C PRO J 122 -30.01 58.07 19.22
N PRO J 123 -29.54 58.92 20.17
CA PRO J 123 -30.04 60.29 20.29
C PRO J 123 -29.32 61.25 19.36
N TYR J 124 -29.74 62.51 19.36
CA TYR J 124 -29.06 63.52 18.55
C TYR J 124 -27.67 63.89 19.09
N SER J 125 -27.49 63.75 20.40
CA SER J 125 -26.22 64.08 21.01
C SER J 125 -25.18 62.98 20.85
N HIS J 126 -25.55 61.88 20.20
CA HIS J 126 -24.57 60.83 19.80
C HIS J 126 -24.04 61.07 18.40
N GLN J 127 -24.68 62.01 17.71
CA GLN J 127 -24.14 62.57 16.46
C GLN J 127 -22.79 63.25 16.71
N SER J 128 -22.56 63.67 17.97
CA SER J 128 -21.25 64.17 18.40
C SER J 128 -20.18 63.12 18.22
N SER J 129 -20.54 61.84 18.42
CA SER J 129 -19.61 60.71 18.19
C SER J 129 -19.31 60.54 16.69
N VAL J 130 -20.20 61.04 15.84
CA VAL J 130 -19.93 61.15 14.40
C VAL J 130 -19.13 62.43 14.10
N TRP J 131 -19.46 63.56 14.76
CA TRP J 131 -18.83 64.87 14.49
C TRP J 131 -17.32 64.91 14.72
N PHE J 132 -16.88 64.44 15.90
CA PHE J 132 -15.47 64.15 16.18
C PHE J 132 -14.86 63.29 15.08
N GLU J 133 -15.65 62.32 14.61
CA GLU J 133 -15.23 61.43 13.55
C GLU J 133 -15.15 62.13 12.20
N MET J 134 -16.00 63.12 11.96
CA MET J 134 -15.96 63.88 10.70
C MET J 134 -14.71 64.73 10.62
N MET J 135 -14.25 65.16 11.79
CA MET J 135 -13.02 65.91 11.95
C MET J 135 -11.80 64.98 11.89
N ARG J 136 -11.98 63.71 12.30
CA ARG J 136 -10.94 62.66 12.16
C ARG J 136 -10.43 62.69 10.70
N VAL J 137 -11.33 62.37 9.77
CA VAL J 137 -11.11 62.46 8.32
C VAL J 137 -11.02 63.95 7.92
N TYR J 138 -10.51 64.22 6.72
CA TYR J 138 -10.54 65.56 6.09
C TYR J 138 -9.61 66.62 6.73
N SER J 139 -9.31 66.43 8.04
CA SER J 139 -8.64 67.42 8.93
C SER J 139 -9.53 68.62 9.16
N TRP J 140 -10.09 68.73 10.37
CA TRP J 140 -10.61 69.99 10.88
C TRP J 140 -9.95 70.17 12.24
N ASN J 141 -8.90 70.99 12.28
CA ASN J 141 -8.16 71.23 13.53
C ASN J 141 -8.79 72.35 14.37
N HIS J 142 -9.61 73.20 13.73
CA HIS J 142 -10.14 74.39 14.38
C HIS J 142 -11.63 74.65 14.08
N ILE J 143 -12.48 74.34 15.05
CA ILE J 143 -13.94 74.38 14.89
C ILE J 143 -14.59 75.43 15.80
N ILE J 144 -15.66 76.06 15.31
CA ILE J 144 -16.57 76.93 16.13
C ILE J 144 -17.84 76.14 16.46
N LEU J 145 -18.24 76.13 17.73
CA LEU J 145 -19.38 75.32 18.15
C LEU J 145 -20.49 76.17 18.70
N LEU J 146 -21.40 76.58 17.82
CA LEU J 146 -22.64 77.18 18.30
C LEU J 146 -23.75 76.14 18.32
N VAL J 147 -24.44 76.07 19.45
CA VAL J 147 -25.64 75.24 19.63
C VAL J 147 -26.60 75.89 20.65
N SER J 148 -27.82 75.34 20.76
CA SER J 148 -28.90 75.86 21.62
C SER J 148 -28.61 75.80 23.13
N ASP J 149 -29.07 76.83 23.87
CA ASP J 149 -28.76 76.99 25.30
C ASP J 149 -29.78 76.27 26.20
N ASP J 150 -30.36 75.19 25.67
CA ASP J 150 -31.26 74.28 26.39
C ASP J 150 -30.58 72.92 26.56
N HIS J 151 -31.34 71.89 26.94
CA HIS J 151 -30.76 70.58 27.29
C HIS J 151 -30.22 69.77 26.12
N GLU J 152 -30.91 69.84 24.99
CA GLU J 152 -30.55 69.08 23.79
C GLU J 152 -29.27 69.57 23.13
N GLY J 153 -29.14 70.89 22.99
CA GLY J 153 -27.93 71.54 22.46
C GLY J 153 -26.73 71.39 23.37
N ARG J 154 -26.95 71.57 24.68
CA ARG J 154 -25.92 71.36 25.69
C ARG J 154 -25.45 69.90 25.73
N ALA J 155 -26.39 68.96 25.58
CA ALA J 155 -26.08 67.51 25.52
C ALA J 155 -25.14 67.11 24.39
N ALA J 156 -25.31 67.74 23.22
CA ALA J 156 -24.47 67.50 22.05
C ALA J 156 -23.03 67.99 22.21
N GLN J 157 -22.85 69.25 22.64
CA GLN J 157 -21.53 69.85 22.84
C GLN J 157 -20.73 69.27 23.99
N LYS J 158 -21.41 68.93 25.10
CA LYS J 158 -20.78 68.34 26.30
C LYS J 158 -20.04 67.06 25.95
N ARG J 159 -20.78 66.09 25.40
CA ARG J 159 -20.17 64.89 24.82
C ARG J 159 -19.01 65.30 23.95
N LEU J 160 -19.25 66.10 22.90
CA LEU J 160 -18.20 66.49 21.94
C LEU J 160 -16.92 67.00 22.62
N GLU J 161 -17.07 67.82 23.66
CA GLU J 161 -15.95 68.28 24.48
C GLU J 161 -15.16 67.13 25.15
N THR J 162 -15.87 66.09 25.59
CA THR J 162 -15.25 64.91 26.23
C THR J 162 -14.42 64.11 25.23
N LEU J 163 -14.98 63.87 24.04
CA LEU J 163 -14.25 63.20 22.98
C LEU J 163 -13.00 63.98 22.62
N LEU J 164 -13.12 65.31 22.68
CA LEU J 164 -12.02 66.21 22.40
C LEU J 164 -11.07 66.43 23.59
N GLU J 165 -11.55 66.19 24.82
CA GLU J 165 -10.75 66.30 26.06
C GLU J 165 -9.60 65.28 26.10
N GLU J 166 -9.92 64.01 25.83
CA GLU J 166 -8.92 62.92 25.75
C GLU J 166 -7.99 63.11 24.56
N ARG J 167 -8.42 63.97 23.65
CA ARG J 167 -7.63 64.50 22.55
C ARG J 167 -7.01 65.85 23.01
N GLU J 168 -5.84 66.26 22.49
CA GLU J 168 -5.16 67.49 22.95
C GLU J 168 -6.05 68.76 22.89
N SER J 169 -7.15 68.66 22.11
CA SER J 169 -7.87 69.81 21.54
C SER J 169 -9.04 70.35 22.34
N LYS J 170 -9.46 71.56 21.96
CA LYS J 170 -10.72 72.13 22.43
C LYS J 170 -11.39 72.86 21.25
N ALA J 171 -12.71 73.00 21.29
CA ALA J 171 -13.42 73.79 20.29
C ALA J 171 -12.87 75.20 20.36
N GLU J 172 -12.62 75.81 19.19
CA GLU J 172 -11.90 77.10 19.13
C GLU J 172 -12.72 78.28 19.72
N LYS J 173 -14.02 78.30 19.47
CA LYS J 173 -14.94 79.08 20.31
C LYS J 173 -16.31 78.45 20.29
N VAL J 174 -16.67 77.82 21.40
CA VAL J 174 -18.06 77.48 21.68
C VAL J 174 -18.90 78.78 21.82
N LEU J 175 -20.12 78.75 21.29
CA LEU J 175 -21.07 79.86 21.28
C LEU J 175 -22.47 79.35 21.63
N GLN J 176 -23.38 80.25 22.01
CA GLN J 176 -24.76 79.88 22.41
C GLN J 176 -25.83 80.98 22.36
N PHE J 177 -27.00 80.59 21.84
CA PHE J 177 -28.15 81.47 21.60
C PHE J 177 -29.37 81.04 22.44
N ASP J 178 -30.32 81.96 22.63
CA ASP J 178 -31.64 81.66 23.22
C ASP J 178 -32.51 80.79 22.30
N PRO J 179 -32.79 79.51 22.68
CA PRO J 179 -33.50 78.59 21.78
C PRO J 179 -34.88 79.10 21.34
N GLY J 180 -34.99 79.47 20.07
CA GLY J 180 -36.12 80.24 19.56
C GLY J 180 -35.83 81.73 19.66
N THR J 181 -34.79 82.18 18.94
CA THR J 181 -34.38 83.60 18.90
C THR J 181 -34.47 84.16 17.47
N LYS J 182 -35.01 85.38 17.31
CA LYS J 182 -35.23 85.94 15.96
C LYS J 182 -34.12 86.82 15.43
N ASN J 183 -33.25 87.29 16.33
CA ASN J 183 -31.95 87.91 15.97
C ASN J 183 -30.81 87.05 16.53
N VAL J 184 -29.90 86.66 15.65
CA VAL J 184 -28.66 86.03 16.03
C VAL J 184 -27.51 87.01 15.78
N THR J 185 -27.53 87.66 14.61
CA THR J 185 -26.46 88.53 14.07
C THR J 185 -25.23 88.77 14.96
N ALA J 186 -25.45 89.41 16.11
CA ALA J 186 -24.42 89.63 17.12
C ALA J 186 -23.50 88.43 17.29
N LEU J 187 -24.10 87.27 17.54
CA LEU J 187 -23.40 86.01 17.78
C LEU J 187 -22.59 85.54 16.58
N LEU J 188 -23.00 85.93 15.38
CA LEU J 188 -22.37 85.42 14.14
C LEU J 188 -21.22 86.26 13.66
N MET J 189 -21.31 87.57 13.91
CA MET J 189 -20.23 88.53 13.59
C MET J 189 -18.95 88.16 14.31
N GLU J 190 -19.08 87.92 15.61
CA GLU J 190 -17.97 87.49 16.46
C GLU J 190 -17.37 86.14 16.04
N ALA J 191 -18.19 85.33 15.37
CA ALA J 191 -17.71 84.11 14.72
C ALA J 191 -16.87 84.43 13.46
N LYS J 192 -17.24 85.50 12.77
CA LYS J 192 -16.56 85.87 11.51
C LYS J 192 -15.24 86.63 11.76
N GLU J 193 -14.90 86.84 13.02
CA GLU J 193 -13.59 87.36 13.39
C GLU J 193 -12.74 86.34 14.17
N LEU J 194 -12.56 85.16 13.59
CA LEU J 194 -11.62 84.17 14.09
C LEU J 194 -10.79 83.58 12.93
N GLU J 195 -9.69 82.91 13.30
CA GLU J 195 -8.80 82.18 12.37
C GLU J 195 -9.52 80.97 11.75
N ALA J 196 -10.45 80.38 12.52
CA ALA J 196 -11.20 79.20 12.07
C ALA J 196 -12.29 79.51 11.03
N ARG J 197 -12.55 78.48 10.21
CA ARG J 197 -13.53 78.51 9.11
C ARG J 197 -14.38 77.21 9.03
N VAL J 198 -14.42 76.44 10.13
CA VAL J 198 -15.36 75.31 10.29
C VAL J 198 -16.31 75.56 11.46
N ILE J 199 -17.61 75.59 11.16
CA ILE J 199 -18.68 75.88 12.13
C ILE J 199 -19.60 74.68 12.28
N ILE J 200 -19.93 74.34 13.53
CA ILE J 200 -20.77 73.16 13.85
C ILE J 200 -22.02 73.50 14.68
N LEU J 201 -23.17 73.08 14.18
CA LEU J 201 -24.46 73.44 14.72
C LEU J 201 -25.30 72.24 15.16
N SER J 202 -25.98 72.40 16.30
CA SER J 202 -26.90 71.40 16.83
C SER J 202 -28.04 72.18 17.42
N ALA J 203 -28.83 72.77 16.51
CA ALA J 203 -30.00 73.61 16.82
C ALA J 203 -31.31 72.85 16.57
N SER J 204 -32.44 73.48 16.86
CA SER J 204 -33.73 72.96 16.42
C SER J 204 -33.94 73.36 14.96
N GLU J 205 -34.78 72.62 14.24
CA GLU J 205 -35.07 72.92 12.83
C GLU J 205 -35.57 74.34 12.61
N ASP J 206 -36.38 74.83 13.54
CA ASP J 206 -36.85 76.20 13.51
C ASP J 206 -35.74 77.17 13.87
N ASP J 207 -34.87 76.76 14.78
CA ASP J 207 -33.73 77.60 15.13
C ASP J 207 -32.87 77.67 13.88
N ALA J 208 -32.60 76.51 13.26
CA ALA J 208 -31.75 76.43 12.07
C ALA J 208 -32.24 77.28 10.89
N ALA J 209 -33.55 77.59 10.87
CA ALA J 209 -34.14 78.55 9.92
C ALA J 209 -33.53 79.93 10.07
N THR J 210 -33.21 80.29 11.32
CA THR J 210 -32.61 81.59 11.65
C THR J 210 -31.13 81.65 11.31
N VAL J 211 -30.35 80.75 11.92
CA VAL J 211 -28.88 80.82 11.92
C VAL J 211 -28.26 80.76 10.51
N TYR J 212 -28.96 80.09 9.60
CA TYR J 212 -28.57 80.10 8.21
C TYR J 212 -28.80 81.50 7.63
N ARG J 213 -30.06 81.96 7.62
CA ARG J 213 -30.44 83.23 6.98
C ARG J 213 -29.80 84.45 7.66
N ALA J 214 -29.48 84.32 8.94
CA ALA J 214 -28.67 85.29 9.68
C ALA J 214 -27.20 85.22 9.24
N ALA J 215 -26.69 84.00 8.98
CA ALA J 215 -25.33 83.82 8.46
C ALA J 215 -25.20 84.33 7.02
N ALA J 216 -26.26 84.08 6.25
CA ALA J 216 -26.32 84.38 4.80
C ALA J 216 -26.24 85.86 4.52
N MET J 217 -26.93 86.65 5.33
CA MET J 217 -26.88 88.12 5.26
C MET J 217 -25.45 88.69 5.44
N LEU J 218 -24.70 88.14 6.40
CA LEU J 218 -23.38 88.68 6.81
C LEU J 218 -22.17 88.15 6.01
N ASN J 219 -22.42 87.14 5.17
CA ASN J 219 -21.44 86.52 4.25
C ASN J 219 -20.62 85.36 4.88
N MET J 220 -21.34 84.47 5.56
CA MET J 220 -20.73 83.28 6.18
C MET J 220 -21.28 82.00 5.57
N THR J 221 -21.18 81.93 4.24
CA THR J 221 -21.80 80.87 3.45
C THR J 221 -20.83 80.26 2.43
N GLY J 222 -20.15 81.08 1.65
CA GLY J 222 -19.34 80.59 0.53
C GLY J 222 -17.91 80.18 0.84
N SER J 223 -17.17 79.88 -0.23
CA SER J 223 -15.72 79.61 -0.21
C SER J 223 -15.24 78.69 0.95
N GLY J 224 -14.11 79.05 1.57
CA GLY J 224 -13.46 78.22 2.58
C GLY J 224 -14.24 77.80 3.83
N TYR J 225 -15.46 78.36 4.02
CA TYR J 225 -16.32 78.03 5.19
C TYR J 225 -16.71 76.54 5.29
N VAL J 226 -17.04 76.07 6.49
CA VAL J 226 -17.58 74.71 6.63
C VAL J 226 -18.74 74.65 7.61
N TRP J 227 -19.87 74.21 7.07
CA TRP J 227 -21.06 73.91 7.86
C TRP J 227 -21.21 72.37 7.92
N LEU J 228 -21.40 71.87 9.14
CA LEU J 228 -21.48 70.44 9.43
C LEU J 228 -22.44 70.28 10.59
N VAL J 229 -23.67 69.89 10.28
CA VAL J 229 -24.76 69.79 11.27
C VAL J 229 -25.15 68.32 11.46
N GLY J 230 -26.24 68.05 12.19
CA GLY J 230 -26.81 66.69 12.24
C GLY J 230 -28.13 66.57 11.48
N GLU J 231 -28.91 65.52 11.79
CA GLU J 231 -30.33 65.44 11.39
C GLU J 231 -31.11 66.26 12.41
N ARG J 232 -32.21 66.87 11.96
CA ARG J 232 -33.05 67.86 12.70
C ARG J 232 -32.62 69.26 12.26
N GLU J 233 -31.30 69.47 12.21
CA GLU J 233 -30.67 70.69 11.69
C GLU J 233 -30.70 70.74 10.16
N ILE J 234 -31.16 69.64 9.53
CA ILE J 234 -31.53 69.65 8.10
C ILE J 234 -32.86 68.93 7.84
N SER J 235 -33.94 69.54 8.33
CA SER J 235 -35.31 69.10 8.04
C SER J 235 -36.28 70.28 8.13
N GLY J 236 -37.43 70.17 7.45
CA GLY J 236 -38.50 71.17 7.56
C GLY J 236 -38.06 72.58 7.21
N ASN J 237 -38.18 73.50 8.17
CA ASN J 237 -37.80 74.94 8.00
C ASN J 237 -36.30 75.17 7.89
N ALA J 238 -35.51 74.37 8.62
CA ALA J 238 -34.09 74.18 8.33
C ALA J 238 -33.97 73.49 6.98
N LEU J 239 -32.76 73.39 6.45
CA LEU J 239 -32.49 72.73 5.16
C LEU J 239 -32.98 73.59 4.02
N ARG J 240 -34.24 74.02 4.10
CA ARG J 240 -34.84 74.98 3.18
C ARG J 240 -34.20 76.37 3.25
N TYR J 241 -33.33 76.57 4.23
CA TYR J 241 -32.48 77.74 4.31
C TYR J 241 -30.98 77.41 4.32
N ALA J 242 -30.64 76.15 4.03
CA ALA J 242 -29.23 75.72 4.04
C ALA J 242 -28.45 76.16 2.78
N PRO J 243 -27.26 76.78 2.96
CA PRO J 243 -26.40 76.93 1.78
C PRO J 243 -25.93 75.54 1.35
N ASP J 244 -25.47 75.41 0.11
CA ASP J 244 -25.00 74.11 -0.38
C ASP J 244 -23.65 73.75 0.27
N GLY J 245 -23.21 72.51 0.06
CA GLY J 245 -22.02 72.00 0.72
C GLY J 245 -22.15 71.87 2.23
N ILE J 246 -23.38 71.87 2.75
CA ILE J 246 -23.64 71.41 4.14
C ILE J 246 -23.34 69.89 4.27
N LEU J 247 -23.05 69.41 5.46
CA LEU J 247 -22.82 67.97 5.66
C LEU J 247 -23.60 67.37 6.86
N GLY J 248 -24.91 67.57 6.82
CA GLY J 248 -25.78 66.95 7.80
C GLY J 248 -25.84 65.43 7.73
N LEU J 249 -25.96 64.83 8.91
CA LEU J 249 -26.11 63.39 9.06
C LEU J 249 -27.55 62.93 8.80
N GLN J 250 -27.72 61.63 8.59
CA GLN J 250 -29.03 60.99 8.58
C GLN J 250 -28.96 59.59 9.20
N LEU J 251 -29.54 59.45 10.40
CA LEU J 251 -29.61 58.15 11.06
C LEU J 251 -30.53 57.17 10.33
N ILE J 252 -29.90 56.08 9.85
CA ILE J 252 -30.50 55.15 8.88
C ILE J 252 -31.64 54.35 9.50
N ASN J 253 -32.83 54.53 8.91
CA ASN J 253 -34.13 54.07 9.44
C ASN J 253 -34.40 54.74 10.78
N GLY J 254 -34.55 56.05 10.70
CA GLY J 254 -34.85 56.86 11.87
C GLY J 254 -36.34 56.94 12.01
N LYS J 255 -36.99 57.28 10.90
CA LYS J 255 -38.43 57.53 10.87
C LYS J 255 -39.20 56.26 10.45
N ASN J 256 -38.51 55.11 10.52
CA ASN J 256 -39.05 53.79 10.17
C ASN J 256 -39.78 53.22 11.40
N GLU J 257 -41.04 53.64 11.59
CA GLU J 257 -41.90 53.14 12.68
C GLU J 257 -42.16 51.63 12.57
N SER J 258 -42.17 51.09 11.34
CA SER J 258 -42.34 49.66 11.10
C SER J 258 -41.23 48.82 11.75
N ALA J 259 -40.08 48.73 11.08
CA ALA J 259 -38.91 47.95 11.54
C ALA J 259 -38.57 48.05 13.04
N HIS J 260 -38.80 49.22 13.66
CA HIS J 260 -38.62 49.45 15.11
C HIS J 260 -39.79 49.04 16.05
N ILE J 261 -40.88 48.52 15.45
CA ILE J 261 -41.87 47.72 16.18
C ILE J 261 -41.51 46.24 15.94
N SER J 262 -40.83 45.99 14.81
CA SER J 262 -40.19 44.68 14.57
C SER J 262 -38.96 44.43 15.51
N ASP J 263 -38.32 45.51 15.98
CA ASP J 263 -37.23 45.39 16.97
C ASP J 263 -37.67 45.47 18.43
N ALA J 264 -38.78 46.20 18.68
CA ALA J 264 -39.28 46.53 20.03
C ALA J 264 -40.43 45.68 20.57
N VAL J 265 -40.79 44.63 19.79
CA VAL J 265 -41.49 43.42 20.28
C VAL J 265 -40.56 42.20 20.03
N GLY J 266 -39.30 42.48 19.68
CA GLY J 266 -38.26 41.46 19.57
C GLY J 266 -37.45 41.22 20.85
N VAL J 267 -36.73 42.24 21.31
CA VAL J 267 -36.01 42.15 22.59
C VAL J 267 -36.94 41.95 23.78
N VAL J 268 -38.04 42.72 23.86
CA VAL J 268 -39.00 42.71 25.00
C VAL J 268 -39.49 41.30 25.32
N ALA J 269 -39.75 40.52 24.26
CA ALA J 269 -40.15 39.11 24.35
C ALA J 269 -38.97 38.13 24.58
N GLN J 270 -37.73 38.62 24.50
CA GLN J 270 -36.55 37.83 24.87
C GLN J 270 -36.08 38.11 26.32
N ALA J 271 -36.67 39.16 26.93
CA ALA J 271 -36.33 39.62 28.29
C ALA J 271 -37.44 39.48 29.38
N VAL J 272 -38.66 39.07 28.97
CA VAL J 272 -39.69 38.44 29.85
C VAL J 272 -39.70 36.91 29.62
N HIS J 273 -38.72 36.46 28.82
CA HIS J 273 -38.36 35.04 28.62
C HIS J 273 -36.86 34.75 28.95
N GLU J 274 -36.18 35.72 29.58
CA GLU J 274 -35.01 35.47 30.43
C GLU J 274 -35.22 36.08 31.85
N LEU J 275 -36.33 36.81 32.05
CA LEU J 275 -36.80 37.22 33.39
C LEU J 275 -37.58 36.09 34.05
N LEU J 276 -38.62 35.57 33.38
CA LEU J 276 -39.44 34.47 33.92
C LEU J 276 -38.71 33.10 33.90
N GLU J 277 -37.49 33.11 33.35
CA GLU J 277 -36.49 32.04 33.57
C GLU J 277 -35.80 32.19 34.95
N LYS J 278 -36.26 33.16 35.75
CA LYS J 278 -35.73 33.44 37.11
C LYS J 278 -36.77 33.29 38.23
N GLU J 279 -36.28 33.14 39.46
CA GLU J 279 -37.13 33.04 40.63
C GLU J 279 -37.59 34.41 41.08
N ASN J 280 -38.67 34.45 41.88
CA ASN J 280 -39.26 35.68 42.47
C ASN J 280 -39.69 36.72 41.40
N ILE J 281 -40.67 36.38 40.58
CA ILE J 281 -40.97 37.14 39.35
C ILE J 281 -42.41 37.64 39.24
N THR J 282 -42.63 38.81 39.82
CA THR J 282 -43.98 39.31 40.13
C THR J 282 -44.88 39.72 38.93
N ASP J 283 -46.14 39.97 39.28
CA ASP J 283 -47.10 40.63 38.43
C ASP J 283 -46.95 42.14 38.62
N PRO J 284 -47.05 42.91 37.53
CA PRO J 284 -47.14 44.37 37.57
C PRO J 284 -48.46 44.86 38.20
N PRO J 285 -48.66 46.19 38.36
CA PRO J 285 -49.93 46.69 38.93
C PRO J 285 -51.16 46.58 38.03
N ARG J 286 -52.31 46.53 38.69
CA ARG J 286 -53.62 46.27 38.09
C ARG J 286 -54.23 47.50 37.36
N GLY J 287 -53.99 48.71 37.87
CA GLY J 287 -54.50 49.94 37.25
C GLY J 287 -53.92 51.25 37.80
N CYS J 288 -54.66 52.35 37.60
CA CYS J 288 -54.31 53.67 38.17
C CYS J 288 -55.25 54.08 39.35
N VAL J 289 -56.18 53.18 39.71
CA VAL J 289 -57.20 53.41 40.77
C VAL J 289 -56.87 52.71 42.12
N GLY J 290 -55.88 53.25 42.83
CA GLY J 290 -55.47 52.75 44.14
C GLY J 290 -54.33 51.76 44.11
N ASN J 291 -53.10 52.26 43.99
CA ASN J 291 -51.87 51.44 43.88
C ASN J 291 -50.57 52.26 44.13
N THR J 292 -50.10 52.29 45.39
CA THR J 292 -48.81 52.94 45.73
C THR J 292 -47.57 52.12 45.38
N ASN J 293 -47.51 50.90 45.94
CA ASN J 293 -46.31 50.05 45.94
C ASN J 293 -45.97 49.46 44.58
N ILE J 294 -44.67 49.50 44.26
CA ILE J 294 -44.12 48.93 43.03
C ILE J 294 -44.23 47.41 43.06
N TRP J 295 -44.32 46.80 41.88
CA TRP J 295 -43.99 45.40 41.72
C TRP J 295 -42.46 45.32 41.77
N LYS J 296 -41.96 44.25 42.39
CA LYS J 296 -40.55 44.17 42.83
C LYS J 296 -39.52 43.56 41.85
N THR J 297 -39.94 43.27 40.62
CA THR J 297 -38.99 42.91 39.56
C THR J 297 -39.07 43.89 38.41
N GLY J 298 -39.75 45.01 38.63
CA GLY J 298 -39.89 46.10 37.64
C GLY J 298 -38.60 46.87 37.38
N PRO J 299 -37.86 47.21 38.46
CA PRO J 299 -36.43 47.47 38.31
C PRO J 299 -35.61 46.28 37.76
N LEU J 300 -35.91 45.04 38.13
CA LEU J 300 -35.17 43.87 37.57
C LEU J 300 -35.40 43.66 36.06
N PHE J 301 -36.65 43.79 35.62
CA PHE J 301 -37.03 43.67 34.20
C PHE J 301 -36.16 44.57 33.31
N LYS J 302 -35.84 45.78 33.78
CA LYS J 302 -35.00 46.77 33.06
C LYS J 302 -33.47 46.51 33.08
N ARG J 303 -33.02 45.60 33.95
CA ARG J 303 -31.62 45.12 33.96
C ARG J 303 -31.44 43.92 33.02
N VAL J 304 -32.54 43.18 32.84
CA VAL J 304 -32.62 42.09 31.88
C VAL J 304 -32.54 42.67 30.46
N LEU J 305 -33.46 43.58 30.13
CA LEU J 305 -33.50 44.26 28.83
C LEU J 305 -32.14 44.86 28.42
N MET J 306 -31.53 45.64 29.32
CA MET J 306 -30.28 46.39 29.04
C MET J 306 -29.09 45.52 28.76
N SER J 307 -29.08 44.35 29.40
CA SER J 307 -28.07 43.31 29.22
C SER J 307 -28.11 42.78 27.79
N SER J 308 -29.33 42.59 27.29
CA SER J 308 -29.64 41.86 26.05
C SER J 308 -28.89 42.33 24.81
N LYS J 309 -28.89 41.46 23.82
CA LYS J 309 -28.43 41.74 22.47
C LYS J 309 -29.61 41.35 21.58
N TYR J 310 -29.54 41.63 20.26
CA TYR J 310 -30.60 41.21 19.29
C TYR J 310 -30.17 41.12 17.81
N ALA J 311 -29.03 40.48 17.55
CA ALA J 311 -28.44 40.25 16.19
C ALA J 311 -29.43 39.79 15.11
N ASP J 312 -29.37 40.45 13.95
CA ASP J 312 -30.42 40.44 12.92
C ASP J 312 -31.74 40.95 13.52
N GLY J 313 -32.02 42.24 13.28
CA GLY J 313 -33.30 42.82 13.68
C GLY J 313 -34.04 43.21 12.43
N VAL J 314 -33.58 44.31 11.85
CA VAL J 314 -33.97 44.86 10.55
C VAL J 314 -33.05 46.06 10.27
N THR J 315 -32.93 46.95 11.26
CA THR J 315 -32.07 48.15 11.21
C THR J 315 -30.59 47.81 11.49
N GLY J 316 -30.30 46.52 11.64
CA GLY J 316 -28.94 46.01 11.89
C GLY J 316 -28.86 45.14 13.13
N ARG J 317 -27.76 45.29 13.88
CA ARG J 317 -27.62 44.78 15.24
C ARG J 317 -28.38 45.68 16.21
N VAL J 318 -28.78 45.14 17.34
CA VAL J 318 -29.26 45.95 18.45
C VAL J 318 -28.49 45.54 19.71
N GLU J 319 -27.92 46.54 20.40
CA GLU J 319 -27.45 46.42 21.79
C GLU J 319 -27.29 47.79 22.43
N PHE J 320 -27.95 47.98 23.57
CA PHE J 320 -27.97 49.28 24.24
C PHE J 320 -26.76 49.45 25.16
N ASN J 321 -26.28 50.69 25.29
CA ASN J 321 -25.17 51.04 26.20
C ASN J 321 -25.57 50.98 27.69
N GLU J 322 -24.59 51.20 28.56
CA GLU J 322 -24.81 51.24 30.02
C GLU J 322 -25.39 52.58 30.49
N ASP J 323 -24.82 53.67 29.94
CA ASP J 323 -25.08 55.08 30.29
C ASP J 323 -26.57 55.37 30.53
N GLY J 324 -27.38 55.05 29.52
CA GLY J 324 -28.79 54.85 29.67
C GLY J 324 -29.04 53.55 28.97
N ASP J 325 -29.74 53.63 27.84
CA ASP J 325 -29.91 52.51 26.92
C ASP J 325 -30.20 53.00 25.47
N ARG J 326 -29.12 53.28 24.74
CA ARG J 326 -29.23 53.78 23.38
C ARG J 326 -28.48 52.90 22.41
N LYS J 327 -29.12 52.62 21.27
CA LYS J 327 -28.49 51.90 20.13
C LYS J 327 -27.29 52.64 19.50
N PHE J 328 -26.40 51.88 18.87
CA PHE J 328 -25.29 52.43 18.08
C PHE J 328 -25.11 51.69 16.76
N ALA J 329 -25.74 52.26 15.74
CA ALA J 329 -25.74 51.71 14.39
C ALA J 329 -25.41 52.81 13.38
N ASN J 330 -25.73 52.55 12.12
CA ASN J 330 -25.27 53.33 10.97
C ASN J 330 -25.92 54.72 10.91
N TYR J 331 -25.08 55.72 10.57
CA TYR J 331 -25.50 57.09 10.20
C TYR J 331 -25.02 57.30 8.75
N SER J 332 -25.68 58.16 7.97
CA SER J 332 -25.27 58.42 6.58
C SER J 332 -25.06 59.91 6.29
N ILE J 333 -23.90 60.20 5.65
CA ILE J 333 -23.30 61.55 5.61
C ILE J 333 -23.78 62.39 4.40
N MET J 334 -24.88 63.13 4.60
CA MET J 334 -25.56 63.82 3.49
C MET J 334 -24.97 65.17 3.17
N ASN J 335 -24.93 65.51 1.88
CA ASN J 335 -24.36 66.78 1.41
C ASN J 335 -25.27 67.45 0.41
N LEU J 336 -25.46 68.77 0.56
CA LEU J 336 -26.43 69.49 -0.24
C LEU J 336 -25.90 69.83 -1.63
N GLN J 337 -26.57 69.28 -2.65
CA GLN J 337 -26.22 69.54 -4.05
C GLN J 337 -27.43 70.12 -4.83
N ASN J 338 -27.34 71.42 -5.14
CA ASN J 338 -28.32 72.19 -5.93
C ASN J 338 -29.71 72.15 -5.30
N ARG J 339 -29.76 72.35 -3.99
CA ARG J 339 -30.99 72.12 -3.19
C ARG J 339 -31.50 70.69 -3.33
N LYS J 340 -30.60 69.72 -3.16
CA LYS J 340 -30.90 68.29 -3.34
C LYS J 340 -29.85 67.46 -2.59
N LEU J 341 -30.27 66.81 -1.51
CA LEU J 341 -29.36 66.00 -0.70
C LEU J 341 -28.94 64.74 -1.44
N VAL J 342 -27.66 64.42 -1.38
CA VAL J 342 -27.11 63.14 -1.87
C VAL J 342 -25.95 62.66 -0.99
N GLN J 343 -26.06 61.41 -0.53
CA GLN J 343 -25.05 60.71 0.28
C GLN J 343 -23.65 60.73 -0.35
N VAL J 344 -22.72 61.46 0.26
CA VAL J 344 -21.32 61.37 -0.18
C VAL J 344 -20.64 60.13 0.40
N GLY J 345 -21.09 59.70 1.60
CA GLY J 345 -20.44 58.63 2.36
C GLY J 345 -21.26 58.14 3.53
N ILE J 346 -20.99 56.90 3.92
CA ILE J 346 -21.73 56.22 5.00
C ILE J 346 -20.87 56.14 6.27
N TYR J 347 -21.49 56.39 7.41
CA TYR J 347 -20.85 56.19 8.71
C TYR J 347 -21.38 54.85 9.22
N ASN J 348 -20.51 53.84 9.25
CA ASN J 348 -20.88 52.54 9.83
C ASN J 348 -21.04 52.72 11.33
N GLY J 349 -21.34 51.65 12.06
CA GLY J 349 -21.43 51.68 13.53
C GLY J 349 -20.43 52.52 14.35
N THR J 350 -19.35 53.02 13.72
CA THR J 350 -18.26 53.78 14.38
C THR J 350 -17.40 54.77 13.52
N HIS J 351 -17.32 54.60 12.19
CA HIS J 351 -16.40 55.39 11.29
C HIS J 351 -16.87 55.83 9.90
N VAL J 352 -16.29 56.96 9.48
CA VAL J 352 -16.62 57.66 8.24
C VAL J 352 -15.97 56.96 7.04
N ILE J 353 -16.75 56.07 6.41
CA ILE J 353 -16.32 55.42 5.18
C ILE J 353 -17.05 56.13 4.00
N PRO J 354 -16.26 56.82 3.12
CA PRO J 354 -16.82 57.53 1.94
C PRO J 354 -17.60 56.64 0.98
N ASN J 355 -18.10 57.23 -0.11
CA ASN J 355 -18.57 56.46 -1.26
C ASN J 355 -18.33 57.18 -2.58
N ASP J 356 -18.54 56.44 -3.69
CA ASP J 356 -18.30 56.87 -5.09
C ASP J 356 -18.51 58.35 -5.31
N ARG J 357 -19.58 58.87 -4.70
CA ARG J 357 -20.03 60.24 -4.89
C ARG J 357 -18.99 61.23 -4.39
N LYS J 358 -18.36 61.90 -5.36
CA LYS J 358 -17.42 62.99 -5.12
C LYS J 358 -18.14 64.14 -4.42
N ILE J 359 -17.40 64.88 -3.60
CA ILE J 359 -18.01 65.89 -2.72
C ILE J 359 -17.71 67.28 -3.27
N ILE J 360 -18.71 68.17 -3.20
CA ILE J 360 -18.48 69.61 -3.35
C ILE J 360 -18.63 70.28 -1.98
N TRP J 361 -18.15 71.51 -1.87
CA TRP J 361 -18.11 72.25 -0.61
C TRP J 361 -18.89 73.57 -0.72
N PRO J 362 -19.22 74.25 0.42
CA PRO J 362 -19.94 75.53 0.32
C PRO J 362 -19.17 76.59 -0.47
N GLY J 363 -19.88 77.41 -1.25
CA GLY J 363 -19.26 78.26 -2.28
C GLY J 363 -19.09 77.56 -3.64
N GLY J 364 -19.47 76.29 -3.71
CA GLY J 364 -19.27 75.47 -4.91
C GLY J 364 -17.81 75.18 -5.22
N GLU J 365 -17.00 75.06 -4.17
CA GLU J 365 -15.56 74.78 -4.30
C GLU J 365 -15.34 73.30 -4.59
N THR J 366 -14.76 73.02 -5.75
CA THR J 366 -14.68 71.64 -6.27
C THR J 366 -13.70 70.74 -5.47
N GLU J 367 -12.71 71.37 -4.82
CA GLU J 367 -11.87 70.70 -3.81
C GLU J 367 -12.07 71.26 -2.40
N LYS J 368 -11.53 70.56 -1.39
CA LYS J 368 -11.79 70.83 0.04
C LYS J 368 -11.27 72.19 0.48
N PRO J 369 -11.95 72.82 1.46
CA PRO J 369 -11.32 73.92 2.20
C PRO J 369 -10.40 73.37 3.30
N ARG J 370 -9.90 74.24 4.18
CA ARG J 370 -8.97 73.81 5.25
C ARG J 370 -9.30 74.30 6.68
N GLY J 371 -10.31 75.16 6.79
CA GLY J 371 -10.53 75.97 8.01
C GLY J 371 -9.41 76.98 8.00
N TYR J 372 -8.97 77.41 9.17
CA TYR J 372 -7.58 77.91 9.32
C TYR J 372 -7.31 79.20 8.51
N GLN J 373 -8.32 80.07 8.43
CA GLN J 373 -8.29 81.40 7.75
C GLN J 373 -8.09 81.42 6.21
N VAL J 374 -8.02 80.24 5.58
CA VAL J 374 -7.66 80.04 4.14
C VAL J 374 -6.44 80.85 3.72
N GLN K 20 -25.35 88.58 -19.94
CA GLN K 20 -25.14 88.50 -21.41
C GLN K 20 -24.89 87.06 -21.86
N VAL K 21 -25.76 86.15 -21.43
CA VAL K 21 -25.64 84.72 -21.74
C VAL K 21 -26.74 84.25 -22.69
N GLN K 22 -26.42 83.26 -23.53
CA GLN K 22 -27.37 82.54 -24.38
C GLN K 22 -27.11 81.02 -24.33
N LEU K 23 -28.11 80.24 -24.76
CA LEU K 23 -27.92 78.80 -24.98
C LEU K 23 -28.49 78.35 -26.32
N GLN K 24 -27.82 77.40 -26.97
CA GLN K 24 -28.28 76.80 -28.23
C GLN K 24 -28.19 75.25 -28.14
N GLU K 25 -28.99 74.54 -28.94
CA GLU K 25 -29.09 73.07 -28.83
C GLU K 25 -29.06 72.36 -30.19
N SER K 26 -28.51 71.14 -30.20
CA SER K 26 -28.18 70.41 -31.45
C SER K 26 -29.41 70.12 -32.29
N GLY K 27 -29.23 70.10 -33.60
CA GLY K 27 -30.33 70.05 -34.57
C GLY K 27 -31.37 68.96 -34.35
N PRO K 28 -32.67 69.34 -34.37
CA PRO K 28 -33.78 68.38 -34.12
C PRO K 28 -33.64 67.16 -35.02
N GLY K 29 -33.73 65.97 -34.44
CA GLY K 29 -33.53 64.70 -35.19
C GLY K 29 -34.64 63.66 -35.11
N LEU K 30 -34.33 62.46 -35.62
CA LEU K 30 -35.20 61.29 -35.53
C LEU K 30 -34.47 60.12 -34.84
N VAL K 31 -35.17 59.42 -33.93
CA VAL K 31 -34.60 58.39 -33.03
C VAL K 31 -35.44 57.11 -33.03
N LYS K 32 -34.77 55.95 -33.11
CA LYS K 32 -35.39 54.59 -33.22
C LYS K 32 -36.09 54.07 -31.95
N PRO K 33 -36.74 52.86 -32.00
CA PRO K 33 -37.22 52.33 -30.71
C PRO K 33 -36.05 51.75 -29.92
N SER K 34 -35.80 52.34 -28.76
CA SER K 34 -34.75 51.95 -27.82
C SER K 34 -33.35 52.11 -28.41
N GLY K 35 -33.16 53.19 -29.18
CA GLY K 35 -31.85 53.61 -29.64
C GLY K 35 -31.07 54.23 -28.48
N THR K 36 -30.34 55.30 -28.78
CA THR K 36 -29.77 56.21 -27.75
C THR K 36 -29.82 57.66 -28.25
N LEU K 37 -30.73 58.46 -27.66
CA LEU K 37 -30.77 59.90 -27.92
C LEU K 37 -29.49 60.57 -27.40
N SER K 38 -28.93 61.46 -28.21
CA SER K 38 -27.74 62.19 -27.81
C SER K 38 -27.77 63.62 -28.34
N LEU K 39 -27.84 64.56 -27.43
CA LEU K 39 -27.92 65.95 -27.80
C LEU K 39 -26.69 66.72 -27.34
N THR K 40 -26.65 68.02 -27.63
CA THR K 40 -25.51 68.87 -27.29
C THR K 40 -26.03 70.29 -27.03
N CYS K 41 -25.29 71.08 -26.23
CA CYS K 41 -25.69 72.46 -25.91
C CYS K 41 -24.54 73.49 -25.83
N ALA K 42 -24.58 74.46 -26.74
CA ALA K 42 -23.59 75.56 -26.78
C ALA K 42 -23.84 76.60 -25.69
N VAL K 43 -22.76 77.18 -25.18
CA VAL K 43 -22.78 78.40 -24.34
C VAL K 43 -21.88 79.47 -24.99
N SER K 44 -22.22 80.75 -24.79
CA SER K 44 -21.33 81.86 -25.12
C SER K 44 -21.55 83.05 -24.17
N GLY K 45 -20.50 83.85 -23.97
CA GLY K 45 -20.56 85.08 -23.17
C GLY K 45 -20.78 84.81 -21.70
N GLY K 46 -19.65 84.62 -21.01
CA GLY K 46 -19.63 84.06 -19.66
C GLY K 46 -19.36 82.58 -19.87
N SER K 47 -18.17 82.14 -19.46
CA SER K 47 -17.76 80.74 -19.68
C SER K 47 -18.53 79.72 -18.81
N ILE K 48 -18.38 78.43 -19.13
CA ILE K 48 -19.18 77.37 -18.50
C ILE K 48 -18.78 77.11 -17.05
N SER K 49 -17.50 77.29 -16.74
CA SER K 49 -16.94 77.05 -15.40
C SER K 49 -17.53 77.92 -14.26
N SER K 50 -18.39 78.88 -14.62
CA SER K 50 -19.07 79.77 -13.69
C SER K 50 -19.93 79.04 -12.64
N SER K 51 -20.16 79.70 -11.51
CA SER K 51 -20.69 79.10 -10.26
C SER K 51 -22.16 78.65 -10.30
N ASN K 52 -22.61 78.14 -11.44
CA ASN K 52 -24.00 77.72 -11.64
C ASN K 52 -24.05 76.26 -12.07
N TRP K 53 -25.23 75.67 -11.94
CA TRP K 53 -25.56 74.30 -12.41
C TRP K 53 -26.29 74.29 -13.76
N TRP K 54 -25.91 73.38 -14.63
CA TRP K 54 -26.36 73.42 -16.03
C TRP K 54 -27.30 72.23 -16.40
N SER K 55 -28.59 72.55 -16.65
CA SER K 55 -29.71 71.59 -16.64
C SER K 55 -30.40 71.33 -17.97
N TRP K 56 -31.03 70.15 -18.09
CA TRP K 56 -31.81 69.71 -19.29
C TRP K 56 -33.29 69.50 -18.97
N VAL K 57 -34.19 70.11 -19.74
CA VAL K 57 -35.66 70.08 -19.48
C VAL K 57 -36.50 69.75 -20.73
N ARG K 58 -37.45 68.82 -20.56
CA ARG K 58 -38.25 68.32 -21.68
C ARG K 58 -39.76 68.48 -21.55
N GLN K 59 -40.41 68.61 -22.71
CA GLN K 59 -41.84 68.79 -22.84
C GLN K 59 -42.31 68.03 -24.08
N PRO K 60 -43.14 66.97 -23.88
CA PRO K 60 -43.90 66.34 -24.99
C PRO K 60 -44.83 67.35 -25.68
N PRO K 61 -45.10 67.19 -27.01
CA PRO K 61 -45.96 68.16 -27.70
C PRO K 61 -47.32 68.39 -26.98
N GLY K 62 -47.59 69.63 -26.56
CA GLY K 62 -48.84 70.04 -25.88
C GLY K 62 -49.04 69.38 -24.52
N LYS K 63 -47.99 69.41 -23.71
CA LYS K 63 -48.02 68.81 -22.38
C LYS K 63 -47.08 69.57 -21.44
N GLY K 64 -46.97 69.08 -20.21
CA GLY K 64 -46.14 69.73 -19.21
C GLY K 64 -44.65 69.72 -19.53
N LEU K 65 -43.91 70.50 -18.76
CA LEU K 65 -42.45 70.45 -18.75
C LEU K 65 -41.96 69.36 -17.76
N GLU K 66 -40.66 69.06 -17.78
CA GLU K 66 -40.09 67.97 -16.94
C GLU K 66 -38.59 68.15 -16.66
N TRP K 67 -38.18 68.00 -15.39
CA TRP K 67 -36.76 68.12 -14.99
C TRP K 67 -36.03 66.77 -15.10
N ILE K 68 -34.87 66.80 -15.75
CA ILE K 68 -34.11 65.59 -16.15
C ILE K 68 -32.75 65.48 -15.43
N GLY K 69 -32.02 66.58 -15.31
CA GLY K 69 -30.69 66.53 -14.70
C GLY K 69 -29.95 67.85 -14.71
N GLU K 70 -28.73 67.84 -14.14
CA GLU K 70 -27.84 69.02 -14.02
C GLU K 70 -26.38 68.65 -13.73
N ILE K 71 -25.43 69.50 -14.13
CA ILE K 71 -23.98 69.18 -14.09
C ILE K 71 -23.11 70.39 -13.73
N TYR K 72 -22.11 70.19 -12.88
CA TYR K 72 -21.22 71.29 -12.49
C TYR K 72 -19.93 71.35 -13.32
N HIS K 73 -19.18 72.44 -13.15
CA HIS K 73 -17.90 72.62 -13.83
C HIS K 73 -16.81 71.65 -13.36
N SER K 74 -17.22 70.61 -12.62
CA SER K 74 -16.33 69.52 -12.20
C SER K 74 -16.71 68.17 -12.81
N GLY K 75 -17.99 67.82 -12.72
CA GLY K 75 -18.47 66.51 -13.19
C GLY K 75 -19.68 65.89 -12.48
N ASN K 76 -19.73 66.05 -11.15
CA ASN K 76 -20.89 65.69 -10.28
C ASN K 76 -22.24 65.99 -10.91
N THR K 77 -23.08 64.95 -11.00
CA THR K 77 -24.41 65.06 -11.60
C THR K 77 -25.55 64.75 -10.63
N ASN K 78 -26.74 65.21 -10.98
CA ASN K 78 -27.95 65.14 -10.16
C ASN K 78 -29.12 64.88 -11.10
N TYR K 79 -29.45 63.59 -11.29
CA TYR K 79 -30.54 63.16 -12.18
C TYR K 79 -31.92 63.19 -11.48
N ASN K 80 -32.96 62.85 -12.24
CA ASN K 80 -34.35 62.65 -11.75
C ASN K 80 -34.56 61.20 -11.27
N PRO K 81 -35.28 60.99 -10.13
CA PRO K 81 -35.52 59.60 -9.66
C PRO K 81 -36.42 58.64 -10.48
N SER K 82 -37.30 59.15 -11.34
CA SER K 82 -38.10 58.25 -12.19
C SER K 82 -37.51 58.09 -13.59
N LEU K 83 -36.19 58.32 -13.69
CA LEU K 83 -35.52 58.46 -14.98
C LEU K 83 -34.01 58.20 -14.87
N LYS K 84 -33.60 57.63 -13.75
CA LYS K 84 -32.17 57.57 -13.41
C LYS K 84 -31.40 56.53 -14.23
N SER K 85 -32.10 55.50 -14.72
CA SER K 85 -31.43 54.33 -15.31
C SER K 85 -30.75 54.59 -16.64
N ARG K 86 -31.20 55.62 -17.35
CA ARG K 86 -30.87 55.79 -18.75
C ARG K 86 -29.99 57.02 -18.97
N VAL K 87 -30.53 58.18 -18.57
CA VAL K 87 -29.91 59.51 -18.75
C VAL K 87 -28.41 59.60 -18.41
N THR K 88 -27.67 60.37 -19.19
CA THR K 88 -26.29 60.70 -18.89
C THR K 88 -26.09 62.19 -19.12
N VAL K 89 -25.38 62.85 -18.19
CA VAL K 89 -24.94 64.22 -18.39
C VAL K 89 -23.40 64.30 -18.48
N SER K 90 -22.93 65.07 -19.47
CA SER K 90 -21.52 65.16 -19.79
C SER K 90 -21.17 66.62 -20.03
N VAL K 91 -20.17 67.09 -19.30
CA VAL K 91 -19.68 68.47 -19.41
C VAL K 91 -18.41 68.52 -20.26
N ASP K 92 -18.05 69.72 -20.69
CA ASP K 92 -16.82 69.94 -21.39
C ASP K 92 -16.44 71.38 -21.16
N LYS K 93 -15.26 71.57 -20.59
CA LYS K 93 -14.72 72.91 -20.39
C LYS K 93 -13.82 73.34 -21.55
N SER K 94 -13.60 72.45 -22.53
CA SER K 94 -12.80 72.75 -23.73
C SER K 94 -13.62 73.31 -24.90
N LYS K 95 -14.89 72.88 -24.99
CA LYS K 95 -15.85 73.45 -25.95
C LYS K 95 -16.95 74.29 -25.26
N ASN K 96 -16.69 74.66 -24.00
CA ASN K 96 -17.57 75.54 -23.19
C ASN K 96 -19.02 75.05 -23.00
N GLN K 97 -19.23 73.78 -23.37
CA GLN K 97 -20.54 73.16 -23.58
C GLN K 97 -20.83 72.02 -22.62
N PHE K 98 -22.10 71.60 -22.54
CA PHE K 98 -22.49 70.37 -21.86
C PHE K 98 -23.58 69.58 -22.61
N SER K 99 -23.53 68.26 -22.46
CA SER K 99 -24.29 67.38 -23.33
C SER K 99 -25.18 66.41 -22.56
N LEU K 100 -26.21 65.92 -23.26
CA LEU K 100 -27.18 64.96 -22.73
C LEU K 100 -27.33 63.75 -23.63
N LYS K 101 -27.20 62.58 -23.02
CA LYS K 101 -27.44 61.28 -23.66
C LYS K 101 -28.61 60.61 -22.92
N LEU K 102 -29.25 59.63 -23.57
CA LEU K 102 -30.42 58.96 -22.99
C LEU K 102 -30.69 57.63 -23.71
N THR K 103 -30.16 56.54 -23.14
CA THR K 103 -30.32 55.16 -23.67
C THR K 103 -31.72 54.59 -23.40
N SER K 104 -32.07 53.46 -24.05
CA SER K 104 -33.34 52.71 -23.88
C SER K 104 -34.63 53.53 -24.09
N VAL K 105 -34.70 54.20 -25.24
CA VAL K 105 -35.82 55.09 -25.57
C VAL K 105 -37.10 54.33 -25.97
N THR K 106 -38.20 55.06 -26.07
CA THR K 106 -39.53 54.48 -26.09
C THR K 106 -40.50 55.44 -26.77
N ALA K 107 -41.79 55.11 -26.71
CA ALA K 107 -42.87 55.97 -27.20
C ALA K 107 -43.03 57.24 -26.35
N ALA K 108 -42.72 57.13 -25.06
CA ALA K 108 -42.87 58.20 -24.09
C ALA K 108 -41.72 59.23 -24.07
N ASP K 109 -40.95 59.29 -25.16
CA ASP K 109 -39.73 60.10 -25.19
C ASP K 109 -39.73 61.28 -26.17
N THR K 110 -40.77 61.38 -27.00
CA THR K 110 -40.83 62.41 -28.03
C THR K 110 -41.18 63.75 -27.40
N ALA K 111 -40.29 64.72 -27.61
CA ALA K 111 -40.37 65.99 -26.91
C ALA K 111 -39.60 67.11 -27.60
N VAL K 112 -39.86 68.33 -27.14
CA VAL K 112 -39.01 69.47 -27.43
C VAL K 112 -38.11 69.63 -26.21
N TYR K 113 -36.81 69.42 -26.39
CA TYR K 113 -35.86 69.55 -25.30
C TYR K 113 -35.18 70.93 -25.34
N TYR K 114 -35.16 71.59 -24.19
CA TYR K 114 -34.44 72.84 -23.98
C TYR K 114 -33.30 72.58 -23.01
N CYS K 115 -32.22 73.35 -23.15
CA CYS K 115 -31.19 73.44 -22.11
C CYS K 115 -31.24 74.84 -21.49
N ALA K 116 -31.34 74.89 -20.17
CA ALA K 116 -31.48 76.16 -19.47
C ALA K 116 -30.52 76.24 -18.29
N ARG K 117 -29.83 77.38 -18.17
CA ARG K 117 -28.98 77.73 -17.01
C ARG K 117 -29.80 77.76 -15.73
N ASP K 118 -29.24 77.14 -14.68
CA ASP K 118 -29.79 77.31 -13.34
C ASP K 118 -29.14 78.50 -12.64
N VAL K 119 -29.96 79.50 -12.31
CA VAL K 119 -29.48 80.69 -11.63
C VAL K 119 -29.24 80.31 -10.17
N SER K 120 -28.17 79.55 -9.93
CA SER K 120 -27.94 78.91 -8.64
C SER K 120 -27.31 79.77 -7.56
N GLY K 121 -27.84 79.61 -6.36
CA GLY K 121 -27.27 80.12 -5.11
C GLY K 121 -27.96 79.31 -4.02
N GLY K 122 -27.86 77.99 -4.14
CA GLY K 122 -28.70 77.09 -3.38
C GLY K 122 -29.92 76.74 -4.19
N VAL K 123 -30.83 77.72 -4.32
CA VAL K 123 -32.14 77.51 -4.94
C VAL K 123 -32.11 77.31 -6.46
N ASN K 124 -33.13 76.62 -6.97
CA ASN K 124 -33.22 76.21 -8.37
C ASN K 124 -34.19 77.12 -9.12
N TRP K 125 -33.77 77.61 -10.29
CA TRP K 125 -34.57 78.52 -11.14
C TRP K 125 -33.97 78.59 -12.55
N PHE K 126 -34.80 78.46 -13.58
CA PHE K 126 -34.33 78.36 -14.98
C PHE K 126 -34.31 79.68 -15.77
N ASP K 127 -33.10 80.21 -15.98
CA ASP K 127 -32.86 81.46 -16.74
C ASP K 127 -31.36 81.59 -17.12
N PRO K 128 -31.03 81.71 -18.41
CA PRO K 128 -32.00 81.80 -19.49
C PRO K 128 -32.35 80.42 -20.04
N TRP K 129 -33.03 80.40 -21.20
CA TRP K 129 -33.52 79.19 -21.84
C TRP K 129 -33.12 79.22 -23.32
N GLY K 130 -32.44 78.17 -23.77
CA GLY K 130 -32.14 78.02 -25.20
C GLY K 130 -33.38 77.70 -26.04
N GLN K 131 -33.41 78.22 -27.27
CA GLN K 131 -34.51 78.03 -28.25
C GLN K 131 -35.32 76.71 -28.08
N GLY K 132 -34.60 75.60 -28.05
CA GLY K 132 -35.18 74.31 -27.72
C GLY K 132 -35.53 73.59 -28.99
N THR K 133 -34.95 72.40 -29.15
CA THR K 133 -35.10 71.59 -30.36
C THR K 133 -35.86 70.24 -30.16
N LEU K 134 -36.53 69.76 -31.21
CA LEU K 134 -37.49 68.63 -31.12
C LEU K 134 -36.93 67.26 -31.51
N VAL K 135 -36.85 66.34 -30.54
CA VAL K 135 -36.47 64.95 -30.88
C VAL K 135 -37.71 64.07 -30.94
N THR K 136 -37.93 63.50 -32.12
CA THR K 136 -39.10 62.65 -32.38
C THR K 136 -38.70 61.18 -32.51
N VAL K 137 -39.16 60.38 -31.56
CA VAL K 137 -39.03 58.94 -31.63
C VAL K 137 -40.07 58.44 -32.63
N SER K 138 -39.59 57.64 -33.57
CA SER K 138 -40.43 56.90 -34.52
C SER K 138 -39.60 55.81 -35.15
N SER K 139 -40.27 54.73 -35.52
CA SER K 139 -39.68 53.72 -36.38
C SER K 139 -39.75 54.12 -37.86
N ALA K 140 -40.53 55.17 -38.15
CA ALA K 140 -40.60 55.75 -39.51
C ALA K 140 -39.28 56.44 -39.92
N SER K 141 -39.00 56.42 -41.23
CA SER K 141 -37.70 56.86 -41.77
C SER K 141 -37.69 58.32 -42.22
N THR K 142 -36.52 58.97 -42.06
CA THR K 142 -36.32 60.40 -42.43
C THR K 142 -36.28 60.58 -43.95
N LYS K 143 -36.87 61.69 -44.38
CA LYS K 143 -37.13 61.94 -45.78
C LYS K 143 -37.25 63.45 -45.95
N GLY K 144 -36.19 64.06 -46.50
CA GLY K 144 -36.19 65.50 -46.81
C GLY K 144 -37.38 66.02 -47.62
N PRO K 145 -37.63 67.35 -47.58
CA PRO K 145 -38.82 67.86 -48.22
C PRO K 145 -38.58 68.16 -49.68
N SER K 146 -39.65 68.44 -50.41
CA SER K 146 -39.53 69.04 -51.75
C SER K 146 -40.28 70.37 -51.82
N VAL K 147 -39.66 71.32 -52.52
CA VAL K 147 -40.16 72.70 -52.59
C VAL K 147 -40.54 73.04 -54.02
N PHE K 148 -41.75 73.53 -54.19
CA PHE K 148 -42.24 73.88 -55.51
C PHE K 148 -42.79 75.31 -55.35
N PRO K 149 -42.33 76.25 -56.21
CA PRO K 149 -42.69 77.65 -56.01
C PRO K 149 -44.09 77.97 -56.51
N LEU K 150 -44.90 78.54 -55.64
CA LEU K 150 -46.21 79.00 -56.01
C LEU K 150 -46.06 80.47 -56.44
N ALA K 151 -46.57 80.79 -57.64
CA ALA K 151 -46.44 82.13 -58.23
C ALA K 151 -47.71 82.99 -58.08
N PRO K 152 -47.56 84.35 -57.96
CA PRO K 152 -48.72 85.27 -57.88
C PRO K 152 -49.32 85.63 -59.27
N SER K 153 -50.24 86.60 -59.30
CA SER K 153 -50.83 87.09 -60.57
C SER K 153 -50.72 88.61 -60.69
N GLY K 159 -55.06 93.31 -53.34
CA GLY K 159 -55.22 94.54 -54.13
C GLY K 159 -53.89 94.96 -54.75
N GLY K 160 -53.43 96.17 -54.42
CA GLY K 160 -52.09 96.64 -54.79
C GLY K 160 -51.00 96.02 -53.92
N THR K 161 -51.05 94.68 -53.82
CA THR K 161 -50.12 93.84 -53.03
C THR K 161 -49.94 92.50 -53.79
N ALA K 162 -49.06 91.64 -53.27
CA ALA K 162 -48.79 90.31 -53.85
C ALA K 162 -48.49 89.24 -52.80
N ALA K 163 -49.05 88.05 -53.02
CA ALA K 163 -48.85 86.90 -52.15
C ALA K 163 -48.03 85.86 -52.87
N LEU K 164 -46.85 85.58 -52.33
CA LEU K 164 -45.96 84.58 -52.91
C LEU K 164 -45.33 83.71 -51.82
N GLY K 165 -45.38 82.40 -52.04
CA GLY K 165 -44.98 81.42 -51.03
C GLY K 165 -44.40 80.11 -51.53
N CYS K 166 -43.88 79.33 -50.58
CA CYS K 166 -43.12 78.10 -50.87
C CYS K 166 -43.77 76.83 -50.34
N LEU K 167 -44.34 76.04 -51.26
CA LEU K 167 -44.92 74.76 -50.92
C LEU K 167 -43.84 73.72 -50.60
N VAL K 168 -43.69 73.42 -49.30
CA VAL K 168 -42.80 72.37 -48.80
C VAL K 168 -43.60 71.04 -48.69
N LYS K 169 -43.45 70.17 -49.69
CA LYS K 169 -44.30 68.97 -49.84
C LYS K 169 -43.63 67.68 -49.40
N ASP K 170 -44.41 66.83 -48.72
CA ASP K 170 -43.98 65.50 -48.23
C ASP K 170 -42.64 65.50 -47.43
N TYR K 171 -42.73 65.61 -46.11
CA TYR K 171 -41.55 65.65 -45.23
C TYR K 171 -41.82 65.06 -43.83
N PHE K 172 -40.78 64.49 -43.20
CA PHE K 172 -40.90 63.78 -41.91
C PHE K 172 -39.51 63.54 -41.32
N PRO K 173 -39.31 63.72 -40.00
CA PRO K 173 -40.32 64.23 -39.05
C PRO K 173 -40.09 65.70 -38.76
N GLU K 174 -41.10 66.36 -38.18
CA GLU K 174 -41.03 67.78 -37.78
C GLU K 174 -39.85 68.02 -36.80
N PRO K 175 -39.24 69.22 -36.78
CA PRO K 175 -39.74 70.45 -37.41
C PRO K 175 -39.04 70.85 -38.71
N VAL K 176 -39.60 71.90 -39.33
CA VAL K 176 -38.97 72.59 -40.44
C VAL K 176 -39.09 74.08 -40.08
N THR K 177 -38.06 74.86 -40.45
CA THR K 177 -38.17 76.33 -40.45
C THR K 177 -37.84 76.90 -41.82
N VAL K 178 -38.30 78.12 -42.06
CA VAL K 178 -38.13 78.82 -43.34
C VAL K 178 -37.86 80.31 -43.07
N SER K 179 -36.77 80.81 -43.64
CA SER K 179 -36.51 82.25 -43.66
C SER K 179 -36.48 82.71 -45.11
N TRP K 180 -36.97 83.92 -45.36
CA TRP K 180 -36.89 84.47 -46.70
C TRP K 180 -35.66 85.36 -46.84
N ASN K 181 -35.03 85.26 -48.02
CA ASN K 181 -33.80 86.01 -48.39
C ASN K 181 -32.68 85.92 -47.35
N SER K 182 -32.57 84.74 -46.72
CA SER K 182 -31.54 84.44 -45.71
C SER K 182 -31.56 85.42 -44.52
N GLY K 183 -32.75 85.61 -43.94
CA GLY K 183 -32.95 86.52 -42.81
C GLY K 183 -33.09 88.00 -43.13
N ALA K 184 -32.76 88.40 -44.37
CA ALA K 184 -32.82 89.81 -44.80
C ALA K 184 -34.25 90.37 -44.87
N LEU K 185 -35.24 89.48 -44.94
CA LEU K 185 -36.65 89.78 -44.72
C LEU K 185 -37.15 89.13 -43.41
N THR K 186 -37.98 89.87 -42.67
CA THR K 186 -38.83 89.29 -41.60
C THR K 186 -40.26 89.88 -41.72
N SER K 187 -40.34 91.21 -41.73
CA SER K 187 -41.54 91.99 -42.04
C SER K 187 -42.23 91.48 -43.31
N GLY K 188 -43.55 91.33 -43.26
CA GLY K 188 -44.37 90.90 -44.39
C GLY K 188 -44.57 89.40 -44.56
N VAL K 189 -43.78 88.60 -43.84
CA VAL K 189 -43.78 87.14 -43.96
C VAL K 189 -44.87 86.49 -43.07
N HIS K 190 -45.32 85.30 -43.48
CA HIS K 190 -45.97 84.36 -42.58
C HIS K 190 -45.27 83.02 -42.77
N THR K 191 -45.47 82.11 -41.82
CA THR K 191 -45.07 80.70 -41.97
C THR K 191 -46.10 79.84 -41.23
N PHE K 192 -46.92 79.12 -42.00
CA PHE K 192 -48.07 78.38 -41.48
C PHE K 192 -47.73 76.94 -41.01
N PRO K 193 -48.38 76.48 -39.89
CA PRO K 193 -48.37 75.06 -39.47
C PRO K 193 -48.61 74.03 -40.61
N ALA K 194 -48.22 72.78 -40.37
CA ALA K 194 -48.27 71.70 -41.39
C ALA K 194 -49.46 70.77 -41.26
N VAL K 195 -49.68 69.94 -42.28
CA VAL K 195 -50.65 68.84 -42.22
C VAL K 195 -49.97 67.48 -42.25
N LEU K 196 -50.63 66.48 -41.68
CA LEU K 196 -50.18 65.08 -41.67
C LEU K 196 -51.14 64.32 -42.60
N GLN K 197 -50.70 64.15 -43.85
CA GLN K 197 -51.46 63.44 -44.91
C GLN K 197 -51.75 61.97 -44.51
N SER K 198 -52.67 61.32 -45.23
CA SER K 198 -53.14 59.97 -44.86
C SER K 198 -52.04 58.89 -44.82
N SER K 199 -50.98 59.09 -45.62
CA SER K 199 -49.80 58.22 -45.63
C SER K 199 -48.61 58.82 -44.84
N GLY K 200 -48.93 59.56 -43.79
CA GLY K 200 -47.98 59.90 -42.72
C GLY K 200 -46.78 60.78 -43.03
N LEU K 201 -46.95 61.69 -43.99
CA LEU K 201 -45.96 62.75 -44.29
C LEU K 201 -46.60 64.12 -44.07
N TYR K 202 -45.83 65.05 -43.50
CA TYR K 202 -46.29 66.45 -43.24
C TYR K 202 -46.08 67.35 -44.47
N SER K 203 -46.72 68.53 -44.46
CA SER K 203 -46.59 69.55 -45.54
C SER K 203 -47.02 70.97 -45.09
N LEU K 204 -46.16 71.95 -45.29
CA LEU K 204 -46.50 73.34 -44.92
C LEU K 204 -46.13 74.37 -45.97
N SER K 205 -46.77 75.52 -45.89
CA SER K 205 -46.46 76.59 -46.81
C SER K 205 -46.11 77.88 -46.09
N SER K 206 -44.97 78.43 -46.48
CA SER K 206 -44.62 79.80 -46.16
C SER K 206 -45.25 80.72 -47.22
N VAL K 207 -45.61 81.92 -46.80
CA VAL K 207 -46.07 82.97 -47.72
C VAL K 207 -45.46 84.32 -47.30
N VAL K 208 -45.61 85.35 -48.12
CA VAL K 208 -45.13 86.70 -47.75
C VAL K 208 -45.89 87.81 -48.52
N THR K 209 -46.43 88.80 -47.80
CA THR K 209 -47.10 89.97 -48.41
C THR K 209 -46.11 91.07 -48.83
N VAL K 210 -46.02 91.28 -50.15
CA VAL K 210 -45.06 92.25 -50.75
C VAL K 210 -45.71 93.25 -51.72
N PRO K 211 -45.10 94.46 -51.87
CA PRO K 211 -45.76 95.49 -52.67
C PRO K 211 -45.54 95.30 -54.18
N SER K 212 -46.62 95.45 -54.94
CA SER K 212 -46.61 95.17 -56.38
C SER K 212 -45.91 96.22 -57.26
N SER K 213 -44.96 96.95 -56.69
CA SER K 213 -44.02 97.82 -57.46
C SER K 213 -42.66 97.14 -57.62
N SER K 214 -42.30 96.34 -56.62
CA SER K 214 -41.15 95.43 -56.64
C SER K 214 -41.34 94.18 -57.50
N LEU K 215 -42.60 93.81 -57.76
CA LEU K 215 -42.97 92.70 -58.69
C LEU K 215 -42.61 93.03 -60.13
N GLY K 216 -41.58 92.33 -60.62
CA GLY K 216 -40.93 92.65 -61.90
C GLY K 216 -39.56 93.31 -61.74
N THR K 217 -39.05 93.36 -60.50
CA THR K 217 -37.70 93.88 -60.16
C THR K 217 -36.99 93.14 -58.98
N GLN K 218 -37.72 92.91 -57.87
CA GLN K 218 -37.17 92.34 -56.61
C GLN K 218 -36.92 90.81 -56.67
N THR K 219 -36.14 90.27 -55.72
CA THR K 219 -35.69 88.86 -55.74
C THR K 219 -36.06 88.02 -54.50
N TYR K 220 -37.19 87.32 -54.57
CA TYR K 220 -37.73 86.56 -53.43
C TYR K 220 -37.32 85.10 -53.46
N ILE K 221 -36.43 84.74 -52.52
CA ILE K 221 -35.91 83.37 -52.37
C ILE K 221 -36.04 82.87 -50.91
N CYS K 222 -36.93 81.90 -50.69
CA CYS K 222 -37.08 81.25 -49.38
C CYS K 222 -35.99 80.22 -49.08
N ASN K 223 -35.61 80.16 -47.80
CA ASN K 223 -34.57 79.26 -47.30
C ASN K 223 -35.21 78.07 -46.55
N VAL K 224 -35.58 77.03 -47.29
CA VAL K 224 -36.19 75.84 -46.71
C VAL K 224 -35.11 74.97 -46.09
N ASN K 225 -35.23 74.78 -44.78
CA ASN K 225 -34.23 74.01 -44.04
C ASN K 225 -34.87 72.95 -43.15
N HIS K 226 -34.62 71.69 -43.52
CA HIS K 226 -35.03 70.50 -42.78
C HIS K 226 -33.79 69.87 -42.13
N LYS K 227 -33.67 70.10 -40.83
CA LYS K 227 -32.54 69.60 -40.02
C LYS K 227 -32.50 68.07 -39.77
N PRO K 228 -33.66 67.35 -39.77
CA PRO K 228 -33.61 65.87 -39.62
C PRO K 228 -32.91 65.10 -40.73
N SER K 229 -32.84 65.68 -41.92
CA SER K 229 -32.10 65.09 -43.05
C SER K 229 -30.94 65.97 -43.56
N ASN K 230 -30.58 67.01 -42.80
CA ASN K 230 -29.46 67.93 -43.14
C ASN K 230 -29.58 68.53 -44.54
N THR K 231 -30.84 68.81 -44.92
CA THR K 231 -31.24 69.31 -46.24
C THR K 231 -31.28 70.83 -46.20
N LYS K 232 -31.04 71.46 -47.36
CA LYS K 232 -31.40 72.85 -47.60
C LYS K 232 -31.75 73.03 -49.07
N VAL K 233 -33.00 73.44 -49.33
CA VAL K 233 -33.50 73.71 -50.69
C VAL K 233 -34.05 75.15 -50.78
N ASP K 234 -33.62 75.90 -51.80
CA ASP K 234 -34.07 77.29 -52.00
C ASP K 234 -34.82 77.50 -53.31
N LYS K 235 -35.77 78.43 -53.32
CA LYS K 235 -36.52 78.70 -54.55
C LYS K 235 -36.91 80.16 -54.75
N LYS K 236 -36.45 80.71 -55.88
CA LYS K 236 -36.73 82.08 -56.34
C LYS K 236 -38.12 82.15 -56.97
N VAL K 237 -38.98 83.00 -56.41
CA VAL K 237 -40.43 82.90 -56.60
C VAL K 237 -40.98 83.87 -57.67
N GLU K 238 -40.57 83.66 -58.93
CA GLU K 238 -40.72 84.63 -60.05
C GLU K 238 -42.08 84.62 -60.85
N PRO K 239 -42.48 85.75 -61.49
CA PRO K 239 -43.85 85.93 -62.04
C PRO K 239 -44.26 85.11 -63.28
N LYS K 240 -45.54 84.69 -63.33
CA LYS K 240 -46.12 83.90 -64.44
C LYS K 240 -46.81 84.78 -65.47
N ASN L 21 -40.31 62.88 -4.15
CA ASN L 21 -40.85 64.12 -4.85
C ASN L 21 -42.30 64.51 -4.47
N PHE L 22 -43.01 65.16 -5.37
CA PHE L 22 -44.39 65.67 -5.14
C PHE L 22 -45.04 66.09 -6.46
N MET L 23 -46.26 66.62 -6.38
CA MET L 23 -47.00 67.06 -7.56
C MET L 23 -47.75 68.36 -7.28
N LEU L 24 -47.25 69.42 -7.89
CA LEU L 24 -47.92 70.71 -7.88
C LEU L 24 -49.11 70.65 -8.84
N THR L 25 -50.14 71.45 -8.55
CA THR L 25 -51.26 71.55 -9.48
C THR L 25 -51.71 72.99 -9.73
N GLN L 26 -51.80 73.28 -11.03
CA GLN L 26 -52.36 74.50 -11.58
C GLN L 26 -53.69 74.17 -12.29
N PRO L 27 -54.67 75.12 -12.27
CA PRO L 27 -55.98 74.96 -12.96
C PRO L 27 -55.87 74.96 -14.49
N HIS L 28 -56.64 74.10 -15.15
CA HIS L 28 -56.47 73.83 -16.59
C HIS L 28 -56.73 75.06 -17.47
N SER L 29 -57.89 75.70 -17.25
CA SER L 29 -58.28 76.91 -17.99
C SER L 29 -58.64 78.04 -17.04
N VAL L 30 -57.93 79.17 -17.16
CA VAL L 30 -58.33 80.45 -16.52
C VAL L 30 -58.55 81.49 -17.61
N SER L 31 -59.56 82.34 -17.39
CA SER L 31 -59.82 83.48 -18.28
C SER L 31 -60.53 84.62 -17.56
N GLU L 32 -59.83 85.74 -17.43
CA GLU L 32 -60.50 86.99 -17.13
C GLU L 32 -60.26 87.98 -18.28
N SER L 33 -61.23 88.89 -18.44
CA SER L 33 -61.26 89.93 -19.46
C SER L 33 -60.43 91.16 -19.00
N PRO L 34 -59.97 92.02 -19.96
CA PRO L 34 -58.97 93.09 -19.72
C PRO L 34 -59.25 94.05 -18.58
N GLY L 35 -58.18 94.60 -18.02
CA GLY L 35 -58.22 95.59 -16.94
C GLY L 35 -58.35 94.98 -15.56
N LYS L 36 -58.69 93.68 -15.53
CA LYS L 36 -59.03 92.95 -14.31
C LYS L 36 -57.84 92.19 -13.71
N THR L 37 -58.04 91.67 -12.50
CA THR L 37 -56.99 91.00 -11.73
C THR L 37 -57.10 89.47 -11.88
N VAL L 38 -56.04 88.86 -12.45
CA VAL L 38 -55.99 87.41 -12.70
C VAL L 38 -55.05 86.67 -11.72
N THR L 39 -55.53 85.58 -11.14
CA THR L 39 -54.79 84.84 -10.09
C THR L 39 -54.61 83.34 -10.36
N ILE L 40 -53.35 82.93 -10.46
CA ILE L 40 -53.02 81.54 -10.77
C ILE L 40 -52.37 80.84 -9.56
N SER L 41 -53.07 79.87 -9.00
CA SER L 41 -52.60 79.16 -7.81
C SER L 41 -51.98 77.82 -8.18
N CYS L 42 -50.87 77.52 -7.51
CA CYS L 42 -50.08 76.30 -7.69
C CYS L 42 -50.09 75.51 -6.38
N THR L 43 -50.95 74.49 -6.27
CA THR L 43 -51.15 73.84 -4.96
C THR L 43 -50.42 72.51 -4.76
N ARG L 44 -49.38 72.59 -3.93
CA ARG L 44 -48.44 71.50 -3.62
C ARG L 44 -49.15 70.40 -2.86
N SER L 45 -49.01 69.17 -3.35
CA SER L 45 -49.68 68.01 -2.75
C SER L 45 -49.12 67.64 -1.36
N SER L 46 -47.80 67.55 -1.24
CA SER L 46 -47.17 67.15 0.02
C SER L 46 -45.99 68.03 0.39
N GLY L 47 -45.82 68.28 1.69
CA GLY L 47 -44.74 69.11 2.23
C GLY L 47 -45.08 70.58 2.04
N SER L 48 -44.31 71.44 2.68
CA SER L 48 -44.62 72.87 2.68
C SER L 48 -44.14 73.62 1.43
N ILE L 49 -44.57 74.86 1.29
CA ILE L 49 -44.21 75.70 0.14
C ILE L 49 -43.46 76.98 0.57
N ALA L 50 -43.66 77.41 1.82
CA ALA L 50 -42.77 78.41 2.46
C ALA L 50 -41.38 77.79 2.61
N SER L 51 -41.37 76.47 2.76
CA SER L 51 -40.26 75.56 2.41
C SER L 51 -39.38 76.11 1.29
N ASN L 52 -39.91 76.03 0.07
CA ASN L 52 -39.12 76.12 -1.15
C ASN L 52 -39.51 77.31 -2.01
N TYR L 53 -38.51 78.01 -2.54
CA TYR L 53 -38.77 79.20 -3.35
C TYR L 53 -39.51 78.76 -4.61
N VAL L 54 -40.56 79.53 -4.97
CA VAL L 54 -41.44 79.23 -6.10
C VAL L 54 -41.23 80.19 -7.28
N GLN L 55 -41.11 79.62 -8.48
CA GLN L 55 -40.89 80.38 -9.73
C GLN L 55 -42.10 80.37 -10.64
N TRP L 56 -42.09 81.26 -11.65
CA TRP L 56 -43.18 81.37 -12.61
C TRP L 56 -42.69 81.62 -14.07
N TYR L 57 -43.05 80.69 -14.98
CA TYR L 57 -42.49 80.64 -16.34
C TYR L 57 -43.49 80.91 -17.48
N GLN L 58 -43.30 82.02 -18.20
CA GLN L 58 -44.16 82.41 -19.34
C GLN L 58 -43.75 81.79 -20.67
N GLN L 59 -44.55 80.83 -21.14
CA GLN L 59 -44.37 80.22 -22.45
C GLN L 59 -45.52 80.53 -23.42
N ARG L 60 -45.22 81.43 -24.37
CA ARG L 60 -46.08 81.73 -25.53
C ARG L 60 -46.22 80.46 -26.41
N PRO L 61 -47.10 80.46 -27.45
CA PRO L 61 -47.25 79.21 -28.23
C PRO L 61 -45.95 78.79 -28.93
N GLY L 62 -45.63 77.49 -28.82
CA GLY L 62 -44.43 76.88 -29.43
C GLY L 62 -43.07 77.48 -29.11
N SER L 63 -43.04 78.37 -28.10
CA SER L 63 -41.88 79.23 -27.76
C SER L 63 -41.10 78.74 -26.54
N ALA L 64 -39.99 79.41 -26.24
CA ALA L 64 -39.25 79.19 -25.01
C ALA L 64 -39.92 79.93 -23.85
N PRO L 65 -39.99 79.30 -22.65
CA PRO L 65 -40.48 80.02 -21.47
C PRO L 65 -39.49 81.10 -20.98
N THR L 66 -40.04 82.16 -20.39
CA THR L 66 -39.28 83.23 -19.71
C THR L 66 -39.84 83.41 -18.30
N THR L 67 -38.96 83.78 -17.37
CA THR L 67 -39.35 83.93 -15.97
C THR L 67 -40.07 85.26 -15.76
N VAL L 68 -41.23 85.19 -15.11
CA VAL L 68 -41.97 86.39 -14.67
C VAL L 68 -41.71 86.71 -13.20
N ILE L 69 -41.67 85.66 -12.37
CA ILE L 69 -41.44 85.80 -10.93
C ILE L 69 -40.30 84.91 -10.49
N TYR L 70 -39.29 85.50 -9.84
CA TYR L 70 -38.17 84.74 -9.28
C TYR L 70 -38.00 84.89 -7.76
N GLU L 71 -37.38 83.88 -7.13
CA GLU L 71 -37.18 83.80 -5.66
C GLU L 71 -38.45 84.06 -4.82
N ASP L 72 -39.54 83.39 -5.21
CA ASP L 72 -40.91 83.54 -4.64
C ASP L 72 -41.74 84.72 -5.14
N ASN L 73 -41.10 85.90 -5.19
CA ASN L 73 -41.80 87.19 -5.15
C ASN L 73 -41.16 88.32 -5.99
N GLN L 74 -40.11 87.99 -6.76
CA GLN L 74 -39.28 89.03 -7.42
C GLN L 74 -39.53 89.18 -8.96
N ARG L 75 -38.68 89.97 -9.61
CA ARG L 75 -38.98 90.52 -10.94
C ARG L 75 -37.71 90.77 -11.77
N PRO L 76 -37.57 90.08 -12.93
CA PRO L 76 -36.49 90.46 -13.86
C PRO L 76 -36.87 91.80 -14.50
N SER L 77 -36.02 92.81 -14.34
CA SER L 77 -36.31 94.18 -14.78
C SER L 77 -36.67 94.23 -16.27
N GLY L 78 -37.77 94.92 -16.58
CA GLY L 78 -38.39 94.89 -17.91
C GLY L 78 -39.77 94.26 -17.86
N VAL L 79 -39.86 93.16 -17.09
CA VAL L 79 -41.14 92.56 -16.66
C VAL L 79 -41.83 93.59 -15.74
N PRO L 80 -43.02 94.09 -16.17
CA PRO L 80 -43.73 95.18 -15.45
C PRO L 80 -44.25 94.82 -14.07
N ASP L 81 -44.65 95.84 -13.31
CA ASP L 81 -45.08 95.67 -11.91
C ASP L 81 -46.53 95.20 -11.71
N ARG L 82 -47.20 94.92 -12.83
CA ARG L 82 -48.58 94.43 -12.83
C ARG L 82 -48.65 92.97 -12.35
N PHE L 83 -47.60 92.21 -12.65
CA PHE L 83 -47.38 90.89 -12.06
C PHE L 83 -47.12 90.99 -10.55
N SER L 84 -47.31 89.86 -9.83
CA SER L 84 -46.83 89.66 -8.44
C SER L 84 -46.83 88.19 -8.00
N GLY L 85 -45.83 87.83 -7.19
CA GLY L 85 -45.61 86.46 -6.75
C GLY L 85 -45.83 86.26 -5.26
N SER L 86 -47.09 85.99 -4.90
CA SER L 86 -47.52 85.68 -3.53
C SER L 86 -47.47 84.19 -3.23
N ILE L 87 -47.32 83.84 -1.95
CA ILE L 87 -47.19 82.42 -1.54
C ILE L 87 -48.02 82.15 -0.27
N ASP L 88 -49.21 81.56 -0.43
CA ASP L 88 -50.15 81.36 0.71
C ASP L 88 -49.91 80.07 1.52
N SER L 89 -49.17 80.23 2.61
CA SER L 89 -48.61 79.14 3.41
C SER L 89 -49.66 78.17 3.96
N SER L 90 -50.82 78.70 4.34
CA SER L 90 -51.88 77.90 4.97
C SER L 90 -52.39 76.77 4.06
N SER L 91 -52.80 77.15 2.85
CA SER L 91 -53.33 76.21 1.86
C SER L 91 -52.24 75.40 1.14
N ASN L 92 -50.98 75.85 1.28
CA ASN L 92 -49.76 75.24 0.71
C ASN L 92 -49.43 75.70 -0.73
N SER L 93 -50.06 76.80 -1.16
CA SER L 93 -50.05 77.28 -2.54
C SER L 93 -49.26 78.58 -2.83
N ALA L 94 -49.01 78.82 -4.12
CA ALA L 94 -48.33 80.02 -4.63
C ALA L 94 -49.20 80.73 -5.70
N SER L 95 -49.05 82.05 -5.83
CA SER L 95 -49.99 82.87 -6.61
C SER L 95 -49.42 83.96 -7.52
N LEU L 96 -49.59 83.76 -8.83
CA LEU L 96 -49.27 84.74 -9.88
C LEU L 96 -50.46 85.68 -10.12
N THR L 97 -50.26 86.95 -9.75
CA THR L 97 -51.31 87.96 -9.87
C THR L 97 -50.93 89.08 -10.84
N ILE L 98 -51.63 89.14 -11.98
CA ILE L 98 -51.47 90.22 -12.95
C ILE L 98 -52.65 91.16 -12.81
N SER L 99 -52.35 92.39 -12.40
CA SER L 99 -53.38 93.44 -12.30
C SER L 99 -53.38 94.31 -13.56
N GLY L 100 -54.41 94.12 -14.37
CA GLY L 100 -54.55 94.87 -15.60
C GLY L 100 -54.09 94.02 -16.76
N LEU L 101 -54.92 93.03 -17.08
CA LEU L 101 -54.74 92.22 -18.28
C LEU L 101 -54.73 93.08 -19.54
N LYS L 102 -53.78 92.79 -20.41
CA LYS L 102 -53.77 93.31 -21.76
C LYS L 102 -53.77 92.09 -22.66
N THR L 103 -54.00 92.30 -23.96
CA THR L 103 -53.84 91.21 -24.94
C THR L 103 -52.41 90.63 -25.01
N GLU L 104 -51.41 91.28 -24.38
CA GLU L 104 -50.02 90.71 -24.31
C GLU L 104 -49.73 89.91 -23.01
N ASP L 105 -50.82 89.55 -22.33
CA ASP L 105 -50.80 88.61 -21.20
C ASP L 105 -51.41 87.26 -21.57
N GLU L 106 -51.73 87.05 -22.85
CA GLU L 106 -52.35 85.80 -23.26
C GLU L 106 -51.31 84.76 -23.68
N ALA L 107 -51.20 83.68 -22.90
CA ALA L 107 -50.13 82.67 -23.00
C ALA L 107 -50.37 81.44 -22.09
N ASP L 108 -49.37 80.55 -21.99
CA ASP L 108 -49.36 79.49 -20.97
C ASP L 108 -48.31 79.73 -19.88
N TYR L 109 -48.67 79.34 -18.66
CA TYR L 109 -47.88 79.64 -17.45
C TYR L 109 -47.58 78.39 -16.56
N TYR L 110 -46.37 78.38 -15.97
CA TYR L 110 -45.84 77.26 -15.17
C TYR L 110 -45.21 77.68 -13.84
N CYS L 111 -45.60 76.95 -12.79
CA CYS L 111 -45.06 77.13 -11.44
C CYS L 111 -43.92 76.16 -11.18
N GLN L 112 -42.87 76.63 -10.51
CA GLN L 112 -41.69 75.79 -10.27
C GLN L 112 -41.27 75.79 -8.80
N SER L 113 -41.07 74.57 -8.29
CA SER L 113 -40.65 74.34 -6.91
C SER L 113 -39.94 72.98 -6.80
N TYR L 114 -39.13 72.81 -5.77
CA TYR L 114 -38.21 71.66 -5.64
C TYR L 114 -38.36 71.04 -4.25
N ASP L 115 -37.64 69.94 -4.00
CA ASP L 115 -37.52 69.34 -2.66
C ASP L 115 -36.09 68.76 -2.41
N SER L 116 -35.97 67.78 -1.50
CA SER L 116 -34.70 67.06 -1.23
C SER L 116 -34.20 66.12 -2.37
N SER L 117 -35.11 65.63 -3.22
CA SER L 117 -34.76 64.63 -4.24
C SER L 117 -34.91 65.06 -5.72
N THR L 118 -35.74 66.07 -6.00
CA THR L 118 -36.00 66.55 -7.40
C THR L 118 -36.52 68.00 -7.52
N VAL L 119 -36.50 68.52 -8.76
CA VAL L 119 -37.12 69.80 -9.13
C VAL L 119 -38.47 69.42 -9.75
N VAL L 120 -39.47 70.29 -9.63
CA VAL L 120 -40.82 69.99 -10.15
C VAL L 120 -41.45 71.19 -10.86
N PHE L 121 -42.11 70.86 -11.98
CA PHE L 121 -42.94 71.77 -12.75
C PHE L 121 -44.39 71.42 -12.54
N GLY L 122 -45.22 72.44 -12.34
CA GLY L 122 -46.68 72.29 -12.25
C GLY L 122 -47.41 71.89 -13.53
N GLY L 123 -48.72 71.72 -13.41
CA GLY L 123 -49.56 71.17 -14.49
C GLY L 123 -49.93 72.08 -15.66
N GLY L 124 -49.40 73.31 -15.65
CA GLY L 124 -49.49 74.24 -16.80
C GLY L 124 -50.83 74.85 -17.15
N THR L 125 -51.09 76.04 -16.62
CA THR L 125 -52.35 76.79 -16.82
C THR L 125 -52.42 77.38 -18.22
N LYS L 126 -53.63 77.50 -18.77
CA LYS L 126 -53.88 78.31 -19.96
C LYS L 126 -54.60 79.62 -19.62
N LEU L 127 -53.89 80.74 -19.77
CA LEU L 127 -54.45 82.09 -19.58
C LEU L 127 -55.02 82.63 -20.89
N THR L 128 -56.35 82.77 -20.89
CA THR L 128 -57.08 83.37 -21.99
C THR L 128 -57.32 84.83 -21.61
N VAL L 129 -57.37 85.71 -22.60
CA VAL L 129 -58.02 87.01 -22.45
C VAL L 129 -59.38 86.86 -23.16
N LEU L 130 -60.46 87.16 -22.43
CA LEU L 130 -61.83 87.02 -22.91
C LEU L 130 -62.28 88.26 -23.70
N GLY L 131 -63.56 88.26 -24.11
CA GLY L 131 -64.22 89.38 -24.79
C GLY L 131 -63.29 90.27 -25.58
N GLN L 132 -62.63 89.68 -26.58
CA GLN L 132 -61.78 90.41 -27.56
C GLN L 132 -62.67 90.84 -28.74
N PRO L 133 -62.22 91.82 -29.58
CA PRO L 133 -63.01 92.08 -30.80
C PRO L 133 -63.12 90.86 -31.74
N LYS L 134 -64.15 90.82 -32.57
CA LYS L 134 -64.18 89.86 -33.67
C LYS L 134 -63.32 90.41 -34.84
N ALA L 135 -62.62 89.49 -35.52
CA ALA L 135 -61.84 89.76 -36.73
C ALA L 135 -62.07 88.60 -37.73
N ASN L 136 -62.06 88.94 -39.04
CA ASN L 136 -62.43 88.00 -40.12
C ASN L 136 -61.22 87.38 -40.86
N PRO L 137 -61.38 86.16 -41.46
CA PRO L 137 -60.27 85.51 -42.19
C PRO L 137 -59.74 86.27 -43.42
N THR L 138 -58.42 86.52 -43.41
CA THR L 138 -57.66 87.00 -44.57
C THR L 138 -57.30 85.75 -45.38
N VAL L 139 -58.04 85.55 -46.47
CA VAL L 139 -57.95 84.30 -47.26
C VAL L 139 -57.09 84.52 -48.51
N THR L 140 -56.26 83.52 -48.81
CA THR L 140 -55.67 83.35 -50.15
C THR L 140 -55.45 81.87 -50.52
N LEU L 141 -55.92 81.51 -51.72
CA LEU L 141 -55.63 80.20 -52.33
C LEU L 141 -54.63 80.34 -53.48
N PHE L 142 -53.74 79.35 -53.61
CA PHE L 142 -52.77 79.27 -54.70
C PHE L 142 -53.14 78.17 -55.69
N PRO L 143 -52.98 78.45 -57.00
CA PRO L 143 -53.10 77.38 -58.01
C PRO L 143 -51.86 76.46 -57.99
N PRO L 144 -52.01 75.16 -58.38
CA PRO L 144 -50.82 74.28 -58.42
C PRO L 144 -49.67 74.89 -59.21
N SER L 145 -48.46 74.75 -58.69
CA SER L 145 -47.25 75.25 -59.35
C SER L 145 -47.01 74.55 -60.68
N SER L 146 -46.35 75.28 -61.60
CA SER L 146 -45.91 74.73 -62.88
C SER L 146 -44.99 73.50 -62.69
N GLU L 147 -44.18 73.53 -61.63
CA GLU L 147 -43.27 72.42 -61.27
C GLU L 147 -43.99 71.16 -60.81
N GLU L 148 -45.20 71.31 -60.27
CA GLU L 148 -45.98 70.22 -59.68
C GLU L 148 -46.68 69.38 -60.74
N LEU L 149 -47.32 70.05 -61.71
CA LEU L 149 -47.83 69.39 -62.93
C LEU L 149 -46.67 68.71 -63.65
N GLN L 150 -45.52 69.41 -63.66
CA GLN L 150 -44.21 68.91 -64.10
C GLN L 150 -43.58 67.83 -63.19
N ALA L 151 -44.37 67.31 -62.25
CA ALA L 151 -44.05 66.06 -61.55
C ALA L 151 -45.32 65.15 -61.49
N ASN L 152 -46.23 65.35 -62.46
CA ASN L 152 -47.51 64.63 -62.55
C ASN L 152 -48.38 64.72 -61.26
N LYS L 153 -48.27 65.85 -60.54
CA LYS L 153 -48.97 66.04 -59.26
C LYS L 153 -49.65 67.40 -59.17
N ALA L 154 -50.64 67.52 -58.30
CA ALA L 154 -51.30 68.81 -58.05
C ALA L 154 -51.63 68.97 -56.57
N THR L 155 -51.47 70.19 -56.10
CA THR L 155 -51.87 70.58 -54.76
C THR L 155 -52.69 71.84 -54.97
N LEU L 156 -53.65 72.06 -54.09
CA LEU L 156 -54.29 73.35 -54.00
C LEU L 156 -54.24 73.84 -52.54
N VAL L 157 -53.56 74.96 -52.36
CA VAL L 157 -53.15 75.47 -51.05
C VAL L 157 -54.01 76.67 -50.66
N CYS L 158 -54.80 76.50 -49.62
CA CYS L 158 -55.46 77.65 -49.00
C CYS L 158 -54.68 78.09 -47.77
N LEU L 159 -54.64 79.40 -47.56
CA LEU L 159 -53.95 79.99 -46.40
C LEU L 159 -54.84 81.01 -45.68
N ILE L 160 -55.48 80.56 -44.62
CA ILE L 160 -56.32 81.43 -43.78
C ILE L 160 -55.45 82.13 -42.71
N SER L 161 -55.70 83.42 -42.47
CA SER L 161 -54.93 84.22 -41.46
C SER L 161 -55.71 85.39 -40.80
N ASP L 162 -55.27 85.79 -39.59
CA ASP L 162 -55.76 86.96 -38.81
C ASP L 162 -57.22 86.91 -38.27
N PHE L 163 -57.62 85.75 -37.74
CA PHE L 163 -59.01 85.50 -37.32
C PHE L 163 -59.25 85.16 -35.83
N TYR L 164 -60.00 86.05 -35.14
CA TYR L 164 -60.58 85.74 -33.81
C TYR L 164 -62.11 85.64 -33.96
N PRO L 165 -62.77 84.63 -33.34
CA PRO L 165 -62.13 83.48 -32.68
C PRO L 165 -61.51 82.46 -33.65
N GLY L 166 -60.70 81.55 -33.10
CA GLY L 166 -60.11 80.44 -33.86
C GLY L 166 -61.00 79.21 -33.91
N ALA L 167 -61.98 79.25 -34.80
CA ALA L 167 -62.84 78.10 -35.11
C ALA L 167 -63.45 78.30 -36.50
N VAL L 168 -62.82 77.67 -37.49
CA VAL L 168 -63.20 77.81 -38.91
C VAL L 168 -63.54 76.46 -39.60
N THR L 169 -64.21 76.55 -40.76
CA THR L 169 -64.65 75.38 -41.53
C THR L 169 -64.52 75.68 -43.03
N VAL L 170 -63.74 74.83 -43.73
CA VAL L 170 -63.39 75.04 -45.14
C VAL L 170 -64.05 74.02 -46.06
N ALA L 171 -64.61 74.52 -47.16
CA ALA L 171 -65.21 73.71 -48.24
C ALA L 171 -64.51 73.94 -49.58
N TRP L 172 -64.27 72.85 -50.32
CA TRP L 172 -63.64 72.88 -51.65
C TRP L 172 -64.65 72.53 -52.74
N LYS L 173 -64.49 73.12 -53.92
CA LYS L 173 -65.47 72.99 -55.02
C LYS L 173 -64.81 72.93 -56.40
N ALA L 174 -65.48 72.25 -57.33
CA ALA L 174 -65.17 72.32 -58.78
C ALA L 174 -66.45 72.78 -59.54
N ASP L 175 -66.26 73.72 -60.49
CA ASP L 175 -67.34 74.49 -61.17
C ASP L 175 -68.30 75.14 -60.16
N GLY L 176 -69.27 74.37 -59.68
CA GLY L 176 -70.06 74.68 -58.49
C GLY L 176 -69.87 73.56 -57.48
N SER L 177 -70.07 72.31 -57.95
CA SER L 177 -70.15 71.07 -57.14
C SER L 177 -69.03 70.83 -56.12
N PRO L 178 -69.32 70.14 -54.99
CA PRO L 178 -68.31 69.90 -53.95
C PRO L 178 -67.11 69.07 -54.42
N VAL L 179 -65.99 69.23 -53.71
CA VAL L 179 -64.80 68.39 -53.84
C VAL L 179 -64.47 67.88 -52.41
N LYS L 180 -64.71 66.59 -52.21
CA LYS L 180 -64.64 65.94 -50.87
C LYS L 180 -63.32 65.26 -50.55
N ALA L 181 -62.93 64.28 -51.39
CA ALA L 181 -61.74 63.47 -51.18
C ALA L 181 -60.44 64.22 -51.54
N GLY L 182 -59.33 63.75 -50.99
CA GLY L 182 -58.01 64.38 -51.17
C GLY L 182 -57.94 65.76 -50.54
N VAL L 183 -58.58 65.91 -49.37
CA VAL L 183 -58.65 67.20 -48.65
C VAL L 183 -57.99 67.04 -47.27
N GLU L 184 -56.87 67.71 -47.06
CA GLU L 184 -56.18 67.72 -45.77
C GLU L 184 -56.44 69.04 -45.03
N THR L 185 -56.69 68.99 -43.71
CA THR L 185 -56.98 70.22 -42.92
C THR L 185 -56.52 70.20 -41.44
N THR L 186 -56.07 71.37 -40.94
CA THR L 186 -55.47 71.52 -39.60
C THR L 186 -56.44 71.75 -38.43
N LYS L 187 -55.87 71.72 -37.22
CA LYS L 187 -56.41 72.42 -36.05
C LYS L 187 -55.90 73.86 -36.18
N PRO L 188 -56.74 74.87 -35.85
CA PRO L 188 -56.23 76.25 -35.98
C PRO L 188 -55.21 76.55 -34.89
N SER L 189 -54.11 77.20 -35.25
CA SER L 189 -53.09 77.59 -34.26
C SER L 189 -53.30 79.04 -33.84
N LYS L 190 -52.56 79.52 -32.84
CA LYS L 190 -52.42 80.98 -32.61
C LYS L 190 -51.27 81.56 -33.40
N GLN L 191 -51.32 82.89 -33.57
CA GLN L 191 -50.14 83.65 -33.94
C GLN L 191 -49.52 84.21 -32.64
N SER L 192 -48.72 85.26 -32.79
CA SER L 192 -48.30 86.06 -31.64
C SER L 192 -48.91 87.48 -31.67
N ASN L 193 -49.90 87.67 -32.56
CA ASN L 193 -50.85 88.79 -32.41
C ASN L 193 -52.25 88.26 -32.03
N ASN L 194 -52.27 86.99 -31.60
CA ASN L 194 -53.37 86.34 -30.88
C ASN L 194 -54.56 85.85 -31.72
N LYS L 195 -54.78 86.52 -32.84
CA LYS L 195 -55.56 85.96 -33.94
C LYS L 195 -54.91 84.64 -34.37
N TYR L 196 -55.74 83.74 -34.88
CA TYR L 196 -55.33 82.37 -35.10
C TYR L 196 -54.70 82.18 -36.50
N ALA L 197 -54.49 80.93 -36.92
CA ALA L 197 -53.95 80.59 -38.26
C ALA L 197 -54.31 79.17 -38.70
N ALA L 198 -54.75 79.03 -39.95
CA ALA L 198 -55.14 77.74 -40.51
C ALA L 198 -54.91 77.64 -42.02
N SER L 199 -54.58 76.43 -42.46
CA SER L 199 -54.36 76.12 -43.89
C SER L 199 -55.19 74.90 -44.33
N SER L 200 -55.40 74.77 -45.64
CA SER L 200 -56.12 73.61 -46.20
C SER L 200 -55.54 73.09 -47.52
N TYR L 201 -55.31 71.78 -47.58
CA TYR L 201 -54.63 71.13 -48.70
C TYR L 201 -55.57 70.25 -49.51
N LEU L 202 -55.98 70.78 -50.66
CA LEU L 202 -56.67 69.97 -51.66
C LEU L 202 -55.60 69.34 -52.58
N SER L 203 -55.66 68.01 -52.76
CA SER L 203 -54.68 67.29 -53.56
C SER L 203 -55.31 66.57 -54.77
N LEU L 204 -55.13 67.16 -55.95
CA LEU L 204 -55.70 66.66 -57.20
C LEU L 204 -54.76 65.71 -57.98
N THR L 205 -55.22 65.30 -59.17
CA THR L 205 -54.37 64.74 -60.24
C THR L 205 -54.38 65.76 -61.38
N PRO L 206 -53.21 66.00 -62.05
CA PRO L 206 -52.98 67.15 -62.97
C PRO L 206 -54.06 67.40 -64.01
N GLU L 207 -54.78 66.32 -64.35
CA GLU L 207 -55.80 66.31 -65.39
C GLU L 207 -57.07 67.03 -64.96
N GLN L 208 -57.64 66.63 -63.82
CA GLN L 208 -58.86 67.26 -63.25
C GLN L 208 -58.72 68.76 -63.07
N TRP L 209 -57.47 69.22 -62.93
CA TRP L 209 -57.13 70.64 -62.90
C TRP L 209 -57.36 71.31 -64.26
N LYS L 210 -57.10 70.58 -65.34
CA LYS L 210 -57.46 71.01 -66.70
C LYS L 210 -58.95 70.76 -67.04
N SER L 211 -59.49 69.62 -66.62
CA SER L 211 -60.86 69.16 -66.94
C SER L 211 -61.97 70.15 -66.61
N HIS L 212 -62.02 70.55 -65.34
CA HIS L 212 -63.01 71.50 -64.85
C HIS L 212 -62.46 72.92 -65.03
N ARG L 213 -63.37 73.90 -64.97
CA ARG L 213 -63.03 75.28 -65.32
C ARG L 213 -62.47 76.14 -64.18
N SER L 214 -62.96 75.96 -62.95
CA SER L 214 -62.39 76.62 -61.75
C SER L 214 -62.72 75.95 -60.41
N TYR L 215 -61.73 75.95 -59.51
CA TYR L 215 -61.87 75.46 -58.13
C TYR L 215 -61.95 76.60 -57.12
N SER L 216 -62.61 76.34 -55.99
CA SER L 216 -62.90 77.36 -55.00
C SER L 216 -62.58 76.90 -53.61
N CYS L 217 -61.79 77.71 -52.92
CA CYS L 217 -61.64 77.63 -51.47
C CYS L 217 -62.78 78.47 -50.84
N GLN L 218 -63.85 77.81 -50.40
CA GLN L 218 -64.89 78.48 -49.60
C GLN L 218 -64.62 78.27 -48.11
N VAL L 219 -64.27 79.37 -47.42
CA VAL L 219 -63.91 79.36 -45.99
C VAL L 219 -64.95 80.12 -45.16
N THR L 220 -65.63 79.41 -44.25
CA THR L 220 -66.65 79.99 -43.38
C THR L 220 -66.09 80.22 -41.96
N HIS L 221 -66.56 81.28 -41.32
CA HIS L 221 -66.05 81.70 -40.03
C HIS L 221 -67.21 82.22 -39.19
N GLU L 222 -68.01 81.29 -38.65
CA GLU L 222 -69.17 81.59 -37.80
C GLU L 222 -70.14 82.68 -38.38
N GLY L 223 -71.00 82.29 -39.32
CA GLY L 223 -72.06 83.19 -39.82
C GLY L 223 -71.91 83.61 -41.27
N SER L 224 -71.17 84.71 -41.48
CA SER L 224 -70.79 85.17 -42.83
C SER L 224 -69.82 84.17 -43.50
N THR L 225 -69.17 84.57 -44.61
CA THR L 225 -68.33 83.65 -45.43
C THR L 225 -67.30 84.43 -46.29
N VAL L 226 -66.09 83.86 -46.44
CA VAL L 226 -65.08 84.35 -47.42
C VAL L 226 -64.70 83.22 -48.42
N GLU L 227 -64.38 83.59 -49.65
CA GLU L 227 -64.10 82.63 -50.71
C GLU L 227 -62.97 83.11 -51.63
N LYS L 228 -62.19 82.17 -52.17
CA LYS L 228 -61.20 82.43 -53.23
C LYS L 228 -61.16 81.30 -54.25
N THR L 229 -60.97 81.68 -55.51
CA THR L 229 -61.10 80.78 -56.66
C THR L 229 -59.92 80.96 -57.61
N VAL L 230 -59.41 79.85 -58.14
CA VAL L 230 -58.37 79.89 -59.19
C VAL L 230 -58.65 78.92 -60.36
N ALA L 231 -58.36 79.39 -61.58
CA ALA L 231 -58.58 78.64 -62.85
C ALA L 231 -57.27 77.98 -63.35
N PRO L 232 -57.37 76.88 -64.16
CA PRO L 232 -56.22 76.14 -64.72
C PRO L 232 -54.95 76.97 -64.95
N THR L 233 -55.05 78.03 -65.76
CA THR L 233 -54.02 79.07 -65.86
C THR L 233 -54.72 80.42 -66.12
#